data_2KTB
#
_entry.id   2KTB
#
loop_
_entity.id
_entity.type
_entity.pdbx_description
1 polymer H3_Peptide
2 polymer 'Protein polybromo-1'
#
loop_
_entity_poly.entity_id
_entity_poly.type
_entity_poly.pdbx_seq_one_letter_code
_entity_poly.pdbx_strand_id
1 'polypeptide(L)' ARTKQTARKSTGG(ALY)APRKQL A
2 'polypeptide(L)'
;STEGSSPAYLKEILEQLLEAIVVATNPSGRLISELFQKLPSKVQYPDYYAIIKEPIDLKTIAQRIQNGSYKSIHAMAKDI
DLLAKNAKTYNEPGSQVFKDANSIKKIFYMKKAEIEHHEMA
;
B
#
# COMPACT_ATOMS: atom_id res chain seq x y z
N ALA A 1 5.82 1.86 15.47
CA ALA A 1 7.05 2.24 14.72
C ALA A 1 7.72 3.44 15.38
N ARG A 2 6.97 4.17 16.19
CA ARG A 2 7.49 5.34 16.88
C ARG A 2 7.13 5.31 18.36
N THR A 3 8.13 5.40 19.22
CA THR A 3 7.92 5.38 20.66
C THR A 3 8.10 6.77 21.25
N LYS A 4 8.37 7.76 20.39
CA LYS A 4 8.56 9.14 20.83
C LYS A 4 8.55 10.09 19.65
N GLN A 5 8.91 11.34 19.90
CA GLN A 5 8.95 12.36 18.86
C GLN A 5 10.24 12.27 18.06
N THR A 6 10.59 13.37 17.39
CA THR A 6 11.80 13.44 16.58
C THR A 6 11.89 12.25 15.60
N ALA A 7 13.09 12.03 15.06
CA ALA A 7 13.32 10.93 14.12
C ALA A 7 12.45 11.10 12.88
N ARG A 8 12.94 11.85 11.90
CA ARG A 8 12.21 12.07 10.66
C ARG A 8 13.13 12.53 9.55
N LYS A 9 13.37 11.65 8.58
CA LYS A 9 14.24 11.96 7.45
C LYS A 9 13.44 12.12 6.16
N SER A 10 13.16 13.37 5.80
CA SER A 10 12.41 13.65 4.58
C SER A 10 13.23 14.52 3.63
N THR A 11 13.44 15.78 4.01
CA THR A 11 14.21 16.72 3.21
C THR A 11 13.59 16.91 1.83
N GLY A 12 13.93 16.03 0.89
CA GLY A 12 13.40 16.12 -0.46
C GLY A 12 12.37 15.06 -0.75
N GLY A 13 12.75 14.06 -1.53
CA GLY A 13 11.83 12.99 -1.88
C GLY A 13 12.15 11.70 -1.17
N ALA A 15 11.15 8.46 -3.33
CA ALA A 15 10.97 7.50 -4.41
C ALA A 15 12.32 6.93 -4.84
N PRO A 16 12.36 5.64 -5.23
CA PRO A 16 13.61 4.99 -5.66
C PRO A 16 14.31 5.73 -6.79
N ARG A 17 15.50 5.25 -7.13
CA ARG A 17 16.32 5.83 -8.21
C ARG A 17 16.97 7.15 -7.75
N LYS A 18 16.41 7.77 -6.72
CA LYS A 18 16.94 9.04 -6.21
C LYS A 18 18.32 8.82 -5.59
N GLN A 19 19.35 9.36 -6.24
CA GLN A 19 20.72 9.25 -5.75
C GLN A 19 21.55 10.45 -6.19
N LEU A 20 22.45 10.88 -5.32
CA LEU A 20 23.32 12.02 -5.62
C LEU A 20 24.76 11.73 -5.20
N SER B 1 -10.29 -8.63 14.80
CA SER B 1 -11.60 -8.40 14.13
C SER B 1 -11.41 -8.13 12.64
N THR B 2 -11.72 -9.14 11.83
CA THR B 2 -11.59 -9.02 10.38
C THR B 2 -12.78 -9.64 9.66
N GLU B 3 -13.03 -10.92 9.93
CA GLU B 3 -14.13 -11.63 9.31
C GLU B 3 -14.08 -11.48 7.78
N GLY B 4 -15.25 -11.36 7.15
CA GLY B 4 -15.29 -11.24 5.69
C GLY B 4 -14.81 -12.50 5.03
N SER B 5 -15.69 -13.15 4.27
CA SER B 5 -15.32 -14.41 3.62
C SER B 5 -14.67 -15.31 4.66
N SER B 6 -13.34 -15.30 4.69
CA SER B 6 -12.60 -16.04 5.69
C SER B 6 -11.79 -15.08 6.54
N PRO B 7 -11.91 -15.19 7.87
CA PRO B 7 -11.19 -14.31 8.79
C PRO B 7 -9.72 -14.23 8.44
N ALA B 8 -9.14 -15.35 8.05
CA ALA B 8 -7.74 -15.35 7.65
C ALA B 8 -7.61 -14.76 6.29
N TYR B 9 -8.44 -15.18 5.38
CA TYR B 9 -8.30 -14.69 4.05
C TYR B 9 -8.04 -13.19 4.10
N LEU B 10 -8.76 -12.47 4.95
CA LEU B 10 -8.52 -11.04 5.09
C LEU B 10 -7.36 -10.73 6.05
N LYS B 11 -7.43 -11.25 7.29
CA LYS B 11 -6.39 -11.02 8.31
C LYS B 11 -5.03 -11.53 7.81
N GLU B 12 -5.05 -12.71 7.26
CA GLU B 12 -3.88 -13.32 6.69
C GLU B 12 -3.29 -12.38 5.67
N ILE B 13 -4.16 -11.81 4.85
CA ILE B 13 -3.72 -10.90 3.82
C ILE B 13 -3.22 -9.62 4.46
N LEU B 14 -3.81 -9.31 5.60
CA LEU B 14 -3.48 -8.11 6.33
C LEU B 14 -1.98 -8.05 6.46
N GLU B 15 -1.43 -9.12 6.97
CA GLU B 15 0.01 -9.23 7.09
C GLU B 15 0.68 -9.71 5.80
N GLN B 16 0.01 -10.54 4.99
CA GLN B 16 0.66 -11.08 3.78
C GLN B 16 0.79 -10.11 2.61
N LEU B 17 -0.34 -9.58 2.17
CA LEU B 17 -0.36 -8.68 1.03
C LEU B 17 0.23 -7.34 1.41
N LEU B 18 -0.22 -6.84 2.56
CA LEU B 18 0.25 -5.59 3.09
C LEU B 18 1.76 -5.59 3.24
N GLU B 19 2.29 -6.64 3.86
CA GLU B 19 3.72 -6.73 4.09
C GLU B 19 4.49 -6.92 2.79
N ALA B 20 4.05 -7.88 1.98
CA ALA B 20 4.70 -8.21 0.72
C ALA B 20 5.00 -6.97 -0.13
N ILE B 21 4.02 -6.07 -0.24
CA ILE B 21 4.18 -4.89 -1.07
C ILE B 21 4.99 -3.80 -0.36
N VAL B 22 4.85 -3.71 0.94
CA VAL B 22 5.59 -2.70 1.67
C VAL B 22 7.04 -3.10 1.85
N VAL B 23 7.30 -4.40 1.71
CA VAL B 23 8.65 -4.91 1.79
C VAL B 23 9.18 -4.95 0.37
N ALA B 24 8.23 -4.90 -0.54
CA ALA B 24 8.48 -4.89 -1.96
C ALA B 24 9.36 -3.72 -2.34
N THR B 25 10.04 -3.84 -3.47
CA THR B 25 10.88 -2.77 -3.97
C THR B 25 10.74 -2.67 -5.47
N ASN B 26 11.42 -1.71 -6.07
CA ASN B 26 11.36 -1.51 -7.51
C ASN B 26 12.66 -1.97 -8.18
N PRO B 27 12.70 -2.02 -9.52
CA PRO B 27 13.91 -2.43 -10.24
C PRO B 27 15.16 -1.68 -9.77
N SER B 28 14.95 -0.45 -9.28
CA SER B 28 16.06 0.37 -8.80
C SER B 28 16.61 -0.18 -7.48
N GLY B 29 15.77 -0.89 -6.73
CA GLY B 29 16.20 -1.47 -5.49
C GLY B 29 15.47 -0.92 -4.28
N ARG B 30 14.60 0.07 -4.49
CA ARG B 30 13.86 0.66 -3.38
C ARG B 30 12.36 0.49 -3.50
N LEU B 31 11.73 0.50 -2.33
CA LEU B 31 10.30 0.30 -2.17
C LEU B 31 9.42 0.91 -3.23
N ILE B 32 8.54 0.07 -3.76
CA ILE B 32 7.53 0.52 -4.70
C ILE B 32 6.41 1.14 -3.88
N SER B 33 6.35 0.65 -2.64
CA SER B 33 5.39 1.09 -1.62
C SER B 33 5.83 2.39 -0.97
N GLU B 34 7.03 2.82 -1.33
CA GLU B 34 7.64 4.02 -0.76
C GLU B 34 6.69 5.19 -0.69
N LEU B 35 5.95 5.44 -1.76
CA LEU B 35 5.02 6.56 -1.81
C LEU B 35 3.73 6.25 -1.08
N PHE B 36 3.50 4.97 -0.81
CA PHE B 36 2.29 4.54 -0.13
C PHE B 36 2.60 4.01 1.25
N GLN B 37 3.76 4.37 1.75
CA GLN B 37 4.18 3.96 3.06
C GLN B 37 3.16 4.39 4.09
N LYS B 38 2.75 5.65 4.01
CA LYS B 38 1.77 6.18 4.97
C LYS B 38 0.76 7.17 4.35
N LEU B 39 -0.52 6.90 4.61
CA LEU B 39 -1.63 7.75 4.18
C LEU B 39 -2.03 8.59 5.39
N PRO B 40 -2.00 9.93 5.28
CA PRO B 40 -2.27 10.84 6.42
C PRO B 40 -3.48 10.46 7.29
N SER B 41 -4.60 11.18 7.16
CA SER B 41 -5.77 10.89 8.00
C SER B 41 -7.09 11.13 7.29
N LYS B 42 -7.02 11.52 6.03
CA LYS B 42 -8.22 11.79 5.23
C LYS B 42 -9.00 12.96 5.81
N VAL B 43 -8.43 13.59 6.82
CA VAL B 43 -9.05 14.72 7.49
C VAL B 43 -7.99 15.67 8.03
N GLN B 44 -6.90 15.09 8.47
CA GLN B 44 -5.81 15.82 9.07
C GLN B 44 -4.95 16.51 8.04
N TYR B 45 -4.80 15.86 6.90
CA TYR B 45 -3.99 16.41 5.82
C TYR B 45 -4.77 16.41 4.52
N PRO B 46 -5.92 17.10 4.53
CA PRO B 46 -6.82 17.20 3.38
C PRO B 46 -6.12 17.60 2.09
N ASP B 47 -5.02 18.34 2.19
CA ASP B 47 -4.28 18.73 0.98
C ASP B 47 -3.98 17.49 0.17
N TYR B 48 -3.51 16.45 0.85
CA TYR B 48 -3.22 15.18 0.21
C TYR B 48 -4.50 14.62 -0.37
N TYR B 49 -5.58 14.78 0.37
CA TYR B 49 -6.88 14.27 -0.05
C TYR B 49 -7.55 15.18 -1.07
N ALA B 50 -7.05 16.39 -1.18
CA ALA B 50 -7.54 17.37 -2.12
C ALA B 50 -6.91 17.13 -3.48
N ILE B 51 -5.62 16.85 -3.43
CA ILE B 51 -4.82 16.58 -4.60
C ILE B 51 -5.22 15.24 -5.25
N ILE B 52 -5.35 14.21 -4.41
CA ILE B 52 -5.72 12.87 -4.84
C ILE B 52 -7.19 12.77 -5.11
N LYS B 53 -7.56 11.73 -5.82
CA LYS B 53 -8.94 11.50 -6.11
C LYS B 53 -9.42 10.30 -5.29
N GLU B 54 -8.51 9.33 -5.14
CA GLU B 54 -8.81 8.14 -4.38
C GLU B 54 -7.59 7.70 -3.56
N PRO B 55 -7.25 8.46 -2.53
CA PRO B 55 -6.14 8.17 -1.64
C PRO B 55 -6.41 6.98 -0.74
N ILE B 56 -5.38 6.18 -0.58
CA ILE B 56 -5.42 5.00 0.24
C ILE B 56 -4.07 4.31 0.12
N ASP B 57 -3.39 4.15 1.24
CA ASP B 57 -2.09 3.53 1.22
C ASP B 57 -2.15 2.13 1.79
N LEU B 58 -1.07 1.39 1.60
CA LEU B 58 -0.97 0.03 2.09
C LEU B 58 -1.47 -0.06 3.53
N LYS B 59 -1.17 0.98 4.29
CA LYS B 59 -1.59 1.07 5.68
C LYS B 59 -3.10 1.18 5.80
N THR B 60 -3.68 2.10 5.03
CA THR B 60 -5.12 2.32 5.05
C THR B 60 -5.88 1.12 4.54
N ILE B 61 -5.27 0.38 3.61
CA ILE B 61 -5.88 -0.80 3.06
C ILE B 61 -6.04 -1.86 4.13
N ALA B 62 -4.96 -2.16 4.83
CA ALA B 62 -5.01 -3.13 5.89
C ALA B 62 -5.98 -2.65 6.94
N GLN B 63 -5.97 -1.34 7.10
CA GLN B 63 -6.82 -0.65 8.04
C GLN B 63 -8.28 -0.97 7.76
N ARG B 64 -8.62 -0.94 6.49
CA ARG B 64 -9.98 -1.21 6.05
C ARG B 64 -10.29 -2.70 6.04
N ILE B 65 -9.27 -3.53 5.78
CA ILE B 65 -9.46 -4.98 5.76
C ILE B 65 -10.12 -5.47 7.03
N GLN B 66 -9.52 -5.09 8.16
CA GLN B 66 -10.02 -5.48 9.47
C GLN B 66 -11.20 -4.62 9.90
N ASN B 67 -11.26 -3.40 9.40
CA ASN B 67 -12.34 -2.48 9.75
C ASN B 67 -13.67 -2.92 9.11
N GLY B 68 -13.62 -4.01 8.35
CA GLY B 68 -14.81 -4.51 7.70
C GLY B 68 -15.21 -3.66 6.51
N SER B 69 -14.26 -2.87 6.03
CA SER B 69 -14.47 -2.00 4.88
C SER B 69 -14.30 -2.73 3.56
N TYR B 70 -13.92 -4.00 3.63
CA TYR B 70 -13.70 -4.79 2.43
C TYR B 70 -14.52 -6.07 2.42
N LYS B 71 -14.38 -6.88 3.46
CA LYS B 71 -15.09 -8.15 3.56
C LYS B 71 -14.58 -9.10 2.49
N SER B 72 -13.69 -8.58 1.65
CA SER B 72 -13.06 -9.31 0.57
C SER B 72 -11.83 -8.55 0.12
N ILE B 73 -10.71 -9.26 0.02
CA ILE B 73 -9.47 -8.64 -0.36
C ILE B 73 -9.50 -8.14 -1.79
N HIS B 74 -10.37 -8.69 -2.62
CA HIS B 74 -10.46 -8.16 -3.98
C HIS B 74 -10.76 -6.67 -3.90
N ALA B 75 -11.45 -6.28 -2.81
CA ALA B 75 -11.78 -4.88 -2.57
C ALA B 75 -10.54 -4.16 -2.06
N MET B 76 -9.80 -4.84 -1.18
CA MET B 76 -8.57 -4.31 -0.64
C MET B 76 -7.65 -3.98 -1.79
N ALA B 77 -7.52 -4.95 -2.65
CA ALA B 77 -6.73 -4.88 -3.86
C ALA B 77 -7.13 -3.69 -4.71
N LYS B 78 -8.43 -3.51 -4.89
CA LYS B 78 -8.92 -2.41 -5.68
C LYS B 78 -8.38 -1.11 -5.08
N ASP B 79 -8.25 -1.12 -3.76
CA ASP B 79 -7.70 0.02 -3.05
C ASP B 79 -6.20 0.04 -3.25
N ILE B 80 -5.64 -1.15 -3.46
CA ILE B 80 -4.21 -1.30 -3.69
C ILE B 80 -3.86 -0.69 -5.03
N ASP B 81 -4.81 -0.77 -5.95
CA ASP B 81 -4.67 -0.18 -7.25
C ASP B 81 -4.84 1.32 -7.07
N LEU B 82 -5.76 1.68 -6.16
CA LEU B 82 -6.02 3.09 -5.84
C LEU B 82 -4.82 3.66 -5.12
N LEU B 83 -4.12 2.76 -4.45
CA LEU B 83 -2.91 3.09 -3.75
C LEU B 83 -1.91 3.55 -4.82
N ALA B 84 -1.87 2.76 -5.88
CA ALA B 84 -1.01 3.04 -7.01
C ALA B 84 -1.53 4.27 -7.78
N LYS B 85 -2.84 4.48 -7.75
CA LYS B 85 -3.45 5.62 -8.42
C LYS B 85 -3.03 6.91 -7.72
N ASN B 86 -3.03 6.88 -6.39
CA ASN B 86 -2.61 8.04 -5.62
C ASN B 86 -1.15 8.32 -5.96
N ALA B 87 -0.46 7.28 -6.45
CA ALA B 87 0.94 7.41 -6.86
C ALA B 87 1.12 8.38 -8.00
N LYS B 88 0.36 8.14 -9.07
CA LYS B 88 0.45 8.97 -10.26
C LYS B 88 -0.10 10.37 -10.01
N THR B 89 -0.95 10.49 -9.00
CA THR B 89 -1.58 11.77 -8.67
C THR B 89 -0.72 12.64 -7.74
N TYR B 90 -0.22 12.05 -6.66
CA TYR B 90 0.54 12.80 -5.67
C TYR B 90 1.99 13.08 -6.07
N ASN B 91 2.75 12.04 -6.39
CA ASN B 91 4.15 12.21 -6.75
C ASN B 91 4.31 12.80 -8.14
N GLU B 92 5.57 12.84 -8.58
CA GLU B 92 5.92 13.39 -9.88
C GLU B 92 6.17 12.27 -10.89
N PRO B 93 5.73 12.46 -12.15
CA PRO B 93 5.94 11.48 -13.20
C PRO B 93 7.40 11.37 -13.57
N GLY B 94 7.75 10.35 -14.35
CA GLY B 94 9.14 10.15 -14.70
C GLY B 94 9.92 9.64 -13.51
N SER B 95 9.22 9.55 -12.38
CA SER B 95 9.81 9.07 -11.14
C SER B 95 9.38 7.63 -10.90
N GLN B 96 10.14 6.92 -10.08
CA GLN B 96 9.84 5.52 -9.80
C GLN B 96 8.42 5.33 -9.27
N VAL B 97 7.84 6.36 -8.69
CA VAL B 97 6.48 6.29 -8.13
C VAL B 97 5.47 5.64 -9.07
N PHE B 98 5.50 6.00 -10.35
CA PHE B 98 4.53 5.50 -11.30
C PHE B 98 4.77 4.03 -11.66
N LYS B 99 6.00 3.69 -12.03
CA LYS B 99 6.33 2.31 -12.38
C LYS B 99 6.28 1.41 -11.16
N ASP B 100 6.57 1.99 -10.01
CA ASP B 100 6.57 1.27 -8.74
C ASP B 100 5.17 0.87 -8.33
N ALA B 101 4.27 1.85 -8.35
CA ALA B 101 2.89 1.60 -7.98
C ALA B 101 2.26 0.57 -8.89
N ASN B 102 2.53 0.68 -10.19
CA ASN B 102 2.01 -0.27 -11.14
C ASN B 102 2.49 -1.67 -10.74
N SER B 103 3.74 -1.73 -10.31
CA SER B 103 4.34 -2.97 -9.88
C SER B 103 3.68 -3.43 -8.60
N ILE B 104 3.26 -2.49 -7.74
CA ILE B 104 2.64 -2.84 -6.48
C ILE B 104 1.41 -3.71 -6.68
N LYS B 105 0.47 -3.22 -7.46
CA LYS B 105 -0.73 -3.98 -7.72
C LYS B 105 -0.35 -5.34 -8.31
N LYS B 106 0.75 -5.36 -9.08
CA LYS B 106 1.25 -6.60 -9.66
C LYS B 106 1.75 -7.57 -8.57
N ILE B 107 2.56 -7.05 -7.63
CA ILE B 107 3.09 -7.86 -6.54
C ILE B 107 1.94 -8.35 -5.68
N PHE B 108 1.01 -7.45 -5.47
CA PHE B 108 -0.15 -7.72 -4.67
C PHE B 108 -0.80 -9.03 -5.08
N TYR B 109 -1.18 -9.16 -6.35
CA TYR B 109 -1.84 -10.38 -6.82
C TYR B 109 -0.89 -11.57 -6.80
N MET B 110 0.41 -11.35 -7.06
CA MET B 110 1.36 -12.45 -7.02
C MET B 110 1.38 -13.02 -5.61
N LYS B 111 1.29 -12.12 -4.65
CA LYS B 111 1.27 -12.45 -3.24
C LYS B 111 -0.09 -13.03 -2.86
N LYS B 112 -1.13 -12.60 -3.58
CA LYS B 112 -2.50 -13.06 -3.35
C LYS B 112 -2.64 -14.52 -3.75
N ALA B 113 -1.97 -14.90 -4.84
CA ALA B 113 -2.03 -16.26 -5.36
C ALA B 113 -1.22 -17.24 -4.52
N GLU B 114 -0.04 -16.82 -4.07
CA GLU B 114 0.82 -17.68 -3.26
C GLU B 114 0.20 -17.83 -1.88
N ILE B 115 -0.50 -16.78 -1.49
CA ILE B 115 -1.19 -16.71 -0.22
C ILE B 115 -2.22 -17.82 -0.11
N GLU B 116 -3.03 -17.93 -1.15
CA GLU B 116 -4.07 -18.93 -1.22
C GLU B 116 -3.48 -20.33 -1.20
N HIS B 117 -2.37 -20.52 -1.92
CA HIS B 117 -1.72 -21.81 -1.98
C HIS B 117 -1.06 -22.14 -0.64
N HIS B 118 -0.80 -21.11 0.16
CA HIS B 118 -0.18 -21.28 1.47
C HIS B 118 -1.23 -21.59 2.52
N GLU B 119 -2.47 -21.20 2.24
CA GLU B 119 -3.58 -21.43 3.16
C GLU B 119 -4.35 -22.69 2.77
N MET B 120 -3.70 -23.56 2.02
CA MET B 120 -4.32 -24.80 1.58
C MET B 120 -3.41 -26.00 1.88
N ALA B 121 -2.27 -26.06 1.19
CA ALA B 121 -1.32 -27.14 1.38
C ALA B 121 -0.45 -26.89 2.60
N ALA A 1 -7.14 11.87 28.16
CA ALA A 1 -7.83 12.04 26.86
C ALA A 1 -6.82 12.08 25.72
N ARG A 2 -6.60 10.93 25.08
CA ARG A 2 -5.67 10.82 23.97
C ARG A 2 -6.31 11.34 22.68
N THR A 3 -5.47 11.66 21.71
CA THR A 3 -5.95 12.16 20.41
C THR A 3 -5.43 11.30 19.26
N LYS A 4 -5.73 10.00 19.32
CA LYS A 4 -5.30 9.06 18.28
C LYS A 4 -3.79 9.05 18.13
N GLN A 5 -3.30 8.26 17.17
CA GLN A 5 -1.87 8.15 16.92
C GLN A 5 -1.54 8.64 15.51
N THR A 6 -1.38 9.96 15.36
CA THR A 6 -1.06 10.55 14.07
C THR A 6 0.45 10.66 13.88
N ALA A 7 1.07 11.57 14.63
CA ALA A 7 2.51 11.78 14.55
C ALA A 7 2.92 12.29 13.18
N ARG A 8 4.11 12.89 13.10
CA ARG A 8 4.62 13.42 11.84
C ARG A 8 6.06 12.98 11.60
N LYS A 9 6.35 12.58 10.37
CA LYS A 9 7.70 12.14 10.01
C LYS A 9 8.08 12.65 8.63
N SER A 10 8.89 13.72 8.61
CA SER A 10 9.32 14.32 7.36
C SER A 10 10.14 13.33 6.52
N THR A 11 9.78 13.22 5.24
CA THR A 11 10.47 12.31 4.33
C THR A 11 11.36 13.09 3.37
N GLY A 12 12.52 13.50 3.85
CA GLY A 12 13.45 14.25 3.02
C GLY A 12 14.18 13.37 2.01
N GLY A 13 13.73 13.43 0.76
CA GLY A 13 14.35 12.64 -0.29
C GLY A 13 14.11 11.15 -0.13
N ALA A 15 12.44 7.36 -2.40
CA ALA A 15 12.52 6.62 -3.66
C ALA A 15 13.98 6.28 -3.99
N PRO A 16 14.22 5.07 -4.53
CA PRO A 16 15.58 4.65 -4.88
C PRO A 16 16.14 5.40 -6.08
N ARG A 17 17.18 6.21 -5.85
CA ARG A 17 17.81 6.98 -6.91
C ARG A 17 19.24 7.36 -6.52
N LYS A 18 20.15 6.40 -6.63
CA LYS A 18 21.55 6.62 -6.29
C LYS A 18 21.70 7.10 -4.85
N GLN A 19 22.91 7.48 -4.48
CA GLN A 19 23.18 7.95 -3.12
C GLN A 19 22.92 9.45 -3.00
N LEU A 20 22.01 9.81 -2.10
CA LEU A 20 21.65 11.21 -1.88
C LEU A 20 21.14 11.85 -3.16
N SER B 1 -15.24 -5.89 9.56
CA SER B 1 -15.30 -7.38 9.60
C SER B 1 -14.53 -7.99 8.43
N THR B 2 -13.55 -8.83 8.75
CA THR B 2 -12.75 -9.49 7.73
C THR B 2 -13.31 -10.86 7.37
N GLU B 3 -14.64 -10.99 7.50
CA GLU B 3 -15.29 -12.26 7.18
C GLU B 3 -15.54 -12.40 5.68
N GLY B 4 -15.04 -11.43 4.91
CA GLY B 4 -15.20 -11.47 3.47
C GLY B 4 -14.63 -12.75 2.89
N SER B 5 -15.49 -13.54 2.23
CA SER B 5 -15.06 -14.80 1.65
C SER B 5 -14.46 -15.69 2.73
N SER B 6 -13.14 -15.61 2.89
CA SER B 6 -12.45 -16.37 3.91
C SER B 6 -11.79 -15.44 4.90
N PRO B 7 -11.95 -15.71 6.20
CA PRO B 7 -11.39 -14.88 7.25
C PRO B 7 -9.92 -14.62 7.01
N ALA B 8 -9.19 -15.64 6.57
CA ALA B 8 -7.80 -15.47 6.26
C ALA B 8 -7.68 -14.62 5.04
N TYR B 9 -8.34 -15.01 4.00
CA TYR B 9 -8.19 -14.30 2.78
C TYR B 9 -8.12 -12.80 3.05
N LEU B 10 -8.91 -12.28 3.98
CA LEU B 10 -8.78 -10.87 4.30
C LEU B 10 -7.67 -10.63 5.34
N LYS B 11 -7.78 -11.28 6.51
CA LYS B 11 -6.79 -11.14 7.60
C LYS B 11 -5.41 -11.58 7.13
N GLU B 12 -5.40 -12.74 6.53
CA GLU B 12 -4.21 -13.33 5.98
C GLU B 12 -3.57 -12.33 5.06
N ILE B 13 -4.38 -11.72 4.22
CA ILE B 13 -3.87 -10.77 3.27
C ILE B 13 -3.35 -9.55 4.00
N LEU B 14 -3.99 -9.26 5.12
CA LEU B 14 -3.63 -8.11 5.91
C LEU B 14 -2.14 -8.15 6.12
N GLU B 15 -1.70 -9.25 6.66
CA GLU B 15 -0.28 -9.46 6.88
C GLU B 15 0.47 -9.94 5.63
N GLN B 16 -0.18 -10.71 4.74
CA GLN B 16 0.54 -11.26 3.58
C GLN B 16 0.79 -10.26 2.46
N LEU B 17 -0.30 -9.68 1.95
CA LEU B 17 -0.20 -8.76 0.85
C LEU B 17 0.48 -7.48 1.30
N LEU B 18 0.03 -6.96 2.43
CA LEU B 18 0.60 -5.77 3.01
C LEU B 18 2.10 -5.90 3.23
N GLU B 19 2.49 -6.99 3.89
CA GLU B 19 3.89 -7.22 4.19
C GLU B 19 4.70 -7.52 2.93
N ALA B 20 4.09 -8.23 1.98
CA ALA B 20 4.76 -8.59 0.75
C ALA B 20 5.15 -7.39 -0.10
N ILE B 21 4.28 -6.38 -0.14
CA ILE B 21 4.53 -5.19 -0.94
C ILE B 21 5.58 -4.31 -0.28
N VAL B 22 5.56 -4.26 1.03
CA VAL B 22 6.54 -3.45 1.72
C VAL B 22 7.87 -4.17 1.79
N VAL B 23 7.81 -5.50 1.82
CA VAL B 23 9.02 -6.30 1.80
C VAL B 23 9.63 -6.17 0.42
N ALA B 24 8.73 -6.00 -0.52
CA ALA B 24 9.07 -5.85 -1.91
C ALA B 24 10.10 -4.75 -2.12
N THR B 25 10.67 -4.72 -3.31
CA THR B 25 11.65 -3.71 -3.67
C THR B 25 11.56 -3.40 -5.15
N ASN B 26 12.36 -2.45 -5.61
CA ASN B 26 12.37 -2.05 -7.01
C ASN B 26 13.50 -2.73 -7.77
N PRO B 27 13.55 -2.61 -9.11
CA PRO B 27 14.61 -3.23 -9.92
C PRO B 27 16.01 -2.98 -9.36
N SER B 28 16.20 -1.83 -8.70
CA SER B 28 17.50 -1.50 -8.13
C SER B 28 17.73 -2.24 -6.81
N GLY B 29 16.65 -2.62 -6.13
CA GLY B 29 16.78 -3.35 -4.88
C GLY B 29 16.21 -2.60 -3.70
N ARG B 30 15.41 -1.57 -3.96
CA ARG B 30 14.82 -0.80 -2.87
C ARG B 30 13.30 -0.73 -2.96
N LEU B 31 12.70 -0.84 -1.79
CA LEU B 31 11.25 -0.87 -1.63
C LEU B 31 10.47 -0.06 -2.64
N ILE B 32 9.53 -0.73 -3.28
CA ILE B 32 8.63 -0.09 -4.23
C ILE B 32 7.54 0.63 -3.42
N SER B 33 7.35 0.12 -2.22
CA SER B 33 6.40 0.64 -1.24
C SER B 33 6.96 1.85 -0.51
N GLU B 34 8.24 2.12 -0.77
CA GLU B 34 8.96 3.21 -0.13
C GLU B 34 8.17 4.51 -0.12
N LEU B 35 7.58 4.87 -1.25
CA LEU B 35 6.82 6.11 -1.32
C LEU B 35 5.44 5.96 -0.69
N PHE B 36 5.07 4.72 -0.44
CA PHE B 36 3.77 4.43 0.15
C PHE B 36 3.92 3.89 1.56
N GLN B 37 5.12 4.01 2.09
CA GLN B 37 5.41 3.55 3.43
C GLN B 37 4.37 4.08 4.40
N LYS B 38 4.10 5.38 4.31
CA LYS B 38 3.13 6.00 5.21
C LYS B 38 2.22 7.04 4.55
N LEU B 39 0.91 6.85 4.76
CA LEU B 39 -0.13 7.76 4.26
C LEU B 39 -0.54 8.64 5.44
N PRO B 40 -0.38 9.97 5.34
CA PRO B 40 -0.70 10.91 6.43
C PRO B 40 -2.16 10.84 6.85
N SER B 41 -2.66 11.94 7.38
CA SER B 41 -4.06 12.02 7.80
C SER B 41 -4.86 12.75 6.74
N LYS B 42 -5.83 12.04 6.15
CA LYS B 42 -6.69 12.60 5.10
C LYS B 42 -7.29 13.96 5.49
N VAL B 43 -6.98 14.42 6.70
CA VAL B 43 -7.49 15.68 7.20
C VAL B 43 -6.36 16.59 7.68
N GLN B 44 -5.32 15.97 8.22
CA GLN B 44 -4.20 16.69 8.78
C GLN B 44 -3.23 17.19 7.74
N TYR B 45 -3.07 16.41 6.68
CA TYR B 45 -2.17 16.77 5.61
C TYR B 45 -2.90 16.76 4.28
N PRO B 46 -3.96 17.56 4.20
CA PRO B 46 -4.83 17.67 3.02
C PRO B 46 -4.09 17.95 1.73
N ASP B 47 -2.96 18.66 1.78
CA ASP B 47 -2.20 18.94 0.56
C ASP B 47 -1.90 17.65 -0.19
N TYR B 48 -1.72 16.58 0.58
CA TYR B 48 -1.44 15.27 0.01
C TYR B 48 -2.74 14.74 -0.55
N TYR B 49 -3.79 15.03 0.18
CA TYR B 49 -5.13 14.61 -0.16
C TYR B 49 -5.74 15.50 -1.22
N ALA B 50 -5.13 16.65 -1.42
CA ALA B 50 -5.56 17.62 -2.41
C ALA B 50 -4.89 17.31 -3.73
N ILE B 51 -3.59 17.01 -3.65
CA ILE B 51 -2.82 16.66 -4.83
C ILE B 51 -3.32 15.36 -5.45
N ILE B 52 -3.24 14.30 -4.65
CA ILE B 52 -3.68 12.97 -5.03
C ILE B 52 -5.14 12.97 -5.32
N LYS B 53 -5.58 11.97 -6.05
CA LYS B 53 -6.97 11.86 -6.33
C LYS B 53 -7.55 10.77 -5.46
N GLU B 54 -6.74 9.73 -5.25
CA GLU B 54 -7.15 8.60 -4.43
C GLU B 54 -5.98 8.08 -3.59
N PRO B 55 -5.58 8.87 -2.58
CA PRO B 55 -4.50 8.51 -1.67
C PRO B 55 -4.85 7.34 -0.79
N ILE B 56 -3.88 6.47 -0.62
CA ILE B 56 -4.00 5.28 0.19
C ILE B 56 -2.70 4.49 0.11
N ASP B 57 -2.08 4.24 1.24
CA ASP B 57 -0.83 3.51 1.28
C ASP B 57 -1.05 2.08 1.76
N LEU B 58 -0.11 1.19 1.46
CA LEU B 58 -0.25 -0.20 1.88
C LEU B 58 -0.63 -0.29 3.35
N LYS B 59 -0.33 0.78 4.07
CA LYS B 59 -0.68 0.90 5.49
C LYS B 59 -2.17 1.15 5.64
N THR B 60 -2.66 2.14 4.89
CA THR B 60 -4.08 2.50 4.92
C THR B 60 -4.94 1.38 4.37
N ILE B 61 -4.39 0.61 3.44
CA ILE B 61 -5.12 -0.49 2.86
C ILE B 61 -5.35 -1.58 3.89
N ALA B 62 -4.27 -1.99 4.55
CA ALA B 62 -4.39 -2.98 5.58
C ALA B 62 -5.29 -2.43 6.67
N GLN B 63 -5.17 -1.13 6.84
CA GLN B 63 -5.94 -0.39 7.81
C GLN B 63 -7.42 -0.59 7.53
N ARG B 64 -7.76 -0.53 6.25
CA ARG B 64 -9.14 -0.70 5.81
C ARG B 64 -9.57 -2.17 5.82
N ILE B 65 -8.63 -3.07 5.57
CA ILE B 65 -8.93 -4.51 5.56
C ILE B 65 -9.62 -4.90 6.86
N GLN B 66 -8.99 -4.52 7.98
CA GLN B 66 -9.51 -4.83 9.30
C GLN B 66 -10.63 -3.87 9.68
N ASN B 67 -10.62 -2.69 9.07
CA ASN B 67 -11.64 -1.68 9.34
C ASN B 67 -12.95 -2.01 8.61
N GLY B 68 -13.11 -3.28 8.25
CA GLY B 68 -14.32 -3.70 7.54
C GLY B 68 -14.58 -2.91 6.28
N SER B 69 -13.53 -2.29 5.75
CA SER B 69 -13.64 -1.49 4.53
C SER B 69 -13.55 -2.37 3.28
N TYR B 70 -13.03 -3.59 3.43
CA TYR B 70 -12.89 -4.51 2.32
C TYR B 70 -13.50 -5.87 2.62
N LYS B 71 -14.70 -6.11 2.10
CA LYS B 71 -15.36 -7.39 2.27
C LYS B 71 -14.73 -8.37 1.29
N SER B 72 -13.70 -7.86 0.62
CA SER B 72 -12.93 -8.60 -0.36
C SER B 72 -11.63 -7.86 -0.62
N ILE B 73 -10.54 -8.60 -0.67
CA ILE B 73 -9.25 -8.00 -0.90
C ILE B 73 -9.16 -7.40 -2.27
N HIS B 74 -9.98 -7.86 -3.21
CA HIS B 74 -9.97 -7.25 -4.53
C HIS B 74 -10.20 -5.74 -4.35
N ALA B 75 -10.91 -5.40 -3.26
CA ALA B 75 -11.17 -4.01 -2.92
C ALA B 75 -9.89 -3.39 -2.39
N MET B 76 -9.20 -4.14 -1.54
CA MET B 76 -7.94 -3.71 -0.98
C MET B 76 -6.97 -3.41 -2.10
N ALA B 77 -6.89 -4.37 -3.00
CA ALA B 77 -6.07 -4.32 -4.18
C ALA B 77 -6.36 -3.09 -5.03
N LYS B 78 -7.63 -2.81 -5.26
CA LYS B 78 -7.99 -1.65 -6.04
C LYS B 78 -7.36 -0.42 -5.39
N ASP B 79 -7.30 -0.46 -4.06
CA ASP B 79 -6.68 0.62 -3.31
C ASP B 79 -5.17 0.50 -3.46
N ILE B 80 -4.71 -0.72 -3.67
CA ILE B 80 -3.29 -0.99 -3.85
C ILE B 80 -2.83 -0.37 -5.15
N ASP B 81 -3.74 -0.37 -6.12
CA ASP B 81 -3.48 0.24 -7.39
C ASP B 81 -3.57 1.75 -7.19
N LEU B 82 -4.44 2.14 -6.25
CA LEU B 82 -4.63 3.54 -5.89
C LEU B 82 -3.40 4.02 -5.15
N LEU B 83 -2.79 3.07 -4.48
CA LEU B 83 -1.58 3.30 -3.74
C LEU B 83 -0.53 3.70 -4.77
N ALA B 84 -0.51 2.93 -5.85
CA ALA B 84 0.39 3.13 -6.96
C ALA B 84 0.01 4.39 -7.75
N LYS B 85 -1.29 4.72 -7.76
CA LYS B 85 -1.75 5.91 -8.46
C LYS B 85 -1.29 7.15 -7.70
N ASN B 86 -1.35 7.08 -6.37
CA ASN B 86 -0.87 8.18 -5.55
C ASN B 86 0.59 8.38 -5.88
N ALA B 87 1.24 7.30 -6.32
CA ALA B 87 2.65 7.35 -6.71
C ALA B 87 2.89 8.30 -7.88
N LYS B 88 2.12 8.09 -8.93
CA LYS B 88 2.26 8.89 -10.14
C LYS B 88 1.86 10.35 -9.89
N THR B 89 1.07 10.58 -8.86
CA THR B 89 0.60 11.92 -8.54
C THR B 89 1.51 12.70 -7.58
N TYR B 90 1.91 12.07 -6.48
CA TYR B 90 2.71 12.77 -5.47
C TYR B 90 4.20 12.93 -5.80
N ASN B 91 4.91 11.84 -6.07
CA ASN B 91 6.34 11.94 -6.34
C ASN B 91 6.65 12.32 -7.79
N GLU B 92 7.94 12.41 -8.09
CA GLU B 92 8.43 12.79 -9.42
C GLU B 92 8.33 11.63 -10.41
N PRO B 93 8.03 11.93 -11.70
CA PRO B 93 7.90 10.91 -12.73
C PRO B 93 9.25 10.38 -13.15
N GLY B 94 10.27 11.22 -13.05
CA GLY B 94 11.61 10.79 -13.38
C GLY B 94 12.22 10.06 -12.22
N SER B 95 11.37 9.47 -11.40
CA SER B 95 11.80 8.74 -10.22
C SER B 95 11.21 7.32 -10.22
N GLN B 96 11.83 6.45 -9.44
CA GLN B 96 11.41 5.06 -9.34
C GLN B 96 9.97 4.91 -8.86
N VAL B 97 9.46 5.93 -8.19
CA VAL B 97 8.09 5.92 -7.65
C VAL B 97 7.07 5.40 -8.65
N PHE B 98 7.23 5.74 -9.92
CA PHE B 98 6.27 5.34 -10.93
C PHE B 98 6.39 3.87 -11.32
N LYS B 99 7.61 3.43 -11.64
CA LYS B 99 7.82 2.03 -12.02
C LYS B 99 7.68 1.11 -10.81
N ASP B 100 7.97 1.66 -9.65
CA ASP B 100 7.89 0.91 -8.39
C ASP B 100 6.46 0.58 -8.04
N ALA B 101 5.62 1.60 -8.09
CA ALA B 101 4.20 1.43 -7.77
C ALA B 101 3.56 0.42 -8.71
N ASN B 102 3.84 0.55 -10.00
CA ASN B 102 3.29 -0.40 -10.97
C ASN B 102 3.74 -1.80 -10.59
N SER B 103 4.94 -1.88 -10.06
CA SER B 103 5.48 -3.15 -9.60
C SER B 103 4.70 -3.61 -8.38
N ILE B 104 4.30 -2.65 -7.53
CA ILE B 104 3.54 -2.98 -6.33
C ILE B 104 2.28 -3.73 -6.65
N LYS B 105 1.46 -3.14 -7.50
CA LYS B 105 0.20 -3.76 -7.90
C LYS B 105 0.48 -5.16 -8.44
N LYS B 106 1.63 -5.32 -9.11
CA LYS B 106 2.02 -6.64 -9.63
C LYS B 106 2.35 -7.59 -8.49
N ILE B 107 3.27 -7.19 -7.60
CA ILE B 107 3.66 -8.00 -6.45
C ILE B 107 2.43 -8.43 -5.69
N PHE B 108 1.55 -7.47 -5.52
CA PHE B 108 0.32 -7.67 -4.81
C PHE B 108 -0.43 -8.91 -5.29
N TYR B 109 -0.75 -8.97 -6.58
CA TYR B 109 -1.51 -10.10 -7.10
C TYR B 109 -0.73 -11.41 -7.09
N MET B 110 0.57 -11.39 -7.39
CA MET B 110 1.35 -12.63 -7.35
C MET B 110 1.33 -13.17 -5.93
N LYS B 111 1.38 -12.26 -4.97
CA LYS B 111 1.31 -12.60 -3.55
C LYS B 111 -0.11 -13.04 -3.21
N LYS B 112 -1.07 -12.51 -3.96
CA LYS B 112 -2.48 -12.82 -3.79
C LYS B 112 -2.78 -14.25 -4.25
N ALA B 113 -2.10 -14.67 -5.32
CA ALA B 113 -2.31 -16.00 -5.89
C ALA B 113 -1.71 -17.11 -5.03
N GLU B 114 -0.51 -16.87 -4.51
CA GLU B 114 0.16 -17.87 -3.68
C GLU B 114 -0.57 -18.00 -2.36
N ILE B 115 -1.14 -16.89 -1.93
CA ILE B 115 -1.89 -16.80 -0.70
C ILE B 115 -3.11 -17.70 -0.74
N GLU B 116 -3.83 -17.60 -1.84
CA GLU B 116 -5.03 -18.39 -2.06
C GLU B 116 -4.67 -19.87 -2.24
N HIS B 117 -3.46 -20.12 -2.73
CA HIS B 117 -3.00 -21.49 -2.94
C HIS B 117 -2.34 -22.04 -1.68
N HIS B 118 -2.13 -21.16 -0.71
CA HIS B 118 -1.51 -21.55 0.56
C HIS B 118 -2.54 -21.69 1.66
N GLU B 119 -3.74 -21.15 1.45
CA GLU B 119 -4.80 -21.22 2.44
C GLU B 119 -5.91 -22.17 2.01
N MET B 120 -6.04 -22.38 0.70
CA MET B 120 -7.05 -23.27 0.16
C MET B 120 -6.58 -24.72 0.20
N ALA B 121 -5.65 -25.06 -0.70
CA ALA B 121 -5.12 -26.42 -0.77
C ALA B 121 -4.00 -26.61 0.23
N ALA A 1 12.47 -14.84 -8.98
CA ALA A 1 11.09 -14.62 -8.47
C ALA A 1 10.90 -15.24 -7.09
N ARG A 2 11.84 -16.11 -6.71
CA ARG A 2 11.79 -16.77 -5.42
C ARG A 2 13.07 -16.52 -4.63
N THR A 3 14.10 -16.05 -5.31
CA THR A 3 15.38 -15.75 -4.68
C THR A 3 15.90 -14.38 -5.10
N LYS A 4 15.61 -13.37 -4.28
CA LYS A 4 16.05 -12.00 -4.57
C LYS A 4 16.60 -11.33 -3.32
N GLN A 5 16.04 -11.69 -2.16
CA GLN A 5 16.48 -11.12 -0.89
C GLN A 5 16.37 -9.60 -0.91
N THR A 6 15.28 -9.08 -0.36
CA THR A 6 15.05 -7.65 -0.31
C THR A 6 16.15 -6.92 0.46
N ALA A 7 16.05 -5.60 0.52
CA ALA A 7 17.05 -4.79 1.23
C ALA A 7 16.96 -5.01 2.73
N ARG A 8 17.76 -4.26 3.48
CA ARG A 8 17.77 -4.38 4.94
C ARG A 8 17.35 -3.08 5.60
N LYS A 9 18.08 -2.01 5.31
CA LYS A 9 17.77 -0.69 5.88
C LYS A 9 17.02 0.17 4.88
N SER A 10 17.74 0.76 3.93
CA SER A 10 17.14 1.60 2.91
C SER A 10 16.31 2.72 3.55
N THR A 11 16.92 3.46 4.46
CA THR A 11 16.25 4.56 5.14
C THR A 11 17.11 5.82 5.14
N GLY A 12 16.53 6.91 4.64
CA GLY A 12 17.26 8.17 4.59
C GLY A 12 17.83 8.45 3.22
N GLY A 13 17.06 8.15 2.18
CA GLY A 13 17.52 8.38 0.82
C GLY A 13 16.73 7.60 -0.21
N ALA A 15 12.57 8.57 -1.76
CA ALA A 15 11.75 9.55 -2.46
C ALA A 15 10.85 10.31 -1.50
N PRO A 16 10.34 11.50 -1.92
CA PRO A 16 9.50 12.34 -1.08
C PRO A 16 8.55 11.54 -0.17
N ARG A 17 8.98 11.33 1.06
CA ARG A 17 8.20 10.61 2.05
C ARG A 17 8.57 11.05 3.46
N LYS A 18 7.93 12.10 3.93
CA LYS A 18 8.20 12.63 5.27
C LYS A 18 7.45 11.86 6.34
N GLN A 19 7.97 11.86 7.55
CA GLN A 19 7.36 11.17 8.67
C GLN A 19 6.70 12.15 9.62
N LEU A 20 7.30 13.33 9.75
CA LEU A 20 6.78 14.36 10.63
C LEU A 20 6.19 15.52 9.81
N SER B 1 -14.55 -8.35 11.86
CA SER B 1 -15.67 -8.23 10.87
C SER B 1 -15.25 -8.78 9.52
N THR B 2 -13.97 -9.12 9.39
CA THR B 2 -13.45 -9.66 8.15
C THR B 2 -14.15 -10.97 7.78
N GLU B 3 -15.01 -10.92 6.76
CA GLU B 3 -15.74 -12.10 6.32
C GLU B 3 -15.94 -12.08 4.81
N GLY B 4 -15.50 -11.00 4.17
CA GLY B 4 -15.64 -10.89 2.72
C GLY B 4 -15.16 -12.13 2.01
N SER B 5 -16.08 -12.84 1.36
CA SER B 5 -15.74 -14.08 0.67
C SER B 5 -15.14 -15.06 1.67
N SER B 6 -13.82 -15.04 1.78
CA SER B 6 -13.12 -15.90 2.73
C SER B 6 -12.40 -15.04 3.74
N PRO B 7 -12.51 -15.41 5.02
CA PRO B 7 -11.88 -14.66 6.10
C PRO B 7 -10.40 -14.45 5.83
N ALA B 8 -9.72 -15.50 5.38
CA ALA B 8 -8.32 -15.33 5.03
C ALA B 8 -8.23 -14.50 3.81
N TYR B 9 -9.04 -14.79 2.86
CA TYR B 9 -8.93 -14.08 1.63
C TYR B 9 -8.69 -12.60 1.93
N LEU B 10 -9.41 -12.04 2.89
CA LEU B 10 -9.14 -10.66 3.27
C LEU B 10 -8.02 -10.56 4.34
N LYS B 11 -8.20 -11.28 5.47
CA LYS B 11 -7.22 -11.29 6.59
C LYS B 11 -5.87 -11.83 6.15
N GLU B 12 -5.90 -12.92 5.42
CA GLU B 12 -4.71 -13.52 4.88
C GLU B 12 -3.98 -12.45 4.12
N ILE B 13 -4.74 -11.70 3.35
CA ILE B 13 -4.19 -10.64 2.54
C ILE B 13 -3.68 -9.52 3.42
N LEU B 14 -4.34 -9.37 4.55
CA LEU B 14 -3.99 -8.32 5.49
C LEU B 14 -2.51 -8.38 5.70
N GLU B 15 -2.06 -9.56 6.05
CA GLU B 15 -0.64 -9.80 6.24
C GLU B 15 0.09 -10.09 4.92
N GLN B 16 -0.57 -10.74 3.95
CA GLN B 16 0.14 -11.14 2.72
C GLN B 16 0.38 -10.04 1.70
N LEU B 17 -0.70 -9.42 1.23
CA LEU B 17 -0.58 -8.39 0.21
C LEU B 17 0.06 -7.16 0.81
N LEU B 18 -0.39 -6.81 2.01
CA LEU B 18 0.11 -5.68 2.74
C LEU B 18 1.61 -5.79 2.94
N GLU B 19 2.06 -6.94 3.43
CA GLU B 19 3.46 -7.15 3.70
C GLU B 19 4.27 -7.23 2.41
N ALA B 20 3.78 -8.02 1.46
CA ALA B 20 4.45 -8.21 0.18
C ALA B 20 4.84 -6.90 -0.49
N ILE B 21 3.93 -5.93 -0.49
CA ILE B 21 4.19 -4.65 -1.15
C ILE B 21 5.06 -3.74 -0.31
N VAL B 22 4.89 -3.77 0.98
CA VAL B 22 5.68 -2.92 1.83
C VAL B 22 7.10 -3.45 2.00
N VAL B 23 7.26 -4.74 1.74
CA VAL B 23 8.58 -5.34 1.78
C VAL B 23 9.15 -5.27 0.37
N ALA B 24 8.23 -5.05 -0.55
CA ALA B 24 8.53 -4.92 -1.96
C ALA B 24 9.53 -3.80 -2.21
N THR B 25 10.19 -3.88 -3.35
CA THR B 25 11.14 -2.86 -3.76
C THR B 25 11.05 -2.65 -5.27
N ASN B 26 11.85 -1.70 -5.75
CA ASN B 26 11.89 -1.38 -7.17
C ASN B 26 12.93 -2.27 -7.86
N PRO B 27 12.81 -2.52 -9.18
CA PRO B 27 13.80 -3.34 -9.89
C PRO B 27 15.22 -2.83 -9.69
N SER B 28 15.36 -1.66 -9.05
CA SER B 28 16.66 -1.09 -8.77
C SER B 28 17.13 -1.50 -7.38
N GLY B 29 16.17 -1.80 -6.49
CA GLY B 29 16.52 -2.24 -5.15
C GLY B 29 15.95 -1.37 -4.04
N ARG B 30 14.85 -0.64 -4.30
CA ARG B 30 14.28 0.21 -3.27
C ARG B 30 12.76 0.20 -3.24
N LEU B 31 12.24 0.15 -2.01
CA LEU B 31 10.81 0.06 -1.75
C LEU B 31 9.95 0.84 -2.71
N ILE B 32 9.04 0.12 -3.34
CA ILE B 32 8.07 0.73 -4.23
C ILE B 32 6.98 1.34 -3.35
N SER B 33 6.85 0.73 -2.19
CA SER B 33 5.90 1.12 -1.15
C SER B 33 6.41 2.29 -0.32
N GLU B 34 7.67 2.66 -0.51
CA GLU B 34 8.29 3.72 0.28
C GLU B 34 7.41 4.94 0.42
N LEU B 35 6.94 5.47 -0.69
CA LEU B 35 6.12 6.66 -0.65
C LEU B 35 4.77 6.39 -0.01
N PHE B 36 4.41 5.12 0.06
CA PHE B 36 3.12 4.73 0.61
C PHE B 36 3.29 4.03 1.95
N GLN B 37 4.49 4.08 2.50
CA GLN B 37 4.75 3.44 3.78
C GLN B 37 3.74 3.90 4.81
N LYS B 38 3.57 5.22 4.93
CA LYS B 38 2.63 5.77 5.90
C LYS B 38 1.97 7.08 5.44
N LEU B 39 0.64 7.11 5.48
CA LEU B 39 -0.12 8.32 5.15
C LEU B 39 0.04 9.33 6.28
N PRO B 40 -0.15 10.63 6.01
CA PRO B 40 -0.03 11.64 7.06
C PRO B 40 -1.15 11.55 8.08
N SER B 41 -1.27 12.57 8.89
CA SER B 41 -2.30 12.62 9.91
C SER B 41 -3.65 12.79 9.25
N LYS B 42 -3.62 13.19 7.98
CA LYS B 42 -4.80 13.40 7.19
C LYS B 42 -5.51 14.69 7.57
N VAL B 43 -5.52 14.97 8.87
CA VAL B 43 -6.12 16.18 9.42
C VAL B 43 -5.03 17.21 9.65
N GLN B 44 -3.90 16.73 10.14
CA GLN B 44 -2.76 17.59 10.42
C GLN B 44 -2.07 17.98 9.14
N TYR B 45 -2.18 17.09 8.15
CA TYR B 45 -1.58 17.31 6.86
C TYR B 45 -2.61 17.15 5.76
N PRO B 46 -3.62 18.02 5.79
CA PRO B 46 -4.70 18.02 4.79
C PRO B 46 -4.18 18.27 3.39
N ASP B 47 -3.11 19.03 3.29
CA ASP B 47 -2.50 19.35 2.01
C ASP B 47 -2.25 18.07 1.22
N TYR B 48 -1.99 16.97 1.94
CA TYR B 48 -1.75 15.69 1.29
C TYR B 48 -3.09 15.13 0.81
N TYR B 49 -4.06 15.03 1.70
CA TYR B 49 -5.35 14.49 1.30
C TYR B 49 -6.04 15.42 0.32
N ALA B 50 -5.56 16.67 0.26
CA ALA B 50 -6.09 17.66 -0.65
C ALA B 50 -5.49 17.46 -2.05
N ILE B 51 -4.15 17.57 -2.10
CA ILE B 51 -3.39 17.39 -3.33
C ILE B 51 -3.81 16.12 -4.07
N ILE B 52 -3.90 15.03 -3.33
CA ILE B 52 -4.28 13.73 -3.85
C ILE B 52 -5.74 13.68 -4.13
N LYS B 53 -6.13 12.73 -4.95
CA LYS B 53 -7.51 12.57 -5.24
C LYS B 53 -8.03 11.40 -4.44
N GLU B 54 -7.20 10.37 -4.32
CA GLU B 54 -7.55 9.19 -3.57
C GLU B 54 -6.37 8.61 -2.78
N PRO B 55 -5.91 9.29 -1.72
CA PRO B 55 -4.82 8.80 -0.91
C PRO B 55 -5.22 7.62 -0.06
N ILE B 56 -4.32 6.65 -0.03
CA ILE B 56 -4.50 5.44 0.71
C ILE B 56 -3.20 4.65 0.60
N ASP B 57 -2.60 4.38 1.73
CA ASP B 57 -1.33 3.67 1.76
C ASP B 57 -1.54 2.21 2.11
N LEU B 58 -0.61 1.34 1.68
CA LEU B 58 -0.75 -0.09 1.94
C LEU B 58 -1.14 -0.36 3.39
N LYS B 59 -0.83 0.60 4.26
CA LYS B 59 -1.18 0.51 5.67
C LYS B 59 -2.68 0.74 5.84
N THR B 60 -3.17 1.79 5.20
CA THR B 60 -4.58 2.15 5.24
C THR B 60 -5.43 1.11 4.55
N ILE B 61 -4.88 0.45 3.55
CA ILE B 61 -5.60 -0.57 2.83
C ILE B 61 -5.87 -1.76 3.73
N ALA B 62 -4.83 -2.26 4.37
CA ALA B 62 -5.00 -3.37 5.28
C ALA B 62 -5.96 -2.93 6.38
N GLN B 63 -5.80 -1.67 6.73
CA GLN B 63 -6.62 -1.03 7.73
C GLN B 63 -8.08 -1.19 7.37
N ARG B 64 -8.36 -0.99 6.10
CA ARG B 64 -9.71 -1.10 5.57
C ARG B 64 -10.15 -2.56 5.37
N ILE B 65 -9.20 -3.45 5.03
CA ILE B 65 -9.52 -4.85 4.82
C ILE B 65 -10.27 -5.42 6.01
N GLN B 66 -9.69 -5.23 7.19
CA GLN B 66 -10.28 -5.73 8.44
C GLN B 66 -11.39 -4.80 8.94
N ASN B 67 -11.27 -3.51 8.66
CA ASN B 67 -12.26 -2.54 9.08
C ASN B 67 -13.62 -2.83 8.44
N GLY B 68 -13.63 -3.74 7.48
CA GLY B 68 -14.87 -4.09 6.79
C GLY B 68 -15.11 -3.21 5.59
N SER B 69 -14.12 -2.38 5.27
CA SER B 69 -14.20 -1.49 4.13
C SER B 69 -14.10 -2.24 2.80
N TYR B 70 -13.57 -3.46 2.86
CA TYR B 70 -13.42 -4.28 1.66
C TYR B 70 -14.05 -5.65 1.85
N LYS B 71 -15.26 -5.84 1.34
CA LYS B 71 -15.91 -7.14 1.41
C LYS B 71 -15.26 -8.05 0.40
N SER B 72 -14.34 -7.46 -0.34
CA SER B 72 -13.57 -8.16 -1.35
C SER B 72 -12.24 -7.46 -1.51
N ILE B 73 -11.21 -8.25 -1.72
CA ILE B 73 -9.89 -7.70 -1.87
C ILE B 73 -9.77 -6.91 -3.14
N HIS B 74 -10.57 -7.22 -4.14
CA HIS B 74 -10.52 -6.45 -5.37
C HIS B 74 -10.72 -4.99 -5.02
N ALA B 75 -11.43 -4.75 -3.93
CA ALA B 75 -11.66 -3.41 -3.43
C ALA B 75 -10.37 -2.88 -2.81
N MET B 76 -9.70 -3.74 -2.05
CA MET B 76 -8.44 -3.41 -1.42
C MET B 76 -7.45 -3.00 -2.49
N ALA B 77 -7.35 -3.88 -3.47
CA ALA B 77 -6.50 -3.72 -4.63
C ALA B 77 -6.78 -2.39 -5.32
N LYS B 78 -8.05 -2.09 -5.51
CA LYS B 78 -8.42 -0.84 -6.16
C LYS B 78 -7.80 0.31 -5.39
N ASP B 79 -7.74 0.13 -4.08
CA ASP B 79 -7.12 1.14 -3.21
C ASP B 79 -5.62 1.03 -3.35
N ILE B 80 -5.15 -0.16 -3.71
CA ILE B 80 -3.73 -0.40 -3.90
C ILE B 80 -3.27 0.31 -5.16
N ASP B 81 -4.17 0.39 -6.12
CA ASP B 81 -3.90 1.10 -7.35
C ASP B 81 -3.98 2.58 -7.02
N LEU B 82 -4.92 2.90 -6.12
CA LEU B 82 -5.10 4.26 -5.65
C LEU B 82 -3.86 4.69 -4.90
N LEU B 83 -3.34 3.74 -4.16
CA LEU B 83 -2.12 3.92 -3.40
C LEU B 83 -1.07 4.43 -4.40
N ALA B 84 -1.00 3.72 -5.51
CA ALA B 84 -0.09 4.03 -6.60
C ALA B 84 -0.46 5.36 -7.28
N LYS B 85 -1.76 5.68 -7.27
CA LYS B 85 -2.21 6.93 -7.88
C LYS B 85 -1.74 8.12 -7.06
N ASN B 86 -1.76 7.97 -5.74
CA ASN B 86 -1.27 9.02 -4.87
C ASN B 86 0.21 9.23 -5.16
N ALA B 87 0.83 8.17 -5.69
CA ALA B 87 2.24 8.22 -6.07
C ALA B 87 2.50 9.22 -7.18
N LYS B 88 1.73 9.08 -8.25
CA LYS B 88 1.88 9.96 -9.41
C LYS B 88 1.41 11.38 -9.08
N THR B 89 0.58 11.48 -8.05
CA THR B 89 0.01 12.74 -7.63
C THR B 89 0.92 13.54 -6.69
N TYR B 90 1.34 12.92 -5.58
CA TYR B 90 2.15 13.60 -4.57
C TYR B 90 3.64 13.72 -4.92
N ASN B 91 4.29 12.60 -5.20
CA ASN B 91 5.71 12.61 -5.51
C ASN B 91 5.99 13.26 -6.85
N GLU B 92 7.28 13.35 -7.18
CA GLU B 92 7.73 13.94 -8.43
C GLU B 92 7.92 12.85 -9.48
N PRO B 93 7.47 13.10 -10.72
CA PRO B 93 7.57 12.13 -11.82
C PRO B 93 9.01 11.80 -12.17
N GLY B 94 9.94 12.59 -11.64
CA GLY B 94 11.34 12.34 -11.88
C GLY B 94 11.92 11.48 -10.77
N SER B 95 11.07 10.63 -10.20
CA SER B 95 11.47 9.75 -9.11
C SER B 95 10.90 8.36 -9.30
N GLN B 96 11.56 7.38 -8.69
CA GLN B 96 11.16 5.98 -8.78
C GLN B 96 9.69 5.79 -8.38
N VAL B 97 9.15 6.74 -7.62
CA VAL B 97 7.76 6.67 -7.13
C VAL B 97 6.76 6.25 -8.19
N PHE B 98 6.87 6.80 -9.37
CA PHE B 98 5.92 6.49 -10.43
C PHE B 98 6.06 5.06 -10.95
N LYS B 99 7.27 4.66 -11.28
CA LYS B 99 7.52 3.30 -11.77
C LYS B 99 7.31 2.28 -10.66
N ASP B 100 7.55 2.72 -9.44
CA ASP B 100 7.43 1.90 -8.25
C ASP B 100 5.98 1.59 -7.92
N ALA B 101 5.15 2.61 -7.91
CA ALA B 101 3.74 2.45 -7.60
C ALA B 101 3.08 1.54 -8.62
N ASN B 102 3.36 1.78 -9.90
CA ASN B 102 2.80 0.95 -10.95
C ASN B 102 3.24 -0.49 -10.69
N SER B 103 4.45 -0.62 -10.17
CA SER B 103 4.99 -1.92 -9.84
C SER B 103 4.23 -2.49 -8.66
N ILE B 104 3.83 -1.63 -7.72
CA ILE B 104 3.08 -2.08 -6.55
C ILE B 104 1.82 -2.82 -6.94
N LYS B 105 0.99 -2.14 -7.72
CA LYS B 105 -0.26 -2.74 -8.16
C LYS B 105 0.03 -4.08 -8.84
N LYS B 106 1.16 -4.17 -9.54
CA LYS B 106 1.56 -5.41 -10.18
C LYS B 106 1.92 -6.48 -9.14
N ILE B 107 2.85 -6.15 -8.24
CA ILE B 107 3.26 -7.06 -7.17
C ILE B 107 2.04 -7.58 -6.45
N PHE B 108 1.18 -6.64 -6.14
CA PHE B 108 -0.04 -6.93 -5.43
C PHE B 108 -0.76 -8.13 -6.02
N TYR B 109 -1.10 -8.06 -7.30
CA TYR B 109 -1.83 -9.16 -7.94
C TYR B 109 -1.01 -10.46 -7.98
N MET B 110 0.31 -10.36 -8.10
CA MET B 110 1.15 -11.56 -8.09
C MET B 110 0.99 -12.24 -6.74
N LYS B 111 1.16 -11.44 -5.70
CA LYS B 111 1.02 -11.89 -4.34
C LYS B 111 -0.38 -12.45 -4.09
N LYS B 112 -1.36 -11.92 -4.82
CA LYS B 112 -2.72 -12.39 -4.71
C LYS B 112 -2.84 -13.85 -5.18
N ALA B 113 -2.12 -14.18 -6.25
CA ALA B 113 -2.17 -15.52 -6.84
C ALA B 113 -1.52 -16.58 -5.96
N GLU B 114 -0.36 -16.28 -5.39
CA GLU B 114 0.34 -17.25 -4.55
C GLU B 114 -0.44 -17.46 -3.27
N ILE B 115 -1.16 -16.42 -2.88
CA ILE B 115 -1.98 -16.41 -1.69
C ILE B 115 -3.11 -17.43 -1.80
N GLU B 116 -3.78 -17.41 -2.93
CA GLU B 116 -4.90 -18.31 -3.19
C GLU B 116 -4.40 -19.72 -3.48
N HIS B 117 -3.14 -19.84 -3.89
CA HIS B 117 -2.55 -21.14 -4.20
C HIS B 117 -1.91 -21.76 -2.96
N HIS B 118 -1.63 -20.93 -1.97
CA HIS B 118 -1.01 -21.40 -0.74
C HIS B 118 -2.07 -21.68 0.33
N GLU B 119 -3.26 -21.13 0.13
CA GLU B 119 -4.35 -21.33 1.07
C GLU B 119 -5.20 -22.54 0.68
N MET B 120 -4.88 -23.12 -0.47
CA MET B 120 -5.60 -24.29 -0.97
C MET B 120 -4.67 -25.48 -1.11
N ALA B 121 -3.44 -25.21 -1.53
CA ALA B 121 -2.43 -26.26 -1.71
C ALA B 121 -2.93 -27.35 -2.66
N ALA A 1 10.32 4.18 20.51
CA ALA A 1 9.20 3.39 19.94
C ALA A 1 9.34 3.26 18.43
N ARG A 2 9.35 2.01 17.95
CA ARG A 2 9.49 1.73 16.52
C ARG A 2 10.83 2.22 15.99
N THR A 3 11.26 1.63 14.86
CA THR A 3 12.52 2.01 14.24
C THR A 3 13.69 1.85 15.21
N LYS A 4 14.28 0.66 15.23
CA LYS A 4 15.41 0.38 16.12
C LYS A 4 16.63 -0.08 15.32
N GLN A 5 17.59 0.82 15.17
CA GLN A 5 18.82 0.52 14.44
C GLN A 5 18.52 0.04 13.03
N THR A 6 18.46 0.98 12.07
CA THR A 6 18.17 0.64 10.69
C THR A 6 19.41 0.11 9.98
N ALA A 7 20.41 0.98 9.81
CA ALA A 7 21.65 0.59 9.15
C ALA A 7 22.76 1.60 9.44
N ARG A 8 22.51 2.87 9.11
CA ARG A 8 23.48 3.93 9.33
C ARG A 8 22.84 5.10 10.08
N LYS A 9 22.01 5.85 9.37
CA LYS A 9 21.32 7.01 9.94
C LYS A 9 19.88 7.07 9.45
N SER A 10 19.12 8.02 9.99
CA SER A 10 17.72 8.17 9.61
C SER A 10 17.30 9.64 9.64
N THR A 11 17.04 10.20 8.47
CA THR A 11 16.62 11.59 8.36
C THR A 11 15.45 11.73 7.39
N GLY A 12 15.14 12.97 7.02
CA GLY A 12 14.03 13.21 6.10
C GLY A 12 14.21 12.48 4.78
N GLY A 13 13.12 11.92 4.25
CA GLY A 13 13.19 11.21 2.99
C GLY A 13 12.03 10.25 2.80
N ALA A 15 10.33 8.14 -1.00
CA ALA A 15 10.63 7.21 -2.08
C ALA A 15 12.15 7.05 -2.28
N PRO A 16 12.90 8.17 -2.43
CA PRO A 16 14.35 8.10 -2.63
C PRO A 16 15.07 7.52 -1.41
N ARG A 17 14.93 8.19 -0.26
CA ARG A 17 15.55 7.74 0.98
C ARG A 17 17.03 7.41 0.74
N LYS A 18 17.84 8.45 0.58
CA LYS A 18 19.27 8.27 0.33
C LYS A 18 20.02 9.60 0.42
N GLN A 19 21.27 9.53 0.83
CA GLN A 19 22.12 10.73 0.96
C GLN A 19 21.51 11.73 1.94
N LEU A 20 22.18 12.87 2.10
CA LEU A 20 21.70 13.91 3.00
C LEU A 20 21.12 15.09 2.21
N SER B 1 -17.15 -6.16 7.91
CA SER B 1 -16.63 -7.42 8.51
C SER B 1 -16.00 -8.32 7.45
N THR B 2 -14.82 -8.85 7.75
CA THR B 2 -14.12 -9.73 6.81
C THR B 2 -14.87 -11.05 6.63
N GLU B 3 -15.85 -11.05 5.73
CA GLU B 3 -16.63 -12.26 5.47
C GLU B 3 -17.13 -12.29 4.03
N GLY B 4 -16.40 -11.65 3.12
CA GLY B 4 -16.80 -11.65 1.72
C GLY B 4 -16.76 -13.05 1.14
N SER B 5 -15.86 -13.28 0.19
CA SER B 5 -15.72 -14.61 -0.39
C SER B 5 -15.39 -15.58 0.73
N SER B 6 -14.12 -15.54 1.15
CA SER B 6 -13.65 -16.35 2.26
C SER B 6 -13.17 -15.45 3.37
N PRO B 7 -13.55 -15.78 4.61
CA PRO B 7 -13.18 -14.98 5.77
C PRO B 7 -11.70 -14.67 5.76
N ALA B 8 -10.88 -15.70 5.56
CA ALA B 8 -9.45 -15.48 5.48
C ALA B 8 -9.17 -14.70 4.25
N TYR B 9 -9.72 -15.12 3.16
CA TYR B 9 -9.43 -14.47 1.94
C TYR B 9 -9.38 -12.96 2.16
N LEU B 10 -10.32 -12.40 2.90
CA LEU B 10 -10.24 -10.97 3.19
C LEU B 10 -9.35 -10.67 4.40
N LYS B 11 -9.64 -11.29 5.55
CA LYS B 11 -8.87 -11.10 6.80
C LYS B 11 -7.40 -11.46 6.60
N GLU B 12 -7.21 -12.62 6.00
CA GLU B 12 -5.90 -13.11 5.68
C GLU B 12 -5.17 -12.07 4.90
N ILE B 13 -5.85 -11.54 3.90
CA ILE B 13 -5.26 -10.54 3.03
C ILE B 13 -4.97 -9.28 3.81
N LEU B 14 -5.81 -9.04 4.79
CA LEU B 14 -5.69 -7.86 5.63
C LEU B 14 -4.27 -7.76 6.08
N GLU B 15 -3.82 -8.84 6.67
CA GLU B 15 -2.46 -8.95 7.13
C GLU B 15 -1.47 -9.32 6.01
N GLN B 16 -1.87 -10.15 5.03
CA GLN B 16 -0.91 -10.59 4.01
C GLN B 16 -0.62 -9.59 2.90
N LEU B 17 -1.67 -9.17 2.20
CA LEU B 17 -1.48 -8.25 1.09
C LEU B 17 -0.98 -6.93 1.63
N LEU B 18 -1.61 -6.45 2.69
CA LEU B 18 -1.22 -5.23 3.32
C LEU B 18 0.24 -5.26 3.72
N GLU B 19 0.61 -6.30 4.46
CA GLU B 19 1.96 -6.44 4.96
C GLU B 19 2.96 -6.56 3.83
N ALA B 20 2.68 -7.46 2.89
CA ALA B 20 3.55 -7.71 1.75
C ALA B 20 3.96 -6.44 1.02
N ILE B 21 3.01 -5.53 0.84
CA ILE B 21 3.29 -4.28 0.13
C ILE B 21 4.03 -3.27 0.98
N VAL B 22 3.75 -3.26 2.27
CA VAL B 22 4.41 -2.32 3.14
C VAL B 22 5.80 -2.80 3.53
N VAL B 23 6.00 -4.10 3.41
CA VAL B 23 7.31 -4.68 3.68
C VAL B 23 8.08 -4.66 2.38
N ALA B 24 7.29 -4.51 1.32
CA ALA B 24 7.80 -4.43 -0.04
C ALA B 24 8.76 -3.27 -0.21
N THR B 25 9.49 -3.29 -1.31
CA THR B 25 10.42 -2.23 -1.63
C THR B 25 10.48 -2.04 -3.14
N ASN B 26 11.24 -1.06 -3.59
CA ASN B 26 11.37 -0.78 -5.01
C ASN B 26 12.52 -1.59 -5.61
N PRO B 27 12.70 -1.58 -6.95
CA PRO B 27 13.78 -2.36 -7.59
C PRO B 27 15.17 -1.97 -7.10
N SER B 28 15.23 -0.94 -6.25
CA SER B 28 16.51 -0.48 -5.70
C SER B 28 16.67 -0.96 -4.25
N GLY B 29 15.55 -1.30 -3.62
CA GLY B 29 15.59 -1.79 -2.25
C GLY B 29 14.97 -0.82 -1.25
N ARG B 30 13.96 -0.07 -1.69
CA ARG B 30 13.29 0.89 -0.83
C ARG B 30 11.79 0.90 -1.03
N LEU B 31 11.09 0.81 0.10
CA LEU B 31 9.63 0.72 0.15
C LEU B 31 8.90 1.39 -0.98
N ILE B 32 8.10 0.60 -1.68
CA ILE B 32 7.26 1.10 -2.75
C ILE B 32 6.03 1.72 -2.11
N SER B 33 5.73 1.22 -0.92
CA SER B 33 4.62 1.65 -0.09
C SER B 33 4.96 2.93 0.67
N GLU B 34 6.22 3.33 0.56
CA GLU B 34 6.74 4.50 1.26
C GLU B 34 5.83 5.72 1.15
N LEU B 35 5.35 6.03 -0.05
CA LEU B 35 4.47 7.18 -0.22
C LEU B 35 3.06 6.89 0.24
N PHE B 36 2.77 5.63 0.45
CA PHE B 36 1.45 5.21 0.87
C PHE B 36 1.49 4.67 2.28
N GLN B 37 2.60 4.88 2.96
CA GLN B 37 2.76 4.43 4.33
C GLN B 37 1.53 4.81 5.14
N LYS B 38 1.18 6.10 5.09
CA LYS B 38 0.03 6.61 5.83
C LYS B 38 -0.59 7.85 5.19
N LEU B 39 -1.92 7.80 4.98
CA LEU B 39 -2.63 8.95 4.43
C LEU B 39 -2.70 10.03 5.50
N PRO B 40 -2.62 11.32 5.12
CA PRO B 40 -2.67 12.42 6.09
C PRO B 40 -3.80 12.26 7.12
N SER B 41 -5.05 12.45 6.70
CA SER B 41 -6.19 12.32 7.62
C SER B 41 -7.54 12.28 6.92
N LYS B 42 -7.53 12.63 5.64
CA LYS B 42 -8.74 12.68 4.84
C LYS B 42 -9.61 13.84 5.30
N VAL B 43 -9.04 14.69 6.15
CA VAL B 43 -9.74 15.85 6.70
C VAL B 43 -8.76 16.95 7.11
N GLN B 44 -7.68 16.51 7.72
CA GLN B 44 -6.65 17.41 8.22
C GLN B 44 -5.81 17.99 7.11
N TYR B 45 -5.61 17.21 6.07
CA TYR B 45 -4.81 17.66 4.93
C TYR B 45 -5.57 17.43 3.64
N PRO B 46 -6.74 18.07 3.55
CA PRO B 46 -7.63 17.95 2.38
C PRO B 46 -6.93 18.28 1.07
N ASP B 47 -5.93 19.16 1.10
CA ASP B 47 -5.20 19.49 -0.12
C ASP B 47 -4.71 18.22 -0.80
N TYR B 48 -4.44 17.21 0.02
CA TYR B 48 -3.99 15.93 -0.46
C TYR B 48 -5.20 15.21 -1.03
N TYR B 49 -6.29 15.38 -0.35
CA TYR B 49 -7.55 14.78 -0.72
C TYR B 49 -8.22 15.55 -1.85
N ALA B 50 -7.74 16.77 -2.06
CA ALA B 50 -8.24 17.63 -3.12
C ALA B 50 -7.46 17.35 -4.39
N ILE B 51 -6.14 17.23 -4.25
CA ILE B 51 -5.27 16.95 -5.38
C ILE B 51 -5.62 15.57 -5.96
N ILE B 52 -5.46 14.56 -5.13
CA ILE B 52 -5.75 13.18 -5.48
C ILE B 52 -7.19 13.04 -5.87
N LYS B 53 -7.50 12.02 -6.62
CA LYS B 53 -8.84 11.81 -6.99
C LYS B 53 -9.42 10.71 -6.10
N GLU B 54 -8.58 9.73 -5.77
CA GLU B 54 -8.98 8.64 -4.91
C GLU B 54 -7.86 8.20 -3.95
N PRO B 55 -7.54 9.04 -2.96
CA PRO B 55 -6.52 8.72 -1.98
C PRO B 55 -6.93 7.57 -1.09
N ILE B 56 -6.04 6.60 -1.03
CA ILE B 56 -6.24 5.41 -0.25
C ILE B 56 -4.89 4.70 -0.12
N ASP B 57 -4.43 4.55 1.10
CA ASP B 57 -3.14 3.92 1.33
C ASP B 57 -3.34 2.47 1.77
N LEU B 58 -2.32 1.64 1.61
CA LEU B 58 -2.42 0.24 1.99
C LEU B 58 -3.08 0.08 3.37
N LYS B 59 -2.99 1.13 4.16
CA LYS B 59 -3.60 1.17 5.49
C LYS B 59 -5.12 1.30 5.38
N THR B 60 -5.56 2.29 4.61
CA THR B 60 -6.99 2.53 4.39
C THR B 60 -7.64 1.35 3.69
N ILE B 61 -6.85 0.65 2.88
CA ILE B 61 -7.36 -0.51 2.17
C ILE B 61 -7.68 -1.61 3.15
N ALA B 62 -6.73 -1.89 4.04
CA ALA B 62 -6.96 -2.90 5.05
C ALA B 62 -8.14 -2.47 5.89
N GLN B 63 -8.20 -1.18 6.09
CA GLN B 63 -9.24 -0.53 6.85
C GLN B 63 -10.61 -0.87 6.27
N ARG B 64 -10.67 -0.84 4.95
CA ARG B 64 -11.90 -1.14 4.24
C ARG B 64 -12.16 -2.65 4.17
N ILE B 65 -11.09 -3.44 4.11
CA ILE B 65 -11.21 -4.90 4.05
C ILE B 65 -12.08 -5.39 5.20
N GLN B 66 -11.72 -4.96 6.41
CA GLN B 66 -12.44 -5.36 7.62
C GLN B 66 -13.72 -4.56 7.79
N ASN B 67 -13.74 -3.34 7.24
CA ASN B 67 -14.92 -2.48 7.34
C ASN B 67 -16.06 -3.00 6.47
N GLY B 68 -15.81 -4.12 5.78
CA GLY B 68 -16.82 -4.70 4.92
C GLY B 68 -16.92 -3.98 3.59
N SER B 69 -16.03 -3.01 3.39
CA SER B 69 -16.01 -2.23 2.15
C SER B 69 -15.60 -3.09 0.96
N TYR B 70 -15.01 -4.25 1.23
CA TYR B 70 -14.57 -5.16 0.18
C TYR B 70 -15.11 -6.57 0.42
N LYS B 71 -16.15 -6.95 -0.31
CA LYS B 71 -16.69 -8.29 -0.20
C LYS B 71 -15.77 -9.22 -0.96
N SER B 72 -14.74 -8.60 -1.53
CA SER B 72 -13.73 -9.28 -2.31
C SER B 72 -12.48 -8.42 -2.34
N ILE B 73 -11.33 -9.05 -2.20
CA ILE B 73 -10.07 -8.33 -2.20
C ILE B 73 -9.79 -7.74 -3.56
N HIS B 74 -10.37 -8.29 -4.62
CA HIS B 74 -10.17 -7.68 -5.92
C HIS B 74 -10.58 -6.22 -5.81
N ALA B 75 -11.50 -5.94 -4.89
CA ALA B 75 -11.97 -4.59 -4.63
C ALA B 75 -10.87 -3.84 -3.87
N MET B 76 -10.27 -4.52 -2.90
CA MET B 76 -9.19 -3.96 -2.12
C MET B 76 -8.07 -3.56 -3.05
N ALA B 77 -7.74 -4.50 -3.92
CA ALA B 77 -6.73 -4.35 -4.93
C ALA B 77 -6.98 -3.14 -5.81
N LYS B 78 -8.23 -2.97 -6.23
CA LYS B 78 -8.56 -1.84 -7.07
C LYS B 78 -8.18 -0.57 -6.33
N ASP B 79 -8.32 -0.62 -5.00
CA ASP B 79 -7.94 0.50 -4.14
C ASP B 79 -6.44 0.53 -4.03
N ILE B 80 -5.82 -0.64 -4.19
CA ILE B 80 -4.38 -0.76 -4.13
C ILE B 80 -3.78 -0.09 -5.35
N ASP B 81 -4.53 -0.15 -6.44
CA ASP B 81 -4.14 0.52 -7.66
C ASP B 81 -4.38 1.99 -7.45
N LEU B 82 -5.44 2.30 -6.69
CA LEU B 82 -5.79 3.66 -6.34
C LEU B 82 -4.67 4.23 -5.49
N LEU B 83 -4.17 3.36 -4.63
CA LEU B 83 -3.08 3.68 -3.76
C LEU B 83 -1.93 4.17 -4.63
N ALA B 84 -1.65 3.36 -5.65
CA ALA B 84 -0.62 3.66 -6.62
C ALA B 84 -0.97 4.89 -7.46
N LYS B 85 -2.27 5.11 -7.67
CA LYS B 85 -2.74 6.26 -8.43
C LYS B 85 -2.41 7.54 -7.68
N ASN B 86 -2.64 7.53 -6.38
CA ASN B 86 -2.33 8.69 -5.56
C ASN B 86 -0.84 8.98 -5.68
N ALA B 87 -0.08 7.92 -5.99
CA ALA B 87 1.37 8.05 -6.17
C ALA B 87 1.71 8.97 -7.32
N LYS B 88 1.12 8.71 -8.47
CA LYS B 88 1.38 9.50 -9.66
C LYS B 88 0.79 10.91 -9.56
N THR B 89 -0.19 11.06 -8.68
CA THR B 89 -0.86 12.35 -8.49
C THR B 89 -0.15 13.26 -7.50
N TYR B 90 0.13 12.76 -6.29
CA TYR B 90 0.75 13.58 -5.25
C TYR B 90 2.26 13.78 -5.40
N ASN B 91 3.01 12.67 -5.46
CA ASN B 91 4.45 12.77 -5.57
C ASN B 91 4.91 13.24 -6.94
N GLU B 92 6.22 13.37 -7.10
CA GLU B 92 6.81 13.82 -8.35
C GLU B 92 7.16 12.65 -9.25
N PRO B 93 6.94 12.80 -10.57
CA PRO B 93 7.22 11.74 -11.55
C PRO B 93 8.70 11.46 -11.69
N GLY B 94 9.52 12.34 -11.15
CA GLY B 94 10.95 12.15 -11.21
C GLY B 94 11.48 11.47 -9.96
N SER B 95 10.70 10.52 -9.45
CA SER B 95 11.08 9.79 -8.24
C SER B 95 10.63 8.34 -8.30
N GLN B 96 11.04 7.58 -7.29
CA GLN B 96 10.70 6.17 -7.20
C GLN B 96 9.19 5.94 -7.04
N VAL B 97 8.49 6.95 -6.54
CA VAL B 97 7.04 6.87 -6.30
C VAL B 97 6.25 6.24 -7.44
N PHE B 98 6.46 6.69 -8.66
CA PHE B 98 5.68 6.19 -9.78
C PHE B 98 5.98 4.73 -10.10
N LYS B 99 7.26 4.37 -10.21
CA LYS B 99 7.63 2.99 -10.49
C LYS B 99 7.35 2.09 -9.30
N ASP B 100 7.41 2.68 -8.11
CA ASP B 100 7.18 1.98 -6.86
C ASP B 100 5.73 1.55 -6.73
N ALA B 101 4.84 2.51 -6.94
CA ALA B 101 3.42 2.24 -6.85
C ALA B 101 3.01 1.18 -7.86
N ASN B 102 3.50 1.32 -9.08
CA ASN B 102 3.21 0.36 -10.13
C ASN B 102 3.68 -1.01 -9.65
N SER B 103 4.78 -1.00 -8.91
CA SER B 103 5.32 -2.22 -8.37
C SER B 103 4.40 -2.73 -7.28
N ILE B 104 3.78 -1.82 -6.53
CA ILE B 104 2.88 -2.19 -5.45
C ILE B 104 1.74 -3.05 -5.95
N LYS B 105 1.02 -2.52 -6.92
CA LYS B 105 -0.10 -3.23 -7.50
C LYS B 105 0.37 -4.61 -7.99
N LYS B 106 1.62 -4.66 -8.48
CA LYS B 106 2.19 -5.93 -8.94
C LYS B 106 2.43 -6.88 -7.76
N ILE B 107 3.18 -6.41 -6.75
CA ILE B 107 3.46 -7.21 -5.55
C ILE B 107 2.17 -7.74 -5.00
N PHE B 108 1.22 -6.84 -4.92
CA PHE B 108 -0.09 -7.14 -4.40
C PHE B 108 -0.63 -8.44 -4.98
N TYR B 109 -0.71 -8.53 -6.30
CA TYR B 109 -1.25 -9.74 -6.92
C TYR B 109 -0.32 -10.95 -6.76
N MET B 110 0.99 -10.74 -6.64
CA MET B 110 1.91 -11.86 -6.45
C MET B 110 1.58 -12.50 -5.10
N LYS B 111 1.61 -11.65 -4.08
CA LYS B 111 1.29 -12.04 -2.72
C LYS B 111 -0.12 -12.63 -2.71
N LYS B 112 -1.00 -12.02 -3.49
CA LYS B 112 -2.38 -12.46 -3.64
C LYS B 112 -2.44 -13.90 -4.15
N ALA B 113 -1.56 -14.22 -5.10
CA ALA B 113 -1.52 -15.54 -5.74
C ALA B 113 -1.16 -16.67 -4.77
N GLU B 114 -0.15 -16.44 -3.93
CA GLU B 114 0.29 -17.45 -2.98
C GLU B 114 -0.84 -17.73 -2.02
N ILE B 115 -1.38 -16.64 -1.52
CA ILE B 115 -2.51 -16.64 -0.61
C ILE B 115 -3.68 -17.36 -1.22
N GLU B 116 -3.80 -17.15 -2.52
CA GLU B 116 -4.87 -17.73 -3.31
C GLU B 116 -4.61 -19.21 -3.58
N HIS B 117 -3.37 -19.63 -3.46
CA HIS B 117 -3.00 -21.03 -3.69
C HIS B 117 -2.97 -21.80 -2.38
N HIS B 118 -2.86 -21.08 -1.27
CA HIS B 118 -2.84 -21.69 0.05
C HIS B 118 -4.25 -21.75 0.65
N GLU B 119 -5.15 -20.94 0.10
CA GLU B 119 -6.52 -20.89 0.57
C GLU B 119 -7.48 -21.32 -0.53
N MET B 120 -7.22 -22.47 -1.13
CA MET B 120 -8.06 -22.99 -2.21
C MET B 120 -7.95 -24.50 -2.29
N ALA B 121 -6.73 -24.99 -2.51
CA ALA B 121 -6.49 -26.43 -2.62
C ALA B 121 -6.76 -27.13 -1.30
N ALA A 1 33.73 2.92 -4.03
CA ALA A 1 34.46 3.63 -2.95
C ALA A 1 33.56 4.66 -2.27
N ARG A 2 33.22 5.72 -2.99
CA ARG A 2 32.37 6.76 -2.45
C ARG A 2 31.45 7.33 -3.53
N THR A 3 30.21 6.88 -3.55
CA THR A 3 29.24 7.34 -4.54
C THR A 3 28.02 7.97 -3.87
N LYS A 4 27.52 7.31 -2.83
CA LYS A 4 26.35 7.81 -2.10
C LYS A 4 26.14 7.01 -0.82
N GLN A 5 25.57 7.67 0.19
CA GLN A 5 25.30 7.03 1.47
C GLN A 5 23.81 6.98 1.76
N THR A 6 23.14 8.13 1.59
CA THR A 6 21.70 8.22 1.83
C THR A 6 21.36 7.88 3.28
N ALA A 7 21.07 8.90 4.07
CA ALA A 7 20.73 8.71 5.47
C ALA A 7 19.43 9.43 5.84
N ARG A 8 18.33 8.69 5.80
CA ARG A 8 17.02 9.26 6.13
C ARG A 8 16.19 8.26 6.91
N LYS A 9 15.29 8.76 7.75
CA LYS A 9 14.44 7.90 8.56
C LYS A 9 13.09 8.56 8.85
N SER A 10 13.07 9.89 8.84
CA SER A 10 11.84 10.63 9.10
C SER A 10 11.49 11.55 7.92
N THR A 11 12.31 12.57 7.72
CA THR A 11 12.08 13.53 6.64
C THR A 11 13.17 13.44 5.57
N GLY A 12 13.01 14.21 4.51
CA GLY A 12 13.98 14.21 3.42
C GLY A 12 13.33 14.08 2.07
N GLY A 13 13.61 12.99 1.37
CA GLY A 13 13.03 12.76 0.06
C GLY A 13 11.93 11.72 0.08
N ALA A 15 10.04 8.23 -2.55
CA ALA A 15 10.07 7.37 -3.73
C ALA A 15 11.51 6.97 -4.06
N PRO A 16 11.72 5.71 -4.50
CA PRO A 16 13.05 5.23 -4.85
C PRO A 16 13.54 5.75 -6.20
N ARG A 17 13.23 7.00 -6.50
CA ARG A 17 13.65 7.61 -7.76
C ARG A 17 14.55 8.83 -7.50
N LYS A 18 14.73 9.15 -6.22
CA LYS A 18 15.56 10.28 -5.81
C LYS A 18 15.00 11.58 -6.38
N GLN A 19 13.73 11.85 -6.09
CA GLN A 19 13.08 13.07 -6.56
C GLN A 19 13.69 14.30 -5.91
N LEU A 20 14.24 15.19 -6.75
CA LEU A 20 14.86 16.42 -6.26
C LEU A 20 13.87 17.58 -6.30
N SER B 1 -13.78 -8.00 16.09
CA SER B 1 -14.23 -6.87 15.23
C SER B 1 -13.81 -7.08 13.78
N THR B 2 -13.32 -8.27 13.48
CA THR B 2 -12.88 -8.61 12.13
C THR B 2 -13.50 -9.92 11.66
N GLU B 3 -14.63 -9.83 10.99
CA GLU B 3 -15.32 -11.02 10.47
C GLU B 3 -15.18 -11.13 8.96
N GLY B 4 -16.29 -11.01 8.23
CA GLY B 4 -16.24 -11.10 6.78
C GLY B 4 -15.65 -12.42 6.31
N SER B 5 -16.50 -13.31 5.81
CA SER B 5 -16.04 -14.62 5.35
C SER B 5 -15.35 -15.33 6.51
N SER B 6 -14.02 -15.22 6.55
CA SER B 6 -13.25 -15.79 7.63
C SER B 6 -12.54 -14.69 8.41
N PRO B 7 -12.65 -14.73 9.74
CA PRO B 7 -12.05 -13.71 10.59
C PRO B 7 -10.59 -13.49 10.22
N ALA B 8 -9.85 -14.56 9.99
CA ALA B 8 -8.47 -14.41 9.57
C ALA B 8 -8.44 -13.84 8.20
N TYR B 9 -9.21 -14.42 7.33
CA TYR B 9 -9.15 -13.98 5.98
C TYR B 9 -9.06 -12.46 5.94
N LEU B 10 -9.83 -11.76 6.77
CA LEU B 10 -9.68 -10.31 6.81
C LEU B 10 -8.57 -9.86 7.78
N LYS B 11 -8.65 -10.30 9.04
CA LYS B 11 -7.64 -9.97 10.07
C LYS B 11 -6.25 -10.45 9.69
N GLU B 12 -6.19 -11.69 9.26
CA GLU B 12 -4.97 -12.31 8.80
C GLU B 12 -4.37 -11.42 7.74
N ILE B 13 -5.23 -10.94 6.86
CA ILE B 13 -4.79 -10.09 5.78
C ILE B 13 -4.38 -8.74 6.31
N LEU B 14 -5.03 -8.35 7.39
CA LEU B 14 -4.77 -7.07 8.00
C LEU B 14 -3.29 -6.93 8.20
N GLU B 15 -2.73 -7.90 8.87
CA GLU B 15 -1.30 -7.95 9.08
C GLU B 15 -0.53 -8.54 7.90
N GLN B 16 -1.15 -9.48 7.16
CA GLN B 16 -0.43 -10.17 6.08
C GLN B 16 -0.25 -9.35 4.81
N LEU B 17 -1.36 -8.92 4.24
CA LEU B 17 -1.34 -8.18 3.00
C LEU B 17 -0.77 -6.79 3.24
N LEU B 18 -1.25 -6.16 4.29
CA LEU B 18 -0.81 -4.84 4.66
C LEU B 18 0.70 -4.82 4.86
N GLU B 19 1.18 -5.72 5.69
CA GLU B 19 2.61 -5.78 6.00
C GLU B 19 3.43 -6.14 4.77
N ALA B 20 2.97 -7.15 4.04
CA ALA B 20 3.65 -7.63 2.84
C ALA B 20 3.89 -6.52 1.82
N ILE B 21 2.92 -5.64 1.67
CA ILE B 21 3.04 -4.55 0.69
C ILE B 21 4.01 -3.48 1.14
N VAL B 22 4.06 -3.24 2.44
CA VAL B 22 4.96 -2.22 2.91
C VAL B 22 6.37 -2.78 3.11
N VAL B 23 6.47 -4.07 3.39
CA VAL B 23 7.78 -4.69 3.54
C VAL B 23 8.34 -4.84 2.17
N ALA B 24 7.42 -4.82 1.22
CA ALA B 24 7.74 -4.91 -0.18
C ALA B 24 8.65 -3.77 -0.58
N THR B 25 9.30 -3.91 -1.72
CA THR B 25 10.15 -2.86 -2.23
C THR B 25 10.05 -2.79 -3.74
N ASN B 26 10.74 -1.83 -4.33
CA ASN B 26 10.71 -1.66 -5.78
C ASN B 26 11.98 -2.22 -6.41
N PRO B 27 12.06 -2.28 -7.77
CA PRO B 27 13.24 -2.80 -8.45
C PRO B 27 14.54 -2.18 -7.93
N SER B 28 14.45 -0.92 -7.49
CA SER B 28 15.62 -0.22 -6.97
C SER B 28 16.03 -0.75 -5.60
N GLY B 29 15.06 -1.32 -4.88
CA GLY B 29 15.35 -1.89 -3.57
C GLY B 29 14.65 -1.17 -2.44
N ARG B 30 13.77 -0.22 -2.77
CA ARG B 30 13.06 0.52 -1.73
C ARG B 30 11.55 0.40 -1.86
N LEU B 31 10.92 0.36 -0.69
CA LEU B 31 9.48 0.18 -0.55
C LEU B 31 8.64 0.75 -1.66
N ILE B 32 7.74 -0.08 -2.17
CA ILE B 32 6.81 0.33 -3.19
C ILE B 32 5.66 1.09 -2.52
N SER B 33 5.49 0.77 -1.25
CA SER B 33 4.45 1.37 -0.40
C SER B 33 4.89 2.74 0.12
N GLU B 34 6.14 3.09 -0.17
CA GLU B 34 6.73 4.34 0.29
C GLU B 34 5.81 5.55 0.10
N LEU B 35 5.24 5.67 -1.08
CA LEU B 35 4.34 6.80 -1.36
C LEU B 35 2.99 6.60 -0.73
N PHE B 36 2.73 5.37 -0.33
CA PHE B 36 1.45 5.02 0.24
C PHE B 36 1.60 4.67 1.72
N GLN B 37 2.78 4.92 2.25
CA GLN B 37 3.05 4.64 3.64
C GLN B 37 1.94 5.16 4.54
N LYS B 38 1.61 6.44 4.38
CA LYS B 38 0.56 7.04 5.22
C LYS B 38 -0.22 8.14 4.50
N LEU B 39 -1.54 8.17 4.75
CA LEU B 39 -2.40 9.20 4.17
C LEU B 39 -2.41 10.41 5.11
N PRO B 40 -2.21 11.62 4.57
CA PRO B 40 -2.19 12.85 5.37
C PRO B 40 -3.54 13.29 5.93
N SER B 41 -4.24 12.40 6.62
CA SER B 41 -5.55 12.75 7.21
C SER B 41 -6.52 13.32 6.16
N LYS B 42 -7.50 12.52 5.77
CA LYS B 42 -8.51 12.92 4.77
C LYS B 42 -9.17 14.26 5.10
N VAL B 43 -8.77 14.88 6.21
CA VAL B 43 -9.34 16.15 6.64
C VAL B 43 -8.29 17.21 6.88
N GLN B 44 -7.13 16.78 7.33
CA GLN B 44 -6.05 17.68 7.69
C GLN B 44 -5.36 18.26 6.47
N TYR B 45 -5.16 17.42 5.47
CA TYR B 45 -4.50 17.87 4.26
C TYR B 45 -5.34 17.52 3.04
N PRO B 46 -6.55 18.08 3.01
CA PRO B 46 -7.52 17.87 1.93
C PRO B 46 -6.92 18.08 0.55
N ASP B 47 -5.88 18.92 0.45
CA ASP B 47 -5.23 19.15 -0.84
C ASP B 47 -4.83 17.84 -1.48
N TYR B 48 -4.46 16.88 -0.64
CA TYR B 48 -4.06 15.57 -1.11
C TYR B 48 -5.32 14.83 -1.49
N TYR B 49 -6.34 15.06 -0.71
CA TYR B 49 -7.63 14.44 -0.89
C TYR B 49 -8.41 15.10 -2.02
N ALA B 50 -7.95 16.28 -2.39
CA ALA B 50 -8.55 17.04 -3.47
C ALA B 50 -7.92 16.61 -4.79
N ILE B 51 -6.61 16.54 -4.77
CA ILE B 51 -5.82 16.14 -5.93
C ILE B 51 -6.19 14.71 -6.36
N ILE B 52 -6.27 13.81 -5.37
CA ILE B 52 -6.62 12.41 -5.58
C ILE B 52 -8.09 12.27 -5.76
N LYS B 53 -8.50 11.15 -6.31
CA LYS B 53 -9.88 10.91 -6.50
C LYS B 53 -10.35 9.89 -5.47
N GLU B 54 -9.48 8.94 -5.19
CA GLU B 54 -9.78 7.89 -4.21
C GLU B 54 -8.56 7.54 -3.37
N PRO B 55 -8.12 8.46 -2.51
CA PRO B 55 -6.97 8.24 -1.64
C PRO B 55 -7.26 7.18 -0.60
N ILE B 56 -6.33 6.26 -0.50
CA ILE B 56 -6.39 5.17 0.43
C ILE B 56 -5.03 4.48 0.44
N ASP B 57 -4.39 4.52 1.58
CA ASP B 57 -3.06 3.94 1.71
C ASP B 57 -3.15 2.59 2.39
N LEU B 58 -2.13 1.73 2.19
CA LEU B 58 -2.14 0.40 2.78
C LEU B 58 -2.55 0.46 4.25
N LYS B 59 -2.36 1.63 4.86
CA LYS B 59 -2.74 1.86 6.24
C LYS B 59 -4.26 1.99 6.35
N THR B 60 -4.84 2.82 5.50
CA THR B 60 -6.28 3.04 5.48
C THR B 60 -7.01 1.78 5.07
N ILE B 61 -6.36 0.96 4.25
CA ILE B 61 -6.97 -0.28 3.81
C ILE B 61 -7.11 -1.21 4.99
N ALA B 62 -6.04 -1.37 5.76
CA ALA B 62 -6.09 -2.20 6.93
C ALA B 62 -7.12 -1.61 7.88
N GLN B 63 -7.14 -0.30 7.88
CA GLN B 63 -8.04 0.48 8.70
C GLN B 63 -9.48 0.09 8.40
N ARG B 64 -9.76 -0.06 7.12
CA ARG B 64 -11.08 -0.43 6.65
C ARG B 64 -11.37 -1.93 6.86
N ILE B 65 -10.33 -2.76 6.75
CA ILE B 65 -10.49 -4.20 6.92
C ILE B 65 -11.16 -4.49 8.26
N GLN B 66 -10.61 -3.90 9.32
CA GLN B 66 -11.13 -4.09 10.67
C GLN B 66 -12.37 -3.22 10.91
N ASN B 67 -12.44 -2.08 10.23
CA ASN B 67 -13.58 -1.17 10.37
C ASN B 67 -14.85 -1.79 9.81
N GLY B 68 -14.72 -2.94 9.18
CA GLY B 68 -15.87 -3.61 8.59
C GLY B 68 -16.19 -3.09 7.19
N SER B 69 -15.31 -2.23 6.69
CA SER B 69 -15.46 -1.65 5.37
C SER B 69 -15.26 -2.68 4.27
N TYR B 70 -14.63 -3.79 4.61
CA TYR B 70 -14.37 -4.87 3.66
C TYR B 70 -14.86 -6.20 4.18
N LYS B 71 -16.05 -6.62 3.71
CA LYS B 71 -16.58 -7.91 4.11
C LYS B 71 -15.77 -8.98 3.39
N SER B 72 -14.87 -8.50 2.55
CA SER B 72 -13.98 -9.34 1.78
C SER B 72 -12.74 -8.55 1.39
N ILE B 73 -11.60 -9.20 1.45
CA ILE B 73 -10.34 -8.56 1.11
C ILE B 73 -10.28 -8.19 -0.34
N HIS B 74 -11.04 -8.88 -1.19
CA HIS B 74 -11.07 -8.50 -2.59
C HIS B 74 -11.44 -7.03 -2.67
N ALA B 75 -12.19 -6.58 -1.65
CA ALA B 75 -12.59 -5.18 -1.54
C ALA B 75 -11.39 -4.36 -1.09
N MET B 76 -10.66 -4.90 -0.13
CA MET B 76 -9.46 -4.27 0.39
C MET B 76 -8.49 -4.04 -0.76
N ALA B 77 -8.29 -5.11 -1.51
CA ALA B 77 -7.44 -5.14 -2.67
C ALA B 77 -7.82 -4.08 -3.67
N LYS B 78 -9.11 -3.94 -3.93
CA LYS B 78 -9.56 -2.93 -4.87
C LYS B 78 -9.10 -1.58 -4.38
N ASP B 79 -9.04 -1.44 -3.05
CA ASP B 79 -8.56 -0.21 -2.44
C ASP B 79 -7.05 -0.19 -2.55
N ILE B 80 -6.46 -1.38 -2.62
CA ILE B 80 -5.01 -1.51 -2.76
C ILE B 80 -4.62 -1.02 -4.13
N ASP B 81 -5.55 -1.18 -5.05
CA ASP B 81 -5.38 -0.69 -6.39
C ASP B 81 -5.57 0.80 -6.35
N LEU B 82 -6.55 1.23 -5.55
CA LEU B 82 -6.83 2.65 -5.35
C LEU B 82 -5.62 3.30 -4.74
N LEU B 83 -4.99 2.54 -3.87
CA LEU B 83 -3.78 2.96 -3.21
C LEU B 83 -2.78 3.35 -4.29
N ALA B 84 -2.65 2.43 -5.24
CA ALA B 84 -1.76 2.60 -6.37
C ALA B 84 -2.27 3.70 -7.29
N LYS B 85 -3.59 3.88 -7.33
CA LYS B 85 -4.19 4.92 -8.16
C LYS B 85 -3.79 6.29 -7.65
N ASN B 86 -3.78 6.43 -6.33
CA ASN B 86 -3.36 7.68 -5.72
C ASN B 86 -1.91 7.92 -6.07
N ALA B 87 -1.21 6.82 -6.37
CA ALA B 87 0.20 6.90 -6.76
C ALA B 87 0.37 7.67 -8.05
N LYS B 88 -0.37 7.26 -9.08
CA LYS B 88 -0.28 7.89 -10.38
C LYS B 88 -0.85 9.31 -10.35
N THR B 89 -1.69 9.56 -9.37
CA THR B 89 -2.34 10.86 -9.23
C THR B 89 -1.50 11.89 -8.45
N TYR B 90 -0.98 11.49 -7.30
CA TYR B 90 -0.24 12.43 -6.44
C TYR B 90 1.21 12.68 -6.85
N ASN B 91 2.02 11.63 -6.97
CA ASN B 91 3.43 11.81 -7.30
C ASN B 91 3.67 12.01 -8.79
N GLU B 92 4.95 12.04 -9.17
CA GLU B 92 5.37 12.26 -10.55
C GLU B 92 5.39 10.96 -11.36
N PRO B 93 5.03 11.02 -12.66
CA PRO B 93 5.03 9.84 -13.52
C PRO B 93 6.43 9.38 -13.84
N GLY B 94 7.36 10.32 -13.85
CA GLY B 94 8.75 9.99 -14.10
C GLY B 94 9.42 9.54 -12.83
N SER B 95 8.59 9.02 -11.91
CA SER B 95 9.06 8.56 -10.62
C SER B 95 8.59 7.13 -10.36
N GLN B 96 9.32 6.43 -9.52
CA GLN B 96 9.01 5.03 -9.18
C GLN B 96 7.57 4.86 -8.70
N VAL B 97 6.97 5.94 -8.20
CA VAL B 97 5.59 5.90 -7.68
C VAL B 97 4.64 5.12 -8.59
N PHE B 98 4.81 5.24 -9.88
CA PHE B 98 3.93 4.56 -10.81
C PHE B 98 4.27 3.07 -10.90
N LYS B 99 5.56 2.76 -10.96
CA LYS B 99 6.03 1.38 -11.06
C LYS B 99 5.87 0.62 -9.74
N ASP B 100 5.96 1.34 -8.61
CA ASP B 100 5.84 0.70 -7.31
C ASP B 100 4.42 0.32 -7.00
N ALA B 101 3.52 1.24 -7.24
CA ALA B 101 2.12 1.01 -6.97
C ALA B 101 1.60 -0.15 -7.79
N ASN B 102 1.98 -0.20 -9.07
CA ASN B 102 1.55 -1.30 -9.92
C ASN B 102 2.06 -2.60 -9.33
N SER B 103 3.30 -2.55 -8.84
CA SER B 103 3.93 -3.71 -8.22
C SER B 103 3.20 -4.07 -6.92
N ILE B 104 2.66 -3.07 -6.25
CA ILE B 104 1.95 -3.30 -5.00
C ILE B 104 0.81 -4.27 -5.21
N LYS B 105 -0.04 -3.94 -6.17
CA LYS B 105 -1.15 -4.79 -6.52
C LYS B 105 -0.64 -6.20 -6.80
N LYS B 106 0.53 -6.29 -7.43
CA LYS B 106 1.13 -7.58 -7.72
C LYS B 106 1.47 -8.32 -6.41
N ILE B 107 2.26 -7.67 -5.54
CA ILE B 107 2.66 -8.26 -4.26
C ILE B 107 1.44 -8.69 -3.47
N PHE B 108 0.48 -7.79 -3.42
CA PHE B 108 -0.76 -8.01 -2.70
C PHE B 108 -1.35 -9.38 -3.00
N TYR B 109 -1.62 -9.68 -4.27
CA TYR B 109 -2.23 -10.95 -4.61
C TYR B 109 -1.30 -12.14 -4.35
N MET B 110 0.01 -11.95 -4.49
CA MET B 110 0.95 -13.05 -4.20
C MET B 110 0.79 -13.43 -2.75
N LYS B 111 0.82 -12.40 -1.91
CA LYS B 111 0.66 -12.54 -0.47
C LYS B 111 -0.74 -13.06 -0.16
N LYS B 112 -1.68 -12.73 -1.04
CA LYS B 112 -3.07 -13.14 -0.91
C LYS B 112 -3.23 -14.65 -1.15
N ALA B 113 -2.45 -15.17 -2.10
CA ALA B 113 -2.51 -16.59 -2.46
C ALA B 113 -1.89 -17.50 -1.39
N GLU B 114 -0.76 -17.07 -0.84
CA GLU B 114 -0.08 -17.87 0.18
C GLU B 114 -0.89 -17.87 1.46
N ILE B 115 -1.55 -16.75 1.68
CA ILE B 115 -2.41 -16.55 2.84
C ILE B 115 -3.54 -17.56 2.86
N GLU B 116 -4.22 -17.66 1.73
CA GLU B 116 -5.33 -18.58 1.58
C GLU B 116 -4.84 -20.03 1.61
N HIS B 117 -3.58 -20.22 1.24
CA HIS B 117 -2.97 -21.54 1.23
C HIS B 117 -2.66 -22.00 2.65
N HIS B 118 -2.21 -21.05 3.49
CA HIS B 118 -1.89 -21.35 4.88
C HIS B 118 -3.16 -21.62 5.68
N GLU B 119 -4.27 -21.06 5.21
CA GLU B 119 -5.56 -21.24 5.88
C GLU B 119 -6.23 -22.52 5.38
N MET B 120 -5.42 -23.46 4.91
CA MET B 120 -5.93 -24.72 4.40
C MET B 120 -4.96 -25.86 4.73
N ALA B 121 -3.80 -25.85 4.08
CA ALA B 121 -2.78 -26.87 4.29
C ALA B 121 -1.38 -26.26 4.38
N ALA A 1 19.30 15.71 13.12
CA ALA A 1 20.60 15.63 13.83
C ALA A 1 21.46 14.50 13.29
N ARG A 2 20.81 13.42 12.87
CA ARG A 2 21.52 12.26 12.32
C ARG A 2 21.77 12.44 10.83
N THR A 3 22.80 13.21 10.49
CA THR A 3 23.17 13.48 9.10
C THR A 3 21.94 13.85 8.27
N LYS A 4 21.47 15.08 8.44
CA LYS A 4 20.30 15.57 7.71
C LYS A 4 20.72 16.36 6.47
N GLN A 5 21.71 15.84 5.75
CA GLN A 5 22.20 16.49 4.55
C GLN A 5 22.33 15.50 3.39
N THR A 6 22.13 14.22 3.70
CA THR A 6 22.23 13.17 2.68
C THR A 6 21.24 12.05 2.98
N ALA A 7 20.94 11.83 4.25
CA ALA A 7 20.02 10.78 4.65
C ALA A 7 18.91 11.32 5.55
N ARG A 8 17.66 11.04 5.17
CA ARG A 8 16.50 11.48 5.94
C ARG A 8 16.49 13.00 6.09
N LYS A 9 15.94 13.69 5.08
CA LYS A 9 15.88 15.15 5.11
C LYS A 9 14.44 15.63 4.86
N SER A 10 13.47 14.78 5.18
CA SER A 10 12.06 15.10 5.00
C SER A 10 11.75 15.38 3.53
N THR A 11 10.49 15.73 3.25
CA THR A 11 10.04 16.02 1.89
C THR A 11 10.47 14.93 0.89
N GLY A 12 11.63 15.12 0.29
CA GLY A 12 12.12 14.15 -0.68
C GLY A 12 13.29 13.35 -0.15
N GLY A 13 13.14 12.80 1.06
CA GLY A 13 14.21 12.02 1.65
C GLY A 13 13.73 10.66 2.12
N ALA A 15 11.05 7.04 0.86
CA ALA A 15 10.96 6.03 -0.20
C ALA A 15 12.20 5.14 -0.21
N PRO A 16 12.10 3.92 -0.75
CA PRO A 16 13.21 2.98 -0.80
C PRO A 16 14.54 3.63 -1.20
N ARG A 17 14.64 4.04 -2.45
CA ARG A 17 15.87 4.67 -2.95
C ARG A 17 15.55 5.92 -3.77
N LYS A 18 16.51 6.83 -3.84
CA LYS A 18 16.32 8.07 -4.60
C LYS A 18 16.35 7.78 -6.10
N GLN A 19 17.46 7.23 -6.57
CA GLN A 19 17.63 6.91 -7.99
C GLN A 19 17.55 8.15 -8.86
N LEU A 20 18.69 8.57 -9.39
CA LEU A 20 18.77 9.74 -10.24
C LEU A 20 18.96 9.35 -11.70
N SER B 1 -18.19 -7.43 11.14
CA SER B 1 -18.74 -8.60 10.41
C SER B 1 -18.35 -8.55 8.94
N THR B 2 -17.13 -9.03 8.64
CA THR B 2 -16.64 -9.04 7.27
C THR B 2 -17.46 -10.00 6.40
N GLU B 3 -17.21 -11.29 6.59
CA GLU B 3 -17.89 -12.33 5.83
C GLU B 3 -17.54 -12.29 4.35
N GLY B 4 -18.27 -11.48 3.58
CA GLY B 4 -18.01 -11.39 2.15
C GLY B 4 -18.03 -12.78 1.52
N SER B 5 -17.17 -12.99 0.51
CA SER B 5 -17.10 -14.30 -0.12
C SER B 5 -16.83 -15.34 0.96
N SER B 6 -15.56 -15.43 1.34
CA SER B 6 -15.15 -16.33 2.41
C SER B 6 -14.58 -15.51 3.54
N PRO B 7 -15.01 -15.78 4.78
CA PRO B 7 -14.55 -15.04 5.94
C PRO B 7 -13.04 -14.87 5.92
N ALA B 8 -12.31 -15.94 5.65
CA ALA B 8 -10.87 -15.84 5.56
C ALA B 8 -10.54 -15.05 4.33
N TYR B 9 -11.14 -15.40 3.24
CA TYR B 9 -10.78 -14.74 2.04
C TYR B 9 -10.60 -13.25 2.31
N LEU B 10 -11.49 -12.64 3.08
CA LEU B 10 -11.28 -11.24 3.41
C LEU B 10 -10.36 -11.06 4.65
N LYS B 11 -10.73 -11.70 5.78
CA LYS B 11 -9.93 -11.63 7.02
C LYS B 11 -8.52 -12.16 6.82
N GLU B 12 -8.45 -13.31 6.19
CA GLU B 12 -7.19 -13.94 5.86
C GLU B 12 -6.35 -12.95 5.11
N ILE B 13 -6.98 -12.26 4.18
CA ILE B 13 -6.29 -11.29 3.36
C ILE B 13 -5.92 -10.09 4.19
N LEU B 14 -6.75 -9.83 5.19
CA LEU B 14 -6.55 -8.70 6.06
C LEU B 14 -5.13 -8.72 6.55
N GLU B 15 -4.77 -9.83 7.13
CA GLU B 15 -3.42 -10.03 7.60
C GLU B 15 -2.47 -10.48 6.49
N GLN B 16 -2.97 -11.22 5.49
CA GLN B 16 -2.08 -11.77 4.45
C GLN B 16 -1.61 -10.77 3.41
N LEU B 17 -2.57 -10.16 2.72
CA LEU B 17 -2.25 -9.23 1.66
C LEU B 17 -1.70 -7.95 2.24
N LEU B 18 -2.36 -7.47 3.28
CA LEU B 18 -1.95 -6.27 3.96
C LEU B 18 -0.52 -6.39 4.47
N GLU B 19 -0.25 -7.49 5.17
CA GLU B 19 1.08 -7.70 5.74
C GLU B 19 2.12 -7.91 4.64
N ALA B 20 1.80 -8.79 3.68
CA ALA B 20 2.71 -9.11 2.59
C ALA B 20 3.22 -7.87 1.86
N ILE B 21 2.34 -6.90 1.62
CA ILE B 21 2.73 -5.69 0.90
C ILE B 21 3.45 -4.70 1.79
N VAL B 22 3.09 -4.65 3.05
CA VAL B 22 3.73 -3.72 3.94
C VAL B 22 5.07 -4.25 4.44
N VAL B 23 5.24 -5.57 4.35
CA VAL B 23 6.50 -6.20 4.71
C VAL B 23 7.33 -6.25 3.45
N ALA B 24 6.61 -6.14 2.34
CA ALA B 24 7.19 -6.13 1.02
C ALA B 24 8.23 -5.04 0.89
N THR B 25 9.14 -5.22 -0.05
CA THR B 25 10.17 -4.23 -0.30
C THR B 25 10.34 -4.05 -1.80
N ASN B 26 11.22 -3.14 -2.18
CA ASN B 26 11.48 -2.86 -3.59
C ASN B 26 12.76 -3.55 -4.04
N PRO B 27 13.06 -3.57 -5.35
CA PRO B 27 14.28 -4.19 -5.87
C PRO B 27 15.54 -3.74 -5.12
N SER B 28 15.48 -2.54 -4.53
CA SER B 28 16.62 -2.01 -3.78
C SER B 28 16.71 -2.64 -2.39
N GLY B 29 15.59 -3.12 -1.88
CA GLY B 29 15.58 -3.76 -0.57
C GLY B 29 14.75 -3.02 0.46
N ARG B 30 14.04 -1.97 0.05
CA ARG B 30 13.23 -1.21 0.98
C ARG B 30 11.75 -1.18 0.60
N LEU B 31 10.93 -1.20 1.64
CA LEU B 31 9.48 -1.25 1.54
C LEU B 31 8.90 -0.51 0.35
N ILE B 32 8.08 -1.21 -0.41
CA ILE B 32 7.38 -0.63 -1.53
C ILE B 32 6.18 0.12 -1.00
N SER B 33 5.71 -0.36 0.14
CA SER B 33 4.58 0.20 0.88
C SER B 33 4.97 1.42 1.68
N GLU B 34 6.28 1.70 1.72
CA GLU B 34 6.82 2.81 2.50
C GLU B 34 6.03 4.09 2.35
N LEU B 35 5.70 4.45 1.12
CA LEU B 35 4.94 5.67 0.87
C LEU B 35 3.47 5.50 1.19
N PHE B 36 3.06 4.26 1.26
CA PHE B 36 1.66 3.95 1.52
C PHE B 36 1.48 3.30 2.87
N GLN B 37 2.53 3.38 3.69
CA GLN B 37 2.49 2.81 5.02
C GLN B 37 1.28 3.30 5.78
N LYS B 38 1.10 4.62 5.81
CA LYS B 38 -0.03 5.20 6.54
C LYS B 38 -0.55 6.50 5.93
N LEU B 39 -1.87 6.62 5.83
CA LEU B 39 -2.50 7.84 5.31
C LEU B 39 -2.47 8.90 6.42
N PRO B 40 -2.48 10.19 6.06
CA PRO B 40 -2.46 11.27 7.04
C PRO B 40 -3.75 11.33 7.84
N SER B 41 -3.90 12.39 8.63
CA SER B 41 -5.11 12.56 9.42
C SER B 41 -6.30 12.87 8.53
N LYS B 42 -5.99 13.14 7.26
CA LYS B 42 -6.99 13.44 6.27
C LYS B 42 -7.60 14.82 6.49
N VAL B 43 -7.69 15.21 7.75
CA VAL B 43 -8.23 16.50 8.15
C VAL B 43 -7.07 17.44 8.45
N GLN B 44 -6.03 16.84 9.01
CA GLN B 44 -4.84 17.58 9.40
C GLN B 44 -3.96 17.81 8.20
N TYR B 45 -4.06 16.89 7.26
CA TYR B 45 -3.28 16.97 6.04
C TYR B 45 -4.18 16.82 4.84
N PRO B 46 -5.14 17.75 4.71
CA PRO B 46 -6.11 17.77 3.62
C PRO B 46 -5.43 17.86 2.26
N ASP B 47 -4.31 18.56 2.22
CA ASP B 47 -3.55 18.71 0.98
C ASP B 47 -3.29 17.34 0.36
N TYR B 48 -3.22 16.32 1.21
CA TYR B 48 -3.00 14.96 0.75
C TYR B 48 -4.27 14.41 0.14
N TYR B 49 -5.39 14.51 0.85
CA TYR B 49 -6.64 14.01 0.31
C TYR B 49 -7.12 14.90 -0.82
N ALA B 50 -6.57 16.11 -0.89
CA ALA B 50 -6.89 17.07 -1.93
C ALA B 50 -6.14 16.75 -3.22
N ILE B 51 -4.82 16.58 -3.09
CA ILE B 51 -3.97 16.25 -4.24
C ILE B 51 -4.40 14.96 -4.90
N ILE B 52 -4.31 13.89 -4.13
CA ILE B 52 -4.67 12.55 -4.57
C ILE B 52 -6.08 12.51 -5.05
N LYS B 53 -6.38 11.54 -5.88
CA LYS B 53 -7.71 11.41 -6.35
C LYS B 53 -8.43 10.35 -5.54
N GLU B 54 -7.68 9.30 -5.20
CA GLU B 54 -8.21 8.20 -4.42
C GLU B 54 -7.19 7.68 -3.41
N PRO B 55 -6.89 8.45 -2.38
CA PRO B 55 -5.97 8.05 -1.35
C PRO B 55 -6.51 6.91 -0.52
N ILE B 56 -5.67 5.92 -0.36
CA ILE B 56 -5.97 4.72 0.39
C ILE B 56 -4.69 3.93 0.54
N ASP B 57 -4.29 3.70 1.77
CA ASP B 57 -3.06 2.99 2.05
C ASP B 57 -3.35 1.55 2.47
N LEU B 58 -2.37 0.66 2.33
CA LEU B 58 -2.59 -0.74 2.69
C LEU B 58 -3.26 -0.87 4.06
N LYS B 59 -3.13 0.19 4.86
CA LYS B 59 -3.75 0.25 6.18
C LYS B 59 -5.26 0.46 6.04
N THR B 60 -5.62 1.45 5.22
CA THR B 60 -7.02 1.79 4.98
C THR B 60 -7.73 0.67 4.23
N ILE B 61 -7.00 -0.02 3.38
CA ILE B 61 -7.56 -1.12 2.63
C ILE B 61 -7.95 -2.23 3.58
N ALA B 62 -7.05 -2.57 4.49
CA ALA B 62 -7.33 -3.57 5.47
C ALA B 62 -8.47 -3.11 6.35
N GLN B 63 -8.45 -1.81 6.59
CA GLN B 63 -9.42 -1.15 7.42
C GLN B 63 -10.84 -1.42 6.96
N ARG B 64 -11.05 -1.26 5.68
CA ARG B 64 -12.35 -1.47 5.08
C ARG B 64 -12.64 -2.96 4.88
N ILE B 65 -11.58 -3.77 4.71
CA ILE B 65 -11.75 -5.21 4.55
C ILE B 65 -12.58 -5.76 5.70
N GLN B 66 -12.16 -5.43 6.92
CA GLN B 66 -12.83 -5.88 8.14
C GLN B 66 -14.08 -5.05 8.41
N ASN B 67 -14.07 -3.81 7.93
CA ASN B 67 -15.20 -2.91 8.10
C ASN B 67 -16.35 -3.32 7.19
N GLY B 68 -16.35 -4.59 6.77
CA GLY B 68 -17.41 -5.10 5.90
C GLY B 68 -17.61 -4.22 4.68
N SER B 69 -16.58 -3.47 4.30
CA SER B 69 -16.66 -2.58 3.16
C SER B 69 -16.34 -3.32 1.85
N TYR B 70 -15.26 -4.12 1.82
CA TYR B 70 -14.91 -4.90 0.61
C TYR B 70 -15.59 -6.26 0.69
N LYS B 71 -16.71 -6.43 -0.01
CA LYS B 71 -17.39 -7.73 -0.01
C LYS B 71 -16.54 -8.72 -0.79
N SER B 72 -15.42 -8.22 -1.29
CA SER B 72 -14.47 -9.00 -2.05
C SER B 72 -13.12 -8.29 -2.06
N ILE B 73 -12.06 -9.05 -1.91
CA ILE B 73 -10.73 -8.50 -1.90
C ILE B 73 -10.38 -7.94 -3.26
N HIS B 74 -11.03 -8.41 -4.31
CA HIS B 74 -10.78 -7.83 -5.62
C HIS B 74 -11.03 -6.34 -5.50
N ALA B 75 -11.92 -5.98 -4.57
CA ALA B 75 -12.25 -4.59 -4.29
C ALA B 75 -11.09 -3.97 -3.52
N MET B 76 -10.57 -4.73 -2.55
CA MET B 76 -9.44 -4.30 -1.76
C MET B 76 -8.27 -3.99 -2.68
N ALA B 77 -8.00 -4.95 -3.53
CA ALA B 77 -6.96 -4.89 -4.53
C ALA B 77 -7.08 -3.65 -5.40
N LYS B 78 -8.29 -3.38 -5.88
CA LYS B 78 -8.49 -2.22 -6.72
C LYS B 78 -8.04 -0.99 -5.96
N ASP B 79 -8.26 -1.03 -4.64
CA ASP B 79 -7.82 0.05 -3.77
C ASP B 79 -6.33 -0.05 -3.58
N ILE B 80 -5.81 -1.26 -3.70
CA ILE B 80 -4.38 -1.50 -3.57
C ILE B 80 -3.69 -0.83 -4.73
N ASP B 81 -4.41 -0.78 -5.84
CA ASP B 81 -3.94 -0.11 -7.01
C ASP B 81 -4.09 1.39 -6.77
N LEU B 82 -5.18 1.74 -6.08
CA LEU B 82 -5.44 3.14 -5.71
C LEU B 82 -4.33 3.60 -4.80
N LEU B 83 -3.90 2.67 -3.97
CA LEU B 83 -2.83 2.87 -3.05
C LEU B 83 -1.61 3.33 -3.85
N ALA B 84 -1.36 2.55 -4.90
CA ALA B 84 -0.26 2.82 -5.82
C ALA B 84 -0.52 4.10 -6.63
N LYS B 85 -1.80 4.39 -6.88
CA LYS B 85 -2.17 5.58 -7.63
C LYS B 85 -1.75 6.81 -6.84
N ASN B 86 -2.03 6.79 -5.55
CA ASN B 86 -1.63 7.88 -4.68
C ASN B 86 -0.13 8.05 -4.77
N ALA B 87 0.55 6.92 -5.03
CA ALA B 87 2.01 6.94 -5.17
C ALA B 87 2.47 7.88 -6.26
N LYS B 88 1.90 7.71 -7.45
CA LYS B 88 2.29 8.53 -8.60
C LYS B 88 1.81 9.97 -8.46
N THR B 89 0.79 10.17 -7.63
CA THR B 89 0.22 11.50 -7.43
C THR B 89 0.96 12.34 -6.37
N TYR B 90 1.19 11.76 -5.20
CA TYR B 90 1.81 12.51 -4.10
C TYR B 90 3.33 12.66 -4.20
N ASN B 91 4.08 11.56 -4.30
CA ASN B 91 5.53 11.64 -4.36
C ASN B 91 6.04 12.07 -5.73
N GLU B 92 7.36 11.91 -5.92
CA GLU B 92 8.03 12.30 -7.16
C GLU B 92 8.27 11.11 -8.08
N PRO B 93 8.08 11.29 -9.40
CA PRO B 93 8.30 10.22 -10.39
C PRO B 93 9.73 9.76 -10.43
N GLY B 94 10.65 10.65 -10.07
CA GLY B 94 12.05 10.30 -10.04
C GLY B 94 12.39 9.62 -8.74
N SER B 95 11.40 8.94 -8.17
CA SER B 95 11.56 8.25 -6.90
C SER B 95 10.97 6.85 -6.98
N GLN B 96 11.44 5.98 -6.10
CA GLN B 96 10.97 4.59 -6.05
C GLN B 96 9.46 4.50 -5.91
N VAL B 97 8.83 5.56 -5.40
CA VAL B 97 7.38 5.59 -5.19
C VAL B 97 6.59 5.03 -6.38
N PHE B 98 7.03 5.31 -7.58
CA PHE B 98 6.31 4.84 -8.75
C PHE B 98 6.56 3.36 -9.01
N LYS B 99 7.83 2.95 -8.91
CA LYS B 99 8.20 1.56 -9.14
C LYS B 99 7.76 0.63 -8.00
N ASP B 100 7.66 1.18 -6.79
CA ASP B 100 7.27 0.37 -5.63
C ASP B 100 5.80 0.07 -5.65
N ALA B 101 5.01 1.10 -5.91
CA ALA B 101 3.58 0.94 -5.93
C ALA B 101 3.16 -0.05 -7.00
N ASN B 102 3.78 0.03 -8.17
CA ASN B 102 3.46 -0.91 -9.22
C ASN B 102 3.82 -2.32 -8.74
N SER B 103 4.95 -2.41 -8.05
CA SER B 103 5.41 -3.68 -7.51
C SER B 103 4.41 -4.18 -6.47
N ILE B 104 3.77 -3.24 -5.77
CA ILE B 104 2.79 -3.60 -4.76
C ILE B 104 1.72 -4.47 -5.38
N LYS B 105 1.15 -3.98 -6.47
CA LYS B 105 0.15 -4.75 -7.20
C LYS B 105 0.69 -6.13 -7.52
N LYS B 106 1.99 -6.21 -7.80
CA LYS B 106 2.64 -7.49 -8.10
C LYS B 106 2.66 -8.40 -6.88
N ILE B 107 3.05 -7.86 -5.73
CA ILE B 107 3.12 -8.63 -4.49
C ILE B 107 1.73 -9.04 -4.05
N PHE B 108 0.84 -8.08 -4.10
CA PHE B 108 -0.54 -8.26 -3.70
C PHE B 108 -1.15 -9.52 -4.35
N TYR B 109 -1.15 -9.58 -5.67
CA TYR B 109 -1.75 -10.72 -6.36
C TYR B 109 -0.93 -12.00 -6.16
N MET B 110 0.38 -11.87 -5.97
CA MET B 110 1.21 -13.06 -5.72
C MET B 110 0.77 -13.67 -4.40
N LYS B 111 0.54 -12.78 -3.45
CA LYS B 111 0.11 -13.13 -2.11
C LYS B 111 -1.35 -13.58 -2.14
N LYS B 112 -2.07 -13.04 -3.12
CA LYS B 112 -3.49 -13.35 -3.32
C LYS B 112 -3.65 -14.76 -3.89
N ALA B 113 -2.72 -15.15 -4.76
CA ALA B 113 -2.75 -16.45 -5.41
C ALA B 113 -2.40 -17.59 -4.45
N GLU B 114 -1.43 -17.36 -3.57
CA GLU B 114 -1.02 -18.38 -2.61
C GLU B 114 -2.08 -18.52 -1.53
N ILE B 115 -2.72 -17.41 -1.24
CA ILE B 115 -3.77 -17.33 -0.25
C ILE B 115 -4.97 -18.17 -0.63
N GLU B 116 -5.38 -18.01 -1.87
CA GLU B 116 -6.52 -18.74 -2.41
C GLU B 116 -6.18 -20.21 -2.61
N HIS B 117 -4.91 -20.49 -2.90
CA HIS B 117 -4.47 -21.86 -3.11
C HIS B 117 -4.42 -22.62 -1.79
N HIS B 118 -4.10 -21.91 -0.71
CA HIS B 118 -4.02 -22.51 0.62
C HIS B 118 -5.41 -22.58 1.25
N GLU B 119 -6.34 -21.78 0.73
CA GLU B 119 -7.70 -21.74 1.25
C GLU B 119 -8.68 -22.34 0.24
N MET B 120 -8.20 -23.33 -0.52
CA MET B 120 -9.01 -23.99 -1.52
C MET B 120 -8.87 -25.51 -1.41
N ALA B 121 -7.62 -25.97 -1.35
CA ALA B 121 -7.33 -27.39 -1.24
C ALA B 121 -6.80 -27.75 0.14
N ALA A 1 35.77 1.57 -5.56
CA ALA A 1 35.06 1.86 -4.29
C ALA A 1 33.81 2.70 -4.55
N ARG A 2 33.12 2.40 -5.64
CA ARG A 2 31.91 3.11 -6.02
C ARG A 2 30.67 2.23 -5.82
N THR A 3 29.52 2.77 -6.20
CA THR A 3 28.26 2.04 -6.08
C THR A 3 27.99 1.64 -4.62
N LYS A 4 27.59 2.61 -3.81
CA LYS A 4 27.30 2.37 -2.40
C LYS A 4 26.72 3.62 -1.75
N GLN A 5 25.58 4.07 -2.26
CA GLN A 5 24.91 5.26 -1.73
C GLN A 5 23.61 4.88 -1.05
N THR A 6 23.70 4.47 0.21
CA THR A 6 22.52 4.08 0.99
C THR A 6 22.00 5.25 1.81
N ALA A 7 22.27 6.47 1.33
CA ALA A 7 21.83 7.68 2.01
C ALA A 7 22.36 7.75 3.43
N ARG A 8 23.39 6.95 3.72
CA ARG A 8 23.99 6.90 5.04
C ARG A 8 22.95 6.64 6.12
N LYS A 9 23.30 6.90 7.37
CA LYS A 9 22.39 6.71 8.50
C LYS A 9 21.39 7.86 8.59
N SER A 10 21.81 9.03 8.12
CA SER A 10 20.96 10.21 8.16
C SER A 10 19.69 10.01 7.33
N THR A 11 18.66 10.78 7.63
CA THR A 11 17.39 10.69 6.92
C THR A 11 16.84 12.07 6.58
N GLY A 12 16.51 12.27 5.31
CA GLY A 12 15.97 13.55 4.88
C GLY A 12 14.71 13.39 4.05
N GLY A 13 13.56 13.63 4.69
CA GLY A 13 12.29 13.50 3.99
C GLY A 13 11.78 12.07 3.97
N ALA A 15 9.66 8.75 1.80
CA ALA A 15 9.90 7.99 0.56
C ALA A 15 11.31 7.40 0.55
N PRO A 16 11.47 6.18 0.00
CA PRO A 16 12.76 5.51 -0.06
C PRO A 16 13.76 6.19 -1.00
N ARG A 17 13.54 7.46 -1.30
CA ARG A 17 14.45 8.21 -2.17
C ARG A 17 15.55 8.88 -1.36
N LYS A 18 16.71 9.06 -1.98
CA LYS A 18 17.84 9.70 -1.32
C LYS A 18 18.02 11.14 -1.82
N GLN A 19 18.25 12.05 -0.89
CA GLN A 19 18.44 13.46 -1.23
C GLN A 19 19.92 13.80 -1.34
N LEU A 20 20.21 15.08 -1.59
CA LEU A 20 21.59 15.55 -1.72
C LEU A 20 22.39 15.24 -0.45
N SER B 1 -17.06 -7.93 9.91
CA SER B 1 -18.17 -8.76 9.39
C SER B 1 -18.09 -8.88 7.87
N THR B 2 -16.90 -9.18 7.37
CA THR B 2 -16.69 -9.33 5.93
C THR B 2 -17.63 -10.39 5.35
N GLU B 3 -17.31 -11.66 5.62
CA GLU B 3 -18.13 -12.77 5.14
C GLU B 3 -18.36 -12.69 3.63
N GLY B 4 -17.49 -11.96 2.93
CA GLY B 4 -17.61 -11.86 1.49
C GLY B 4 -17.37 -13.19 0.82
N SER B 5 -16.22 -13.35 0.18
CA SER B 5 -15.87 -14.61 -0.45
C SER B 5 -15.67 -15.64 0.65
N SER B 6 -14.47 -15.66 1.23
CA SER B 6 -14.16 -16.55 2.33
C SER B 6 -13.82 -15.74 3.56
N PRO B 7 -14.39 -16.11 4.71
CA PRO B 7 -14.16 -15.39 5.96
C PRO B 7 -12.69 -15.08 6.15
N ALA B 8 -11.84 -16.08 5.96
CA ALA B 8 -10.41 -15.84 6.07
C ALA B 8 -9.96 -15.01 4.93
N TYR B 9 -10.26 -15.44 3.74
CA TYR B 9 -9.77 -14.72 2.61
C TYR B 9 -9.89 -13.22 2.83
N LEU B 10 -10.98 -12.75 3.41
CA LEU B 10 -11.06 -11.32 3.67
C LEU B 10 -10.34 -10.92 4.97
N LYS B 11 -10.73 -11.55 6.10
CA LYS B 11 -10.11 -11.26 7.41
C LYS B 11 -8.60 -11.51 7.35
N GLU B 12 -8.29 -12.67 6.83
CA GLU B 12 -6.93 -13.11 6.67
C GLU B 12 -6.18 -12.07 5.88
N ILE B 13 -6.78 -11.62 4.80
CA ILE B 13 -6.14 -10.64 3.95
C ILE B 13 -5.97 -9.35 4.70
N LEU B 14 -6.91 -9.10 5.59
CA LEU B 14 -6.90 -7.89 6.37
C LEU B 14 -5.55 -7.73 6.98
N GLU B 15 -5.15 -8.77 7.68
CA GLU B 15 -3.85 -8.79 8.30
C GLU B 15 -2.72 -9.18 7.33
N GLN B 16 -2.99 -10.06 6.35
CA GLN B 16 -1.90 -10.51 5.46
C GLN B 16 -1.51 -9.53 4.37
N LEU B 17 -2.48 -9.14 3.56
CA LEU B 17 -2.22 -8.24 2.46
C LEU B 17 -1.82 -6.89 3.00
N LEU B 18 -2.59 -6.40 3.95
CA LEU B 18 -2.34 -5.13 4.58
C LEU B 18 -0.95 -5.07 5.19
N GLU B 19 -0.62 -6.08 5.99
CA GLU B 19 0.66 -6.13 6.67
C GLU B 19 1.80 -6.33 5.68
N ALA B 20 1.59 -7.22 4.71
CA ALA B 20 2.60 -7.53 3.70
C ALA B 20 3.08 -6.29 2.95
N ILE B 21 2.16 -5.42 2.59
CA ILE B 21 2.50 -4.22 1.83
C ILE B 21 3.14 -3.17 2.72
N VAL B 22 2.72 -3.10 3.97
CA VAL B 22 3.28 -2.11 4.86
C VAL B 22 4.63 -2.57 5.40
N VAL B 23 4.85 -3.87 5.39
CA VAL B 23 6.14 -4.40 5.82
C VAL B 23 7.05 -4.42 4.61
N ALA B 24 6.39 -4.31 3.46
CA ALA B 24 7.03 -4.28 2.17
C ALA B 24 8.00 -3.12 2.07
N THR B 25 8.91 -3.22 1.12
CA THR B 25 9.88 -2.15 0.87
C THR B 25 10.08 -2.01 -0.63
N ASN B 26 10.90 -1.04 -1.01
CA ASN B 26 11.18 -0.79 -2.42
C ASN B 26 12.60 -1.21 -2.78
N PRO B 27 12.95 -1.25 -4.08
CA PRO B 27 14.30 -1.63 -4.51
C PRO B 27 15.39 -0.83 -3.79
N SER B 28 15.05 0.37 -3.34
CA SER B 28 16.01 1.22 -2.64
C SER B 28 16.30 0.68 -1.24
N GLY B 29 15.36 -0.07 -0.68
CA GLY B 29 15.57 -0.64 0.64
C GLY B 29 14.59 -0.15 1.68
N ARG B 30 13.64 0.69 1.28
CA ARG B 30 12.67 1.20 2.23
C ARG B 30 11.23 1.07 1.77
N LEU B 31 10.35 1.02 2.77
CA LEU B 31 8.92 0.81 2.58
C LEU B 31 8.33 1.50 1.38
N ILE B 32 7.58 0.72 0.61
CA ILE B 32 6.86 1.24 -0.53
C ILE B 32 5.59 1.91 0.01
N SER B 33 5.04 1.26 1.04
CA SER B 33 3.85 1.73 1.73
C SER B 33 4.12 3.04 2.47
N GLU B 34 5.39 3.44 2.49
CA GLU B 34 5.82 4.64 3.20
C GLU B 34 4.92 5.84 2.92
N LEU B 35 4.61 6.08 1.65
CA LEU B 35 3.76 7.20 1.29
C LEU B 35 2.31 6.91 1.55
N PHE B 36 2.02 5.65 1.77
CA PHE B 36 0.66 5.22 2.02
C PHE B 36 0.48 4.73 3.44
N GLN B 37 1.50 4.98 4.26
CA GLN B 37 1.46 4.57 5.65
C GLN B 37 0.13 4.94 6.27
N LYS B 38 -0.26 6.21 6.12
CA LYS B 38 -1.51 6.69 6.70
C LYS B 38 -2.12 7.87 5.95
N LEU B 39 -3.45 7.82 5.74
CA LEU B 39 -4.16 8.92 5.09
C LEU B 39 -4.47 9.98 6.15
N PRO B 40 -4.45 11.27 5.79
CA PRO B 40 -4.74 12.34 6.74
C PRO B 40 -6.02 12.08 7.55
N SER B 41 -7.19 12.18 6.92
CA SER B 41 -8.46 11.91 7.62
C SER B 41 -9.67 11.91 6.68
N LYS B 42 -9.42 12.29 5.44
CA LYS B 42 -10.47 12.37 4.43
C LYS B 42 -11.41 13.54 4.75
N VAL B 43 -10.97 14.39 5.68
CA VAL B 43 -11.73 15.55 6.12
C VAL B 43 -10.81 16.63 6.68
N GLN B 44 -9.82 16.17 7.44
CA GLN B 44 -8.86 17.02 8.09
C GLN B 44 -7.95 17.73 7.12
N TYR B 45 -7.50 16.99 6.14
CA TYR B 45 -6.61 17.53 5.13
C TYR B 45 -7.14 17.25 3.74
N PRO B 46 -8.31 17.83 3.44
CA PRO B 46 -8.98 17.68 2.16
C PRO B 46 -8.09 18.00 0.97
N ASP B 47 -7.10 18.87 1.15
CA ASP B 47 -6.19 19.20 0.06
C ASP B 47 -5.58 17.93 -0.52
N TYR B 48 -5.42 16.93 0.35
CA TYR B 48 -4.89 15.65 -0.06
C TYR B 48 -5.98 14.92 -0.80
N TYR B 49 -7.18 15.08 -0.29
CA TYR B 49 -8.36 14.47 -0.84
C TYR B 49 -8.85 15.21 -2.07
N ALA B 50 -8.35 16.43 -2.23
CA ALA B 50 -8.70 17.29 -3.35
C ALA B 50 -7.74 17.01 -4.50
N ILE B 51 -6.46 16.92 -4.16
CA ILE B 51 -5.42 16.63 -5.15
C ILE B 51 -5.65 15.26 -5.78
N ILE B 52 -5.63 14.25 -4.94
CA ILE B 52 -5.83 12.87 -5.31
C ILE B 52 -7.16 12.67 -5.95
N LYS B 53 -7.29 11.58 -6.67
CA LYS B 53 -8.54 11.26 -7.27
C LYS B 53 -9.21 10.20 -6.43
N GLU B 54 -8.40 9.28 -5.93
CA GLU B 54 -8.89 8.18 -5.10
C GLU B 54 -7.92 7.86 -3.96
N PRO B 55 -7.83 8.74 -2.96
CA PRO B 55 -6.97 8.52 -1.81
C PRO B 55 -7.48 7.38 -0.96
N ILE B 56 -6.58 6.45 -0.72
CA ILE B 56 -6.86 5.28 0.08
C ILE B 56 -5.54 4.61 0.40
N ASP B 57 -5.20 4.58 1.66
CA ASP B 57 -3.96 4.01 2.10
C ASP B 57 -4.18 2.58 2.59
N LEU B 58 -3.13 1.74 2.59
CA LEU B 58 -3.27 0.36 3.02
C LEU B 58 -4.02 0.27 4.34
N LYS B 59 -4.02 1.37 5.08
CA LYS B 59 -4.73 1.47 6.33
C LYS B 59 -6.23 1.57 6.07
N THR B 60 -6.59 2.48 5.18
CA THR B 60 -7.99 2.71 4.81
C THR B 60 -8.57 1.48 4.12
N ILE B 61 -7.74 0.75 3.40
CA ILE B 61 -8.18 -0.44 2.72
C ILE B 61 -8.60 -1.50 3.72
N ALA B 62 -7.72 -1.79 4.67
CA ALA B 62 -8.04 -2.76 5.68
C ALA B 62 -9.25 -2.26 6.44
N GLN B 63 -9.29 -0.95 6.56
CA GLN B 63 -10.37 -0.25 7.23
C GLN B 63 -11.69 -0.57 6.56
N ARG B 64 -11.65 -0.59 5.23
CA ARG B 64 -12.84 -0.88 4.44
C ARG B 64 -13.15 -2.37 4.43
N ILE B 65 -12.11 -3.21 4.48
CA ILE B 65 -12.30 -4.65 4.47
C ILE B 65 -13.29 -5.06 5.56
N GLN B 66 -13.02 -4.60 6.77
CA GLN B 66 -13.85 -4.92 7.92
C GLN B 66 -15.12 -4.05 7.93
N ASN B 67 -15.03 -2.88 7.29
CA ASN B 67 -16.18 -1.97 7.22
C ASN B 67 -17.23 -2.49 6.23
N GLY B 68 -17.04 -3.71 5.74
CA GLY B 68 -17.97 -4.29 4.80
C GLY B 68 -18.00 -3.52 3.49
N SER B 69 -16.96 -2.74 3.26
CA SER B 69 -16.83 -1.93 2.06
C SER B 69 -16.29 -2.75 0.89
N TYR B 70 -15.95 -4.01 1.14
CA TYR B 70 -15.39 -4.86 0.09
C TYR B 70 -16.13 -6.19 -0.06
N LYS B 71 -16.11 -7.02 0.98
CA LYS B 71 -16.76 -8.33 0.90
C LYS B 71 -16.19 -9.11 -0.28
N SER B 72 -14.99 -8.70 -0.66
CA SER B 72 -14.24 -9.27 -1.76
C SER B 72 -12.96 -8.46 -1.92
N ILE B 73 -11.86 -9.02 -1.45
CA ILE B 73 -10.58 -8.33 -1.51
C ILE B 73 -10.24 -7.81 -2.89
N HIS B 74 -10.78 -8.37 -3.96
CA HIS B 74 -10.48 -7.83 -5.28
C HIS B 74 -10.80 -6.33 -5.25
N ALA B 75 -11.78 -5.99 -4.42
CA ALA B 75 -12.18 -4.60 -4.22
C ALA B 75 -11.13 -3.89 -3.38
N MET B 76 -10.64 -4.57 -2.36
CA MET B 76 -9.60 -4.04 -1.50
C MET B 76 -8.40 -3.69 -2.37
N ALA B 77 -8.03 -4.67 -3.16
CA ALA B 77 -6.93 -4.59 -4.11
C ALA B 77 -7.09 -3.42 -5.05
N LYS B 78 -8.28 -3.26 -5.62
CA LYS B 78 -8.51 -2.17 -6.54
C LYS B 78 -8.20 -0.87 -5.82
N ASP B 79 -8.47 -0.85 -4.51
CA ASP B 79 -8.17 0.30 -3.69
C ASP B 79 -6.68 0.35 -3.45
N ILE B 80 -6.06 -0.82 -3.48
CA ILE B 80 -4.62 -0.94 -3.28
C ILE B 80 -3.92 -0.31 -4.47
N ASP B 81 -4.55 -0.45 -5.63
CA ASP B 81 -4.04 0.16 -6.83
C ASP B 81 -4.36 1.65 -6.76
N LEU B 82 -5.43 1.97 -6.03
CA LEU B 82 -5.83 3.35 -5.81
C LEU B 82 -4.88 3.96 -4.81
N LEU B 83 -4.35 3.09 -3.98
CA LEU B 83 -3.39 3.45 -2.98
C LEU B 83 -2.15 3.90 -3.73
N ALA B 84 -1.78 3.07 -4.71
CA ALA B 84 -0.65 3.33 -5.56
C ALA B 84 -0.94 4.53 -6.47
N LYS B 85 -2.22 4.70 -6.80
CA LYS B 85 -2.65 5.81 -7.63
C LYS B 85 -2.39 7.12 -6.90
N ASN B 86 -2.84 7.18 -5.66
CA ASN B 86 -2.63 8.37 -4.84
C ASN B 86 -1.13 8.67 -4.80
N ALA B 87 -0.32 7.62 -5.01
CA ALA B 87 1.14 7.76 -5.02
C ALA B 87 1.60 8.67 -6.13
N LYS B 88 1.17 8.37 -7.35
CA LYS B 88 1.58 9.14 -8.51
C LYS B 88 0.99 10.55 -8.48
N THR B 89 -0.08 10.73 -7.73
CA THR B 89 -0.75 12.03 -7.65
C THR B 89 -0.18 12.95 -6.56
N TYR B 90 0.00 12.44 -5.35
CA TYR B 90 0.46 13.28 -4.23
C TYR B 90 1.96 13.57 -4.21
N ASN B 91 2.79 12.53 -4.22
CA ASN B 91 4.23 12.76 -4.15
C ASN B 91 4.81 13.16 -5.51
N GLU B 92 6.13 13.28 -5.56
CA GLU B 92 6.84 13.69 -6.77
C GLU B 92 7.27 12.47 -7.59
N PRO B 93 7.14 12.55 -8.94
CA PRO B 93 7.51 11.46 -9.84
C PRO B 93 9.00 11.15 -9.81
N GLY B 94 9.78 12.13 -9.38
CA GLY B 94 11.21 11.92 -9.28
C GLY B 94 11.58 11.27 -7.96
N SER B 95 10.65 10.45 -7.46
CA SER B 95 10.83 9.77 -6.18
C SER B 95 10.40 8.32 -6.29
N GLN B 96 10.78 7.53 -5.30
CA GLN B 96 10.46 6.12 -5.26
C GLN B 96 8.94 5.90 -5.16
N VAL B 97 8.22 6.91 -4.70
CA VAL B 97 6.76 6.83 -4.53
C VAL B 97 6.05 6.19 -5.73
N PHE B 98 6.53 6.47 -6.93
CA PHE B 98 5.87 5.95 -8.12
C PHE B 98 6.21 4.47 -8.35
N LYS B 99 7.49 4.12 -8.29
CA LYS B 99 7.92 2.74 -8.49
C LYS B 99 7.49 1.87 -7.31
N ASP B 100 7.39 2.49 -6.14
CA ASP B 100 7.01 1.81 -4.92
C ASP B 100 5.58 1.32 -5.01
N ALA B 101 4.70 2.24 -5.35
CA ALA B 101 3.28 1.95 -5.43
C ALA B 101 3.00 0.87 -6.45
N ASN B 102 3.60 0.97 -7.62
CA ASN B 102 3.41 -0.06 -8.64
C ASN B 102 3.85 -1.39 -8.07
N SER B 103 4.88 -1.33 -7.22
CA SER B 103 5.38 -2.52 -6.57
C SER B 103 4.38 -3.00 -5.53
N ILE B 104 3.70 -2.06 -4.87
CA ILE B 104 2.71 -2.40 -3.86
C ILE B 104 1.64 -3.29 -4.43
N LYS B 105 1.00 -2.82 -5.48
CA LYS B 105 -0.04 -3.57 -6.14
C LYS B 105 0.49 -4.96 -6.50
N LYS B 106 1.79 -5.02 -6.85
CA LYS B 106 2.42 -6.31 -7.18
C LYS B 106 2.52 -7.19 -5.93
N ILE B 107 3.14 -6.66 -4.87
CA ILE B 107 3.29 -7.40 -3.60
C ILE B 107 1.94 -7.91 -3.16
N PHE B 108 0.98 -7.04 -3.29
CA PHE B 108 -0.37 -7.33 -2.89
C PHE B 108 -0.87 -8.65 -3.47
N TYR B 109 -0.85 -8.80 -4.80
CA TYR B 109 -1.37 -10.01 -5.42
C TYR B 109 -0.47 -11.23 -5.20
N MET B 110 0.84 -11.05 -5.03
CA MET B 110 1.70 -12.22 -4.76
C MET B 110 1.39 -12.73 -3.35
N LYS B 111 1.21 -11.79 -2.45
CA LYS B 111 0.84 -12.08 -1.07
C LYS B 111 -0.56 -12.72 -1.07
N LYS B 112 -1.37 -12.22 -1.99
CA LYS B 112 -2.74 -12.67 -2.19
C LYS B 112 -2.79 -14.09 -2.75
N ALA B 113 -1.83 -14.41 -3.63
CA ALA B 113 -1.78 -15.72 -4.27
C ALA B 113 -1.39 -16.84 -3.30
N GLU B 114 -0.40 -16.58 -2.45
CA GLU B 114 0.06 -17.59 -1.50
C GLU B 114 -1.01 -17.81 -0.44
N ILE B 115 -1.71 -16.75 -0.14
CA ILE B 115 -2.78 -16.77 0.85
C ILE B 115 -3.92 -17.67 0.42
N GLU B 116 -4.31 -17.50 -0.83
CA GLU B 116 -5.39 -18.29 -1.41
C GLU B 116 -4.99 -19.75 -1.55
N HIS B 117 -3.70 -20.00 -1.71
CA HIS B 117 -3.19 -21.36 -1.85
C HIS B 117 -2.87 -21.95 -0.48
N HIS B 118 -2.88 -21.10 0.54
CA HIS B 118 -2.60 -21.52 1.90
C HIS B 118 -3.89 -21.72 2.69
N GLU B 119 -4.98 -21.16 2.17
CA GLU B 119 -6.28 -21.27 2.81
C GLU B 119 -7.25 -22.07 1.95
N MET B 120 -6.71 -22.93 1.09
CA MET B 120 -7.53 -23.75 0.20
C MET B 120 -7.01 -25.19 0.16
N ALA B 121 -5.89 -25.39 -0.52
CA ALA B 121 -5.30 -26.72 -0.64
C ALA B 121 -4.27 -26.96 0.46
N ALA A 1 25.20 1.26 12.50
CA ALA A 1 26.65 1.38 12.26
C ALA A 1 27.38 0.10 12.65
N ARG A 2 26.91 -1.02 12.14
CA ARG A 2 27.51 -2.32 12.44
C ARG A 2 28.54 -2.70 11.37
N THR A 3 29.04 -3.92 11.45
CA THR A 3 30.02 -4.41 10.49
C THR A 3 29.48 -4.38 9.07
N LYS A 4 28.22 -4.79 8.91
CA LYS A 4 27.58 -4.82 7.59
C LYS A 4 26.88 -3.49 7.31
N GLN A 5 26.96 -3.06 6.05
CA GLN A 5 26.33 -1.80 5.64
C GLN A 5 26.40 -1.64 4.13
N THR A 6 26.25 -2.74 3.41
CA THR A 6 26.28 -2.72 1.95
C THR A 6 24.97 -2.21 1.37
N ALA A 7 24.02 -1.91 2.25
CA ALA A 7 22.70 -1.42 1.83
C ALA A 7 22.67 0.11 1.86
N ARG A 8 21.87 0.69 0.97
CA ARG A 8 21.74 2.14 0.88
C ARG A 8 21.23 2.73 2.19
N LYS A 9 22.12 3.43 2.90
CA LYS A 9 21.76 4.06 4.17
C LYS A 9 21.62 5.57 4.02
N SER A 10 20.44 6.09 4.33
CA SER A 10 20.17 7.52 4.23
C SER A 10 20.46 8.03 2.83
N THR A 11 19.53 7.79 1.91
CA THR A 11 19.68 8.23 0.52
C THR A 11 18.63 9.29 0.17
N GLY A 12 17.47 9.18 0.80
CA GLY A 12 16.39 10.11 0.54
C GLY A 12 15.36 10.13 1.65
N GLY A 13 14.40 11.05 1.55
CA GLY A 13 13.36 11.15 2.56
C GLY A 13 12.14 10.31 2.22
N ALA A 15 9.59 8.78 -1.09
CA ALA A 15 9.52 8.43 -2.50
C ALA A 15 10.90 8.55 -3.15
N PRO A 16 11.62 7.44 -3.34
CA PRO A 16 12.94 7.46 -3.97
C PRO A 16 12.98 8.41 -5.17
N ARG A 17 13.55 9.60 -4.94
CA ARG A 17 13.64 10.63 -5.97
C ARG A 17 14.52 10.21 -7.14
N LYS A 18 15.62 10.94 -7.36
CA LYS A 18 16.52 10.63 -8.47
C LYS A 18 17.94 11.10 -8.17
N GLN A 19 18.79 11.11 -9.19
CA GLN A 19 20.18 11.54 -9.03
C GLN A 19 20.81 11.84 -10.39
N LEU A 20 20.04 12.45 -11.27
CA LEU A 20 20.51 12.81 -12.61
C LEU A 20 21.45 14.00 -12.56
N SER B 1 -15.88 -6.52 13.75
CA SER B 1 -15.86 -5.60 12.59
C SER B 1 -15.65 -6.38 11.29
N THR B 2 -14.50 -7.01 11.16
CA THR B 2 -14.17 -7.79 9.97
C THR B 2 -15.11 -8.99 9.84
N GLU B 3 -15.50 -9.29 8.60
CA GLU B 3 -16.39 -10.42 8.34
C GLU B 3 -16.27 -10.89 6.89
N GLY B 4 -17.08 -10.30 6.00
CA GLY B 4 -17.04 -10.68 4.59
C GLY B 4 -16.99 -12.19 4.41
N SER B 5 -16.04 -12.65 3.60
CA SER B 5 -15.88 -14.09 3.38
C SER B 5 -15.57 -14.74 4.72
N SER B 6 -14.31 -14.67 5.12
CA SER B 6 -13.88 -15.21 6.39
C SER B 6 -13.34 -14.11 7.27
N PRO B 7 -13.76 -14.08 8.54
CA PRO B 7 -13.32 -13.05 9.48
C PRO B 7 -11.82 -12.85 9.41
N ALA B 8 -11.08 -13.95 9.36
CA ALA B 8 -9.64 -13.86 9.24
C ALA B 8 -9.28 -13.46 7.86
N TYR B 9 -9.86 -14.09 6.89
CA TYR B 9 -9.49 -13.78 5.54
C TYR B 9 -9.36 -12.26 5.40
N LEU B 10 -10.29 -11.51 5.97
CA LEU B 10 -10.19 -10.06 5.91
C LEU B 10 -9.29 -9.48 7.02
N LYS B 11 -9.57 -9.82 8.29
CA LYS B 11 -8.77 -9.34 9.44
C LYS B 11 -7.32 -9.78 9.32
N GLU B 12 -7.14 -11.03 8.96
CA GLU B 12 -5.84 -11.60 8.74
C GLU B 12 -5.11 -10.75 7.73
N ILE B 13 -5.82 -10.41 6.67
CA ILE B 13 -5.24 -9.62 5.61
C ILE B 13 -4.98 -8.21 6.11
N LEU B 14 -5.81 -7.80 7.05
CA LEU B 14 -5.72 -6.49 7.63
C LEU B 14 -4.29 -6.27 8.05
N GLU B 15 -3.78 -7.20 8.82
CA GLU B 15 -2.41 -7.16 9.25
C GLU B 15 -1.43 -7.72 8.20
N GLN B 16 -1.86 -8.72 7.40
CA GLN B 16 -0.93 -9.37 6.46
C GLN B 16 -0.62 -8.55 5.21
N LEU B 17 -1.67 -8.22 4.47
CA LEU B 17 -1.51 -7.49 3.22
C LEU B 17 -1.10 -6.06 3.51
N LEU B 18 -1.81 -5.45 4.45
CA LEU B 18 -1.55 -4.09 4.86
C LEU B 18 -0.11 -3.92 5.29
N GLU B 19 0.37 -4.82 6.16
CA GLU B 19 1.72 -4.74 6.67
C GLU B 19 2.75 -5.06 5.59
N ALA B 20 2.52 -6.16 4.86
CA ALA B 20 3.42 -6.60 3.81
C ALA B 20 3.80 -5.50 2.82
N ILE B 21 2.82 -4.72 2.40
CA ILE B 21 3.06 -3.65 1.43
C ILE B 21 3.62 -2.40 2.06
N VAL B 22 3.23 -2.12 3.29
CA VAL B 22 3.74 -0.93 3.94
C VAL B 22 5.15 -1.16 4.43
N VAL B 23 5.51 -2.43 4.59
CA VAL B 23 6.86 -2.78 4.99
C VAL B 23 7.65 -2.98 3.72
N ALA B 24 6.88 -3.20 2.65
CA ALA B 24 7.42 -3.38 1.31
C ALA B 24 8.33 -2.23 0.94
N THR B 25 9.15 -2.43 -0.07
CA THR B 25 10.04 -1.40 -0.54
C THR B 25 10.23 -1.51 -2.03
N ASN B 26 10.97 -0.57 -2.60
CA ASN B 26 11.26 -0.59 -4.02
C ASN B 26 12.72 -0.95 -4.23
N PRO B 27 13.02 -1.74 -5.27
CA PRO B 27 14.38 -2.16 -5.57
C PRO B 27 15.35 -0.99 -5.77
N SER B 28 14.86 0.24 -5.60
CA SER B 28 15.71 1.40 -5.81
C SER B 28 15.87 2.28 -4.56
N GLY B 29 15.04 2.13 -3.51
CA GLY B 29 15.23 2.99 -2.36
C GLY B 29 14.00 3.21 -1.53
N ARG B 30 13.81 2.34 -0.55
CA ARG B 30 12.72 2.43 0.39
C ARG B 30 11.33 2.11 -0.13
N LEU B 31 10.41 2.15 0.83
CA LEU B 31 9.01 1.81 0.67
C LEU B 31 8.34 2.26 -0.61
N ILE B 32 7.58 1.31 -1.17
CA ILE B 32 6.76 1.56 -2.34
C ILE B 32 5.47 2.21 -1.84
N SER B 33 5.13 1.84 -0.61
CA SER B 33 3.95 2.33 0.11
C SER B 33 4.21 3.70 0.71
N GLU B 34 5.45 4.17 0.58
CA GLU B 34 5.88 5.44 1.14
C GLU B 34 4.87 6.56 0.89
N LEU B 35 4.34 6.63 -0.32
CA LEU B 35 3.37 7.65 -0.65
C LEU B 35 1.99 7.31 -0.16
N PHE B 36 1.80 6.06 0.22
CA PHE B 36 0.51 5.60 0.68
C PHE B 36 0.55 5.25 2.15
N GLN B 37 1.60 5.71 2.82
CA GLN B 37 1.75 5.46 4.24
C GLN B 37 0.47 5.84 4.97
N LYS B 38 0.02 7.08 4.74
CA LYS B 38 -1.19 7.58 5.39
C LYS B 38 -1.92 8.66 4.58
N LEU B 39 -3.26 8.56 4.54
CA LEU B 39 -4.09 9.56 3.85
C LEU B 39 -4.29 10.75 4.80
N PRO B 40 -4.53 11.96 4.28
CA PRO B 40 -4.75 13.13 5.12
C PRO B 40 -6.07 13.03 5.86
N SER B 41 -6.44 14.10 6.55
CA SER B 41 -7.70 14.11 7.26
C SER B 41 -8.85 14.09 6.29
N LYS B 42 -8.51 14.32 5.01
CA LYS B 42 -9.49 14.32 3.94
C LYS B 42 -10.39 15.55 4.03
N VAL B 43 -10.76 15.92 5.26
CA VAL B 43 -11.60 17.08 5.52
C VAL B 43 -10.71 18.28 5.74
N GLN B 44 -9.58 18.00 6.37
CA GLN B 44 -8.61 19.03 6.69
C GLN B 44 -7.74 19.30 5.49
N TYR B 45 -7.60 18.29 4.66
CA TYR B 45 -6.80 18.40 3.45
C TYR B 45 -7.62 17.97 2.25
N PRO B 46 -8.71 18.69 2.01
CA PRO B 46 -9.62 18.44 0.89
C PRO B 46 -8.89 18.53 -0.44
N ASP B 47 -7.90 19.40 -0.50
CA ASP B 47 -7.12 19.57 -1.72
C ASP B 47 -6.57 18.22 -2.18
N TYR B 48 -6.36 17.32 -1.23
CA TYR B 48 -5.86 15.98 -1.54
C TYR B 48 -6.99 15.15 -2.14
N TYR B 49 -8.12 15.05 -1.46
CA TYR B 49 -9.23 14.27 -1.98
C TYR B 49 -9.77 14.89 -3.26
N ALA B 50 -9.43 16.16 -3.45
CA ALA B 50 -9.83 16.91 -4.64
C ALA B 50 -8.95 16.52 -5.81
N ILE B 51 -7.65 16.76 -5.65
CA ILE B 51 -6.64 16.45 -6.64
C ILE B 51 -6.79 15.00 -7.13
N ILE B 52 -6.92 14.08 -6.18
CA ILE B 52 -7.08 12.66 -6.45
C ILE B 52 -8.48 12.38 -6.90
N LYS B 53 -8.65 11.29 -7.60
CA LYS B 53 -9.96 10.93 -8.02
C LYS B 53 -10.50 9.85 -7.11
N GLU B 54 -9.60 8.97 -6.68
CA GLU B 54 -9.98 7.89 -5.78
C GLU B 54 -8.89 7.61 -4.74
N PRO B 55 -8.68 8.54 -3.80
CA PRO B 55 -7.69 8.39 -2.74
C PRO B 55 -8.07 7.28 -1.78
N ILE B 56 -7.07 6.52 -1.41
CA ILE B 56 -7.20 5.43 -0.48
C ILE B 56 -5.80 4.89 -0.21
N ASP B 57 -5.38 4.97 1.03
CA ASP B 57 -4.05 4.53 1.39
C ASP B 57 -4.10 3.19 2.10
N LEU B 58 -2.96 2.53 2.18
CA LEU B 58 -2.87 1.23 2.82
C LEU B 58 -3.61 1.24 4.15
N LYS B 59 -3.57 2.39 4.81
CA LYS B 59 -4.24 2.59 6.08
C LYS B 59 -5.75 2.56 5.90
N THR B 60 -6.23 3.31 4.90
CA THR B 60 -7.65 3.41 4.62
C THR B 60 -8.21 2.09 4.11
N ILE B 61 -7.37 1.31 3.44
CA ILE B 61 -7.80 0.03 2.94
C ILE B 61 -8.10 -0.90 4.09
N ALA B 62 -7.20 -0.96 5.04
CA ALA B 62 -7.42 -1.78 6.20
C ALA B 62 -8.63 -1.24 6.95
N GLN B 63 -8.72 0.08 6.92
CA GLN B 63 -9.79 0.81 7.54
C GLN B 63 -11.14 0.33 7.02
N ARG B 64 -11.19 0.15 5.71
CA ARG B 64 -12.40 -0.30 5.04
C ARG B 64 -12.62 -1.80 5.20
N ILE B 65 -11.53 -2.57 5.28
CA ILE B 65 -11.63 -4.02 5.43
C ILE B 65 -12.53 -4.38 6.61
N GLN B 66 -12.20 -3.79 7.76
CA GLN B 66 -12.96 -4.02 8.97
C GLN B 66 -14.25 -3.20 8.99
N ASN B 67 -14.25 -2.07 8.27
CA ASN B 67 -15.43 -1.21 8.20
C ASN B 67 -16.56 -1.87 7.41
N GLY B 68 -16.28 -3.05 6.84
CA GLY B 68 -17.28 -3.75 6.06
C GLY B 68 -17.44 -3.15 4.67
N SER B 69 -16.49 -2.31 4.31
CA SER B 69 -16.49 -1.64 3.01
C SER B 69 -16.00 -2.56 1.90
N TYR B 70 -15.58 -3.77 2.25
CA TYR B 70 -15.07 -4.71 1.27
C TYR B 70 -15.78 -6.05 1.29
N LYS B 71 -15.87 -6.68 2.47
CA LYS B 71 -16.52 -7.99 2.59
C LYS B 71 -15.75 -9.01 1.76
N SER B 72 -14.62 -8.55 1.22
CA SER B 72 -13.75 -9.37 0.41
C SER B 72 -12.49 -8.56 0.10
N ILE B 73 -11.34 -9.17 0.33
CA ILE B 73 -10.08 -8.50 0.11
C ILE B 73 -9.83 -8.20 -1.34
N HIS B 74 -10.45 -8.94 -2.25
CA HIS B 74 -10.27 -8.63 -3.66
C HIS B 74 -10.69 -7.18 -3.88
N ALA B 75 -11.63 -6.74 -3.04
CA ALA B 75 -12.12 -5.35 -3.09
C ALA B 75 -11.08 -4.44 -2.45
N MET B 76 -10.50 -4.92 -1.35
CA MET B 76 -9.46 -4.18 -0.65
C MET B 76 -8.34 -3.91 -1.63
N ALA B 77 -7.96 -4.97 -2.31
CA ALA B 77 -6.95 -4.98 -3.34
C ALA B 77 -7.22 -3.95 -4.42
N LYS B 78 -8.45 -3.93 -4.91
CA LYS B 78 -8.80 -2.98 -5.93
C LYS B 78 -8.54 -1.57 -5.41
N ASP B 79 -8.69 -1.41 -4.10
CA ASP B 79 -8.41 -0.15 -3.46
C ASP B 79 -6.91 0.01 -3.35
N ILE B 80 -6.22 -1.12 -3.29
CA ILE B 80 -4.77 -1.13 -3.24
C ILE B 80 -4.26 -0.60 -4.56
N ASP B 81 -5.06 -0.82 -5.58
CA ASP B 81 -4.77 -0.33 -6.90
C ASP B 81 -5.03 1.16 -6.91
N LEU B 82 -6.10 1.55 -6.19
CA LEU B 82 -6.47 2.94 -6.05
C LEU B 82 -5.40 3.66 -5.27
N LEU B 83 -4.87 2.92 -4.32
CA LEU B 83 -3.79 3.39 -3.48
C LEU B 83 -2.67 3.84 -4.42
N ALA B 84 -2.38 2.95 -5.35
CA ALA B 84 -1.38 3.17 -6.37
C ALA B 84 -1.83 4.28 -7.33
N LYS B 85 -3.14 4.39 -7.49
CA LYS B 85 -3.71 5.40 -8.38
C LYS B 85 -3.42 6.78 -7.82
N ASN B 86 -3.59 6.96 -6.51
CA ASN B 86 -3.28 8.24 -5.91
C ASN B 86 -1.80 8.52 -6.11
N ALA B 87 -1.02 7.44 -6.28
CA ALA B 87 0.41 7.56 -6.54
C ALA B 87 0.69 8.36 -7.79
N LYS B 88 0.03 7.97 -8.87
CA LYS B 88 0.21 8.63 -10.15
C LYS B 88 -0.44 10.01 -10.18
N THR B 89 -1.39 10.22 -9.28
CA THR B 89 -2.13 11.49 -9.21
C THR B 89 -1.45 12.56 -8.35
N TYR B 90 -1.27 12.27 -7.06
CA TYR B 90 -0.70 13.24 -6.13
C TYR B 90 0.80 13.49 -6.29
N ASN B 91 1.60 12.42 -6.22
CA ASN B 91 3.04 12.57 -6.32
C ASN B 91 3.49 12.87 -7.75
N GLU B 92 4.76 13.23 -7.89
CA GLU B 92 5.34 13.57 -9.20
C GLU B 92 5.78 12.31 -9.94
N PRO B 93 5.53 12.26 -11.27
CA PRO B 93 5.88 11.12 -12.11
C PRO B 93 7.38 10.89 -12.21
N GLY B 94 8.15 11.95 -11.95
CA GLY B 94 9.59 11.83 -11.98
C GLY B 94 10.09 11.23 -10.67
N SER B 95 9.29 10.32 -10.12
CA SER B 95 9.61 9.67 -8.86
C SER B 95 9.12 8.24 -8.87
N GLN B 96 9.84 7.40 -8.13
CA GLN B 96 9.52 5.99 -8.03
C GLN B 96 8.06 5.75 -7.63
N VAL B 97 7.42 6.75 -7.04
CA VAL B 97 6.03 6.64 -6.59
C VAL B 97 5.14 5.92 -7.62
N PHE B 98 5.45 6.09 -8.89
CA PHE B 98 4.65 5.49 -9.94
C PHE B 98 4.92 4.00 -10.12
N LYS B 99 6.19 3.62 -10.26
CA LYS B 99 6.55 2.21 -10.42
C LYS B 99 6.38 1.45 -9.11
N ASP B 100 6.56 2.18 -8.01
CA ASP B 100 6.43 1.62 -6.67
C ASP B 100 5.01 1.16 -6.42
N ALA B 101 4.08 2.06 -6.66
CA ALA B 101 2.67 1.77 -6.48
C ALA B 101 2.26 0.57 -7.30
N ASN B 102 2.74 0.50 -8.55
CA ASN B 102 2.43 -0.63 -9.40
C ASN B 102 2.96 -1.90 -8.73
N SER B 103 4.16 -1.77 -8.17
CA SER B 103 4.79 -2.89 -7.49
C SER B 103 3.97 -3.28 -6.26
N ILE B 104 3.30 -2.29 -5.66
CA ILE B 104 2.47 -2.54 -4.50
C ILE B 104 1.43 -3.59 -4.82
N LYS B 105 0.69 -3.33 -5.89
CA LYS B 105 -0.33 -4.25 -6.34
C LYS B 105 0.28 -5.64 -6.51
N LYS B 106 1.52 -5.68 -7.00
CA LYS B 106 2.21 -6.95 -7.18
C LYS B 106 2.46 -7.64 -5.84
N ILE B 107 3.12 -6.94 -4.92
CA ILE B 107 3.41 -7.48 -3.58
C ILE B 107 2.13 -7.94 -2.92
N PHE B 108 1.12 -7.10 -3.03
CA PHE B 108 -0.17 -7.36 -2.43
C PHE B 108 -0.66 -8.77 -2.75
N TYR B 109 -0.76 -9.11 -4.03
CA TYR B 109 -1.28 -10.42 -4.41
C TYR B 109 -0.34 -11.56 -4.02
N MET B 110 0.97 -11.37 -4.08
CA MET B 110 1.89 -12.44 -3.67
C MET B 110 1.63 -12.75 -2.21
N LYS B 111 1.46 -11.68 -1.43
CA LYS B 111 1.17 -11.76 -0.02
C LYS B 111 -0.23 -12.35 0.19
N LYS B 112 -1.10 -12.10 -0.78
CA LYS B 112 -2.48 -12.59 -0.76
C LYS B 112 -2.54 -14.10 -1.01
N ALA B 113 -1.67 -14.58 -1.91
CA ALA B 113 -1.64 -15.99 -2.29
C ALA B 113 -1.05 -16.87 -1.19
N GLU B 114 -0.04 -16.36 -0.50
CA GLU B 114 0.61 -17.12 0.58
C GLU B 114 -0.31 -17.11 1.78
N ILE B 115 -1.07 -16.03 1.87
CA ILE B 115 -2.03 -15.82 2.93
C ILE B 115 -3.15 -16.84 2.86
N GLU B 116 -3.70 -16.99 1.66
CA GLU B 116 -4.79 -17.93 1.43
C GLU B 116 -4.28 -19.36 1.40
N HIS B 117 -2.99 -19.53 1.15
CA HIS B 117 -2.39 -20.85 1.10
C HIS B 117 -1.96 -21.31 2.49
N HIS B 118 -1.83 -20.34 3.40
CA HIS B 118 -1.42 -20.64 4.77
C HIS B 118 -2.64 -20.65 5.69
N GLU B 119 -3.75 -20.12 5.21
CA GLU B 119 -4.98 -20.07 5.99
C GLU B 119 -6.16 -20.65 5.20
N MET B 120 -6.05 -21.92 4.83
CA MET B 120 -7.11 -22.59 4.06
C MET B 120 -6.78 -24.06 3.88
N ALA B 121 -5.62 -24.34 3.28
CA ALA B 121 -5.18 -25.72 3.04
C ALA B 121 -6.19 -26.47 2.18
N ALA A 1 4.86 2.07 20.22
CA ALA A 1 3.79 1.07 19.96
C ALA A 1 4.14 0.18 18.78
N ARG A 2 4.11 -1.14 19.02
CA ARG A 2 4.44 -2.11 17.97
C ARG A 2 5.83 -1.86 17.41
N THR A 3 6.83 -2.49 18.04
CA THR A 3 8.21 -2.33 17.60
C THR A 3 8.92 -3.69 17.55
N LYS A 4 8.83 -4.35 16.41
CA LYS A 4 9.46 -5.65 16.22
C LYS A 4 10.91 -5.50 15.76
N GLN A 5 11.07 -5.05 14.52
CA GLN A 5 12.40 -4.85 13.95
C GLN A 5 12.83 -3.39 14.09
N THR A 6 14.14 -3.15 14.01
CA THR A 6 14.69 -1.80 14.13
C THR A 6 14.05 -0.86 13.13
N ALA A 7 13.41 0.20 13.62
CA ALA A 7 12.76 1.17 12.76
C ALA A 7 13.21 2.59 13.11
N ARG A 8 13.74 3.29 12.11
CA ARG A 8 14.21 4.66 12.29
C ARG A 8 14.53 5.31 10.96
N LYS A 9 13.73 6.31 10.58
CA LYS A 9 13.93 7.01 9.32
C LYS A 9 14.25 8.48 9.56
N SER A 10 15.39 8.92 9.03
CA SER A 10 15.83 10.31 9.18
C SER A 10 16.29 10.88 7.85
N THR A 11 16.25 10.04 6.81
CA THR A 11 16.67 10.46 5.47
C THR A 11 15.50 10.99 4.66
N GLY A 12 15.80 11.81 3.67
CA GLY A 12 14.75 12.39 2.84
C GLY A 12 15.02 12.19 1.35
N GLY A 13 13.97 12.17 0.55
CA GLY A 13 14.12 12.00 -0.88
C GLY A 13 13.04 11.12 -1.48
N ALA A 15 10.64 8.54 -3.07
CA ALA A 15 10.96 7.54 -4.09
C ALA A 15 12.45 7.49 -4.38
N PRO A 16 12.98 6.32 -4.76
CA PRO A 16 14.40 6.14 -5.04
C PRO A 16 14.82 6.74 -6.39
N ARG A 17 14.74 8.06 -6.49
CA ARG A 17 15.12 8.76 -7.71
C ARG A 17 16.53 9.33 -7.60
N LYS A 18 16.95 9.60 -6.36
CA LYS A 18 18.28 10.15 -6.10
C LYS A 18 19.12 9.15 -5.31
N GLN A 19 20.22 9.62 -4.75
CA GLN A 19 21.10 8.77 -3.96
C GLN A 19 20.57 8.60 -2.55
N LEU A 20 20.42 9.72 -1.85
CA LEU A 20 19.92 9.71 -0.48
C LEU A 20 18.46 9.28 -0.44
N SER B 1 -12.21 -11.52 14.66
CA SER B 1 -10.87 -11.22 14.11
C SER B 1 -10.92 -11.05 12.59
N THR B 2 -11.59 -9.98 12.15
CA THR B 2 -11.72 -9.68 10.72
C THR B 2 -12.53 -10.77 10.01
N GLU B 3 -13.66 -10.37 9.43
CA GLU B 3 -14.53 -11.32 8.73
C GLU B 3 -14.48 -11.07 7.22
N GLY B 4 -15.62 -10.73 6.62
CA GLY B 4 -15.65 -10.50 5.18
C GLY B 4 -15.23 -11.71 4.40
N SER B 5 -16.19 -12.42 3.81
CA SER B 5 -15.89 -13.64 3.06
C SER B 5 -15.20 -14.62 3.99
N SER B 6 -13.87 -14.64 3.93
CA SER B 6 -13.08 -15.50 4.80
C SER B 6 -12.20 -14.65 5.70
N PRO B 7 -12.21 -14.94 7.01
CA PRO B 7 -11.43 -14.19 7.97
C PRO B 7 -9.99 -14.04 7.52
N ALA B 8 -9.39 -15.12 7.02
CA ALA B 8 -8.04 -15.03 6.52
C ALA B 8 -8.06 -14.21 5.28
N TYR B 9 -8.95 -14.52 4.40
CA TYR B 9 -8.94 -13.81 3.16
C TYR B 9 -8.69 -12.34 3.41
N LEU B 10 -9.34 -11.73 4.38
CA LEU B 10 -9.05 -10.33 4.67
C LEU B 10 -7.84 -10.17 5.61
N LYS B 11 -7.87 -10.82 6.79
CA LYS B 11 -6.77 -10.75 7.77
C LYS B 11 -5.45 -11.21 7.15
N GLU B 12 -5.54 -12.34 6.49
CA GLU B 12 -4.41 -12.95 5.81
C GLU B 12 -3.82 -11.92 4.90
N ILE B 13 -4.69 -11.23 4.20
CA ILE B 13 -4.25 -10.23 3.26
C ILE B 13 -3.70 -9.02 4.01
N LEU B 14 -4.27 -8.79 5.18
CA LEU B 14 -3.89 -7.67 6.00
C LEU B 14 -2.39 -7.65 6.11
N GLU B 15 -1.86 -8.75 6.59
CA GLU B 15 -0.43 -8.89 6.69
C GLU B 15 0.21 -9.34 5.37
N GLN B 16 -0.52 -10.07 4.51
CA GLN B 16 0.08 -10.59 3.27
C GLN B 16 0.25 -9.58 2.16
N LEU B 17 -0.86 -8.98 1.74
CA LEU B 17 -0.84 -8.04 0.64
C LEU B 17 -0.19 -6.74 1.09
N LEU B 18 -0.58 -6.29 2.27
CA LEU B 18 -0.04 -5.08 2.85
C LEU B 18 1.48 -5.19 3.00
N GLU B 19 1.94 -6.28 3.59
CA GLU B 19 3.36 -6.45 3.83
C GLU B 19 4.11 -6.63 2.51
N ALA B 20 3.55 -7.45 1.62
CA ALA B 20 4.17 -7.73 0.33
C ALA B 20 4.49 -6.45 -0.46
N ILE B 21 3.60 -5.48 -0.41
CA ILE B 21 3.80 -4.24 -1.15
C ILE B 21 4.74 -3.29 -0.44
N VAL B 22 4.73 -3.31 0.88
CA VAL B 22 5.60 -2.42 1.62
C VAL B 22 7.00 -3.00 1.72
N VAL B 23 7.11 -4.32 1.55
CA VAL B 23 8.41 -4.95 1.55
C VAL B 23 8.93 -4.88 0.14
N ALA B 24 7.96 -4.71 -0.76
CA ALA B 24 8.21 -4.57 -2.18
C ALA B 24 9.17 -3.44 -2.44
N THR B 25 9.82 -3.47 -3.58
CA THR B 25 10.75 -2.42 -3.95
C THR B 25 10.67 -2.15 -5.44
N ASN B 26 11.42 -1.18 -5.90
CA ASN B 26 11.45 -0.82 -7.32
C ASN B 26 12.69 -1.39 -8.00
N PRO B 27 12.76 -1.36 -9.35
CA PRO B 27 13.93 -1.87 -10.08
C PRO B 27 15.25 -1.33 -9.54
N SER B 28 15.19 -0.17 -8.89
CA SER B 28 16.39 0.46 -8.35
C SER B 28 16.82 -0.20 -7.04
N GLY B 29 15.87 -0.81 -6.33
CA GLY B 29 16.20 -1.49 -5.09
C GLY B 29 15.53 -0.87 -3.88
N ARG B 30 14.55 0.00 -4.11
CA ARG B 30 13.87 0.64 -3.00
C ARG B 30 12.34 0.65 -3.15
N LEU B 31 11.70 0.54 -2.00
CA LEU B 31 10.25 0.43 -1.88
C LEU B 31 9.45 1.23 -2.89
N ILE B 32 8.51 0.52 -3.50
CA ILE B 32 7.56 1.12 -4.42
C ILE B 32 6.45 1.78 -3.60
N SER B 33 6.30 1.24 -2.39
CA SER B 33 5.32 1.69 -1.40
C SER B 33 5.84 2.92 -0.65
N GLU B 34 7.09 3.27 -0.93
CA GLU B 34 7.76 4.38 -0.27
C GLU B 34 6.91 5.64 -0.18
N LEU B 35 6.25 6.02 -1.26
CA LEU B 35 5.42 7.22 -1.25
C LEU B 35 4.09 6.95 -0.57
N PHE B 36 3.80 5.69 -0.38
CA PHE B 36 2.54 5.31 0.24
C PHE B 36 2.74 4.70 1.61
N GLN B 37 3.95 4.82 2.12
CA GLN B 37 4.28 4.29 3.43
C GLN B 37 3.26 4.74 4.45
N LYS B 38 3.01 6.05 4.49
CA LYS B 38 2.06 6.61 5.45
C LYS B 38 1.35 7.87 4.94
N LEU B 39 0.00 7.85 4.98
CA LEU B 39 -0.78 9.02 4.58
C LEU B 39 -0.60 10.09 5.66
N PRO B 40 -0.55 11.37 5.28
CA PRO B 40 -0.38 12.45 6.26
C PRO B 40 -1.29 12.30 7.48
N SER B 41 -2.60 12.51 7.31
CA SER B 41 -3.54 12.40 8.44
C SER B 41 -4.99 12.39 8.00
N LYS B 42 -5.22 12.68 6.74
CA LYS B 42 -6.56 12.73 6.17
C LYS B 42 -7.38 13.85 6.79
N VAL B 43 -6.73 14.65 7.63
CA VAL B 43 -7.39 15.77 8.31
C VAL B 43 -6.38 16.86 8.66
N GLN B 44 -5.19 16.42 9.04
CA GLN B 44 -4.14 17.32 9.46
C GLN B 44 -3.45 17.97 8.28
N TYR B 45 -3.37 17.22 7.19
CA TYR B 45 -2.74 17.73 5.99
C TYR B 45 -3.65 17.55 4.79
N PRO B 46 -4.83 18.17 4.87
CA PRO B 46 -5.86 18.12 3.84
C PRO B 46 -5.36 18.50 2.45
N ASP B 47 -4.33 19.34 2.37
CA ASP B 47 -3.79 19.73 1.06
C ASP B 47 -3.47 18.49 0.24
N TYR B 48 -3.07 17.43 0.93
CA TYR B 48 -2.74 16.17 0.29
C TYR B 48 -4.04 15.51 -0.09
N TYR B 49 -4.99 15.67 0.77
CA TYR B 49 -6.32 15.11 0.59
C TYR B 49 -7.15 15.94 -0.37
N ALA B 50 -6.68 17.16 -0.60
CA ALA B 50 -7.32 18.09 -1.51
C ALA B 50 -6.79 17.86 -2.92
N ILE B 51 -5.46 17.71 -3.01
CA ILE B 51 -4.81 17.47 -4.28
C ILE B 51 -5.28 16.14 -4.87
N ILE B 52 -5.02 15.08 -4.12
CA ILE B 52 -5.40 13.73 -4.50
C ILE B 52 -6.89 13.62 -4.67
N LYS B 53 -7.30 12.57 -5.33
CA LYS B 53 -8.69 12.36 -5.51
C LYS B 53 -9.14 11.26 -4.57
N GLU B 54 -8.27 10.27 -4.39
CA GLU B 54 -8.55 9.14 -3.52
C GLU B 54 -7.31 8.69 -2.75
N PRO B 55 -6.83 9.52 -1.81
CA PRO B 55 -5.66 9.18 -1.01
C PRO B 55 -5.95 8.02 -0.09
N ILE B 56 -5.09 7.04 -0.18
CA ILE B 56 -5.17 5.85 0.61
C ILE B 56 -3.86 5.09 0.47
N ASP B 57 -3.17 4.94 1.57
CA ASP B 57 -1.89 4.27 1.57
C ASP B 57 -2.04 2.82 2.02
N LEU B 58 -1.11 1.96 1.63
CA LEU B 58 -1.20 0.54 1.99
C LEU B 58 -1.49 0.38 3.48
N LYS B 59 -1.19 1.44 4.24
CA LYS B 59 -1.45 1.48 5.67
C LYS B 59 -2.95 1.66 5.91
N THR B 60 -3.53 2.64 5.22
CA THR B 60 -4.95 2.94 5.32
C THR B 60 -5.80 1.81 4.77
N ILE B 61 -5.27 1.11 3.77
CA ILE B 61 -5.97 -0.01 3.18
C ILE B 61 -6.10 -1.13 4.18
N ALA B 62 -4.98 -1.48 4.79
CA ALA B 62 -4.96 -2.52 5.80
C ALA B 62 -5.83 -2.09 6.96
N GLN B 63 -5.80 -0.80 7.19
CA GLN B 63 -6.53 -0.17 8.27
C GLN B 63 -8.00 -0.52 8.23
N ARG B 64 -8.57 -0.37 7.06
CA ARG B 64 -9.98 -0.64 6.85
C ARG B 64 -10.25 -2.14 6.71
N ILE B 65 -9.25 -2.91 6.22
CA ILE B 65 -9.41 -4.36 6.09
C ILE B 65 -9.86 -4.95 7.42
N GLN B 66 -9.11 -4.62 8.47
CA GLN B 66 -9.39 -5.11 9.81
C GLN B 66 -10.54 -4.33 10.43
N ASN B 67 -10.71 -3.08 10.01
CA ASN B 67 -11.77 -2.24 10.52
C ASN B 67 -13.13 -2.75 10.06
N GLY B 68 -13.13 -3.90 9.39
CA GLY B 68 -14.36 -4.49 8.90
C GLY B 68 -14.97 -3.66 7.79
N SER B 69 -14.13 -2.86 7.13
CA SER B 69 -14.58 -1.99 6.06
C SER B 69 -14.61 -2.73 4.70
N TYR B 70 -13.47 -3.30 4.26
CA TYR B 70 -13.44 -4.06 2.99
C TYR B 70 -14.03 -5.44 3.21
N LYS B 71 -15.30 -5.64 2.84
CA LYS B 71 -15.90 -6.95 2.98
C LYS B 71 -15.24 -7.91 2.01
N SER B 72 -14.33 -7.35 1.22
CA SER B 72 -13.57 -8.10 0.24
C SER B 72 -12.29 -7.34 -0.10
N ILE B 73 -11.20 -8.07 -0.25
CA ILE B 73 -9.94 -7.48 -0.55
C ILE B 73 -9.94 -6.89 -1.94
N HIS B 74 -10.80 -7.37 -2.82
CA HIS B 74 -10.88 -6.77 -4.14
C HIS B 74 -11.15 -5.28 -3.93
N ALA B 75 -11.80 -4.98 -2.81
CA ALA B 75 -12.09 -3.59 -2.43
C ALA B 75 -10.81 -2.94 -1.96
N MET B 76 -10.04 -3.69 -1.16
CA MET B 76 -8.75 -3.23 -0.68
C MET B 76 -7.87 -2.86 -1.85
N ALA B 77 -7.78 -3.80 -2.75
CA ALA B 77 -7.03 -3.70 -3.98
C ALA B 77 -7.39 -2.47 -4.78
N LYS B 78 -8.70 -2.23 -4.95
CA LYS B 78 -9.13 -1.07 -5.70
C LYS B 78 -8.53 0.17 -5.05
N ASP B 79 -8.40 0.12 -3.73
CA ASP B 79 -7.80 1.21 -2.99
C ASP B 79 -6.30 1.16 -3.17
N ILE B 80 -5.79 -0.05 -3.44
CA ILE B 80 -4.37 -0.25 -3.66
C ILE B 80 -3.98 0.40 -4.97
N ASP B 81 -4.92 0.37 -5.91
CA ASP B 81 -4.74 1.00 -7.18
C ASP B 81 -4.88 2.50 -6.95
N LEU B 82 -5.76 2.83 -6.01
CA LEU B 82 -5.98 4.22 -5.61
C LEU B 82 -4.72 4.74 -4.97
N LEU B 83 -4.10 3.85 -4.22
CA LEU B 83 -2.87 4.13 -3.54
C LEU B 83 -1.87 4.60 -4.60
N ALA B 84 -1.83 3.82 -5.68
CA ALA B 84 -0.96 4.09 -6.81
C ALA B 84 -1.42 5.34 -7.58
N LYS B 85 -2.73 5.59 -7.58
CA LYS B 85 -3.28 6.75 -8.25
C LYS B 85 -2.83 8.02 -7.54
N ASN B 86 -2.82 7.97 -6.22
CA ASN B 86 -2.37 9.08 -5.42
C ASN B 86 -0.92 9.34 -5.75
N ALA B 87 -0.24 8.28 -6.19
CA ALA B 87 1.16 8.38 -6.60
C ALA B 87 1.36 9.35 -7.73
N LYS B 88 0.60 9.16 -8.80
CA LYS B 88 0.71 10.02 -9.97
C LYS B 88 0.21 11.43 -9.68
N THR B 89 -0.62 11.56 -8.66
CA THR B 89 -1.18 12.86 -8.29
C THR B 89 -0.25 13.71 -7.41
N TYR B 90 0.20 13.16 -6.29
CA TYR B 90 1.03 13.92 -5.36
C TYR B 90 2.50 14.03 -5.76
N ASN B 91 3.17 12.90 -5.96
CA ASN B 91 4.58 12.93 -6.32
C ASN B 91 4.81 13.48 -7.71
N GLU B 92 6.07 13.75 -8.02
CA GLU B 92 6.45 14.31 -9.32
C GLU B 92 6.65 13.20 -10.36
N PRO B 93 6.21 13.43 -11.61
CA PRO B 93 6.35 12.46 -12.69
C PRO B 93 7.81 12.23 -13.06
N GLY B 94 8.07 11.21 -13.85
CA GLY B 94 9.44 10.90 -14.23
C GLY B 94 10.20 10.32 -13.05
N SER B 95 9.52 10.22 -11.92
CA SER B 95 10.10 9.68 -10.70
C SER B 95 9.68 8.23 -10.51
N GLN B 96 10.33 7.55 -9.59
CA GLN B 96 10.04 6.16 -9.32
C GLN B 96 8.59 6.00 -8.88
N VAL B 97 8.01 7.07 -8.34
CA VAL B 97 6.62 7.05 -7.86
C VAL B 97 5.64 6.40 -8.83
N PHE B 98 5.65 6.85 -10.07
CA PHE B 98 4.69 6.36 -11.06
C PHE B 98 4.91 4.89 -11.40
N LYS B 99 6.13 4.50 -11.72
CA LYS B 99 6.43 3.12 -12.07
C LYS B 99 6.35 2.21 -10.85
N ASP B 100 6.63 2.79 -9.69
CA ASP B 100 6.60 2.06 -8.43
C ASP B 100 5.18 1.71 -8.04
N ALA B 101 4.32 2.72 -8.05
CA ALA B 101 2.93 2.54 -7.72
C ALA B 101 2.28 1.56 -8.66
N ASN B 102 2.59 1.70 -9.95
CA ASN B 102 2.06 0.80 -10.95
C ASN B 102 2.46 -0.62 -10.59
N SER B 103 3.71 -0.74 -10.13
CA SER B 103 4.22 -2.03 -9.73
C SER B 103 3.51 -2.51 -8.48
N ILE B 104 3.11 -1.58 -7.62
CA ILE B 104 2.42 -1.93 -6.38
C ILE B 104 1.16 -2.75 -6.64
N LYS B 105 0.27 -2.20 -7.45
CA LYS B 105 -0.95 -2.90 -7.77
C LYS B 105 -0.60 -4.26 -8.39
N LYS B 106 0.52 -4.30 -9.11
CA LYS B 106 0.99 -5.55 -9.72
C LYS B 106 1.41 -6.56 -8.64
N ILE B 107 2.25 -6.13 -7.68
CA ILE B 107 2.70 -6.99 -6.60
C ILE B 107 1.51 -7.48 -5.81
N PHE B 108 0.63 -6.54 -5.57
CA PHE B 108 -0.57 -6.79 -4.81
C PHE B 108 -1.29 -8.04 -5.31
N TYR B 109 -1.66 -8.07 -6.59
CA TYR B 109 -2.38 -9.21 -7.12
C TYR B 109 -1.51 -10.46 -7.20
N MET B 110 -0.19 -10.28 -7.35
CA MET B 110 0.71 -11.43 -7.40
C MET B 110 0.68 -12.12 -6.04
N LYS B 111 0.69 -11.28 -5.01
CA LYS B 111 0.65 -11.71 -3.63
C LYS B 111 -0.75 -12.24 -3.31
N LYS B 112 -1.72 -11.70 -4.03
CA LYS B 112 -3.12 -12.10 -3.89
C LYS B 112 -3.32 -13.52 -4.42
N ALA B 113 -2.62 -13.84 -5.49
CA ALA B 113 -2.73 -15.14 -6.14
C ALA B 113 -2.11 -16.27 -5.30
N GLU B 114 -0.93 -16.03 -4.74
CA GLU B 114 -0.26 -17.05 -3.94
C GLU B 114 -1.05 -17.30 -2.66
N ILE B 115 -1.67 -16.23 -2.19
CA ILE B 115 -2.48 -16.25 -0.99
C ILE B 115 -3.70 -17.15 -1.16
N GLU B 116 -4.40 -16.93 -2.25
CA GLU B 116 -5.60 -17.69 -2.56
C GLU B 116 -5.28 -19.16 -2.80
N HIS B 117 -4.12 -19.42 -3.41
CA HIS B 117 -3.71 -20.78 -3.69
C HIS B 117 -3.48 -21.56 -2.40
N HIS B 118 -2.85 -20.90 -1.42
CA HIS B 118 -2.59 -21.53 -0.12
C HIS B 118 -3.87 -21.64 0.69
N GLU B 119 -4.86 -20.82 0.36
CA GLU B 119 -6.13 -20.83 1.07
C GLU B 119 -7.24 -21.40 0.18
N MET B 120 -6.93 -22.49 -0.52
CA MET B 120 -7.89 -23.12 -1.40
C MET B 120 -7.66 -24.63 -1.46
N ALA B 121 -6.40 -25.04 -1.49
CA ALA B 121 -6.04 -26.45 -1.54
C ALA B 121 -6.65 -27.12 -2.76
N ALA A 1 26.56 12.17 -2.48
CA ALA A 1 27.11 13.27 -1.66
C ALA A 1 26.99 12.93 -0.16
N ARG A 2 25.76 13.01 0.35
CA ARG A 2 25.50 12.71 1.76
C ARG A 2 26.39 13.58 2.67
N THR A 3 26.51 14.85 2.33
CA THR A 3 27.31 15.79 3.11
C THR A 3 26.53 16.30 4.31
N LYS A 4 25.28 16.66 4.09
CA LYS A 4 24.42 17.16 5.15
C LYS A 4 22.96 17.17 4.71
N GLN A 5 22.67 16.49 3.61
CA GLN A 5 21.33 16.42 3.07
C GLN A 5 20.50 15.36 3.77
N THR A 6 19.33 15.74 4.26
CA THR A 6 18.43 14.83 4.96
C THR A 6 19.08 14.25 6.20
N ALA A 7 19.81 13.14 6.03
CA ALA A 7 20.48 12.48 7.14
C ALA A 7 19.48 12.12 8.24
N ARG A 8 18.28 11.73 7.83
CA ARG A 8 17.23 11.36 8.76
C ARG A 8 16.94 12.50 9.75
N LYS A 9 17.20 13.72 9.30
CA LYS A 9 16.98 14.90 10.14
C LYS A 9 15.90 15.80 9.54
N SER A 10 16.10 16.17 8.27
CA SER A 10 15.15 17.03 7.58
C SER A 10 13.79 16.35 7.46
N THR A 11 13.79 15.03 7.41
CA THR A 11 12.56 14.24 7.31
C THR A 11 11.62 14.83 6.26
N GLY A 12 11.94 14.60 4.99
CA GLY A 12 11.12 15.11 3.92
C GLY A 12 11.15 14.21 2.69
N GLY A 13 10.42 13.11 2.76
CA GLY A 13 10.38 12.16 1.65
C GLY A 13 10.95 10.81 2.01
N ALA A 15 10.40 8.22 0.76
CA ALA A 15 10.56 7.43 -0.46
C ALA A 15 12.04 7.08 -0.68
N PRO A 16 12.35 5.80 -0.94
CA PRO A 16 13.72 5.36 -1.17
C PRO A 16 14.23 5.73 -2.56
N ARG A 17 15.55 5.78 -2.70
CA ARG A 17 16.18 6.12 -3.97
C ARG A 17 17.32 5.14 -4.29
N LYS A 18 18.37 5.64 -4.94
CA LYS A 18 19.52 4.81 -5.29
C LYS A 18 19.14 3.78 -6.35
N GLN A 19 20.13 3.37 -7.15
CA GLN A 19 19.90 2.38 -8.20
C GLN A 19 20.50 1.03 -7.83
N LEU A 20 21.83 0.98 -7.74
CA LEU A 20 22.52 -0.26 -7.38
C LEU A 20 23.77 0.04 -6.56
N SER B 1 -18.40 -8.81 11.93
CA SER B 1 -16.94 -9.00 12.16
C SER B 1 -16.28 -9.62 10.95
N THR B 2 -16.15 -8.82 9.88
CA THR B 2 -15.52 -9.26 8.64
C THR B 2 -16.19 -10.51 8.06
N GLU B 3 -16.90 -10.33 6.94
CA GLU B 3 -17.58 -11.44 6.30
C GLU B 3 -17.17 -11.53 4.82
N GLY B 4 -18.06 -11.08 3.91
CA GLY B 4 -17.76 -11.12 2.48
C GLY B 4 -17.18 -12.45 2.03
N SER B 5 -17.99 -13.26 1.37
CA SER B 5 -17.54 -14.57 0.90
C SER B 5 -17.12 -15.40 2.10
N SER B 6 -15.83 -15.39 2.41
CA SER B 6 -15.31 -16.11 3.55
C SER B 6 -14.71 -15.14 4.54
N PRO B 7 -15.06 -15.29 5.82
CA PRO B 7 -14.56 -14.40 6.87
C PRO B 7 -13.06 -14.24 6.81
N ALA B 8 -12.35 -15.34 6.59
CA ALA B 8 -10.91 -15.26 6.45
C ALA B 8 -10.59 -14.58 5.17
N TYR B 9 -11.22 -15.01 4.12
CA TYR B 9 -10.88 -14.45 2.87
C TYR B 9 -10.70 -12.93 3.01
N LEU B 10 -11.54 -12.26 3.77
CA LEU B 10 -11.33 -10.85 4.00
C LEU B 10 -10.40 -10.58 5.20
N LYS B 11 -10.72 -11.16 6.37
CA LYS B 11 -9.90 -11.00 7.60
C LYS B 11 -8.50 -11.57 7.42
N GLU B 12 -8.46 -12.75 6.87
CA GLU B 12 -7.21 -13.42 6.56
C GLU B 12 -6.37 -12.47 5.76
N ILE B 13 -7.02 -11.79 4.83
CA ILE B 13 -6.34 -10.87 3.96
C ILE B 13 -5.97 -9.61 4.73
N LEU B 14 -6.80 -9.29 5.72
CA LEU B 14 -6.59 -8.12 6.52
C LEU B 14 -5.17 -8.10 6.98
N GLU B 15 -4.78 -9.16 7.64
CA GLU B 15 -3.42 -9.32 8.09
C GLU B 15 -2.49 -9.87 7.00
N GLN B 16 -3.02 -10.67 6.06
CA GLN B 16 -2.15 -11.29 5.05
C GLN B 16 -1.68 -10.37 3.94
N LEU B 17 -2.63 -9.79 3.24
CA LEU B 17 -2.31 -8.93 2.13
C LEU B 17 -1.74 -7.62 2.63
N LEU B 18 -2.40 -7.05 3.64
CA LEU B 18 -1.96 -5.82 4.23
C LEU B 18 -0.52 -5.92 4.72
N GLU B 19 -0.24 -6.94 5.52
CA GLU B 19 1.08 -7.12 6.07
C GLU B 19 2.10 -7.41 4.98
N ALA B 20 1.75 -8.32 4.08
CA ALA B 20 2.64 -8.72 3.00
C ALA B 20 3.12 -7.53 2.18
N ILE B 21 2.24 -6.57 1.92
CA ILE B 21 2.61 -5.41 1.13
C ILE B 21 3.54 -4.49 1.89
N VAL B 22 3.36 -4.39 3.19
CA VAL B 22 4.23 -3.52 3.94
C VAL B 22 5.54 -4.21 4.31
N VAL B 23 5.53 -5.54 4.39
CA VAL B 23 6.76 -6.26 4.70
C VAL B 23 7.61 -6.23 3.46
N ALA B 24 6.92 -6.01 2.36
CA ALA B 24 7.53 -5.89 1.06
C ALA B 24 8.52 -4.73 1.03
N THR B 25 9.29 -4.66 -0.04
CA THR B 25 10.25 -3.58 -0.21
C THR B 25 10.48 -3.32 -1.70
N ASN B 26 11.32 -2.33 -1.99
CA ASN B 26 11.61 -1.97 -3.38
C ASN B 26 12.87 -2.70 -3.86
N PRO B 27 13.20 -2.63 -5.16
CA PRO B 27 14.38 -3.30 -5.72
C PRO B 27 15.65 -3.08 -4.88
N SER B 28 15.70 -1.95 -4.18
CA SER B 28 16.86 -1.64 -3.35
C SER B 28 16.75 -2.26 -1.96
N GLY B 29 15.51 -2.50 -1.53
CA GLY B 29 15.29 -3.09 -0.22
C GLY B 29 14.48 -2.22 0.72
N ARG B 30 13.73 -1.26 0.16
CA ARG B 30 12.91 -0.37 0.99
C ARG B 30 11.43 -0.45 0.62
N LEU B 31 10.63 -0.62 1.66
CA LEU B 31 9.19 -0.80 1.56
C LEU B 31 8.56 -0.08 0.39
N ILE B 32 7.77 -0.84 -0.36
CA ILE B 32 7.03 -0.29 -1.48
C ILE B 32 5.77 0.37 -0.94
N SER B 33 5.35 -0.14 0.21
CA SER B 33 4.19 0.36 0.95
C SER B 33 4.54 1.65 1.66
N GLU B 34 5.82 1.98 1.60
CA GLU B 34 6.39 3.14 2.25
C GLU B 34 5.58 4.42 2.06
N LEU B 35 5.16 4.72 0.84
CA LEU B 35 4.40 5.94 0.59
C LEU B 35 2.97 5.77 1.02
N PHE B 36 2.62 4.53 1.27
CA PHE B 36 1.27 4.20 1.66
C PHE B 36 1.21 3.69 3.09
N GLN B 37 2.32 3.78 3.78
CA GLN B 37 2.39 3.32 5.16
C GLN B 37 1.15 3.76 5.92
N LYS B 38 0.85 5.06 5.84
CA LYS B 38 -0.30 5.60 6.54
C LYS B 38 -0.88 6.85 5.88
N LEU B 39 -2.15 6.80 5.51
CA LEU B 39 -2.82 7.98 4.95
C LEU B 39 -2.94 9.01 6.06
N PRO B 40 -2.78 10.30 5.75
CA PRO B 40 -2.88 11.36 6.77
C PRO B 40 -4.12 11.20 7.67
N SER B 41 -5.32 11.48 7.14
CA SER B 41 -6.55 11.35 7.94
C SER B 41 -7.80 11.38 7.09
N LYS B 42 -7.65 11.78 5.85
CA LYS B 42 -8.77 11.90 4.92
C LYS B 42 -9.64 13.08 5.32
N VAL B 43 -9.15 13.88 6.28
CA VAL B 43 -9.86 15.03 6.79
C VAL B 43 -8.90 16.08 7.37
N GLN B 44 -7.93 15.57 8.10
CA GLN B 44 -6.94 16.40 8.78
C GLN B 44 -5.94 16.98 7.81
N TYR B 45 -5.64 16.24 6.77
CA TYR B 45 -4.69 16.70 5.78
C TYR B 45 -5.25 16.54 4.38
N PRO B 46 -6.38 17.22 4.13
CA PRO B 46 -7.09 17.18 2.86
C PRO B 46 -6.17 17.50 1.68
N ASP B 47 -5.11 18.26 1.93
CA ASP B 47 -4.17 18.60 0.86
C ASP B 47 -3.70 17.34 0.15
N TYR B 48 -3.59 16.25 0.91
CA TYR B 48 -3.18 14.96 0.36
C TYR B 48 -4.37 14.41 -0.40
N TYR B 49 -5.52 14.63 0.17
CA TYR B 49 -6.76 14.15 -0.39
C TYR B 49 -7.23 15.02 -1.54
N ALA B 50 -6.64 16.19 -1.63
CA ALA B 50 -6.93 17.15 -2.68
C ALA B 50 -6.06 16.85 -3.89
N ILE B 51 -4.76 16.72 -3.60
CA ILE B 51 -3.76 16.40 -4.60
C ILE B 51 -4.11 15.09 -5.32
N ILE B 52 -4.46 14.09 -4.52
CA ILE B 52 -4.82 12.77 -5.00
C ILE B 52 -6.21 12.75 -5.55
N LYS B 53 -6.48 11.74 -6.33
CA LYS B 53 -7.78 11.58 -6.86
C LYS B 53 -8.47 10.44 -6.12
N GLU B 54 -7.66 9.43 -5.77
CA GLU B 54 -8.15 8.28 -5.01
C GLU B 54 -7.14 7.77 -3.97
N PRO B 55 -6.94 8.52 -2.87
CA PRO B 55 -6.04 8.12 -1.80
C PRO B 55 -6.61 7.03 -0.93
N ILE B 56 -5.82 5.99 -0.77
CA ILE B 56 -6.17 4.85 0.05
C ILE B 56 -4.90 4.06 0.31
N ASP B 57 -4.52 4.00 1.55
CA ASP B 57 -3.30 3.31 1.94
C ASP B 57 -3.60 1.90 2.41
N LEU B 58 -2.62 1.00 2.34
CA LEU B 58 -2.83 -0.38 2.76
C LEU B 58 -3.50 -0.43 4.14
N LYS B 59 -3.36 0.67 4.87
CA LYS B 59 -3.98 0.82 6.18
C LYS B 59 -5.48 1.03 6.01
N THR B 60 -5.82 1.97 5.12
CA THR B 60 -7.20 2.30 4.84
C THR B 60 -7.91 1.14 4.16
N ILE B 61 -7.16 0.35 3.41
CA ILE B 61 -7.73 -0.80 2.73
C ILE B 61 -8.14 -1.84 3.73
N ALA B 62 -7.24 -2.19 4.64
CA ALA B 62 -7.57 -3.15 5.67
C ALA B 62 -8.73 -2.59 6.47
N GLN B 63 -8.67 -1.28 6.63
CA GLN B 63 -9.68 -0.53 7.35
C GLN B 63 -11.04 -0.78 6.72
N ARG B 64 -11.06 -0.77 5.41
CA ARG B 64 -12.28 -0.98 4.65
C ARG B 64 -12.68 -2.46 4.60
N ILE B 65 -11.68 -3.35 4.60
CA ILE B 65 -11.94 -4.78 4.55
C ILE B 65 -12.93 -5.18 5.64
N GLN B 66 -12.59 -4.79 6.86
CA GLN B 66 -13.41 -5.10 8.02
C GLN B 66 -14.60 -4.14 8.15
N ASN B 67 -14.44 -2.93 7.64
CA ASN B 67 -15.50 -1.92 7.69
C ASN B 67 -16.69 -2.33 6.83
N GLY B 68 -16.53 -3.43 6.09
CA GLY B 68 -17.60 -3.89 5.22
C GLY B 68 -17.57 -3.22 3.87
N SER B 69 -16.54 -2.41 3.65
CA SER B 69 -16.37 -1.69 2.39
C SER B 69 -16.02 -2.65 1.26
N TYR B 70 -15.51 -3.82 1.61
CA TYR B 70 -15.12 -4.82 0.63
C TYR B 70 -15.77 -6.16 0.91
N LYS B 71 -16.85 -6.47 0.20
CA LYS B 71 -17.50 -7.76 0.34
C LYS B 71 -16.62 -8.80 -0.31
N SER B 72 -15.53 -8.30 -0.89
CA SER B 72 -14.56 -9.12 -1.57
C SER B 72 -13.23 -8.38 -1.63
N ILE B 73 -12.14 -9.12 -1.46
CA ILE B 73 -10.81 -8.54 -1.49
C ILE B 73 -10.47 -8.05 -2.87
N HIS B 74 -11.10 -8.60 -3.89
CA HIS B 74 -10.84 -8.09 -5.24
C HIS B 74 -11.12 -6.60 -5.21
N ALA B 75 -12.02 -6.20 -4.32
CA ALA B 75 -12.38 -4.80 -4.13
C ALA B 75 -11.26 -4.10 -3.36
N MET B 76 -10.76 -4.79 -2.34
CA MET B 76 -9.67 -4.28 -1.53
C MET B 76 -8.48 -4.00 -2.44
N ALA B 77 -8.19 -4.98 -3.25
CA ALA B 77 -7.13 -4.96 -4.24
C ALA B 77 -7.26 -3.77 -5.16
N LYS B 78 -8.47 -3.53 -5.66
CA LYS B 78 -8.69 -2.40 -6.54
C LYS B 78 -8.25 -1.15 -5.83
N ASP B 79 -8.47 -1.13 -4.51
CA ASP B 79 -8.05 -0.01 -3.69
C ASP B 79 -6.55 -0.08 -3.51
N ILE B 80 -6.03 -1.29 -3.55
CA ILE B 80 -4.59 -1.51 -3.43
C ILE B 80 -3.93 -0.91 -4.64
N ASP B 81 -4.69 -0.90 -5.72
CA ASP B 81 -4.26 -0.30 -6.95
C ASP B 81 -4.35 1.20 -6.80
N LEU B 82 -5.45 1.64 -6.15
CA LEU B 82 -5.67 3.06 -5.89
C LEU B 82 -4.62 3.54 -4.94
N LEU B 83 -4.13 2.61 -4.15
CA LEU B 83 -3.09 2.87 -3.21
C LEU B 83 -1.86 3.24 -4.03
N ALA B 84 -1.58 2.38 -5.01
CA ALA B 84 -0.48 2.57 -5.92
C ALA B 84 -0.70 3.81 -6.80
N LYS B 85 -1.97 4.13 -7.05
CA LYS B 85 -2.31 5.30 -7.86
C LYS B 85 -2.03 6.57 -7.08
N ASN B 86 -2.35 6.56 -5.78
CA ASN B 86 -2.05 7.72 -4.95
C ASN B 86 -0.54 7.94 -4.97
N ALA B 87 0.18 6.85 -5.30
CA ALA B 87 1.64 6.91 -5.40
C ALA B 87 2.11 7.78 -6.55
N LYS B 88 1.59 7.48 -7.72
CA LYS B 88 1.97 8.21 -8.93
C LYS B 88 1.51 9.67 -8.85
N THR B 89 0.51 9.92 -8.01
CA THR B 89 -0.03 11.26 -7.87
C THR B 89 0.65 12.10 -6.78
N TYR B 90 0.90 11.50 -5.61
CA TYR B 90 1.48 12.26 -4.49
C TYR B 90 2.99 12.47 -4.57
N ASN B 91 3.77 11.40 -4.68
CA ASN B 91 5.22 11.54 -4.71
C ASN B 91 5.72 11.98 -6.08
N GLU B 92 7.01 11.75 -6.32
CA GLU B 92 7.65 12.13 -7.58
C GLU B 92 7.96 10.91 -8.44
N PRO B 93 7.74 11.01 -9.76
CA PRO B 93 7.98 9.91 -10.69
C PRO B 93 9.45 9.52 -10.75
N GLY B 94 10.31 10.43 -10.29
CA GLY B 94 11.73 10.15 -10.26
C GLY B 94 12.11 9.49 -8.96
N SER B 95 11.15 8.78 -8.36
CA SER B 95 11.36 8.11 -7.09
C SER B 95 10.85 6.68 -7.13
N GLN B 96 11.20 5.91 -6.11
CA GLN B 96 10.78 4.53 -6.01
C GLN B 96 9.27 4.40 -5.87
N VAL B 97 8.62 5.47 -5.41
CA VAL B 97 7.17 5.48 -5.21
C VAL B 97 6.38 4.87 -6.36
N PHE B 98 6.79 5.13 -7.58
CA PHE B 98 6.06 4.63 -8.74
C PHE B 98 6.28 3.14 -8.98
N LYS B 99 7.54 2.72 -9.03
CA LYS B 99 7.86 1.30 -9.26
C LYS B 99 7.47 0.48 -8.04
N ASP B 100 7.51 1.11 -6.88
CA ASP B 100 7.19 0.47 -5.62
C ASP B 100 5.71 0.13 -5.56
N ALA B 101 4.88 1.11 -5.85
CA ALA B 101 3.44 0.92 -5.81
C ALA B 101 3.03 -0.15 -6.81
N ASN B 102 3.60 -0.08 -8.01
CA ASN B 102 3.30 -1.08 -9.03
C ASN B 102 3.69 -2.45 -8.48
N SER B 103 4.76 -2.46 -7.69
CA SER B 103 5.23 -3.69 -7.07
C SER B 103 4.22 -4.14 -6.03
N ILE B 104 3.63 -3.17 -5.32
CA ILE B 104 2.63 -3.47 -4.30
C ILE B 104 1.53 -4.28 -4.92
N LYS B 105 1.08 -3.78 -6.05
CA LYS B 105 0.06 -4.40 -6.83
C LYS B 105 0.41 -5.86 -7.09
N LYS B 106 1.67 -6.10 -7.45
CA LYS B 106 2.15 -7.45 -7.71
C LYS B 106 2.18 -8.30 -6.43
N ILE B 107 2.90 -7.82 -5.41
CA ILE B 107 3.01 -8.52 -4.13
C ILE B 107 1.63 -8.93 -3.67
N PHE B 108 0.72 -7.96 -3.73
CA PHE B 108 -0.64 -8.16 -3.31
C PHE B 108 -1.22 -9.43 -3.92
N TYR B 109 -1.22 -9.54 -5.25
CA TYR B 109 -1.81 -10.71 -5.89
C TYR B 109 -1.00 -11.99 -5.65
N MET B 110 0.31 -11.88 -5.40
CA MET B 110 1.09 -13.08 -5.10
C MET B 110 0.60 -13.64 -3.77
N LYS B 111 0.60 -12.74 -2.80
CA LYS B 111 0.14 -13.04 -1.45
C LYS B 111 -1.33 -13.47 -1.49
N LYS B 112 -2.05 -12.92 -2.46
CA LYS B 112 -3.46 -13.21 -2.65
C LYS B 112 -3.67 -14.62 -3.23
N ALA B 113 -2.77 -15.04 -4.11
CA ALA B 113 -2.87 -16.34 -4.74
C ALA B 113 -2.59 -17.49 -3.77
N GLU B 114 -1.63 -17.29 -2.89
CA GLU B 114 -1.28 -18.32 -1.91
C GLU B 114 -2.36 -18.41 -0.85
N ILE B 115 -2.96 -17.27 -0.58
CA ILE B 115 -4.03 -17.14 0.39
C ILE B 115 -5.28 -17.87 -0.07
N GLU B 116 -5.64 -17.61 -1.32
CA GLU B 116 -6.83 -18.21 -1.92
C GLU B 116 -6.65 -19.72 -2.09
N HIS B 117 -5.42 -20.16 -2.24
CA HIS B 117 -5.14 -21.58 -2.40
C HIS B 117 -4.82 -22.25 -1.08
N HIS B 118 -4.58 -21.42 -0.05
CA HIS B 118 -4.27 -21.94 1.27
C HIS B 118 -5.55 -22.32 2.00
N GLU B 119 -6.63 -21.61 1.70
CA GLU B 119 -7.92 -21.87 2.32
C GLU B 119 -8.96 -22.30 1.27
N MET B 120 -8.60 -23.31 0.48
CA MET B 120 -9.48 -23.82 -0.56
C MET B 120 -9.02 -25.19 -1.03
N ALA B 121 -7.90 -25.22 -1.74
CA ALA B 121 -7.34 -26.46 -2.26
C ALA B 121 -8.35 -27.20 -3.13
N ALA A 1 24.78 -10.16 9.10
CA ALA A 1 24.67 -11.54 9.64
C ALA A 1 24.50 -11.51 11.16
N ARG A 2 24.47 -10.31 11.72
CA ARG A 2 24.32 -10.14 13.16
C ARG A 2 22.90 -9.68 13.51
N THR A 3 22.38 -10.18 14.64
CA THR A 3 21.04 -9.82 15.08
C THR A 3 19.99 -10.13 14.01
N LYS A 4 20.03 -11.38 13.52
CA LYS A 4 19.09 -11.83 12.49
C LYS A 4 19.18 -10.95 11.24
N GLN A 5 18.41 -9.86 11.24
CA GLN A 5 18.40 -8.95 10.10
C GLN A 5 17.78 -7.60 10.50
N THR A 6 18.25 -6.53 9.88
CA THR A 6 17.74 -5.19 10.18
C THR A 6 16.72 -4.76 9.14
N ALA A 7 15.55 -4.34 9.62
CA ALA A 7 14.47 -3.89 8.74
C ALA A 7 13.73 -2.69 9.34
N ARG A 8 14.43 -1.57 9.48
CA ARG A 8 13.84 -0.36 10.03
C ARG A 8 14.05 0.83 9.10
N LYS A 9 13.30 1.90 9.35
CA LYS A 9 13.40 3.12 8.55
C LYS A 9 14.53 4.01 9.04
N SER A 10 15.60 4.11 8.25
CA SER A 10 16.74 4.92 8.61
C SER A 10 16.85 6.15 7.71
N THR A 11 15.71 6.58 7.16
CA THR A 11 15.67 7.75 6.28
C THR A 11 14.49 8.64 6.61
N GLY A 12 14.63 9.93 6.28
CA GLY A 12 13.57 10.88 6.54
C GLY A 12 12.98 11.45 5.27
N GLY A 13 13.55 11.07 4.12
CA GLY A 13 13.05 11.57 2.85
C GLY A 13 11.80 10.86 2.41
N ALA A 15 10.09 9.18 -1.74
CA ALA A 15 10.32 8.52 -3.02
C ALA A 15 11.79 8.58 -3.46
N PRO A 16 12.41 9.78 -3.55
CA PRO A 16 13.79 9.92 -3.96
C PRO A 16 14.77 9.86 -2.79
N ARG A 17 15.03 8.64 -2.32
CA ARG A 17 15.95 8.44 -1.20
C ARG A 17 17.15 7.61 -1.62
N LYS A 18 18.28 7.85 -0.96
CA LYS A 18 19.52 7.12 -1.25
C LYS A 18 19.96 7.35 -2.70
N GLN A 19 20.81 8.36 -2.90
CA GLN A 19 21.32 8.70 -4.23
C GLN A 19 20.19 9.07 -5.16
N LEU A 20 20.02 10.37 -5.40
CA LEU A 20 18.97 10.86 -6.28
C LEU A 20 17.59 10.41 -5.81
N SER B 1 -15.79 -8.36 10.90
CA SER B 1 -14.63 -7.49 10.57
C SER B 1 -14.06 -7.84 9.19
N THR B 2 -13.60 -9.08 9.04
CA THR B 2 -13.03 -9.55 7.79
C THR B 2 -13.80 -10.74 7.25
N GLU B 3 -15.03 -10.92 7.72
CA GLU B 3 -15.86 -12.03 7.29
C GLU B 3 -16.17 -11.97 5.79
N GLY B 4 -15.88 -10.82 5.17
CA GLY B 4 -16.11 -10.68 3.74
C GLY B 4 -15.49 -11.83 2.98
N SER B 5 -16.26 -12.46 2.10
CA SER B 5 -15.76 -13.60 1.34
C SER B 5 -15.14 -14.59 2.33
N SER B 6 -13.82 -14.55 2.46
CA SER B 6 -13.13 -15.41 3.40
C SER B 6 -12.39 -14.61 4.44
N PRO B 7 -12.51 -14.99 5.72
CA PRO B 7 -11.85 -14.29 6.81
C PRO B 7 -10.38 -14.03 6.50
N ALA B 8 -9.69 -15.06 6.04
CA ALA B 8 -8.29 -14.89 5.66
C ALA B 8 -8.24 -14.01 4.46
N TYR B 9 -9.01 -14.35 3.47
CA TYR B 9 -8.94 -13.61 2.26
C TYR B 9 -8.82 -12.12 2.59
N LEU B 10 -9.54 -11.62 3.57
CA LEU B 10 -9.38 -10.22 3.95
C LEU B 10 -8.23 -10.02 4.96
N LYS B 11 -8.28 -10.74 6.09
CA LYS B 11 -7.23 -10.64 7.13
C LYS B 11 -5.88 -11.04 6.59
N GLU B 12 -5.88 -12.17 5.91
CA GLU B 12 -4.68 -12.70 5.28
C GLU B 12 -4.10 -11.64 4.41
N ILE B 13 -4.97 -10.95 3.71
CA ILE B 13 -4.54 -9.90 2.82
C ILE B 13 -4.07 -8.71 3.63
N LEU B 14 -4.67 -8.55 4.79
CA LEU B 14 -4.35 -7.46 5.67
C LEU B 14 -2.86 -7.42 5.85
N GLU B 15 -2.31 -8.54 6.27
CA GLU B 15 -0.88 -8.65 6.43
C GLU B 15 -0.17 -8.98 5.11
N GLN B 16 -0.83 -9.70 4.19
CA GLN B 16 -0.16 -10.13 2.96
C GLN B 16 0.01 -9.05 1.91
N LEU B 17 -1.11 -8.48 1.48
CA LEU B 17 -1.09 -7.48 0.45
C LEU B 17 -0.49 -6.19 0.98
N LEU B 18 -0.94 -5.80 2.16
CA LEU B 18 -0.45 -4.61 2.81
C LEU B 18 1.05 -4.66 2.98
N GLU B 19 1.55 -5.76 3.54
CA GLU B 19 2.97 -5.89 3.79
C GLU B 19 3.75 -5.98 2.47
N ALA B 20 3.27 -6.85 1.58
CA ALA B 20 3.92 -7.06 0.29
C ALA B 20 4.15 -5.75 -0.47
N ILE B 21 3.20 -4.83 -0.40
CA ILE B 21 3.33 -3.57 -1.12
C ILE B 21 4.34 -2.67 -0.46
N VAL B 22 4.42 -2.70 0.85
CA VAL B 22 5.38 -1.83 1.52
C VAL B 22 6.77 -2.45 1.52
N VAL B 23 6.84 -3.78 1.44
CA VAL B 23 8.15 -4.43 1.40
C VAL B 23 8.71 -4.21 0.02
N ALA B 24 7.79 -3.95 -0.88
CA ALA B 24 8.08 -3.68 -2.26
C ALA B 24 9.01 -2.48 -2.37
N THR B 25 9.65 -2.32 -3.51
CA THR B 25 10.53 -1.20 -3.73
C THR B 25 10.43 -0.73 -5.18
N ASN B 26 11.14 0.34 -5.48
CA ASN B 26 11.12 0.91 -6.83
C ASN B 26 12.43 0.63 -7.56
N PRO B 27 12.49 0.87 -8.88
CA PRO B 27 13.71 0.66 -9.66
C PRO B 27 14.94 1.31 -9.02
N SER B 28 14.72 2.39 -8.29
CA SER B 28 15.81 3.11 -7.63
C SER B 28 16.36 2.31 -6.45
N GLY B 29 15.53 1.44 -5.86
CA GLY B 29 15.99 0.63 -4.75
C GLY B 29 15.19 0.83 -3.49
N ARG B 30 14.22 1.75 -3.51
CA ARG B 30 13.43 2.02 -2.32
C ARG B 30 11.92 1.89 -2.54
N LEU B 31 11.25 1.60 -1.44
CA LEU B 31 9.82 1.36 -1.38
C LEU B 31 8.99 2.23 -2.34
N ILE B 32 8.10 1.56 -3.05
CA ILE B 32 7.17 2.21 -3.95
C ILE B 32 6.01 2.76 -3.11
N SER B 33 5.82 2.09 -1.98
CA SER B 33 4.78 2.44 -1.00
C SER B 33 5.21 3.61 -0.13
N GLU B 34 6.47 4.00 -0.31
CA GLU B 34 7.08 5.07 0.47
C GLU B 34 6.20 6.31 0.56
N LEU B 35 5.58 6.71 -0.53
CA LEU B 35 4.71 7.89 -0.51
C LEU B 35 3.37 7.58 0.10
N PHE B 36 3.10 6.30 0.23
CA PHE B 36 1.83 5.84 0.78
C PHE B 36 2.03 5.19 2.13
N GLN B 37 3.23 5.31 2.67
CA GLN B 37 3.52 4.74 3.97
C GLN B 37 2.40 5.06 4.94
N LYS B 38 2.03 6.34 4.99
CA LYS B 38 0.96 6.79 5.89
C LYS B 38 0.25 8.05 5.41
N LEU B 39 -1.06 8.11 5.63
CA LEU B 39 -1.86 9.29 5.29
C LEU B 39 -1.82 10.25 6.47
N PRO B 40 -1.80 11.58 6.23
CA PRO B 40 -1.76 12.57 7.30
C PRO B 40 -2.74 12.30 8.44
N SER B 41 -4.05 12.31 8.13
CA SER B 41 -5.07 12.10 9.18
C SER B 41 -6.47 11.91 8.63
N LYS B 42 -6.68 12.42 7.44
CA LYS B 42 -7.98 12.38 6.78
C LYS B 42 -8.93 13.35 7.46
N VAL B 43 -8.36 14.20 8.32
CA VAL B 43 -9.13 15.18 9.07
C VAL B 43 -8.26 16.33 9.56
N GLN B 44 -7.12 15.96 10.11
CA GLN B 44 -6.18 16.91 10.69
C GLN B 44 -5.40 17.66 9.63
N TYR B 45 -5.18 17.01 8.51
CA TYR B 45 -4.45 17.62 7.42
C TYR B 45 -5.24 17.48 6.12
N PRO B 46 -6.44 18.06 6.13
CA PRO B 46 -7.37 18.03 4.99
C PRO B 46 -6.76 18.51 3.67
N ASP B 47 -5.76 19.38 3.73
CA ASP B 47 -5.12 19.87 2.50
C ASP B 47 -4.70 18.71 1.60
N TYR B 48 -4.32 17.61 2.23
CA TYR B 48 -3.92 16.43 1.49
C TYR B 48 -5.18 15.79 0.95
N TYR B 49 -6.20 15.86 1.76
CA TYR B 49 -7.50 15.31 1.44
C TYR B 49 -8.27 16.23 0.51
N ALA B 50 -7.80 17.46 0.43
CA ALA B 50 -8.40 18.47 -0.43
C ALA B 50 -7.78 18.37 -1.82
N ILE B 51 -6.45 18.23 -1.84
CA ILE B 51 -5.72 18.10 -3.09
C ILE B 51 -6.16 16.82 -3.81
N ILE B 52 -5.93 15.71 -3.13
CA ILE B 52 -6.27 14.38 -3.62
C ILE B 52 -7.74 14.27 -3.86
N LYS B 53 -8.13 13.29 -4.63
CA LYS B 53 -9.51 13.06 -4.86
C LYS B 53 -9.94 11.86 -4.05
N GLU B 54 -9.04 10.88 -3.97
CA GLU B 54 -9.30 9.66 -3.23
C GLU B 54 -8.06 9.17 -2.50
N PRO B 55 -7.65 9.88 -1.44
CA PRO B 55 -6.51 9.51 -0.61
C PRO B 55 -6.79 8.28 0.21
N ILE B 56 -5.86 7.35 0.14
CA ILE B 56 -5.93 6.10 0.86
C ILE B 56 -4.58 5.41 0.73
N ASP B 57 -3.95 5.15 1.85
CA ASP B 57 -2.64 4.50 1.83
C ASP B 57 -2.75 3.04 2.23
N LEU B 58 -1.76 2.24 1.87
CA LEU B 58 -1.79 0.81 2.17
C LEU B 58 -2.22 0.56 3.63
N LYS B 59 -2.00 1.56 4.49
CA LYS B 59 -2.39 1.48 5.90
C LYS B 59 -3.90 1.62 6.02
N THR B 60 -4.43 2.65 5.38
CA THR B 60 -5.86 2.93 5.41
C THR B 60 -6.65 1.82 4.76
N ILE B 61 -6.07 1.20 3.76
CA ILE B 61 -6.71 0.10 3.06
C ILE B 61 -6.86 -1.08 4.00
N ALA B 62 -5.80 -1.40 4.70
CA ALA B 62 -5.84 -2.48 5.66
C ALA B 62 -6.78 -2.11 6.79
N GLN B 63 -6.75 -0.83 7.09
CA GLN B 63 -7.57 -0.24 8.14
C GLN B 63 -9.03 -0.56 7.92
N ARG B 64 -9.48 -0.28 6.72
CA ARG B 64 -10.85 -0.49 6.34
C ARG B 64 -11.13 -1.96 6.01
N ILE B 65 -10.11 -2.70 5.58
CA ILE B 65 -10.28 -4.13 5.27
C ILE B 65 -10.93 -4.84 6.45
N GLN B 66 -10.31 -4.66 7.61
CA GLN B 66 -10.79 -5.27 8.84
C GLN B 66 -11.97 -4.48 9.41
N ASN B 67 -12.04 -3.20 9.08
CA ASN B 67 -13.13 -2.35 9.54
C ASN B 67 -14.43 -2.74 8.84
N GLY B 68 -14.40 -3.84 8.09
CA GLY B 68 -15.57 -4.30 7.37
C GLY B 68 -16.04 -3.30 6.35
N SER B 69 -15.13 -2.42 5.95
CA SER B 69 -15.43 -1.38 4.99
C SER B 69 -15.25 -1.84 3.54
N TYR B 70 -14.64 -3.02 3.34
CA TYR B 70 -14.43 -3.58 2.00
C TYR B 70 -15.28 -4.82 1.78
N LYS B 71 -15.22 -5.75 2.74
CA LYS B 71 -15.96 -7.01 2.65
C LYS B 71 -15.43 -7.84 1.48
N SER B 72 -14.47 -7.26 0.78
CA SER B 72 -13.82 -7.88 -0.36
C SER B 72 -12.57 -7.10 -0.72
N ILE B 73 -11.47 -7.82 -0.85
CA ILE B 73 -10.20 -7.20 -1.17
C ILE B 73 -10.20 -6.60 -2.56
N HIS B 74 -11.07 -7.07 -3.44
CA HIS B 74 -11.15 -6.45 -4.74
C HIS B 74 -11.45 -4.97 -4.55
N ALA B 75 -12.12 -4.66 -3.44
CA ALA B 75 -12.44 -3.29 -3.09
C ALA B 75 -11.20 -2.63 -2.50
N MET B 76 -10.48 -3.39 -1.68
CA MET B 76 -9.24 -2.93 -1.09
C MET B 76 -8.29 -2.52 -2.19
N ALA B 77 -8.15 -3.42 -3.14
CA ALA B 77 -7.33 -3.27 -4.30
C ALA B 77 -7.65 -2.00 -5.06
N LYS B 78 -8.94 -1.77 -5.30
CA LYS B 78 -9.34 -0.58 -6.03
C LYS B 78 -8.82 0.65 -5.27
N ASP B 79 -8.78 0.52 -3.95
CA ASP B 79 -8.25 1.59 -3.11
C ASP B 79 -6.74 1.58 -3.21
N ILE B 80 -6.19 0.41 -3.49
CA ILE B 80 -4.76 0.26 -3.66
C ILE B 80 -4.38 1.02 -4.90
N ASP B 81 -5.35 1.09 -5.80
CA ASP B 81 -5.20 1.85 -7.01
C ASP B 81 -5.33 3.32 -6.65
N LEU B 82 -6.27 3.58 -5.73
CA LEU B 82 -6.50 4.93 -5.23
C LEU B 82 -5.30 5.40 -4.46
N LEU B 83 -4.60 4.42 -3.93
CA LEU B 83 -3.39 4.64 -3.20
C LEU B 83 -2.38 5.19 -4.19
N ALA B 84 -2.34 4.53 -5.34
CA ALA B 84 -1.47 4.90 -6.44
C ALA B 84 -1.96 6.19 -7.09
N LYS B 85 -3.26 6.42 -7.04
CA LYS B 85 -3.86 7.61 -7.63
C LYS B 85 -3.48 8.83 -6.80
N ASN B 86 -3.53 8.69 -5.48
CA ASN B 86 -3.14 9.78 -4.61
C ASN B 86 -1.68 10.09 -4.90
N ALA B 87 -0.97 9.07 -5.41
CA ALA B 87 0.43 9.23 -5.78
C ALA B 87 0.62 10.28 -6.85
N LYS B 88 -0.13 10.14 -7.94
CA LYS B 88 -0.03 11.06 -9.06
C LYS B 88 -0.57 12.45 -8.71
N THR B 89 -1.42 12.52 -7.69
CA THR B 89 -2.01 13.78 -7.28
C THR B 89 -1.13 14.59 -6.32
N TYR B 90 -0.66 13.96 -5.25
CA TYR B 90 0.14 14.68 -4.25
C TYR B 90 1.60 14.90 -4.66
N ASN B 91 2.32 13.83 -4.99
CA ASN B 91 3.73 13.97 -5.37
C ASN B 91 3.88 14.61 -6.74
N GLU B 92 5.13 14.63 -7.23
CA GLU B 92 5.45 15.20 -8.53
C GLU B 92 5.70 14.12 -9.57
N PRO B 93 5.23 14.32 -10.81
CA PRO B 93 5.37 13.35 -11.90
C PRO B 93 6.83 13.08 -12.25
N GLY B 94 7.70 14.01 -11.88
CA GLY B 94 9.11 13.83 -12.12
C GLY B 94 9.77 13.12 -10.97
N SER B 95 9.02 12.22 -10.34
CA SER B 95 9.51 11.46 -9.20
C SER B 95 9.15 9.99 -9.32
N GLN B 96 9.74 9.19 -8.44
CA GLN B 96 9.49 7.75 -8.41
C GLN B 96 8.03 7.44 -8.08
N VAL B 97 7.38 8.38 -7.41
CA VAL B 97 5.99 8.21 -6.98
C VAL B 97 5.07 7.61 -8.05
N PHE B 98 5.12 8.16 -9.24
CA PHE B 98 4.22 7.70 -10.30
C PHE B 98 4.51 6.26 -10.75
N LYS B 99 5.77 5.96 -11.05
CA LYS B 99 6.14 4.61 -11.46
C LYS B 99 6.04 3.63 -10.30
N ASP B 100 6.25 4.15 -9.10
CA ASP B 100 6.21 3.36 -7.88
C ASP B 100 4.80 2.89 -7.59
N ALA B 101 3.87 3.83 -7.59
CA ALA B 101 2.48 3.53 -7.31
C ALA B 101 1.91 2.55 -8.33
N ASN B 102 2.18 2.81 -9.60
CA ASN B 102 1.72 1.91 -10.64
C ASN B 102 2.24 0.52 -10.37
N SER B 103 3.47 0.46 -9.87
CA SER B 103 4.10 -0.80 -9.53
C SER B 103 3.40 -1.42 -8.33
N ILE B 104 2.95 -0.57 -7.40
CA ILE B 104 2.25 -1.04 -6.22
C ILE B 104 1.05 -1.87 -6.62
N LYS B 105 0.25 -1.26 -7.47
CA LYS B 105 -0.94 -1.90 -8.00
C LYS B 105 -0.58 -3.26 -8.58
N LYS B 106 0.57 -3.32 -9.27
CA LYS B 106 1.04 -4.57 -9.86
C LYS B 106 1.40 -5.58 -8.77
N ILE B 107 2.30 -5.19 -7.86
CA ILE B 107 2.72 -6.05 -6.75
C ILE B 107 1.49 -6.63 -6.06
N PHE B 108 0.56 -5.73 -5.79
CA PHE B 108 -0.65 -6.08 -5.11
C PHE B 108 -1.33 -7.31 -5.71
N TYR B 109 -1.64 -7.28 -7.00
CA TYR B 109 -2.32 -8.42 -7.63
C TYR B 109 -1.44 -9.66 -7.70
N MET B 110 -0.11 -9.51 -7.77
CA MET B 110 0.75 -10.69 -7.79
C MET B 110 0.61 -11.40 -6.45
N LYS B 111 0.77 -10.60 -5.40
CA LYS B 111 0.64 -11.05 -4.03
C LYS B 111 -0.78 -11.55 -3.79
N LYS B 112 -1.72 -10.97 -4.51
CA LYS B 112 -3.14 -11.31 -4.42
C LYS B 112 -3.43 -12.66 -5.05
N ALA B 113 -2.76 -12.97 -6.15
CA ALA B 113 -2.97 -14.24 -6.87
C ALA B 113 -2.46 -15.44 -6.10
N GLU B 114 -1.27 -15.31 -5.51
CA GLU B 114 -0.67 -16.42 -4.76
C GLU B 114 -1.48 -16.67 -3.49
N ILE B 115 -1.85 -15.56 -2.85
CA ILE B 115 -2.64 -15.59 -1.64
C ILE B 115 -3.89 -16.44 -1.80
N GLU B 116 -4.60 -16.18 -2.87
CA GLU B 116 -5.82 -16.89 -3.18
C GLU B 116 -5.55 -18.39 -3.34
N HIS B 117 -4.48 -18.71 -4.05
CA HIS B 117 -4.10 -20.11 -4.27
C HIS B 117 -3.70 -20.75 -2.95
N HIS B 118 -3.24 -19.93 -2.00
CA HIS B 118 -2.83 -20.43 -0.69
C HIS B 118 -4.03 -20.56 0.24
N GLU B 119 -5.15 -19.93 -0.16
CA GLU B 119 -6.36 -19.98 0.64
C GLU B 119 -7.44 -20.79 -0.09
N MET B 120 -7.01 -21.79 -0.85
CA MET B 120 -7.92 -22.65 -1.58
C MET B 120 -7.36 -24.07 -1.70
N ALA B 121 -7.33 -24.62 -2.92
CA ALA B 121 -6.82 -25.97 -3.14
C ALA B 121 -5.30 -25.98 -3.15
N ALA A 1 27.70 14.28 -15.87
CA ALA A 1 27.30 13.00 -15.23
C ALA A 1 25.95 12.52 -15.76
N ARG A 2 25.93 11.29 -16.27
CA ARG A 2 24.70 10.71 -16.81
C ARG A 2 23.90 10.01 -15.71
N THR A 3 24.52 9.88 -14.54
CA THR A 3 23.88 9.22 -13.41
C THR A 3 22.72 10.07 -12.88
N LYS A 4 22.14 9.63 -11.76
CA LYS A 4 21.02 10.34 -11.15
C LYS A 4 21.40 11.79 -10.86
N GLN A 5 22.28 11.99 -9.88
CA GLN A 5 22.73 13.32 -9.49
C GLN A 5 21.55 14.21 -9.11
N THR A 6 21.25 14.26 -7.82
CA THR A 6 20.16 15.08 -7.31
C THR A 6 20.52 16.56 -7.34
N ALA A 7 21.82 16.84 -7.45
CA ALA A 7 22.31 18.22 -7.49
C ALA A 7 21.88 19.01 -6.25
N ARG A 8 22.19 18.45 -5.07
CA ARG A 8 21.85 19.07 -3.78
C ARG A 8 20.48 19.75 -3.83
N LYS A 9 20.28 20.74 -2.95
CA LYS A 9 19.03 21.47 -2.87
C LYS A 9 17.87 20.54 -2.54
N SER A 10 17.32 19.88 -3.57
CA SER A 10 16.21 18.95 -3.37
C SER A 10 16.70 17.61 -2.85
N THR A 11 16.94 17.53 -1.55
CA THR A 11 17.42 16.31 -0.92
C THR A 11 16.49 15.87 0.21
N GLY A 12 16.65 14.61 0.62
CA GLY A 12 15.81 14.08 1.69
C GLY A 12 14.49 13.54 1.18
N GLY A 13 14.11 12.36 1.67
CA GLY A 13 12.86 11.75 1.24
C GLY A 13 12.33 10.75 2.25
N ALA A 15 10.25 8.03 1.33
CA ALA A 15 10.30 6.70 0.72
C ALA A 15 11.60 6.00 1.08
N PRO A 16 12.77 6.65 0.86
CA PRO A 16 14.05 6.06 1.20
C PRO A 16 14.30 6.13 2.71
N ARG A 17 15.46 5.63 3.14
CA ARG A 17 15.81 5.65 4.55
C ARG A 17 17.32 5.56 4.73
N LYS A 18 17.85 6.35 5.66
CA LYS A 18 19.28 6.37 5.93
C LYS A 18 20.05 6.90 4.72
N GLN A 19 20.74 8.02 4.91
CA GLN A 19 21.51 8.65 3.83
C GLN A 19 22.46 7.65 3.19
N LEU A 20 22.73 7.84 1.90
CA LEU A 20 23.62 6.95 1.16
C LEU A 20 25.02 6.97 1.76
N SER B 1 -15.85 -6.34 11.52
CA SER B 1 -17.10 -7.05 11.13
C SER B 1 -16.94 -7.69 9.76
N THR B 2 -15.86 -8.45 9.59
CA THR B 2 -15.59 -9.14 8.33
C THR B 2 -16.49 -10.36 8.16
N GLU B 3 -17.23 -10.40 7.06
CA GLU B 3 -18.13 -11.52 6.78
C GLU B 3 -18.10 -11.91 5.31
N GLY B 4 -17.58 -11.01 4.47
CA GLY B 4 -17.50 -11.29 3.04
C GLY B 4 -16.86 -12.64 2.77
N SER B 5 -17.52 -13.46 1.96
CA SER B 5 -17.02 -14.80 1.67
C SER B 5 -16.75 -15.54 2.97
N SER B 6 -15.51 -15.49 3.43
CA SER B 6 -15.14 -16.11 4.68
C SER B 6 -14.65 -15.07 5.66
N PRO B 7 -15.13 -15.14 6.90
CA PRO B 7 -14.77 -14.20 7.95
C PRO B 7 -13.26 -14.06 8.06
N ALA B 8 -12.56 -15.18 8.01
CA ALA B 8 -11.12 -15.14 8.04
C ALA B 8 -10.61 -14.61 6.75
N TYR B 9 -11.14 -15.10 5.68
CA TYR B 9 -10.63 -14.66 4.42
C TYR B 9 -10.41 -13.15 4.45
N LEU B 10 -11.35 -12.40 4.99
CA LEU B 10 -11.17 -10.95 5.09
C LEU B 10 -10.34 -10.56 6.33
N LYS B 11 -10.77 -11.00 7.52
CA LYS B 11 -10.06 -10.69 8.78
C LYS B 11 -8.63 -11.19 8.75
N GLU B 12 -8.48 -12.41 8.29
CA GLU B 12 -7.21 -13.04 8.14
C GLU B 12 -6.33 -12.14 7.30
N ILE B 13 -6.90 -11.66 6.20
CA ILE B 13 -6.17 -10.81 5.29
C ILE B 13 -5.88 -9.48 5.96
N LEU B 14 -6.78 -9.10 6.84
CA LEU B 14 -6.67 -7.86 7.54
C LEU B 14 -5.30 -7.77 8.12
N GLU B 15 -4.93 -8.78 8.86
CA GLU B 15 -3.62 -8.87 9.44
C GLU B 15 -2.57 -9.41 8.46
N GLN B 16 -2.96 -10.31 7.54
CA GLN B 16 -1.96 -10.92 6.63
C GLN B 16 -1.47 -10.02 5.51
N LEU B 17 -2.41 -9.54 4.71
CA LEU B 17 -2.08 -8.71 3.56
C LEU B 17 -1.63 -7.34 4.03
N LEU B 18 -2.39 -6.77 4.95
CA LEU B 18 -2.07 -5.48 5.50
C LEU B 18 -0.66 -5.46 6.08
N GLU B 19 -0.37 -6.46 6.92
CA GLU B 19 0.94 -6.53 7.56
C GLU B 19 2.05 -6.76 6.54
N ALA B 20 1.85 -7.75 5.67
CA ALA B 20 2.84 -8.10 4.66
C ALA B 20 3.34 -6.91 3.86
N ILE B 21 2.42 -6.03 3.47
CA ILE B 21 2.79 -4.86 2.66
C ILE B 21 3.42 -3.76 3.48
N VAL B 22 2.97 -3.60 4.71
CA VAL B 22 3.51 -2.55 5.54
C VAL B 22 4.85 -2.96 6.13
N VAL B 23 5.09 -4.27 6.17
CA VAL B 23 6.37 -4.78 6.64
C VAL B 23 7.28 -4.89 5.43
N ALA B 24 6.61 -4.87 4.28
CA ALA B 24 7.27 -4.93 2.99
C ALA B 24 8.27 -3.81 2.83
N THR B 25 9.14 -3.96 1.84
CA THR B 25 10.13 -2.96 1.52
C THR B 25 10.37 -2.94 0.02
N ASN B 26 11.22 -2.02 -0.44
CA ASN B 26 11.52 -1.90 -1.85
C ASN B 26 12.75 -2.73 -2.21
N PRO B 27 13.12 -2.84 -3.51
CA PRO B 27 14.28 -3.63 -3.95
C PRO B 27 15.52 -3.42 -3.08
N SER B 28 15.79 -2.18 -2.70
CA SER B 28 16.95 -1.87 -1.86
C SER B 28 16.72 -2.28 -0.41
N GLY B 29 15.44 -2.35 -0.01
CA GLY B 29 15.13 -2.76 1.34
C GLY B 29 14.45 -1.67 2.16
N ARG B 30 13.63 -0.86 1.51
CA ARG B 30 12.93 0.22 2.21
C ARG B 30 11.44 0.20 1.92
N LEU B 31 10.66 0.26 2.99
CA LEU B 31 9.20 0.16 2.92
C LEU B 31 8.60 0.75 1.67
N ILE B 32 7.90 -0.11 0.93
CA ILE B 32 7.19 0.29 -0.26
C ILE B 32 5.90 0.95 0.19
N SER B 33 5.50 0.58 1.40
CA SER B 33 4.30 1.08 2.05
C SER B 33 4.53 2.44 2.70
N GLU B 34 5.78 2.89 2.72
CA GLU B 34 6.12 4.16 3.37
C GLU B 34 5.19 5.30 3.00
N LEU B 35 5.02 5.54 1.70
CA LEU B 35 4.16 6.62 1.26
C LEU B 35 2.72 6.36 1.62
N PHE B 36 2.45 5.12 1.96
CA PHE B 36 1.11 4.70 2.32
C PHE B 36 1.04 4.35 3.79
N GLN B 37 2.11 4.62 4.52
CA GLN B 37 2.12 4.33 5.94
C GLN B 37 0.78 4.73 6.54
N LYS B 38 0.33 5.93 6.16
CA LYS B 38 -0.95 6.42 6.65
C LYS B 38 -1.68 7.34 5.66
N LEU B 39 -2.98 7.07 5.49
CA LEU B 39 -3.85 7.86 4.63
C LEU B 39 -4.71 8.72 5.56
N PRO B 40 -4.59 10.06 5.48
CA PRO B 40 -5.31 11.00 6.36
C PRO B 40 -6.82 10.84 6.30
N SER B 41 -7.53 11.86 6.75
CA SER B 41 -8.98 11.87 6.74
C SER B 41 -9.49 12.52 5.45
N LYS B 42 -10.21 11.73 4.64
CA LYS B 42 -10.74 12.20 3.36
C LYS B 42 -11.50 13.52 3.49
N VAL B 43 -11.59 14.03 4.72
CA VAL B 43 -12.29 15.27 4.99
C VAL B 43 -11.40 16.28 5.71
N GLN B 44 -10.50 15.75 6.53
CA GLN B 44 -9.62 16.57 7.34
C GLN B 44 -8.45 17.11 6.56
N TYR B 45 -7.99 16.33 5.60
CA TYR B 45 -6.86 16.73 4.79
C TYR B 45 -7.18 16.63 3.31
N PRO B 46 -8.26 17.33 2.91
CA PRO B 46 -8.77 17.35 1.54
C PRO B 46 -7.70 17.63 0.49
N ASP B 47 -6.69 18.41 0.82
CA ASP B 47 -5.62 18.70 -0.14
C ASP B 47 -5.04 17.41 -0.69
N TYR B 48 -5.03 16.40 0.15
CA TYR B 48 -4.53 15.08 -0.22
C TYR B 48 -5.58 14.42 -1.10
N TYR B 49 -6.80 14.66 -0.74
CA TYR B 49 -7.95 14.11 -1.43
C TYR B 49 -8.27 14.88 -2.71
N ALA B 50 -7.70 16.07 -2.78
CA ALA B 50 -7.85 16.94 -3.94
C ALA B 50 -6.82 16.55 -4.99
N ILE B 51 -5.60 16.37 -4.51
CA ILE B 51 -4.47 16.00 -5.34
C ILE B 51 -4.67 14.59 -5.93
N ILE B 52 -5.06 13.65 -5.07
CA ILE B 52 -5.28 12.26 -5.44
C ILE B 52 -6.61 12.07 -6.10
N LYS B 53 -6.70 10.97 -6.82
CA LYS B 53 -7.93 10.63 -7.46
C LYS B 53 -8.58 9.50 -6.68
N GLU B 54 -7.74 8.60 -6.18
CA GLU B 54 -8.21 7.46 -5.40
C GLU B 54 -7.26 7.13 -4.23
N PRO B 55 -7.25 7.98 -3.18
CA PRO B 55 -6.41 7.78 -2.01
C PRO B 55 -6.95 6.70 -1.08
N ILE B 56 -6.03 5.92 -0.53
CA ILE B 56 -6.34 4.84 0.38
C ILE B 56 -5.04 4.11 0.70
N ASP B 57 -4.69 4.02 1.97
CA ASP B 57 -3.45 3.36 2.36
C ASP B 57 -3.73 2.01 2.98
N LEU B 58 -2.70 1.16 3.07
CA LEU B 58 -2.86 -0.18 3.61
C LEU B 58 -3.65 -0.16 4.93
N LYS B 59 -3.64 0.98 5.60
CA LYS B 59 -4.37 1.16 6.85
C LYS B 59 -5.87 1.30 6.56
N THR B 60 -6.18 2.20 5.63
CA THR B 60 -7.56 2.46 5.24
C THR B 60 -8.18 1.24 4.58
N ILE B 61 -7.37 0.45 3.92
CA ILE B 61 -7.84 -0.76 3.28
C ILE B 61 -8.26 -1.75 4.33
N ALA B 62 -7.38 -1.98 5.29
CA ALA B 62 -7.71 -2.89 6.37
C ALA B 62 -8.93 -2.36 7.07
N GLN B 63 -8.97 -1.04 7.13
CA GLN B 63 -10.06 -0.32 7.75
C GLN B 63 -11.37 -0.66 7.09
N ARG B 64 -11.33 -0.71 5.76
CA ARG B 64 -12.52 -1.02 4.99
C ARG B 64 -12.85 -2.50 5.03
N ILE B 65 -11.82 -3.34 5.15
CA ILE B 65 -12.02 -4.78 5.23
C ILE B 65 -13.00 -5.10 6.35
N GLN B 66 -12.74 -4.54 7.53
CA GLN B 66 -13.57 -4.75 8.70
C GLN B 66 -14.84 -3.88 8.64
N ASN B 67 -14.77 -2.78 7.89
CA ASN B 67 -15.90 -1.88 7.76
C ASN B 67 -16.96 -2.46 6.82
N GLY B 68 -16.78 -3.72 6.43
CA GLY B 68 -17.73 -4.35 5.53
C GLY B 68 -17.66 -3.73 4.15
N SER B 69 -16.66 -2.87 3.95
CA SER B 69 -16.47 -2.19 2.68
C SER B 69 -16.01 -3.17 1.60
N TYR B 70 -15.45 -4.29 2.03
CA TYR B 70 -14.96 -5.31 1.10
C TYR B 70 -15.57 -6.68 1.41
N LYS B 71 -16.54 -7.09 0.63
CA LYS B 71 -17.15 -8.39 0.80
C LYS B 71 -16.19 -9.45 0.25
N SER B 72 -15.08 -8.93 -0.26
CA SER B 72 -14.01 -9.74 -0.81
C SER B 72 -12.72 -8.94 -0.83
N ILE B 73 -11.62 -9.59 -0.51
CA ILE B 73 -10.34 -8.93 -0.47
C ILE B 73 -9.92 -8.49 -1.85
N HIS B 74 -10.43 -9.12 -2.90
CA HIS B 74 -10.11 -8.68 -4.23
C HIS B 74 -10.47 -7.20 -4.34
N ALA B 75 -11.48 -6.81 -3.54
CA ALA B 75 -11.93 -5.42 -3.47
C ALA B 75 -10.89 -4.62 -2.69
N MET B 76 -10.41 -5.19 -1.60
CA MET B 76 -9.39 -4.58 -0.77
C MET B 76 -8.17 -4.28 -1.63
N ALA B 77 -7.79 -5.31 -2.35
CA ALA B 77 -6.68 -5.30 -3.28
C ALA B 77 -6.82 -4.20 -4.29
N LYS B 78 -8.00 -4.05 -4.87
CA LYS B 78 -8.21 -3.01 -5.86
C LYS B 78 -7.86 -1.68 -5.22
N ASP B 79 -8.15 -1.57 -3.93
CA ASP B 79 -7.82 -0.37 -3.18
C ASP B 79 -6.33 -0.35 -2.92
N ILE B 80 -5.74 -1.54 -2.87
CA ILE B 80 -4.31 -1.67 -2.66
C ILE B 80 -3.59 -1.14 -3.88
N ASP B 81 -4.21 -1.32 -5.02
CA ASP B 81 -3.69 -0.81 -6.27
C ASP B 81 -3.94 0.69 -6.28
N LEU B 82 -5.00 1.09 -5.57
CA LEU B 82 -5.36 2.49 -5.44
C LEU B 82 -4.42 3.14 -4.44
N LEU B 83 -3.91 2.30 -3.56
CA LEU B 83 -2.96 2.70 -2.57
C LEU B 83 -1.70 3.08 -3.35
N ALA B 84 -1.37 2.19 -4.27
CA ALA B 84 -0.23 2.37 -5.15
C ALA B 84 -0.51 3.51 -6.13
N LYS B 85 -1.79 3.70 -6.45
CA LYS B 85 -2.20 4.74 -7.36
C LYS B 85 -2.01 6.10 -6.71
N ASN B 86 -2.40 6.22 -5.45
CA ASN B 86 -2.21 7.46 -4.74
C ASN B 86 -0.72 7.76 -4.68
N ALA B 87 0.09 6.69 -4.86
CA ALA B 87 1.54 6.81 -4.87
C ALA B 87 2.04 7.63 -6.04
N LYS B 88 1.61 7.24 -7.23
CA LYS B 88 2.02 7.90 -8.45
C LYS B 88 1.46 9.33 -8.54
N THR B 89 0.38 9.57 -7.83
CA THR B 89 -0.27 10.88 -7.84
C THR B 89 0.28 11.84 -6.79
N TYR B 90 0.47 11.36 -5.56
CA TYR B 90 0.91 12.22 -4.48
C TYR B 90 2.41 12.52 -4.48
N ASN B 91 3.25 11.50 -4.51
CA ASN B 91 4.69 11.71 -4.49
C ASN B 91 5.25 12.00 -5.88
N GLU B 92 6.58 12.05 -5.97
CA GLU B 92 7.26 12.34 -7.22
C GLU B 92 7.77 11.06 -7.89
N PRO B 93 7.68 11.01 -9.24
CA PRO B 93 8.12 9.84 -10.01
C PRO B 93 9.60 9.58 -9.88
N GLY B 94 10.34 10.58 -9.41
CA GLY B 94 11.76 10.43 -9.23
C GLY B 94 12.08 9.90 -7.85
N SER B 95 11.23 9.00 -7.36
CA SER B 95 11.39 8.42 -6.05
C SER B 95 10.96 6.96 -6.03
N GLN B 96 11.24 6.28 -4.92
CA GLN B 96 10.89 4.88 -4.75
C GLN B 96 9.37 4.69 -4.76
N VAL B 97 8.63 5.74 -4.43
CA VAL B 97 7.17 5.69 -4.35
C VAL B 97 6.51 4.97 -5.52
N PHE B 98 6.99 5.17 -6.72
CA PHE B 98 6.34 4.56 -7.89
C PHE B 98 6.64 3.07 -8.03
N LYS B 99 7.92 2.70 -7.98
CA LYS B 99 8.30 1.29 -8.10
C LYS B 99 7.89 0.53 -6.85
N ASP B 100 7.85 1.24 -5.74
CA ASP B 100 7.47 0.67 -4.45
C ASP B 100 6.01 0.28 -4.43
N ALA B 101 5.16 1.20 -4.83
CA ALA B 101 3.73 0.97 -4.85
C ALA B 101 3.38 -0.17 -5.81
N ASN B 102 3.95 -0.12 -7.01
CA ASN B 102 3.72 -1.19 -7.98
C ASN B 102 4.14 -2.51 -7.35
N SER B 103 5.17 -2.43 -6.53
CA SER B 103 5.66 -3.60 -5.83
C SER B 103 4.64 -4.01 -4.79
N ILE B 104 3.99 -3.03 -4.16
CA ILE B 104 2.99 -3.31 -3.14
C ILE B 104 1.89 -4.20 -3.67
N LYS B 105 1.26 -3.76 -4.75
CA LYS B 105 0.19 -4.51 -5.35
C LYS B 105 0.67 -5.93 -5.66
N LYS B 106 1.95 -6.04 -6.05
CA LYS B 106 2.54 -7.35 -6.33
C LYS B 106 2.66 -8.18 -5.05
N ILE B 107 3.32 -7.62 -4.03
CA ILE B 107 3.49 -8.30 -2.74
C ILE B 107 2.14 -8.77 -2.24
N PHE B 108 1.19 -7.87 -2.35
CA PHE B 108 -0.15 -8.13 -1.90
C PHE B 108 -0.67 -9.47 -2.42
N TYR B 109 -0.64 -9.67 -3.73
CA TYR B 109 -1.14 -10.92 -4.29
C TYR B 109 -0.26 -12.12 -3.92
N MET B 110 1.04 -11.92 -3.76
CA MET B 110 1.92 -13.02 -3.36
C MET B 110 1.47 -13.50 -1.99
N LYS B 111 1.18 -12.52 -1.14
CA LYS B 111 0.73 -12.74 0.22
C LYS B 111 -0.70 -13.28 0.21
N LYS B 112 -1.44 -12.93 -0.84
CA LYS B 112 -2.83 -13.35 -1.01
C LYS B 112 -2.92 -14.84 -1.36
N ALA B 113 -2.01 -15.30 -2.22
CA ALA B 113 -1.99 -16.70 -2.67
C ALA B 113 -1.45 -17.63 -1.59
N GLU B 114 -0.45 -17.17 -0.86
CA GLU B 114 0.17 -17.97 0.20
C GLU B 114 -0.81 -18.06 1.36
N ILE B 115 -1.60 -17.01 1.47
CA ILE B 115 -2.62 -16.88 2.50
C ILE B 115 -3.69 -17.97 2.35
N GLU B 116 -4.16 -18.07 1.12
CA GLU B 116 -5.19 -19.02 0.76
C GLU B 116 -4.71 -20.46 0.96
N HIS B 117 -3.43 -20.70 0.67
CA HIS B 117 -2.87 -22.03 0.82
C HIS B 117 -2.51 -22.30 2.28
N HIS B 118 -2.17 -21.23 3.00
CA HIS B 118 -1.81 -21.35 4.41
C HIS B 118 -3.00 -21.82 5.23
N GLU B 119 -4.19 -21.48 4.74
CA GLU B 119 -5.44 -21.87 5.39
C GLU B 119 -5.95 -23.14 4.72
N MET B 120 -5.65 -23.26 3.44
CA MET B 120 -6.04 -24.42 2.65
C MET B 120 -7.52 -24.73 2.79
N ALA B 121 -8.32 -24.14 1.91
CA ALA B 121 -9.76 -24.33 1.92
C ALA B 121 -10.18 -25.36 0.87
N ALA A 1 29.66 26.58 -7.05
CA ALA A 1 30.42 25.74 -6.08
C ALA A 1 30.77 24.39 -6.69
N ARG A 2 32.05 24.01 -6.56
CA ARG A 2 32.53 22.75 -7.11
C ARG A 2 32.02 21.58 -6.28
N THR A 3 31.61 21.86 -5.05
CA THR A 3 31.10 20.83 -4.15
C THR A 3 29.59 20.93 -3.99
N LYS A 4 28.96 21.65 -4.91
CA LYS A 4 27.51 21.84 -4.88
C LYS A 4 27.06 22.50 -3.58
N GLN A 5 25.75 22.65 -3.42
CA GLN A 5 25.21 23.27 -2.21
C GLN A 5 24.01 22.47 -1.68
N THR A 6 23.47 22.93 -0.56
CA THR A 6 22.33 22.27 0.07
C THR A 6 21.17 22.11 -0.92
N ALA A 7 20.92 23.16 -1.69
CA ALA A 7 19.84 23.14 -2.68
C ALA A 7 18.49 22.87 -2.04
N ARG A 8 17.86 23.93 -1.54
CA ARG A 8 16.55 23.82 -0.90
C ARG A 8 16.57 22.84 0.27
N LYS A 9 15.39 22.46 0.74
CA LYS A 9 15.27 21.53 1.85
C LYS A 9 16.00 20.22 1.57
N SER A 10 15.49 19.47 0.58
CA SER A 10 16.09 18.20 0.19
C SER A 10 16.29 17.29 1.41
N THR A 11 17.08 16.23 1.22
CA THR A 11 17.36 15.27 2.29
C THR A 11 16.07 14.83 2.98
N GLY A 12 15.22 14.12 2.23
CA GLY A 12 13.97 13.65 2.78
C GLY A 12 13.45 12.42 2.06
N GLY A 13 12.13 12.22 2.11
CA GLY A 13 11.53 11.07 1.44
C GLY A 13 11.79 9.78 2.19
N ALA A 15 10.05 6.98 1.39
CA ALA A 15 9.78 5.91 0.43
C ALA A 15 11.06 5.13 0.11
N PRO A 16 12.18 5.82 -0.23
CA PRO A 16 13.44 5.16 -0.54
C PRO A 16 14.17 4.73 0.72
N ARG A 17 14.59 5.72 1.51
CA ARG A 17 15.30 5.46 2.76
C ARG A 17 16.41 4.43 2.57
N LYS A 18 17.33 4.72 1.65
CA LYS A 18 18.44 3.82 1.37
C LYS A 18 19.64 4.12 2.25
N GLN A 19 20.46 3.11 2.50
CA GLN A 19 21.65 3.27 3.33
C GLN A 19 22.90 2.89 2.56
N LEU A 20 23.11 3.55 1.42
CA LEU A 20 24.27 3.31 0.58
C LEU A 20 24.33 1.83 0.16
N SER B 1 -15.77 -12.38 11.42
CA SER B 1 -16.47 -11.19 10.91
C SER B 1 -16.66 -11.27 9.40
N THR B 2 -15.58 -11.57 8.69
CA THR B 2 -15.62 -11.69 7.24
C THR B 2 -16.56 -12.81 6.81
N GLU B 3 -17.52 -12.48 5.95
CA GLU B 3 -18.48 -13.48 5.49
C GLU B 3 -18.76 -13.31 3.99
N GLY B 4 -17.81 -12.75 3.26
CA GLY B 4 -18.00 -12.57 1.83
C GLY B 4 -17.99 -13.91 1.11
N SER B 5 -17.05 -14.09 0.19
CA SER B 5 -16.94 -15.36 -0.51
C SER B 5 -16.72 -16.44 0.53
N SER B 6 -15.48 -16.57 0.98
CA SER B 6 -15.14 -17.51 2.02
C SER B 6 -14.61 -16.77 3.23
N PRO B 7 -15.11 -17.12 4.42
CA PRO B 7 -14.69 -16.47 5.66
C PRO B 7 -13.18 -16.38 5.77
N ALA B 8 -12.50 -17.40 5.24
CA ALA B 8 -11.05 -17.39 5.24
C ALA B 8 -10.57 -16.58 4.08
N TYR B 9 -11.06 -16.87 2.92
CA TYR B 9 -10.57 -16.16 1.78
C TYR B 9 -10.43 -14.68 2.09
N LEU B 10 -11.36 -14.11 2.83
CA LEU B 10 -11.24 -12.71 3.21
C LEU B 10 -10.34 -12.52 4.45
N LYS B 11 -10.67 -13.20 5.56
CA LYS B 11 -9.88 -13.10 6.81
C LYS B 11 -8.45 -13.56 6.59
N GLU B 12 -8.34 -14.69 5.94
CA GLU B 12 -7.06 -15.28 5.60
C GLU B 12 -6.26 -14.25 4.85
N ILE B 13 -6.93 -13.55 3.96
CA ILE B 13 -6.28 -12.54 3.16
C ILE B 13 -5.96 -11.35 4.02
N LEU B 14 -6.78 -11.16 5.04
CA LEU B 14 -6.62 -10.06 5.96
C LEU B 14 -5.20 -10.07 6.42
N GLU B 15 -4.78 -11.20 6.92
CA GLU B 15 -3.42 -11.37 7.36
C GLU B 15 -2.45 -11.69 6.21
N GLN B 16 -2.92 -12.40 5.16
CA GLN B 16 -1.99 -12.80 4.09
C GLN B 16 -1.60 -11.69 3.13
N LEU B 17 -2.61 -11.10 2.50
CA LEU B 17 -2.38 -10.05 1.52
C LEU B 17 -1.88 -8.80 2.22
N LEU B 18 -2.58 -8.41 3.26
CA LEU B 18 -2.22 -7.24 4.02
C LEU B 18 -0.78 -7.33 4.50
N GLU B 19 -0.45 -8.45 5.13
CA GLU B 19 0.89 -8.63 5.66
C GLU B 19 1.93 -8.70 4.54
N ALA B 20 1.59 -9.43 3.48
CA ALA B 20 2.50 -9.60 2.35
C ALA B 20 2.96 -8.26 1.76
N ILE B 21 2.07 -7.30 1.68
CA ILE B 21 2.41 -5.99 1.10
C ILE B 21 3.18 -5.13 2.08
N VAL B 22 2.88 -5.26 3.35
CA VAL B 22 3.58 -4.45 4.33
C VAL B 22 4.94 -5.06 4.65
N VAL B 23 5.09 -6.35 4.42
CA VAL B 23 6.36 -7.01 4.62
C VAL B 23 7.16 -6.81 3.35
N ALA B 24 6.40 -6.52 2.30
CA ALA B 24 6.94 -6.25 0.99
C ALA B 24 7.89 -5.06 1.03
N THR B 25 8.75 -4.97 0.03
CA THR B 25 9.69 -3.85 -0.05
C THR B 25 9.92 -3.46 -1.51
N ASN B 26 10.69 -2.41 -1.70
CA ASN B 26 11.01 -1.90 -3.03
C ASN B 26 12.37 -2.42 -3.48
N PRO B 27 12.71 -2.30 -4.78
CA PRO B 27 14.01 -2.76 -5.30
C PRO B 27 15.16 -2.12 -4.55
N SER B 28 14.88 -1.03 -3.85
CA SER B 28 15.90 -0.32 -3.08
C SER B 28 16.17 -1.05 -1.77
N GLY B 29 15.18 -1.80 -1.29
CA GLY B 29 15.34 -2.53 -0.06
C GLY B 29 14.33 -2.17 1.00
N ARG B 30 13.54 -1.12 0.78
CA ARG B 30 12.56 -0.70 1.77
C ARG B 30 11.12 -0.73 1.27
N LEU B 31 10.25 -0.99 2.23
CA LEU B 31 8.81 -1.14 2.04
C LEU B 31 8.21 -0.36 0.87
N ILE B 32 7.43 -1.08 0.08
CA ILE B 32 6.69 -0.48 -1.00
C ILE B 32 5.45 0.15 -0.39
N SER B 33 5.03 -0.46 0.71
CA SER B 33 3.87 -0.05 1.50
C SER B 33 4.21 1.14 2.37
N GLU B 34 5.48 1.51 2.38
CA GLU B 34 6.00 2.60 3.21
C GLU B 34 5.10 3.84 3.18
N LEU B 35 4.68 4.25 2.00
CA LEU B 35 3.84 5.44 1.86
C LEU B 35 2.40 5.14 2.22
N PHE B 36 2.08 3.87 2.22
CA PHE B 36 0.72 3.44 2.50
C PHE B 36 0.64 2.70 3.83
N GLN B 37 1.72 2.79 4.60
CA GLN B 37 1.78 2.14 5.90
C GLN B 37 0.55 2.50 6.72
N LYS B 38 0.30 3.80 6.86
CA LYS B 38 -0.84 4.27 7.64
C LYS B 38 -1.40 5.60 7.14
N LEU B 39 -2.70 5.62 6.84
CA LEU B 39 -3.36 6.85 6.40
C LEU B 39 -3.29 7.87 7.53
N PRO B 40 -3.40 9.17 7.22
CA PRO B 40 -3.33 10.23 8.23
C PRO B 40 -4.46 10.18 9.26
N SER B 41 -5.54 10.91 8.99
CA SER B 41 -6.67 10.98 9.91
C SER B 41 -7.94 11.40 9.22
N LYS B 42 -7.80 11.82 7.97
CA LYS B 42 -8.92 12.29 7.16
C LYS B 42 -9.35 13.69 7.61
N VAL B 43 -9.39 13.86 8.93
CA VAL B 43 -9.80 15.12 9.55
C VAL B 43 -8.61 15.89 10.06
N GLN B 44 -7.67 15.17 10.68
CA GLN B 44 -6.49 15.79 11.23
C GLN B 44 -5.56 16.25 10.13
N TYR B 45 -5.56 15.47 9.05
CA TYR B 45 -4.73 15.79 7.89
C TYR B 45 -5.57 15.69 6.63
N PRO B 46 -6.56 16.58 6.53
CA PRO B 46 -7.48 16.65 5.40
C PRO B 46 -6.79 16.88 4.07
N ASP B 47 -5.69 17.61 4.09
CA ASP B 47 -4.94 17.89 2.87
C ASP B 47 -4.64 16.59 2.13
N TYR B 48 -4.49 15.51 2.89
CA TYR B 48 -4.23 14.20 2.30
C TYR B 48 -5.50 13.66 1.68
N TYR B 49 -6.58 13.64 2.44
CA TYR B 49 -7.84 13.15 1.91
C TYR B 49 -8.39 14.09 0.85
N ALA B 50 -7.87 15.32 0.84
CA ALA B 50 -8.27 16.34 -0.11
C ALA B 50 -7.54 16.15 -1.44
N ILE B 51 -6.22 16.05 -1.37
CA ILE B 51 -5.39 15.85 -2.54
C ILE B 51 -5.80 14.59 -3.30
N ILE B 52 -5.67 13.47 -2.61
CA ILE B 52 -5.98 12.15 -3.14
C ILE B 52 -7.40 12.10 -3.63
N LYS B 53 -7.68 11.13 -4.47
CA LYS B 53 -8.99 10.97 -4.96
C LYS B 53 -9.61 9.76 -4.25
N GLU B 54 -8.77 8.76 -3.99
CA GLU B 54 -9.21 7.56 -3.28
C GLU B 54 -8.14 7.06 -2.32
N PRO B 55 -7.92 7.77 -1.21
CA PRO B 55 -6.96 7.36 -0.20
C PRO B 55 -7.44 6.15 0.56
N ILE B 56 -6.58 5.15 0.60
CA ILE B 56 -6.84 3.91 1.29
C ILE B 56 -5.52 3.17 1.41
N ASP B 57 -5.14 2.87 2.63
CA ASP B 57 -3.87 2.20 2.89
C ASP B 57 -4.09 0.72 3.18
N LEU B 58 -3.08 -0.11 2.97
CA LEU B 58 -3.21 -1.55 3.19
C LEU B 58 -3.88 -1.84 4.53
N LYS B 59 -3.80 -0.86 5.43
CA LYS B 59 -4.43 -0.95 6.74
C LYS B 59 -5.94 -0.79 6.60
N THR B 60 -6.33 0.26 5.89
CA THR B 60 -7.75 0.57 5.66
C THR B 60 -8.42 -0.51 4.82
N ILE B 61 -7.66 -1.17 3.97
CA ILE B 61 -8.21 -2.23 3.15
C ILE B 61 -8.55 -3.41 4.04
N ALA B 62 -7.61 -3.83 4.87
CA ALA B 62 -7.85 -4.92 5.79
C ALA B 62 -9.03 -4.53 6.66
N GLN B 63 -9.07 -3.24 6.94
CA GLN B 63 -10.10 -2.64 7.76
C GLN B 63 -11.47 -2.90 7.15
N ARG B 64 -11.55 -2.72 5.84
CA ARG B 64 -12.78 -2.92 5.10
C ARG B 64 -13.09 -4.40 4.89
N ILE B 65 -12.04 -5.22 4.72
CA ILE B 65 -12.21 -6.65 4.53
C ILE B 65 -13.07 -7.25 5.62
N GLN B 66 -12.71 -6.95 6.87
CA GLN B 66 -13.45 -7.45 8.02
C GLN B 66 -14.71 -6.62 8.24
N ASN B 67 -14.70 -5.37 7.79
CA ASN B 67 -15.86 -4.49 7.95
C ASN B 67 -16.97 -4.87 6.97
N GLY B 68 -16.73 -5.88 6.15
CA GLY B 68 -17.72 -6.32 5.19
C GLY B 68 -17.88 -5.34 4.04
N SER B 69 -16.92 -4.43 3.92
CA SER B 69 -16.92 -3.41 2.88
C SER B 69 -16.45 -3.98 1.54
N TYR B 70 -16.07 -5.25 1.53
CA TYR B 70 -15.58 -5.88 0.31
C TYR B 70 -16.38 -7.13 -0.07
N LYS B 71 -16.55 -8.06 0.87
CA LYS B 71 -17.29 -9.30 0.60
C LYS B 71 -16.56 -10.13 -0.44
N SER B 72 -15.46 -9.56 -0.94
CA SER B 72 -14.61 -10.19 -1.93
C SER B 72 -13.30 -9.45 -1.98
N ILE B 73 -12.21 -10.17 -1.92
CA ILE B 73 -10.89 -9.56 -1.91
C ILE B 73 -10.56 -8.88 -3.22
N HIS B 74 -11.18 -9.30 -4.30
CA HIS B 74 -10.95 -8.60 -5.56
C HIS B 74 -11.26 -7.13 -5.34
N ALA B 75 -12.15 -6.87 -4.37
CA ALA B 75 -12.55 -5.52 -4.00
C ALA B 75 -11.46 -4.88 -3.14
N MET B 76 -10.94 -5.62 -2.15
CA MET B 76 -9.88 -5.08 -1.32
C MET B 76 -8.73 -4.68 -2.22
N ALA B 77 -8.49 -5.56 -3.19
CA ALA B 77 -7.47 -5.40 -4.20
C ALA B 77 -7.63 -4.10 -4.97
N LYS B 78 -8.84 -3.85 -5.47
CA LYS B 78 -9.10 -2.65 -6.21
C LYS B 78 -8.70 -1.45 -5.36
N ASP B 79 -8.91 -1.60 -4.05
CA ASP B 79 -8.55 -0.57 -3.10
C ASP B 79 -7.04 -0.60 -2.92
N ILE B 80 -6.45 -1.77 -3.13
CA ILE B 80 -5.02 -1.94 -3.02
C ILE B 80 -4.35 -1.18 -4.15
N ASP B 81 -5.05 -1.14 -5.27
CA ASP B 81 -4.59 -0.38 -6.40
C ASP B 81 -4.83 1.08 -6.09
N LEU B 82 -5.92 1.34 -5.34
CA LEU B 82 -6.26 2.69 -4.90
C LEU B 82 -5.21 3.16 -3.93
N LEU B 83 -4.71 2.19 -3.19
CA LEU B 83 -3.67 2.41 -2.23
C LEU B 83 -2.48 2.96 -3.01
N ALA B 84 -2.18 2.24 -4.07
CA ALA B 84 -1.11 2.60 -4.97
C ALA B 84 -1.44 3.89 -5.72
N LYS B 85 -2.73 4.14 -5.93
CA LYS B 85 -3.17 5.35 -6.61
C LYS B 85 -2.87 6.56 -5.76
N ASN B 86 -3.16 6.46 -4.46
CA ASN B 86 -2.88 7.54 -3.54
C ASN B 86 -1.38 7.82 -3.59
N ALA B 87 -0.62 6.79 -3.99
CA ALA B 87 0.83 6.92 -4.11
C ALA B 87 1.22 7.92 -5.19
N LYS B 88 0.69 7.72 -6.40
CA LYS B 88 1.02 8.59 -7.51
C LYS B 88 0.50 10.01 -7.29
N THR B 89 -0.50 10.13 -6.43
CA THR B 89 -1.10 11.43 -6.15
C THR B 89 -0.40 12.21 -5.03
N TYR B 90 -0.12 11.56 -3.91
CA TYR B 90 0.46 12.25 -2.76
C TYR B 90 1.97 12.52 -2.82
N ASN B 91 2.80 11.48 -2.99
CA ASN B 91 4.25 11.71 -3.00
C ASN B 91 4.76 12.25 -4.34
N GLU B 92 6.06 12.09 -4.56
CA GLU B 92 6.73 12.58 -5.77
C GLU B 92 6.90 11.48 -6.81
N PRO B 93 6.75 11.81 -8.11
CA PRO B 93 6.89 10.85 -9.19
C PRO B 93 8.32 10.37 -9.35
N GLY B 94 9.26 11.18 -8.89
CA GLY B 94 10.66 10.82 -8.95
C GLY B 94 11.07 10.12 -7.68
N SER B 95 10.09 9.50 -7.02
CA SER B 95 10.32 8.80 -5.76
C SER B 95 9.81 7.37 -5.84
N GLN B 96 10.29 6.54 -4.93
CA GLN B 96 9.91 5.13 -4.87
C GLN B 96 8.39 4.95 -4.80
N VAL B 97 7.70 5.98 -4.33
CA VAL B 97 6.23 5.95 -4.18
C VAL B 97 5.50 5.38 -5.40
N PHE B 98 5.88 5.79 -6.59
CA PHE B 98 5.18 5.36 -7.79
C PHE B 98 5.52 3.92 -8.18
N LYS B 99 6.80 3.58 -8.16
CA LYS B 99 7.24 2.24 -8.51
C LYS B 99 6.88 1.23 -7.43
N ASP B 100 6.80 1.69 -6.18
CA ASP B 100 6.48 0.80 -5.07
C ASP B 100 5.04 0.40 -5.06
N ALA B 101 4.18 1.37 -5.31
CA ALA B 101 2.76 1.13 -5.30
C ALA B 101 2.35 0.21 -6.43
N ASN B 102 2.89 0.46 -7.63
CA ASN B 102 2.59 -0.40 -8.76
C ASN B 102 3.05 -1.80 -8.40
N SER B 103 4.13 -1.86 -7.63
CA SER B 103 4.66 -3.13 -7.19
C SER B 103 3.71 -3.75 -6.16
N ILE B 104 3.11 -2.91 -5.32
CA ILE B 104 2.18 -3.38 -4.30
C ILE B 104 1.04 -4.16 -4.92
N LYS B 105 0.34 -3.51 -5.84
CA LYS B 105 -0.77 -4.14 -6.51
C LYS B 105 -0.31 -5.47 -7.11
N LYS B 106 0.94 -5.51 -7.59
CA LYS B 106 1.49 -6.73 -8.16
C LYS B 106 1.68 -7.79 -7.06
N ILE B 107 2.44 -7.44 -6.01
CA ILE B 107 2.68 -8.34 -4.87
C ILE B 107 1.37 -8.91 -4.40
N PHE B 108 0.42 -8.02 -4.25
CA PHE B 108 -0.90 -8.36 -3.79
C PHE B 108 -1.46 -9.57 -4.51
N TYR B 109 -1.54 -9.50 -5.85
CA TYR B 109 -2.09 -10.60 -6.63
C TYR B 109 -1.23 -11.87 -6.52
N MET B 110 0.09 -11.75 -6.60
CA MET B 110 0.95 -12.92 -6.48
C MET B 110 0.64 -13.59 -5.15
N LYS B 111 0.32 -12.76 -4.16
CA LYS B 111 -0.01 -13.23 -2.83
C LYS B 111 -1.41 -13.84 -2.81
N LYS B 112 -2.30 -13.34 -3.67
CA LYS B 112 -3.65 -13.87 -3.77
C LYS B 112 -3.63 -15.33 -4.25
N ALA B 113 -2.85 -15.56 -5.31
CA ALA B 113 -2.75 -16.88 -5.94
C ALA B 113 -2.07 -17.92 -5.05
N GLU B 114 -1.01 -17.54 -4.36
CA GLU B 114 -0.30 -18.48 -3.50
C GLU B 114 -1.19 -18.82 -2.32
N ILE B 115 -2.02 -17.83 -1.99
CA ILE B 115 -2.98 -17.93 -0.91
C ILE B 115 -4.01 -19.01 -1.21
N GLU B 116 -4.59 -18.90 -2.39
CA GLU B 116 -5.60 -19.86 -2.84
C GLU B 116 -4.94 -21.17 -3.21
N HIS B 117 -3.62 -21.14 -3.41
CA HIS B 117 -2.87 -22.33 -3.75
C HIS B 117 -2.67 -23.20 -2.52
N HIS B 118 -2.34 -22.56 -1.40
CA HIS B 118 -2.15 -23.28 -0.15
C HIS B 118 -3.48 -23.76 0.39
N GLU B 119 -4.55 -23.07 0.00
CA GLU B 119 -5.90 -23.43 0.44
C GLU B 119 -6.59 -24.28 -0.62
N MET B 120 -5.80 -24.96 -1.43
CA MET B 120 -6.32 -25.81 -2.49
C MET B 120 -5.73 -27.22 -2.40
N ALA B 121 -4.41 -27.29 -2.38
CA ALA B 121 -3.71 -28.58 -2.29
C ALA B 121 -2.49 -28.48 -1.39
N ALA A 1 2.60 1.05 20.83
CA ALA A 1 2.87 -0.39 20.62
C ALA A 1 4.21 -0.58 19.91
N ARG A 2 4.76 0.49 19.37
CA ARG A 2 6.04 0.44 18.67
C ARG A 2 7.08 1.30 19.38
N THR A 3 8.09 0.66 19.96
CA THR A 3 9.14 1.36 20.68
C THR A 3 10.32 1.65 19.77
N LYS A 4 11.03 0.60 19.35
CA LYS A 4 12.20 0.76 18.48
C LYS A 4 12.10 -0.15 17.27
N GLN A 5 12.41 0.40 16.10
CA GLN A 5 12.36 -0.36 14.85
C GLN A 5 13.30 0.23 13.82
N THR A 6 13.21 1.54 13.61
CA THR A 6 14.05 2.23 12.63
C THR A 6 14.65 3.49 13.23
N ALA A 7 15.96 3.69 13.02
CA ALA A 7 16.66 4.86 13.52
C ALA A 7 17.55 5.47 12.45
N ARG A 8 17.65 6.79 12.46
CA ARG A 8 18.46 7.51 11.48
C ARG A 8 19.25 8.63 12.14
N LYS A 9 20.14 9.25 11.38
CA LYS A 9 20.95 10.36 11.90
C LYS A 9 20.07 11.49 12.39
N SER A 10 19.34 12.11 11.47
CA SER A 10 18.45 13.23 11.80
C SER A 10 17.44 13.48 10.70
N THR A 11 17.93 13.52 9.46
CA THR A 11 17.07 13.76 8.30
C THR A 11 16.54 12.44 7.73
N GLY A 12 15.31 12.47 7.25
CA GLY A 12 14.70 11.28 6.68
C GLY A 12 14.59 11.35 5.17
N GLY A 13 13.75 10.49 4.59
CA GLY A 13 13.58 10.48 3.15
C GLY A 13 12.48 9.54 2.69
N ALA A 15 10.51 8.37 -1.34
CA ALA A 15 10.86 7.71 -2.61
C ALA A 15 12.36 7.56 -2.76
N PRO A 16 12.83 6.41 -3.27
CA PRO A 16 14.25 6.14 -3.44
C PRO A 16 14.89 6.95 -4.56
N ARG A 17 15.10 8.24 -4.31
CA ARG A 17 15.70 9.13 -5.30
C ARG A 17 17.21 8.92 -5.36
N LYS A 18 17.93 9.60 -4.46
CA LYS A 18 19.38 9.50 -4.40
C LYS A 18 19.85 9.49 -2.96
N GLN A 19 20.12 10.69 -2.43
CA GLN A 19 20.58 10.84 -1.05
C GLN A 19 21.70 9.86 -0.72
N LEU A 20 22.93 10.22 -1.07
CA LEU A 20 24.08 9.37 -0.81
C LEU A 20 24.91 9.91 0.36
N SER B 1 -13.06 -6.46 13.14
CA SER B 1 -13.47 -7.84 12.79
C SER B 1 -13.51 -8.03 11.28
N THR B 2 -12.57 -8.83 10.77
CA THR B 2 -12.49 -9.10 9.34
C THR B 2 -13.28 -10.35 8.97
N GLU B 3 -13.90 -10.34 7.79
CA GLU B 3 -14.68 -11.49 7.35
C GLU B 3 -14.74 -11.55 5.82
N GLY B 4 -15.69 -10.83 5.22
CA GLY B 4 -15.84 -10.85 3.78
C GLY B 4 -15.90 -12.26 3.24
N SER B 5 -15.18 -12.52 2.14
CA SER B 5 -15.15 -13.87 1.57
C SER B 5 -14.72 -14.83 2.67
N SER B 6 -13.42 -14.89 2.89
CA SER B 6 -12.85 -15.70 3.95
C SER B 6 -12.15 -14.82 4.96
N PRO B 7 -12.40 -15.06 6.25
CA PRO B 7 -11.81 -14.27 7.31
C PRO B 7 -10.32 -14.13 7.12
N ALA B 8 -9.66 -15.23 6.77
CA ALA B 8 -8.24 -15.18 6.51
C ALA B 8 -8.00 -14.55 5.19
N TYR B 9 -8.70 -14.99 4.19
CA TYR B 9 -8.45 -14.46 2.90
C TYR B 9 -8.25 -12.94 2.99
N LEU B 10 -9.08 -12.27 3.77
CA LEU B 10 -8.92 -10.83 3.94
C LEU B 10 -7.87 -10.47 5.02
N LYS B 11 -8.04 -11.02 6.23
CA LYS B 11 -7.10 -10.76 7.36
C LYS B 11 -5.69 -11.20 7.00
N GLU B 12 -5.62 -12.38 6.44
CA GLU B 12 -4.38 -12.97 5.98
C GLU B 12 -3.73 -11.99 5.04
N ILE B 13 -4.52 -11.44 4.14
CA ILE B 13 -4.01 -10.49 3.17
C ILE B 13 -3.62 -9.21 3.87
N LEU B 14 -4.32 -8.94 4.95
CA LEU B 14 -4.08 -7.75 5.72
C LEU B 14 -2.62 -7.66 6.01
N GLU B 15 -2.09 -8.72 6.56
CA GLU B 15 -0.66 -8.80 6.82
C GLU B 15 0.14 -9.23 5.60
N GLN B 16 -0.43 -10.06 4.71
CA GLN B 16 0.36 -10.57 3.57
C GLN B 16 0.57 -9.58 2.44
N LEU B 17 -0.51 -9.07 1.89
CA LEU B 17 -0.44 -8.15 0.77
C LEU B 17 0.06 -6.80 1.24
N LEU B 18 -0.51 -6.33 2.34
CA LEU B 18 -0.14 -5.07 2.93
C LEU B 18 1.35 -5.03 3.24
N GLU B 19 1.84 -6.06 3.93
CA GLU B 19 3.24 -6.09 4.32
C GLU B 19 4.15 -6.32 3.13
N ALA B 20 3.75 -7.21 2.22
CA ALA B 20 4.55 -7.54 1.04
C ALA B 20 4.92 -6.29 0.26
N ILE B 21 3.96 -5.40 0.07
CA ILE B 21 4.20 -4.17 -0.68
C ILE B 21 4.89 -3.14 0.18
N VAL B 22 4.56 -3.13 1.45
CA VAL B 22 5.15 -2.21 2.37
C VAL B 22 6.65 -2.46 2.47
N VAL B 23 7.02 -3.74 2.42
CA VAL B 23 8.42 -4.13 2.50
C VAL B 23 9.02 -4.04 1.12
N ALA B 24 8.13 -4.13 0.15
CA ALA B 24 8.49 -4.04 -1.25
C ALA B 24 9.22 -2.75 -1.52
N THR B 25 10.30 -2.82 -2.26
CA THR B 25 11.04 -1.63 -2.58
C THR B 25 11.02 -1.36 -4.08
N ASN B 26 11.61 -0.24 -4.45
CA ASN B 26 11.69 0.16 -5.85
C ASN B 26 13.08 -0.19 -6.39
N PRO B 27 13.20 -0.45 -7.70
CA PRO B 27 14.49 -0.80 -8.32
C PRO B 27 15.56 0.25 -8.05
N SER B 28 15.21 1.30 -7.29
CA SER B 28 16.17 2.36 -6.97
C SER B 28 16.84 2.11 -5.61
N GLY B 29 16.16 1.38 -4.71
CA GLY B 29 16.76 1.09 -3.42
C GLY B 29 15.82 1.20 -2.23
N ARG B 30 14.67 1.87 -2.38
CA ARG B 30 13.76 2.01 -1.25
C ARG B 30 12.30 1.77 -1.60
N LEU B 31 11.54 1.54 -0.55
CA LEU B 31 10.13 1.22 -0.59
C LEU B 31 9.33 1.90 -1.70
N ILE B 32 8.53 1.09 -2.37
CA ILE B 32 7.62 1.59 -3.38
C ILE B 32 6.41 2.13 -2.62
N SER B 33 6.08 1.40 -1.56
CA SER B 33 4.99 1.73 -0.65
C SER B 33 5.28 3.03 0.09
N GLU B 34 6.51 3.51 -0.08
CA GLU B 34 6.98 4.70 0.60
C GLU B 34 5.99 5.86 0.53
N LEU B 35 5.46 6.15 -0.65
CA LEU B 35 4.50 7.24 -0.79
C LEU B 35 3.13 6.85 -0.32
N PHE B 36 2.92 5.55 -0.17
CA PHE B 36 1.63 5.03 0.24
C PHE B 36 1.68 4.45 1.64
N GLN B 37 2.66 4.92 2.40
CA GLN B 37 2.83 4.47 3.76
C GLN B 37 1.68 4.97 4.63
N LYS B 38 1.37 6.26 4.51
CA LYS B 38 0.30 6.85 5.31
C LYS B 38 -0.66 7.73 4.51
N LEU B 39 -1.94 7.54 4.81
CA LEU B 39 -3.05 8.29 4.22
C LEU B 39 -3.74 9.04 5.37
N PRO B 40 -3.85 10.39 5.28
CA PRO B 40 -4.43 11.20 6.37
C PRO B 40 -5.84 10.76 6.82
N SER B 41 -6.70 11.72 7.17
CA SER B 41 -8.04 11.40 7.68
C SER B 41 -9.16 11.59 6.67
N LYS B 42 -8.83 12.06 5.48
CA LYS B 42 -9.83 12.30 4.44
C LYS B 42 -10.74 13.46 4.83
N VAL B 43 -10.33 14.16 5.89
CA VAL B 43 -11.06 15.30 6.43
C VAL B 43 -10.09 16.28 7.06
N GLN B 44 -9.09 15.70 7.70
CA GLN B 44 -8.08 16.43 8.41
C GLN B 44 -7.06 17.05 7.47
N TYR B 45 -6.83 16.37 6.37
CA TYR B 45 -5.89 16.85 5.37
C TYR B 45 -6.49 16.78 3.98
N PRO B 46 -7.62 17.47 3.80
CA PRO B 46 -8.37 17.51 2.55
C PRO B 46 -7.53 17.93 1.36
N ASP B 47 -6.53 18.78 1.56
CA ASP B 47 -5.68 19.22 0.46
C ASP B 47 -5.12 18.00 -0.26
N TYR B 48 -4.94 16.92 0.49
CA TYR B 48 -4.44 15.67 -0.05
C TYR B 48 -5.57 15.01 -0.80
N TYR B 49 -6.75 15.11 -0.21
CA TYR B 49 -7.94 14.53 -0.76
C TYR B 49 -8.52 15.36 -1.90
N ALA B 50 -8.04 16.59 -1.98
CA ALA B 50 -8.44 17.53 -3.02
C ALA B 50 -7.57 17.30 -4.25
N ILE B 51 -6.27 17.17 -3.99
CA ILE B 51 -5.28 16.95 -5.02
C ILE B 51 -5.50 15.58 -5.71
N ILE B 52 -5.68 14.55 -4.89
CA ILE B 52 -5.90 13.18 -5.35
C ILE B 52 -7.30 13.04 -5.86
N LYS B 53 -7.51 12.02 -6.66
CA LYS B 53 -8.81 11.77 -7.18
C LYS B 53 -9.42 10.60 -6.42
N GLU B 54 -8.56 9.61 -6.11
CA GLU B 54 -8.98 8.44 -5.34
C GLU B 54 -7.91 8.00 -4.35
N PRO B 55 -7.70 8.81 -3.30
CA PRO B 55 -6.72 8.52 -2.25
C PRO B 55 -7.05 7.28 -1.45
N ILE B 56 -6.01 6.56 -1.11
CA ILE B 56 -6.08 5.34 -0.34
C ILE B 56 -4.69 4.74 -0.29
N ASP B 57 -4.14 4.60 0.90
CA ASP B 57 -2.81 4.06 1.06
C ASP B 57 -2.87 2.63 1.56
N LEU B 58 -1.76 1.92 1.43
CA LEU B 58 -1.66 0.54 1.86
C LEU B 58 -2.27 0.38 3.25
N LYS B 59 -2.12 1.42 4.05
CA LYS B 59 -2.66 1.47 5.40
C LYS B 59 -4.19 1.52 5.37
N THR B 60 -4.72 2.41 4.55
CA THR B 60 -6.16 2.58 4.42
C THR B 60 -6.81 1.35 3.80
N ILE B 61 -6.10 0.70 2.90
CA ILE B 61 -6.59 -0.50 2.25
C ILE B 61 -6.79 -1.59 3.29
N ALA B 62 -5.78 -1.80 4.11
CA ALA B 62 -5.86 -2.79 5.15
C ALA B 62 -6.94 -2.38 6.15
N GLN B 63 -7.01 -1.08 6.35
CA GLN B 63 -7.94 -0.47 7.27
C GLN B 63 -9.35 -0.89 6.97
N ARG B 64 -9.71 -0.74 5.71
CA ARG B 64 -11.04 -1.06 5.25
C ARG B 64 -11.21 -2.58 5.07
N ILE B 65 -10.11 -3.29 4.79
CA ILE B 65 -10.16 -4.75 4.63
C ILE B 65 -10.82 -5.37 5.86
N GLN B 66 -10.31 -4.99 7.03
CA GLN B 66 -10.83 -5.49 8.29
C GLN B 66 -12.14 -4.80 8.65
N ASN B 67 -12.29 -3.57 8.16
CA ASN B 67 -13.50 -2.80 8.41
C ASN B 67 -14.68 -3.36 7.60
N GLY B 68 -14.46 -4.52 6.99
CA GLY B 68 -15.51 -5.16 6.19
C GLY B 68 -15.98 -4.26 5.07
N SER B 69 -15.11 -3.34 4.67
CA SER B 69 -15.42 -2.40 3.61
C SER B 69 -15.10 -2.95 2.21
N TYR B 70 -14.36 -4.06 2.14
CA TYR B 70 -14.01 -4.67 0.87
C TYR B 70 -14.79 -5.97 0.63
N LYS B 71 -14.83 -6.82 1.66
CA LYS B 71 -15.53 -8.11 1.57
C LYS B 71 -14.80 -9.03 0.60
N SER B 72 -13.81 -8.47 -0.09
CA SER B 72 -12.99 -9.18 -1.05
C SER B 72 -11.75 -8.37 -1.34
N ILE B 73 -10.61 -9.03 -1.31
CA ILE B 73 -9.34 -8.37 -1.54
C ILE B 73 -9.24 -7.87 -2.96
N HIS B 74 -9.98 -8.45 -3.89
CA HIS B 74 -9.95 -7.94 -5.24
C HIS B 74 -10.33 -6.46 -5.20
N ALA B 75 -11.14 -6.11 -4.20
CA ALA B 75 -11.55 -4.73 -4.00
C ALA B 75 -10.40 -3.96 -3.34
N MET B 76 -9.72 -4.62 -2.41
CA MET B 76 -8.57 -4.05 -1.75
C MET B 76 -7.55 -3.66 -2.81
N ALA B 77 -7.28 -4.62 -3.65
CA ALA B 77 -6.37 -4.50 -4.77
C ALA B 77 -6.71 -3.34 -5.67
N LYS B 78 -7.99 -3.21 -6.03
CA LYS B 78 -8.39 -2.12 -6.88
C LYS B 78 -7.99 -0.81 -6.23
N ASP B 79 -8.03 -0.81 -4.89
CA ASP B 79 -7.63 0.35 -4.12
C ASP B 79 -6.12 0.42 -4.09
N ILE B 80 -5.49 -0.74 -4.23
CA ILE B 80 -4.03 -0.81 -4.25
C ILE B 80 -3.54 -0.16 -5.53
N ASP B 81 -4.36 -0.26 -6.56
CA ASP B 81 -4.08 0.37 -7.82
C ASP B 81 -4.36 1.86 -7.65
N LEU B 82 -5.41 2.16 -6.88
CA LEU B 82 -5.77 3.54 -6.56
C LEU B 82 -4.68 4.15 -5.73
N LEU B 83 -4.10 3.31 -4.91
CA LEU B 83 -3.00 3.67 -4.06
C LEU B 83 -1.91 4.20 -4.98
N ALA B 84 -1.66 3.40 -6.01
CA ALA B 84 -0.68 3.71 -7.02
C ALA B 84 -1.13 4.93 -7.84
N LYS B 85 -2.45 5.11 -7.97
CA LYS B 85 -2.98 6.24 -8.71
C LYS B 85 -2.64 7.52 -7.97
N ASN B 86 -2.84 7.51 -6.65
CA ASN B 86 -2.52 8.66 -5.83
C ASN B 86 -1.04 8.99 -6.02
N ALA B 87 -0.26 7.97 -6.40
CA ALA B 87 1.16 8.16 -6.65
C ALA B 87 1.40 9.12 -7.79
N LYS B 88 0.74 8.85 -8.91
CA LYS B 88 0.87 9.66 -10.10
C LYS B 88 0.28 11.06 -9.91
N THR B 89 -0.62 11.15 -8.95
CA THR B 89 -1.30 12.42 -8.66
C THR B 89 -0.56 13.31 -7.66
N TYR B 90 -0.29 12.77 -6.47
CA TYR B 90 0.35 13.54 -5.40
C TYR B 90 1.83 13.81 -5.64
N ASN B 91 2.61 12.76 -5.86
CA ASN B 91 4.04 12.89 -6.04
C ASN B 91 4.41 13.44 -7.42
N GLU B 92 5.71 13.59 -7.64
CA GLU B 92 6.25 14.10 -8.89
C GLU B 92 6.58 12.97 -9.86
N PRO B 93 6.27 13.14 -11.16
CA PRO B 93 6.53 12.12 -12.19
C PRO B 93 8.01 11.84 -12.38
N GLY B 94 8.83 12.86 -12.14
CA GLY B 94 10.26 12.69 -12.26
C GLY B 94 10.83 12.06 -11.01
N SER B 95 10.09 11.11 -10.44
CA SER B 95 10.49 10.42 -9.23
C SER B 95 10.09 8.96 -9.27
N GLN B 96 10.77 8.16 -8.46
CA GLN B 96 10.53 6.73 -8.37
C GLN B 96 9.06 6.41 -8.09
N VAL B 97 8.34 7.37 -7.53
CA VAL B 97 6.92 7.18 -7.17
C VAL B 97 6.09 6.52 -8.26
N PHE B 98 6.08 7.09 -9.45
CA PHE B 98 5.26 6.57 -10.52
C PHE B 98 5.61 5.13 -10.86
N LYS B 99 6.89 4.84 -11.02
CA LYS B 99 7.33 3.48 -11.33
C LYS B 99 7.13 2.56 -10.13
N ASP B 100 7.18 3.14 -8.94
CA ASP B 100 7.01 2.40 -7.70
C ASP B 100 5.62 1.84 -7.61
N ALA B 101 4.66 2.73 -7.75
CA ALA B 101 3.26 2.39 -7.63
C ALA B 101 2.85 1.33 -8.64
N ASN B 102 3.25 1.51 -9.90
CA ASN B 102 2.93 0.53 -10.92
C ASN B 102 3.45 -0.83 -10.48
N SER B 103 4.63 -0.81 -9.87
CA SER B 103 5.24 -2.03 -9.38
C SER B 103 4.43 -2.56 -8.21
N ILE B 104 3.89 -1.65 -7.39
CA ILE B 104 3.11 -2.05 -6.22
C ILE B 104 1.94 -2.92 -6.61
N LYS B 105 1.10 -2.41 -7.51
CA LYS B 105 -0.05 -3.16 -7.96
C LYS B 105 0.40 -4.52 -8.49
N LYS B 106 1.58 -4.55 -9.12
CA LYS B 106 2.11 -5.80 -9.64
C LYS B 106 2.50 -6.75 -8.50
N ILE B 107 3.34 -6.27 -7.57
CA ILE B 107 3.77 -7.07 -6.42
C ILE B 107 2.55 -7.61 -5.70
N PHE B 108 1.59 -6.74 -5.53
CA PHE B 108 0.36 -7.07 -4.86
C PHE B 108 -0.21 -8.39 -5.37
N TYR B 109 -0.46 -8.46 -6.68
CA TYR B 109 -1.03 -9.68 -7.25
C TYR B 109 -0.10 -10.89 -7.14
N MET B 110 1.22 -10.66 -7.21
CA MET B 110 2.16 -11.78 -7.07
C MET B 110 1.97 -12.38 -5.69
N LYS B 111 1.93 -11.49 -4.71
CA LYS B 111 1.75 -11.85 -3.32
C LYS B 111 0.35 -12.43 -3.12
N LYS B 112 -0.59 -11.99 -3.96
CA LYS B 112 -1.98 -12.44 -3.90
C LYS B 112 -2.12 -13.89 -4.41
N ALA B 113 -1.37 -14.22 -5.44
CA ALA B 113 -1.43 -15.55 -6.06
C ALA B 113 -0.77 -16.62 -5.18
N GLU B 114 0.34 -16.26 -4.52
CA GLU B 114 1.04 -17.20 -3.66
C GLU B 114 0.25 -17.38 -2.38
N ILE B 115 -0.44 -16.31 -2.02
CA ILE B 115 -1.27 -16.26 -0.84
C ILE B 115 -2.40 -17.28 -0.93
N GLU B 116 -3.08 -17.25 -2.06
CA GLU B 116 -4.20 -18.14 -2.31
C GLU B 116 -3.72 -19.57 -2.51
N HIS B 117 -2.58 -19.72 -3.19
CA HIS B 117 -2.01 -21.05 -3.43
C HIS B 117 -1.61 -21.70 -2.12
N HIS B 118 -1.25 -20.88 -1.14
CA HIS B 118 -0.85 -21.38 0.17
C HIS B 118 -2.07 -21.60 1.04
N GLU B 119 -3.17 -20.94 0.70
CA GLU B 119 -4.41 -21.07 1.46
C GLU B 119 -5.52 -21.66 0.59
N MET B 120 -5.30 -22.89 0.12
CA MET B 120 -6.28 -23.58 -0.72
C MET B 120 -5.85 -25.02 -0.98
N ALA B 121 -4.75 -25.18 -1.73
CA ALA B 121 -4.24 -26.50 -2.05
C ALA B 121 -2.74 -26.45 -2.35
N ALA A 1 36.61 5.39 8.72
CA ALA A 1 37.50 5.26 7.54
C ALA A 1 36.89 5.94 6.32
N ARG A 2 35.60 6.23 6.39
CA ARG A 2 34.89 6.88 5.29
C ARG A 2 34.09 8.08 5.78
N THR A 3 33.96 9.08 4.92
CA THR A 3 33.21 10.29 5.26
C THR A 3 32.74 11.01 3.99
N LYS A 4 33.68 11.34 3.12
CA LYS A 4 33.37 12.02 1.87
C LYS A 4 32.61 13.33 2.10
N GLN A 5 32.28 14.02 1.02
CA GLN A 5 31.56 15.29 1.10
C GLN A 5 30.45 15.33 0.06
N THR A 6 29.71 14.23 -0.06
CA THR A 6 28.62 14.13 -1.03
C THR A 6 27.36 14.85 -0.52
N ALA A 7 26.80 15.70 -1.36
CA ALA A 7 25.60 16.45 -1.01
C ALA A 7 24.35 15.69 -1.45
N ARG A 8 24.30 15.33 -2.74
CA ARG A 8 23.17 14.60 -3.30
C ARG A 8 21.89 15.42 -3.24
N LYS A 9 21.21 15.50 -4.39
CA LYS A 9 19.96 16.26 -4.49
C LYS A 9 18.93 15.74 -3.50
N SER A 10 18.37 16.65 -2.72
CA SER A 10 17.36 16.28 -1.72
C SER A 10 16.18 17.26 -1.76
N THR A 11 14.97 16.71 -1.80
CA THR A 11 13.76 17.52 -1.83
C THR A 11 12.98 17.39 -0.54
N GLY A 12 13.31 16.38 0.25
CA GLY A 12 12.64 16.15 1.51
C GLY A 12 11.37 15.32 1.36
N GLY A 13 10.73 15.02 2.49
CA GLY A 13 9.51 14.22 2.45
C GLY A 13 9.68 12.87 3.11
N ALA A 15 9.47 8.29 1.72
CA ALA A 15 9.67 7.27 0.70
C ALA A 15 11.05 6.66 0.83
N PRO A 16 11.18 5.35 0.55
CA PRO A 16 12.45 4.61 0.65
C PRO A 16 13.65 5.38 0.10
N ARG A 17 14.24 6.22 0.95
CA ARG A 17 15.41 7.02 0.54
C ARG A 17 15.89 7.90 1.69
N LYS A 18 17.20 7.87 1.94
CA LYS A 18 17.79 8.68 3.00
C LYS A 18 19.29 8.87 2.77
N GLN A 19 19.94 9.57 3.70
CA GLN A 19 21.38 9.81 3.59
C GLN A 19 22.18 8.69 4.23
N LEU A 20 23.49 8.90 4.38
CA LEU A 20 24.37 7.90 4.97
C LEU A 20 24.17 7.85 6.49
N SER B 1 -21.07 -10.12 9.27
CA SER B 1 -19.73 -9.49 9.34
C SER B 1 -18.78 -10.09 8.31
N THR B 2 -18.23 -9.25 7.44
CA THR B 2 -17.31 -9.70 6.40
C THR B 2 -17.97 -10.72 5.49
N GLU B 3 -17.81 -12.01 5.85
CA GLU B 3 -18.38 -13.10 5.08
C GLU B 3 -17.90 -13.08 3.62
N GLY B 4 -18.64 -12.39 2.75
CA GLY B 4 -18.27 -12.33 1.35
C GLY B 4 -18.05 -13.73 0.79
N SER B 5 -17.00 -13.89 -0.02
CA SER B 5 -16.69 -15.20 -0.57
C SER B 5 -16.50 -16.18 0.59
N SER B 6 -15.29 -16.19 1.13
CA SER B 6 -14.99 -17.03 2.28
C SER B 6 -14.60 -16.16 3.45
N PRO B 7 -15.17 -16.43 4.63
CA PRO B 7 -14.91 -15.65 5.82
C PRO B 7 -13.42 -15.39 5.99
N ALA B 8 -12.61 -16.44 5.88
CA ALA B 8 -11.17 -16.24 5.97
C ALA B 8 -10.70 -15.50 4.77
N TYR B 9 -11.07 -15.96 3.62
CA TYR B 9 -10.58 -15.34 2.45
C TYR B 9 -10.58 -13.82 2.62
N LEU B 10 -11.62 -13.26 3.20
CA LEU B 10 -11.61 -11.82 3.45
C LEU B 10 -10.90 -11.47 4.78
N LYS B 11 -11.37 -12.05 5.89
CA LYS B 11 -10.78 -11.80 7.22
C LYS B 11 -9.31 -12.15 7.24
N GLU B 12 -9.02 -13.32 6.72
CA GLU B 12 -7.66 -13.80 6.61
C GLU B 12 -6.84 -12.77 5.89
N ILE B 13 -7.37 -12.31 4.77
CA ILE B 13 -6.68 -11.34 3.95
C ILE B 13 -6.51 -10.04 4.71
N LEU B 14 -7.48 -9.78 5.55
CA LEU B 14 -7.50 -8.58 6.34
C LEU B 14 -6.17 -8.44 7.01
N GLU B 15 -5.79 -9.48 7.70
CA GLU B 15 -4.52 -9.52 8.37
C GLU B 15 -3.36 -9.91 7.44
N GLN B 16 -3.57 -10.82 6.47
CA GLN B 16 -2.43 -11.28 5.65
C GLN B 16 -2.01 -10.33 4.56
N LEU B 17 -2.96 -9.96 3.70
CA LEU B 17 -2.65 -9.09 2.59
C LEU B 17 -2.25 -7.72 3.12
N LEU B 18 -3.07 -7.20 4.01
CA LEU B 18 -2.86 -5.91 4.63
C LEU B 18 -1.49 -5.84 5.29
N GLU B 19 -1.19 -6.84 6.10
CA GLU B 19 0.07 -6.87 6.82
C GLU B 19 1.24 -7.03 5.87
N ALA B 20 1.10 -7.96 4.93
CA ALA B 20 2.15 -8.26 3.95
C ALA B 20 2.64 -7.02 3.20
N ILE B 21 1.70 -6.16 2.81
CA ILE B 21 2.06 -4.96 2.04
C ILE B 21 2.62 -3.87 2.93
N VAL B 22 2.13 -3.77 4.14
CA VAL B 22 2.63 -2.74 5.02
C VAL B 22 3.95 -3.14 5.66
N VAL B 23 4.21 -4.44 5.69
CA VAL B 23 5.47 -4.94 6.21
C VAL B 23 6.43 -4.98 5.04
N ALA B 24 5.82 -4.95 3.86
CA ALA B 24 6.54 -4.96 2.60
C ALA B 24 7.55 -3.82 2.55
N THR B 25 8.48 -3.92 1.62
CA THR B 25 9.48 -2.89 1.44
C THR B 25 9.86 -2.78 -0.04
N ASN B 26 10.75 -1.84 -0.34
CA ASN B 26 11.19 -1.63 -1.71
C ASN B 26 12.46 -2.43 -2.00
N PRO B 27 12.91 -2.49 -3.27
CA PRO B 27 14.13 -3.23 -3.64
C PRO B 27 15.31 -2.94 -2.71
N SER B 28 15.34 -1.73 -2.16
CA SER B 28 16.42 -1.32 -1.27
C SER B 28 16.19 -1.82 0.15
N GLY B 29 14.92 -2.05 0.51
CA GLY B 29 14.60 -2.54 1.84
C GLY B 29 13.79 -1.57 2.66
N ARG B 30 13.00 -0.73 2.00
CA ARG B 30 12.16 0.25 2.70
C ARG B 30 10.73 0.25 2.18
N LEU B 31 9.82 0.24 3.13
CA LEU B 31 8.37 0.16 2.88
C LEU B 31 7.90 0.79 1.59
N ILE B 32 7.25 -0.03 0.78
CA ILE B 32 6.63 0.42 -0.44
C ILE B 32 5.29 1.06 -0.06
N SER B 33 4.80 0.59 1.09
CA SER B 33 3.56 1.03 1.70
C SER B 33 3.75 2.35 2.45
N GLU B 34 5.01 2.78 2.52
CA GLU B 34 5.38 3.99 3.25
C GLU B 34 4.45 5.17 2.97
N LEU B 35 4.12 5.39 1.70
CA LEU B 35 3.24 6.50 1.34
C LEU B 35 1.79 6.18 1.61
N PHE B 36 1.51 4.92 1.87
CA PHE B 36 0.13 4.49 2.12
C PHE B 36 -0.02 4.04 3.56
N GLN B 37 0.99 4.28 4.35
CA GLN B 37 0.96 3.91 5.75
C GLN B 37 -0.37 4.32 6.37
N LYS B 38 -0.78 5.56 6.08
CA LYS B 38 -2.05 6.06 6.62
C LYS B 38 -2.78 7.01 5.66
N LEU B 39 -4.10 6.86 5.62
CA LEU B 39 -5.00 7.68 4.81
C LEU B 39 -5.71 8.64 5.78
N PRO B 40 -5.51 9.96 5.62
CA PRO B 40 -6.09 10.98 6.53
C PRO B 40 -7.60 10.89 6.68
N SER B 41 -8.11 11.70 7.61
CA SER B 41 -9.54 11.74 7.93
C SER B 41 -10.37 12.32 6.81
N LYS B 42 -9.79 12.47 5.63
CA LYS B 42 -10.53 13.02 4.49
C LYS B 42 -11.06 14.39 4.83
N VAL B 43 -12.16 14.41 5.58
CA VAL B 43 -12.80 15.63 6.04
C VAL B 43 -11.78 16.57 6.67
N GLN B 44 -10.85 15.96 7.39
CA GLN B 44 -9.82 16.69 8.10
C GLN B 44 -8.73 17.11 7.16
N TYR B 45 -8.50 16.29 6.15
CA TYR B 45 -7.48 16.56 5.16
C TYR B 45 -8.07 16.46 3.78
N PRO B 46 -9.05 17.33 3.50
CA PRO B 46 -9.74 17.39 2.22
C PRO B 46 -8.78 17.57 1.05
N ASP B 47 -7.69 18.30 1.31
CA ASP B 47 -6.70 18.53 0.27
C ASP B 47 -6.19 17.19 -0.25
N TYR B 48 -6.23 16.18 0.61
CA TYR B 48 -5.79 14.85 0.24
C TYR B 48 -6.84 14.19 -0.66
N TYR B 49 -8.09 14.15 -0.21
CA TYR B 49 -9.13 13.54 -1.01
C TYR B 49 -9.40 14.37 -2.27
N ALA B 50 -8.95 15.62 -2.23
CA ALA B 50 -9.08 16.53 -3.36
C ALA B 50 -8.03 16.21 -4.42
N ILE B 51 -6.78 16.26 -3.99
CA ILE B 51 -5.63 15.98 -4.85
C ILE B 51 -5.76 14.60 -5.52
N ILE B 52 -6.08 13.60 -4.71
CA ILE B 52 -6.25 12.22 -5.17
C ILE B 52 -7.56 12.07 -5.87
N LYS B 53 -7.67 11.03 -6.65
CA LYS B 53 -8.90 10.76 -7.33
C LYS B 53 -9.62 9.65 -6.62
N GLU B 54 -8.84 8.66 -6.16
CA GLU B 54 -9.40 7.53 -5.44
C GLU B 54 -8.48 7.08 -4.30
N PRO B 55 -8.38 7.92 -3.26
CA PRO B 55 -7.58 7.62 -2.09
C PRO B 55 -8.09 6.43 -1.31
N ILE B 56 -7.16 5.67 -0.78
CA ILE B 56 -7.42 4.49 0.01
C ILE B 56 -6.08 3.84 0.35
N ASP B 57 -5.80 3.70 1.62
CA ASP B 57 -4.55 3.12 2.05
C ASP B 57 -4.77 1.69 2.54
N LEU B 58 -3.71 0.88 2.57
CA LEU B 58 -3.84 -0.51 3.00
C LEU B 58 -4.67 -0.62 4.28
N LYS B 59 -4.74 0.48 5.02
CA LYS B 59 -5.52 0.55 6.26
C LYS B 59 -7.02 0.63 5.93
N THR B 60 -7.36 1.56 5.04
CA THR B 60 -8.74 1.76 4.62
C THR B 60 -9.26 0.55 3.87
N ILE B 61 -8.36 -0.16 3.21
CA ILE B 61 -8.71 -1.35 2.48
C ILE B 61 -9.16 -2.43 3.44
N ALA B 62 -8.36 -2.66 4.49
CA ALA B 62 -8.72 -3.63 5.48
C ALA B 62 -10.03 -3.21 6.12
N GLN B 63 -10.14 -1.90 6.25
CA GLN B 63 -11.28 -1.25 6.83
C GLN B 63 -12.55 -1.62 6.09
N ARG B 64 -12.45 -1.60 4.78
CA ARG B 64 -13.58 -1.93 3.92
C ARG B 64 -13.81 -3.44 3.85
N ILE B 65 -12.74 -4.21 3.96
CA ILE B 65 -12.84 -5.67 3.91
C ILE B 65 -13.84 -6.17 4.93
N GLN B 66 -13.67 -5.72 6.17
CA GLN B 66 -14.55 -6.11 7.26
C GLN B 66 -15.87 -5.33 7.22
N ASN B 67 -15.81 -4.12 6.66
CA ASN B 67 -17.00 -3.27 6.56
C ASN B 67 -17.99 -3.83 5.53
N GLY B 68 -17.56 -4.88 4.82
CA GLY B 68 -18.42 -5.47 3.81
C GLY B 68 -18.41 -4.68 2.52
N SER B 69 -17.53 -3.69 2.46
CA SER B 69 -17.39 -2.83 1.29
C SER B 69 -16.77 -3.58 0.11
N TYR B 70 -16.38 -4.84 0.34
CA TYR B 70 -15.76 -5.63 -0.71
C TYR B 70 -16.48 -6.95 -0.95
N LYS B 71 -16.65 -7.75 0.11
CA LYS B 71 -17.29 -9.06 -0.03
C LYS B 71 -16.48 -9.92 -0.99
N SER B 72 -15.32 -9.39 -1.35
CA SER B 72 -14.39 -10.04 -2.26
C SER B 72 -13.09 -9.24 -2.26
N ILE B 73 -12.00 -9.91 -1.94
CA ILE B 73 -10.70 -9.27 -1.88
C ILE B 73 -10.25 -8.80 -3.24
N HIS B 74 -10.76 -9.39 -4.30
CA HIS B 74 -10.41 -8.90 -5.62
C HIS B 74 -10.77 -7.42 -5.69
N ALA B 75 -11.80 -7.05 -4.91
CA ALA B 75 -12.25 -5.67 -4.82
C ALA B 75 -11.29 -4.88 -3.94
N MET B 76 -10.90 -5.50 -2.83
CA MET B 76 -9.95 -4.91 -1.91
C MET B 76 -8.68 -4.56 -2.67
N ALA B 77 -8.24 -5.54 -3.42
CA ALA B 77 -7.09 -5.47 -4.29
C ALA B 77 -7.20 -4.29 -5.24
N LYS B 78 -8.37 -4.13 -5.84
CA LYS B 78 -8.57 -3.02 -6.76
C LYS B 78 -8.33 -1.73 -6.01
N ASP B 79 -8.66 -1.74 -4.72
CA ASP B 79 -8.42 -0.58 -3.87
C ASP B 79 -6.95 -0.51 -3.56
N ILE B 80 -6.31 -1.68 -3.58
CA ILE B 80 -4.89 -1.77 -3.33
C ILE B 80 -4.17 -1.15 -4.50
N ASP B 81 -4.82 -1.23 -5.65
CA ASP B 81 -4.34 -0.62 -6.86
C ASP B 81 -4.57 0.87 -6.73
N LEU B 82 -5.72 1.20 -6.13
CA LEU B 82 -6.09 2.59 -5.89
C LEU B 82 -5.11 3.18 -4.90
N LEU B 83 -4.69 2.33 -3.99
CA LEU B 83 -3.73 2.67 -2.99
C LEU B 83 -2.47 3.15 -3.73
N ALA B 84 -2.07 2.32 -4.69
CA ALA B 84 -0.92 2.60 -5.51
C ALA B 84 -1.17 3.82 -6.42
N LYS B 85 -2.43 4.01 -6.80
CA LYS B 85 -2.81 5.13 -7.63
C LYS B 85 -2.61 6.43 -6.88
N ASN B 86 -3.03 6.45 -5.62
CA ASN B 86 -2.85 7.62 -4.78
C ASN B 86 -1.36 7.92 -4.69
N ALA B 87 -0.55 6.88 -4.90
CA ALA B 87 0.91 7.03 -4.89
C ALA B 87 1.38 7.98 -5.96
N LYS B 88 0.97 7.70 -7.19
CA LYS B 88 1.38 8.51 -8.32
C LYS B 88 0.75 9.90 -8.28
N THR B 89 -0.36 10.01 -7.56
CA THR B 89 -1.08 11.28 -7.46
C THR B 89 -0.61 12.19 -6.33
N TYR B 90 -0.47 11.66 -5.13
CA TYR B 90 -0.09 12.47 -3.96
C TYR B 90 1.39 12.80 -3.88
N ASN B 91 2.26 11.79 -3.90
CA ASN B 91 3.69 12.04 -3.79
C ASN B 91 4.26 12.56 -5.10
N GLU B 92 5.57 12.81 -5.08
CA GLU B 92 6.26 13.34 -6.25
C GLU B 92 6.82 12.20 -7.10
N PRO B 93 6.78 12.35 -8.44
CA PRO B 93 7.30 11.34 -9.34
C PRO B 93 8.82 11.24 -9.27
N GLY B 94 9.38 10.18 -9.82
CA GLY B 94 10.81 9.99 -9.76
C GLY B 94 11.21 9.49 -8.40
N SER B 95 10.23 9.43 -7.50
CA SER B 95 10.44 8.95 -6.14
C SER B 95 10.07 7.48 -6.03
N GLN B 96 10.43 6.86 -4.94
CA GLN B 96 10.14 5.45 -4.72
C GLN B 96 8.63 5.21 -4.68
N VAL B 97 7.87 6.22 -4.31
CA VAL B 97 6.41 6.12 -4.22
C VAL B 97 5.77 5.45 -5.42
N PHE B 98 6.23 5.79 -6.62
CA PHE B 98 5.62 5.25 -7.83
C PHE B 98 5.99 3.79 -8.06
N LYS B 99 7.28 3.47 -7.98
CA LYS B 99 7.73 2.09 -8.19
C LYS B 99 7.33 1.20 -7.03
N ASP B 100 7.22 1.81 -5.86
CA ASP B 100 6.84 1.11 -4.64
C ASP B 100 5.42 0.64 -4.70
N ALA B 101 4.53 1.56 -5.04
CA ALA B 101 3.11 1.26 -5.12
C ALA B 101 2.85 0.17 -6.15
N ASN B 102 3.49 0.29 -7.31
CA ASN B 102 3.35 -0.71 -8.35
C ASN B 102 3.78 -2.06 -7.76
N SER B 103 4.80 -2.01 -6.92
CA SER B 103 5.30 -3.20 -6.26
C SER B 103 4.27 -3.70 -5.26
N ILE B 104 3.58 -2.77 -4.60
CA ILE B 104 2.56 -3.13 -3.62
C ILE B 104 1.53 -4.03 -4.26
N LYS B 105 1.03 -3.55 -5.38
CA LYS B 105 0.05 -4.27 -6.15
C LYS B 105 0.57 -5.69 -6.44
N LYS B 106 1.87 -5.78 -6.73
CA LYS B 106 2.49 -7.08 -7.00
C LYS B 106 2.51 -7.94 -5.74
N ILE B 107 3.11 -7.42 -4.66
CA ILE B 107 3.18 -8.11 -3.38
C ILE B 107 1.82 -8.63 -3.00
N PHE B 108 0.85 -7.74 -3.16
CA PHE B 108 -0.51 -8.04 -2.83
C PHE B 108 -0.95 -9.37 -3.42
N TYR B 109 -0.84 -9.54 -4.74
CA TYR B 109 -1.27 -10.78 -5.35
C TYR B 109 -0.35 -11.98 -5.06
N MET B 110 0.94 -11.74 -4.77
CA MET B 110 1.84 -12.87 -4.43
C MET B 110 1.33 -13.45 -3.11
N LYS B 111 1.20 -12.53 -2.16
CA LYS B 111 0.68 -12.83 -0.83
C LYS B 111 -0.70 -13.47 -1.00
N LYS B 112 -1.51 -12.84 -1.82
CA LYS B 112 -2.85 -13.30 -2.14
C LYS B 112 -2.84 -14.74 -2.67
N ALA B 113 -1.82 -15.08 -3.44
CA ALA B 113 -1.69 -16.41 -4.05
C ALA B 113 -1.52 -17.52 -3.03
N GLU B 114 -0.60 -17.35 -2.09
CA GLU B 114 -0.34 -18.38 -1.08
C GLU B 114 -1.56 -18.56 -0.19
N ILE B 115 -2.31 -17.49 -0.04
CA ILE B 115 -3.50 -17.46 0.77
C ILE B 115 -4.68 -18.13 0.07
N GLU B 116 -4.91 -17.71 -1.16
CA GLU B 116 -6.00 -18.21 -1.98
C GLU B 116 -5.82 -19.70 -2.29
N HIS B 117 -4.61 -20.21 -2.14
CA HIS B 117 -4.34 -21.61 -2.43
C HIS B 117 -3.94 -22.40 -1.18
N HIS B 118 -2.79 -22.06 -0.61
CA HIS B 118 -2.28 -22.75 0.57
C HIS B 118 -3.05 -22.39 1.83
N GLU B 119 -3.98 -21.44 1.74
CA GLU B 119 -4.77 -21.04 2.91
C GLU B 119 -6.23 -20.86 2.55
N MET B 120 -6.86 -21.93 2.06
CA MET B 120 -8.26 -21.88 1.68
C MET B 120 -8.89 -23.28 1.73
N ALA B 121 -8.33 -24.19 0.93
CA ALA B 121 -8.83 -25.56 0.88
C ALA B 121 -10.31 -25.60 0.52
N ALA A 1 11.10 33.31 10.04
CA ALA A 1 12.01 33.02 11.19
C ALA A 1 11.21 32.73 12.44
N ARG A 2 11.02 31.45 12.74
CA ARG A 2 10.27 31.03 13.92
C ARG A 2 10.99 29.90 14.64
N THR A 3 11.91 29.25 13.93
CA THR A 3 12.68 28.14 14.51
C THR A 3 11.78 27.18 15.27
N LYS A 4 10.95 26.43 14.53
CA LYS A 4 10.03 25.48 15.14
C LYS A 4 10.54 24.05 14.96
N GLN A 5 11.11 23.49 16.01
CA GLN A 5 11.64 22.13 15.99
C GLN A 5 12.68 21.98 14.88
N THR A 6 13.94 22.24 15.22
CA THR A 6 15.03 22.14 14.25
C THR A 6 15.53 20.70 14.16
N ALA A 7 14.61 19.76 14.02
CA ALA A 7 14.96 18.35 13.91
C ALA A 7 15.34 17.98 12.47
N ARG A 8 15.70 16.72 12.27
CA ARG A 8 16.07 16.24 10.94
C ARG A 8 14.94 16.43 9.94
N LYS A 9 15.24 17.11 8.84
CA LYS A 9 14.24 17.36 7.81
C LYS A 9 14.33 16.31 6.70
N SER A 10 13.99 15.06 7.05
CA SER A 10 14.04 13.97 6.09
C SER A 10 12.75 13.91 5.27
N THR A 11 12.73 14.63 4.16
CA THR A 11 11.57 14.67 3.28
C THR A 11 11.98 14.67 1.81
N GLY A 12 11.23 13.93 1.00
CA GLY A 12 11.54 13.85 -0.41
C GLY A 12 11.08 12.54 -1.03
N GLY A 13 11.98 11.87 -1.75
CA GLY A 13 11.65 10.61 -2.38
C GLY A 13 12.51 9.47 -1.91
N ALA A 15 11.58 6.18 -3.09
CA ALA A 15 11.34 5.15 -4.09
C ALA A 15 12.64 4.71 -4.76
N PRO A 16 13.47 5.67 -5.25
CA PRO A 16 14.74 5.35 -5.92
C PRO A 16 15.87 5.08 -4.92
N ARG A 17 15.52 4.55 -3.76
CA ARG A 17 16.52 4.26 -2.73
C ARG A 17 17.48 3.18 -3.20
N LYS A 18 18.78 3.46 -3.05
CA LYS A 18 19.81 2.51 -3.46
C LYS A 18 21.14 2.84 -2.78
N GLN A 19 22.15 2.03 -3.06
CA GLN A 19 23.48 2.22 -2.48
C GLN A 19 24.24 3.32 -3.22
N LEU A 20 24.99 4.12 -2.46
CA LEU A 20 25.77 5.21 -3.04
C LEU A 20 27.22 4.79 -3.24
N SER B 1 -13.00 -12.93 12.92
CA SER B 1 -14.16 -12.01 13.00
C SER B 1 -14.26 -11.15 11.75
N THR B 2 -13.57 -11.56 10.69
CA THR B 2 -13.58 -10.82 9.44
C THR B 2 -14.61 -11.36 8.47
N GLU B 3 -14.66 -12.69 8.35
CA GLU B 3 -15.61 -13.36 7.47
C GLU B 3 -15.44 -12.91 6.02
N GLY B 4 -16.54 -12.61 5.33
CA GLY B 4 -16.46 -12.20 3.94
C GLY B 4 -15.98 -13.35 3.07
N SER B 5 -16.91 -14.00 2.38
CA SER B 5 -16.56 -15.15 1.55
C SER B 5 -15.93 -16.20 2.44
N SER B 6 -14.60 -16.20 2.49
CA SER B 6 -13.86 -17.10 3.35
C SER B 6 -13.06 -16.29 4.36
N PRO B 7 -13.18 -16.64 5.65
CA PRO B 7 -12.47 -15.92 6.69
C PRO B 7 -11.01 -15.74 6.36
N ALA B 8 -10.36 -16.81 5.89
CA ALA B 8 -8.98 -16.69 5.48
C ALA B 8 -8.90 -15.82 4.28
N TYR B 9 -9.74 -16.08 3.32
CA TYR B 9 -9.64 -15.32 2.12
C TYR B 9 -9.40 -13.86 2.45
N LEU B 10 -10.09 -13.31 3.44
CA LEU B 10 -9.80 -11.93 3.81
C LEU B 10 -8.63 -11.84 4.80
N LYS B 11 -8.73 -12.55 5.94
CA LYS B 11 -7.68 -12.57 6.98
C LYS B 11 -6.34 -13.05 6.42
N GLU B 12 -6.42 -14.16 5.71
CA GLU B 12 -5.27 -14.75 5.06
C GLU B 12 -4.62 -13.70 4.20
N ILE B 13 -5.45 -12.97 3.47
CA ILE B 13 -4.96 -11.95 2.57
C ILE B 13 -4.39 -10.79 3.35
N LEU B 14 -4.98 -10.58 4.53
CA LEU B 14 -4.58 -9.50 5.38
C LEU B 14 -3.09 -9.54 5.54
N GLU B 15 -2.62 -10.68 5.97
CA GLU B 15 -1.20 -10.90 6.13
C GLU B 15 -0.52 -11.29 4.81
N GLN B 16 -1.22 -11.98 3.91
CA GLN B 16 -0.60 -12.46 2.67
C GLN B 16 -0.38 -11.41 1.60
N LEU B 17 -1.47 -10.78 1.19
CA LEU B 17 -1.42 -9.79 0.14
C LEU B 17 -0.69 -8.56 0.63
N LEU B 18 -1.05 -8.12 1.83
CA LEU B 18 -0.43 -6.97 2.45
C LEU B 18 1.08 -7.15 2.56
N GLU B 19 1.49 -8.27 3.13
CA GLU B 19 2.90 -8.52 3.34
C GLU B 19 3.63 -8.69 2.01
N ALA B 20 3.02 -9.44 1.10
CA ALA B 20 3.62 -9.72 -0.20
C ALA B 20 3.96 -8.44 -0.97
N ILE B 21 3.09 -7.44 -0.90
CA ILE B 21 3.33 -6.20 -1.62
C ILE B 21 4.41 -5.38 -0.98
N VAL B 22 4.53 -5.44 0.33
CA VAL B 22 5.57 -4.67 0.97
C VAL B 22 6.91 -5.39 0.93
N VAL B 23 6.87 -6.73 0.88
CA VAL B 23 8.11 -7.49 0.82
C VAL B 23 8.63 -7.33 -0.59
N ALA B 24 7.70 -6.99 -1.46
CA ALA B 24 7.95 -6.75 -2.86
C ALA B 24 8.96 -5.62 -3.03
N THR B 25 9.51 -5.52 -4.22
CA THR B 25 10.46 -4.46 -4.52
C THR B 25 10.45 -4.15 -6.00
N ASN B 26 11.22 -3.15 -6.40
CA ASN B 26 11.37 -2.81 -7.80
C ASN B 26 12.71 -3.37 -8.23
N PRO B 27 12.94 -3.61 -9.54
CA PRO B 27 14.20 -4.19 -9.99
C PRO B 27 15.41 -3.49 -9.38
N SER B 28 15.44 -2.17 -9.47
CA SER B 28 16.55 -1.39 -8.93
C SER B 28 16.09 -0.28 -7.96
N GLY B 29 15.02 -0.49 -7.16
CA GLY B 29 14.59 0.60 -6.32
C GLY B 29 13.92 0.19 -5.02
N ARG B 30 14.33 -0.93 -4.44
CA ARG B 30 13.75 -1.35 -3.17
C ARG B 30 12.25 -1.53 -3.27
N LEU B 31 11.61 -1.61 -2.14
CA LEU B 31 10.18 -1.85 -2.04
C LEU B 31 9.34 -1.01 -2.98
N ILE B 32 8.37 -1.66 -3.62
CA ILE B 32 7.44 -0.98 -4.50
C ILE B 32 6.38 -0.29 -3.64
N SER B 33 6.18 -0.89 -2.48
CA SER B 33 5.22 -0.41 -1.48
C SER B 33 5.83 0.73 -0.67
N GLU B 34 7.11 0.97 -0.89
CA GLU B 34 7.88 1.99 -0.18
C GLU B 34 7.14 3.31 -0.05
N LEU B 35 6.54 3.79 -1.12
CA LEU B 35 5.83 5.05 -1.09
C LEU B 35 4.47 4.91 -0.45
N PHE B 36 4.01 3.68 -0.36
CA PHE B 36 2.70 3.41 0.20
C PHE B 36 2.83 2.68 1.52
N GLN B 37 4.03 2.66 2.07
CA GLN B 37 4.29 2.02 3.33
C GLN B 37 3.33 2.51 4.41
N LYS B 38 3.22 3.83 4.53
CA LYS B 38 2.35 4.40 5.56
C LYS B 38 1.72 5.74 5.14
N LEU B 39 0.47 5.94 5.58
CA LEU B 39 -0.26 7.18 5.32
C LEU B 39 -0.04 8.13 6.51
N PRO B 40 -0.10 9.45 6.31
CA PRO B 40 0.08 10.41 7.39
C PRO B 40 -1.01 10.31 8.45
N SER B 41 -1.15 11.36 9.25
CA SER B 41 -2.18 11.39 10.27
C SER B 41 -3.52 11.69 9.65
N LYS B 42 -3.48 12.15 8.40
CA LYS B 42 -4.67 12.50 7.65
C LYS B 42 -5.25 13.83 8.13
N VAL B 43 -4.92 14.18 9.37
CA VAL B 43 -5.35 15.41 10.00
C VAL B 43 -4.16 16.35 10.12
N GLN B 44 -3.04 15.74 10.48
CA GLN B 44 -1.80 16.44 10.67
C GLN B 44 -1.15 16.77 9.35
N TYR B 45 -1.43 15.93 8.38
CA TYR B 45 -0.89 16.12 7.04
C TYR B 45 -2.00 16.08 6.02
N PRO B 46 -2.94 17.01 6.14
CA PRO B 46 -4.09 17.12 5.25
C PRO B 46 -3.66 17.32 3.80
N ASP B 47 -2.52 17.99 3.61
CA ASP B 47 -2.01 18.23 2.26
C ASP B 47 -1.91 16.92 1.50
N TYR B 48 -1.72 15.82 2.24
CA TYR B 48 -1.63 14.51 1.62
C TYR B 48 -3.03 14.05 1.21
N TYR B 49 -3.98 14.09 2.12
CA TYR B 49 -5.33 13.67 1.78
C TYR B 49 -5.98 14.68 0.85
N ALA B 50 -5.39 15.87 0.78
CA ALA B 50 -5.89 16.93 -0.09
C ALA B 50 -5.40 16.72 -1.52
N ILE B 51 -4.08 16.52 -1.66
CA ILE B 51 -3.47 16.29 -2.97
C ILE B 51 -4.09 15.08 -3.65
N ILE B 52 -3.92 13.94 -3.01
CA ILE B 52 -4.41 12.66 -3.48
C ILE B 52 -5.89 12.71 -3.69
N LYS B 53 -6.37 11.77 -4.47
CA LYS B 53 -7.78 11.70 -4.70
C LYS B 53 -8.36 10.58 -3.87
N GLU B 54 -7.60 9.50 -3.79
CA GLU B 54 -8.01 8.33 -3.01
C GLU B 54 -6.82 7.68 -2.29
N PRO B 55 -6.29 8.34 -1.27
CA PRO B 55 -5.18 7.81 -0.49
C PRO B 55 -5.59 6.59 0.32
N ILE B 56 -4.73 5.59 0.28
CA ILE B 56 -4.90 4.34 0.98
C ILE B 56 -3.64 3.52 0.81
N ASP B 57 -2.96 3.25 1.91
CA ASP B 57 -1.73 2.50 1.87
C ASP B 57 -1.98 1.03 2.17
N LEU B 58 -1.07 0.15 1.76
CA LEU B 58 -1.24 -1.28 1.98
C LEU B 58 -1.63 -1.55 3.44
N LYS B 59 -1.31 -0.59 4.30
CA LYS B 59 -1.64 -0.65 5.72
C LYS B 59 -3.13 -0.40 5.94
N THR B 60 -3.63 0.67 5.34
CA THR B 60 -5.04 1.04 5.45
C THR B 60 -5.91 -0.02 4.79
N ILE B 61 -5.38 -0.67 3.76
CA ILE B 61 -6.11 -1.70 3.06
C ILE B 61 -6.31 -2.88 3.99
N ALA B 62 -5.25 -3.32 4.63
CA ALA B 62 -5.34 -4.40 5.57
C ALA B 62 -6.28 -3.98 6.68
N GLN B 63 -6.19 -2.71 6.99
CA GLN B 63 -6.99 -2.08 8.01
C GLN B 63 -8.46 -2.24 7.70
N ARG B 64 -8.80 -2.07 6.44
CA ARG B 64 -10.18 -2.19 5.98
C ARG B 64 -10.60 -3.65 5.86
N ILE B 65 -9.64 -4.51 5.51
CA ILE B 65 -9.92 -5.95 5.38
C ILE B 65 -10.58 -6.48 6.64
N GLN B 66 -9.94 -6.21 7.78
CA GLN B 66 -10.45 -6.65 9.07
C GLN B 66 -11.58 -5.76 9.57
N ASN B 67 -11.57 -4.51 9.12
CA ASN B 67 -12.60 -3.55 9.52
C ASN B 67 -13.95 -3.89 8.87
N GLY B 68 -13.96 -4.94 8.06
CA GLY B 68 -15.18 -5.35 7.39
C GLY B 68 -15.48 -4.49 6.17
N SER B 69 -14.57 -3.58 5.86
CA SER B 69 -14.72 -2.69 4.72
C SER B 69 -14.65 -3.46 3.41
N TYR B 70 -14.13 -4.69 3.47
CA TYR B 70 -14.02 -5.52 2.28
C TYR B 70 -14.63 -6.90 2.51
N LYS B 71 -15.85 -7.09 2.00
CA LYS B 71 -16.49 -8.39 2.10
C LYS B 71 -15.84 -9.31 1.09
N SER B 72 -14.91 -8.72 0.35
CA SER B 72 -14.13 -9.39 -0.65
C SER B 72 -12.84 -8.63 -0.88
N ILE B 73 -11.74 -9.36 -1.04
CA ILE B 73 -10.45 -8.74 -1.23
C ILE B 73 -10.38 -8.03 -2.56
N HIS B 74 -11.20 -8.41 -3.53
CA HIS B 74 -11.20 -7.70 -4.79
C HIS B 74 -11.42 -6.22 -4.48
N ALA B 75 -12.11 -5.97 -3.36
CA ALA B 75 -12.35 -4.61 -2.88
C ALA B 75 -11.06 -4.05 -2.32
N MET B 76 -10.35 -4.87 -1.57
CA MET B 76 -9.08 -4.50 -0.98
C MET B 76 -8.13 -4.09 -2.10
N ALA B 77 -8.07 -4.97 -3.08
CA ALA B 77 -7.27 -4.81 -4.27
C ALA B 77 -7.57 -3.50 -4.97
N LYS B 78 -8.85 -3.18 -5.11
CA LYS B 78 -9.21 -1.94 -5.77
C LYS B 78 -8.56 -0.79 -5.02
N ASP B 79 -8.45 -0.96 -3.70
CA ASP B 79 -7.79 0.04 -2.87
C ASP B 79 -6.31 -0.07 -3.08
N ILE B 80 -5.85 -1.27 -3.43
CA ILE B 80 -4.45 -1.50 -3.70
C ILE B 80 -4.06 -0.73 -4.95
N ASP B 81 -5.05 -0.58 -5.82
CA ASP B 81 -4.89 0.21 -7.03
C ASP B 81 -4.94 1.67 -6.63
N LEU B 82 -5.72 1.95 -5.57
CA LEU B 82 -5.83 3.29 -5.03
C LEU B 82 -4.55 3.65 -4.33
N LEU B 83 -3.92 2.60 -3.84
CA LEU B 83 -2.66 2.69 -3.18
C LEU B 83 -1.65 3.18 -4.22
N ALA B 84 -1.70 2.54 -5.36
CA ALA B 84 -0.87 2.87 -6.48
C ALA B 84 -1.28 4.21 -7.08
N LYS B 85 -2.56 4.54 -6.95
CA LYS B 85 -3.09 5.79 -7.45
C LYS B 85 -2.43 6.93 -6.70
N ASN B 86 -2.47 6.85 -5.37
CA ASN B 86 -1.83 7.86 -4.55
C ASN B 86 -0.37 7.98 -4.96
N ALA B 87 0.16 6.89 -5.53
CA ALA B 87 1.55 6.89 -5.99
C ALA B 87 1.78 7.94 -7.07
N LYS B 88 0.97 7.88 -8.11
CA LYS B 88 1.11 8.79 -9.23
C LYS B 88 0.78 10.24 -8.84
N THR B 89 0.02 10.39 -7.75
CA THR B 89 -0.38 11.71 -7.30
C THR B 89 0.63 12.38 -6.36
N TYR B 90 1.08 11.68 -5.33
CA TYR B 90 1.97 12.28 -4.34
C TYR B 90 3.45 12.36 -4.76
N ASN B 91 4.08 11.25 -5.12
CA ASN B 91 5.49 11.29 -5.50
C ASN B 91 5.72 11.83 -6.91
N GLU B 92 6.97 11.78 -7.35
CA GLU B 92 7.37 12.29 -8.67
C GLU B 92 7.20 11.24 -9.78
N PRO B 93 6.81 11.67 -11.01
CA PRO B 93 6.62 10.77 -12.13
C PRO B 93 7.93 10.20 -12.65
N GLY B 94 9.00 10.98 -12.50
CA GLY B 94 10.30 10.53 -12.92
C GLY B 94 10.97 9.72 -11.84
N SER B 95 10.16 8.97 -11.10
CA SER B 95 10.65 8.15 -10.00
C SER B 95 10.03 6.75 -10.04
N GLN B 96 10.52 5.88 -9.17
CA GLN B 96 10.03 4.50 -9.09
C GLN B 96 8.58 4.43 -8.64
N VAL B 97 8.10 5.46 -7.96
CA VAL B 97 6.72 5.51 -7.44
C VAL B 97 5.67 5.06 -8.45
N PHE B 98 5.80 5.46 -9.70
CA PHE B 98 4.81 5.12 -10.70
C PHE B 98 4.94 3.67 -11.16
N LYS B 99 6.16 3.26 -11.47
CA LYS B 99 6.43 1.90 -11.92
C LYS B 99 6.25 0.87 -10.81
N ASP B 100 6.48 1.28 -9.57
CA ASP B 100 6.37 0.38 -8.43
C ASP B 100 4.93 0.08 -8.10
N ALA B 101 4.12 1.13 -8.07
CA ALA B 101 2.73 1.00 -7.74
C ALA B 101 2.01 0.11 -8.74
N ASN B 102 2.35 0.27 -10.02
CA ASN B 102 1.74 -0.58 -11.03
C ASN B 102 2.14 -2.02 -10.77
N SER B 103 3.41 -2.21 -10.39
CA SER B 103 3.92 -3.53 -10.08
C SER B 103 3.21 -4.08 -8.86
N ILE B 104 2.81 -3.20 -7.95
CA ILE B 104 2.12 -3.61 -6.74
C ILE B 104 0.89 -4.40 -7.11
N LYS B 105 0.06 -3.80 -7.94
CA LYS B 105 -1.15 -4.47 -8.40
C LYS B 105 -0.79 -5.83 -9.00
N LYS B 106 0.37 -5.90 -9.64
CA LYS B 106 0.85 -7.15 -10.23
C LYS B 106 1.17 -8.18 -9.15
N ILE B 107 1.90 -7.77 -8.11
CA ILE B 107 2.27 -8.67 -7.02
C ILE B 107 1.02 -9.10 -6.27
N PHE B 108 0.17 -8.13 -6.04
CA PHE B 108 -1.05 -8.33 -5.31
C PHE B 108 -1.85 -9.53 -5.84
N TYR B 109 -2.22 -9.51 -7.11
CA TYR B 109 -3.01 -10.61 -7.66
C TYR B 109 -2.20 -11.89 -7.81
N MET B 110 -0.88 -11.77 -8.02
CA MET B 110 -0.04 -12.96 -8.13
C MET B 110 -0.11 -13.69 -6.79
N LYS B 111 -0.06 -12.90 -5.73
CA LYS B 111 -0.13 -13.38 -4.37
C LYS B 111 -1.56 -13.80 -4.04
N LYS B 112 -2.50 -13.18 -4.73
CA LYS B 112 -3.92 -13.45 -4.56
C LYS B 112 -4.29 -14.81 -5.15
N ALA B 113 -3.67 -15.16 -6.27
CA ALA B 113 -3.95 -16.43 -6.95
C ALA B 113 -3.34 -17.61 -6.22
N GLU B 114 -2.12 -17.47 -5.75
CA GLU B 114 -1.44 -18.56 -5.03
C GLU B 114 -2.13 -18.81 -3.71
N ILE B 115 -2.62 -17.72 -3.13
CA ILE B 115 -3.33 -17.74 -1.87
C ILE B 115 -4.57 -18.63 -1.96
N GLU B 116 -5.36 -18.37 -2.98
CA GLU B 116 -6.58 -19.13 -3.22
C GLU B 116 -6.28 -20.60 -3.48
N HIS B 117 -5.12 -20.87 -4.07
CA HIS B 117 -4.71 -22.23 -4.36
C HIS B 117 -4.21 -22.94 -3.11
N HIS B 118 -3.66 -22.16 -2.17
CA HIS B 118 -3.15 -22.72 -0.93
C HIS B 118 -4.20 -22.70 0.16
N GLU B 119 -5.33 -22.05 -0.11
CA GLU B 119 -6.43 -21.97 0.84
C GLU B 119 -7.62 -22.78 0.37
N MET B 120 -7.40 -23.61 -0.63
CA MET B 120 -8.46 -24.46 -1.18
C MET B 120 -7.87 -25.68 -1.87
N ALA B 121 -7.09 -25.44 -2.93
CA ALA B 121 -6.46 -26.52 -3.68
C ALA B 121 -7.49 -27.54 -4.16
N ALA A 1 25.89 6.24 0.73
CA ALA A 1 26.69 6.90 1.79
C ALA A 1 27.44 8.10 1.23
N ARG A 2 26.69 9.02 0.62
CA ARG A 2 27.29 10.22 0.05
C ARG A 2 27.55 11.27 1.14
N THR A 3 26.48 11.69 1.80
CA THR A 3 26.57 12.69 2.86
C THR A 3 25.74 12.28 4.07
N LYS A 4 24.56 11.72 3.79
CA LYS A 4 23.64 11.26 4.84
C LYS A 4 22.96 12.43 5.55
N GLN A 5 23.69 13.55 5.70
CA GLN A 5 23.15 14.72 6.37
C GLN A 5 22.69 14.38 7.79
N THR A 6 21.91 15.27 8.40
CA THR A 6 21.41 15.06 9.74
C THR A 6 20.49 13.85 9.80
N ALA A 7 19.36 13.93 9.11
CA ALA A 7 18.39 12.85 9.08
C ALA A 7 17.97 12.42 10.48
N ARG A 8 16.98 13.14 11.03
CA ARG A 8 16.48 12.85 12.37
C ARG A 8 14.97 12.71 12.36
N LYS A 9 14.30 13.74 11.84
CA LYS A 9 12.84 13.74 11.77
C LYS A 9 12.38 14.31 10.43
N SER A 10 13.30 14.38 9.47
CA SER A 10 12.99 14.90 8.14
C SER A 10 13.49 13.95 7.05
N THR A 11 13.14 12.67 7.19
CA THR A 11 13.55 11.67 6.21
C THR A 11 12.89 11.92 4.86
N GLY A 12 13.66 12.47 3.93
CA GLY A 12 13.13 12.75 2.60
C GLY A 12 13.26 11.56 1.68
N GLY A 13 14.33 10.80 1.83
CA GLY A 13 14.56 9.64 0.99
C GLY A 13 14.15 8.34 1.67
N ALA A 15 11.79 6.27 0.61
CA ALA A 15 11.55 5.26 -0.40
C ALA A 15 12.82 4.44 -0.64
N PRO A 16 12.66 3.16 -1.01
CA PRO A 16 13.77 2.24 -1.25
C PRO A 16 15.00 2.90 -1.87
N ARG A 17 15.94 3.28 -1.01
CA ARG A 17 17.18 3.92 -1.45
C ARG A 17 18.37 2.98 -1.22
N LYS A 18 19.50 3.54 -0.79
CA LYS A 18 20.70 2.76 -0.53
C LYS A 18 21.27 2.16 -1.81
N GLN A 19 22.59 2.06 -1.88
CA GLN A 19 23.26 1.52 -3.06
C GLN A 19 22.86 2.27 -4.32
N LEU A 20 23.38 3.49 -4.47
CA LEU A 20 23.07 4.31 -5.63
C LEU A 20 24.00 3.98 -6.79
N SER B 1 -16.27 -8.10 9.89
CA SER B 1 -17.13 -9.24 9.51
C SER B 1 -16.54 -10.00 8.32
N THR B 2 -16.25 -9.27 7.24
CA THR B 2 -15.68 -9.86 6.04
C THR B 2 -16.44 -11.11 5.61
N GLU B 3 -17.64 -10.90 5.05
CA GLU B 3 -18.47 -12.01 4.60
C GLU B 3 -18.66 -11.96 3.08
N GLY B 4 -18.24 -10.85 2.48
CA GLY B 4 -18.37 -10.70 1.03
C GLY B 4 -17.80 -11.89 0.30
N SER B 5 -18.37 -12.23 -0.86
CA SER B 5 -17.92 -13.37 -1.64
C SER B 5 -17.61 -14.54 -0.70
N SER B 6 -16.32 -14.70 -0.37
CA SER B 6 -15.91 -15.76 0.54
C SER B 6 -15.26 -15.17 1.78
N PRO B 7 -15.63 -15.69 2.95
CA PRO B 7 -15.08 -15.23 4.23
C PRO B 7 -13.57 -15.14 4.17
N ALA B 8 -12.93 -16.19 3.67
CA ALA B 8 -11.49 -16.17 3.52
C ALA B 8 -11.11 -15.20 2.47
N TYR B 9 -11.73 -15.29 1.34
CA TYR B 9 -11.34 -14.42 0.27
C TYR B 9 -11.11 -13.02 0.81
N LEU B 10 -11.95 -12.55 1.72
CA LEU B 10 -11.71 -11.24 2.30
C LEU B 10 -10.72 -11.29 3.49
N LYS B 11 -11.03 -12.13 4.50
CA LYS B 11 -10.18 -12.28 5.70
C LYS B 11 -8.79 -12.76 5.32
N GLU B 12 -8.79 -13.78 4.50
CA GLU B 12 -7.57 -14.37 3.99
C GLU B 12 -6.74 -13.30 3.35
N ILE B 13 -7.41 -12.44 2.60
CA ILE B 13 -6.74 -11.37 1.91
C ILE B 13 -6.27 -10.32 2.89
N LEU B 14 -7.04 -10.16 3.95
CA LEU B 14 -6.74 -9.17 4.96
C LEU B 14 -5.31 -9.32 5.35
N GLU B 15 -4.96 -10.51 5.75
CA GLU B 15 -3.60 -10.83 6.11
C GLU B 15 -2.73 -11.16 4.89
N GLN B 16 -3.31 -11.72 3.82
CA GLN B 16 -2.51 -12.14 2.65
C GLN B 16 -2.07 -11.02 1.74
N LEU B 17 -3.03 -10.27 1.22
CA LEU B 17 -2.74 -9.22 0.28
C LEU B 17 -2.06 -8.07 1.01
N LEU B 18 -2.62 -7.72 2.15
CA LEU B 18 -2.10 -6.67 2.99
C LEU B 18 -0.64 -6.94 3.37
N GLU B 19 -0.38 -8.14 3.86
CA GLU B 19 0.96 -8.50 4.30
C GLU B 19 1.92 -8.68 3.12
N ALA B 20 1.44 -9.32 2.06
CA ALA B 20 2.27 -9.58 0.88
C ALA B 20 2.92 -8.30 0.34
N ILE B 21 2.16 -7.23 0.30
CA ILE B 21 2.67 -5.96 -0.22
C ILE B 21 3.52 -5.26 0.84
N VAL B 22 3.11 -5.37 2.08
CA VAL B 22 3.84 -4.76 3.16
C VAL B 22 5.23 -5.37 3.26
N VAL B 23 5.31 -6.67 3.00
CA VAL B 23 6.57 -7.38 3.05
C VAL B 23 7.28 -7.20 1.73
N ALA B 24 6.47 -6.92 0.73
CA ALA B 24 6.94 -6.67 -0.61
C ALA B 24 7.94 -5.53 -0.61
N THR B 25 8.95 -5.63 -1.44
CA THR B 25 9.93 -4.58 -1.53
C THR B 25 10.08 -4.11 -2.97
N ASN B 26 10.93 -3.11 -3.16
CA ASN B 26 11.17 -2.56 -4.50
C ASN B 26 12.49 -3.11 -5.05
N PRO B 27 12.73 -2.98 -6.37
CA PRO B 27 13.96 -3.46 -6.99
C PRO B 27 15.22 -2.87 -6.35
N SER B 28 15.02 -1.87 -5.49
CA SER B 28 16.14 -1.22 -4.81
C SER B 28 16.50 -2.00 -3.54
N GLY B 29 15.53 -2.71 -2.97
CA GLY B 29 15.80 -3.48 -1.78
C GLY B 29 14.90 -3.14 -0.60
N ARG B 30 14.01 -2.17 -0.78
CA ARG B 30 13.13 -1.79 0.33
C ARG B 30 11.67 -1.69 -0.05
N LEU B 31 10.84 -1.89 0.97
CA LEU B 31 9.40 -1.92 0.87
C LEU B 31 8.80 -0.98 -0.15
N ILE B 32 7.91 -1.52 -0.96
CA ILE B 32 7.16 -0.74 -1.91
C ILE B 32 6.02 -0.06 -1.17
N SER B 33 5.66 -0.71 -0.06
CA SER B 33 4.59 -0.28 0.84
C SER B 33 5.07 0.85 1.76
N GLU B 34 6.36 1.11 1.72
CA GLU B 34 7.01 2.10 2.56
C GLU B 34 6.25 3.42 2.65
N LEU B 35 5.85 3.97 1.51
CA LEU B 35 5.11 5.23 1.51
C LEU B 35 3.66 5.03 1.87
N PHE B 36 3.23 3.79 1.79
CA PHE B 36 1.84 3.46 2.07
C PHE B 36 1.72 2.64 3.34
N GLN B 37 2.71 2.78 4.20
CA GLN B 37 2.72 2.10 5.47
C GLN B 37 1.58 2.60 6.34
N LYS B 38 1.41 3.92 6.35
CA LYS B 38 0.34 4.52 7.15
C LYS B 38 -0.36 5.68 6.45
N LEU B 39 -1.68 5.74 6.66
CA LEU B 39 -2.56 6.78 6.13
C LEU B 39 -3.21 7.48 7.33
N PRO B 40 -2.96 8.78 7.52
CA PRO B 40 -3.49 9.55 8.67
C PRO B 40 -5.02 9.54 8.75
N SER B 41 -5.55 10.55 9.44
CA SER B 41 -6.99 10.71 9.58
C SER B 41 -7.51 11.70 8.57
N LYS B 42 -8.41 11.24 7.70
CA LYS B 42 -9.00 12.08 6.64
C LYS B 42 -9.54 13.40 7.16
N VAL B 43 -9.45 13.60 8.48
CA VAL B 43 -9.94 14.80 9.12
C VAL B 43 -8.86 15.48 9.95
N GLN B 44 -7.99 14.66 10.52
CA GLN B 44 -6.95 15.13 11.39
C GLN B 44 -5.77 15.69 10.63
N TYR B 45 -5.50 15.10 9.48
CA TYR B 45 -4.39 15.54 8.65
C TYR B 45 -4.85 15.81 7.23
N PRO B 46 -5.82 16.71 7.11
CA PRO B 46 -6.44 17.09 5.83
C PRO B 46 -5.42 17.52 4.79
N ASP B 47 -4.31 18.10 5.19
CA ASP B 47 -3.28 18.52 4.24
C ASP B 47 -2.88 17.34 3.37
N TYR B 48 -2.94 16.15 3.94
CA TYR B 48 -2.62 14.94 3.23
C TYR B 48 -3.78 14.62 2.31
N TYR B 49 -4.96 14.86 2.82
CA TYR B 49 -6.20 14.61 2.11
C TYR B 49 -6.49 15.70 1.09
N ALA B 50 -5.80 16.82 1.25
CA ALA B 50 -5.91 17.95 0.36
C ALA B 50 -5.01 17.74 -0.84
N ILE B 51 -3.77 17.37 -0.52
CA ILE B 51 -2.75 17.10 -1.51
C ILE B 51 -3.17 15.93 -2.41
N ILE B 52 -3.62 14.85 -1.77
CA ILE B 52 -4.05 13.64 -2.44
C ILE B 52 -5.43 13.79 -3.01
N LYS B 53 -5.75 12.89 -3.91
CA LYS B 53 -7.05 12.87 -4.50
C LYS B 53 -7.78 11.64 -4.00
N GLU B 54 -7.03 10.55 -3.84
CA GLU B 54 -7.58 9.31 -3.34
C GLU B 54 -6.61 8.59 -2.38
N PRO B 55 -6.45 9.13 -1.16
CA PRO B 55 -5.57 8.55 -0.14
C PRO B 55 -6.16 7.32 0.52
N ILE B 56 -5.28 6.39 0.82
CA ILE B 56 -5.63 5.13 1.47
C ILE B 56 -4.39 4.25 1.48
N ASP B 57 -3.95 3.85 2.66
CA ASP B 57 -2.76 3.02 2.75
C ASP B 57 -3.12 1.58 3.02
N LEU B 58 -2.14 0.70 2.83
CA LEU B 58 -2.34 -0.72 3.05
C LEU B 58 -3.09 -0.99 4.34
N LYS B 59 -2.77 -0.21 5.37
CA LYS B 59 -3.41 -0.33 6.66
C LYS B 59 -4.88 0.03 6.55
N THR B 60 -5.16 1.17 5.91
CA THR B 60 -6.53 1.64 5.74
C THR B 60 -7.35 0.68 4.90
N ILE B 61 -6.70 0.02 3.95
CA ILE B 61 -7.37 -0.94 3.11
C ILE B 61 -7.83 -2.13 3.91
N ALA B 62 -6.91 -2.70 4.67
CA ALA B 62 -7.24 -3.83 5.52
C ALA B 62 -8.28 -3.38 6.52
N GLN B 63 -8.14 -2.12 6.90
CA GLN B 63 -9.03 -1.47 7.84
C GLN B 63 -10.45 -1.49 7.32
N ARG B 64 -10.58 -1.21 6.03
CA ARG B 64 -11.87 -1.17 5.38
C ARG B 64 -12.39 -2.58 5.12
N ILE B 65 -11.48 -3.52 4.86
CA ILE B 65 -11.85 -4.90 4.59
C ILE B 65 -12.74 -5.44 5.71
N GLN B 66 -12.26 -5.28 6.94
CA GLN B 66 -12.98 -5.76 8.11
C GLN B 66 -14.11 -4.81 8.50
N ASN B 67 -13.97 -3.54 8.12
CA ASN B 67 -14.98 -2.53 8.43
C ASN B 67 -16.19 -2.66 7.51
N GLY B 68 -16.23 -3.73 6.72
CA GLY B 68 -17.34 -3.94 5.81
C GLY B 68 -17.42 -2.87 4.74
N SER B 69 -16.29 -2.20 4.51
CA SER B 69 -16.20 -1.14 3.51
C SER B 69 -15.91 -1.68 2.12
N TYR B 70 -15.72 -3.00 2.02
CA TYR B 70 -15.41 -3.62 0.74
C TYR B 70 -16.36 -4.76 0.39
N LYS B 71 -16.45 -5.76 1.27
CA LYS B 71 -17.31 -6.92 1.00
C LYS B 71 -16.88 -7.56 -0.31
N SER B 72 -15.72 -7.14 -0.77
CA SER B 72 -15.12 -7.62 -2.01
C SER B 72 -13.73 -6.99 -2.14
N ILE B 73 -12.71 -7.82 -2.08
CA ILE B 73 -11.35 -7.35 -2.16
C ILE B 73 -11.07 -6.62 -3.47
N HIS B 74 -11.83 -6.89 -4.51
CA HIS B 74 -11.63 -6.14 -5.74
C HIS B 74 -11.73 -4.66 -5.41
N ALA B 75 -12.51 -4.37 -4.37
CA ALA B 75 -12.68 -3.00 -3.88
C ALA B 75 -11.45 -2.60 -3.07
N MET B 76 -10.96 -3.54 -2.26
CA MET B 76 -9.78 -3.33 -1.47
C MET B 76 -8.64 -2.95 -2.41
N ALA B 77 -8.51 -3.78 -3.42
CA ALA B 77 -7.54 -3.64 -4.47
C ALA B 77 -7.61 -2.29 -5.14
N LYS B 78 -8.82 -1.87 -5.51
CA LYS B 78 -8.97 -0.58 -6.15
C LYS B 78 -8.39 0.48 -5.25
N ASP B 79 -8.51 0.25 -3.94
CA ASP B 79 -7.95 1.16 -2.96
C ASP B 79 -6.45 0.95 -2.91
N ILE B 80 -6.03 -0.26 -3.26
CA ILE B 80 -4.61 -0.60 -3.28
C ILE B 80 -3.94 0.15 -4.42
N ASP B 81 -4.70 0.33 -5.48
CA ASP B 81 -4.23 1.08 -6.62
C ASP B 81 -4.27 2.54 -6.24
N LEU B 82 -5.25 2.88 -5.39
CA LEU B 82 -5.40 4.24 -4.89
C LEU B 82 -4.32 4.52 -3.87
N LEU B 83 -3.87 3.45 -3.26
CA LEU B 83 -2.79 3.49 -2.31
C LEU B 83 -1.59 3.96 -3.11
N ALA B 84 -1.44 3.30 -4.25
CA ALA B 84 -0.38 3.60 -5.19
C ALA B 84 -0.62 4.98 -5.81
N LYS B 85 -1.88 5.37 -5.93
CA LYS B 85 -2.23 6.68 -6.49
C LYS B 85 -1.74 7.78 -5.55
N ASN B 86 -1.98 7.58 -4.25
CA ASN B 86 -1.51 8.54 -3.26
C ASN B 86 0.00 8.65 -3.40
N ALA B 87 0.63 7.59 -3.92
CA ALA B 87 2.08 7.57 -4.14
C ALA B 87 2.52 8.63 -5.14
N LYS B 88 1.90 8.62 -6.30
CA LYS B 88 2.27 9.55 -7.36
C LYS B 88 1.90 10.98 -7.00
N THR B 89 0.95 11.13 -6.09
CA THR B 89 0.48 12.46 -5.68
C THR B 89 1.25 13.04 -4.48
N TYR B 90 1.47 12.24 -3.45
CA TYR B 90 2.13 12.72 -2.23
C TYR B 90 3.65 12.86 -2.34
N ASN B 91 4.34 11.79 -2.69
CA ASN B 91 5.80 11.85 -2.79
C ASN B 91 6.27 12.59 -4.03
N GLU B 92 7.56 12.44 -4.32
CA GLU B 92 8.18 13.09 -5.46
C GLU B 92 8.34 12.12 -6.63
N PRO B 93 8.14 12.59 -7.88
CA PRO B 93 8.31 11.75 -9.06
C PRO B 93 9.78 11.41 -9.28
N GLY B 94 10.02 10.35 -10.04
CA GLY B 94 11.39 9.93 -10.26
C GLY B 94 11.91 9.16 -9.06
N SER B 95 11.13 9.18 -7.99
CA SER B 95 11.46 8.48 -6.76
C SER B 95 10.81 7.12 -6.77
N GLN B 96 11.38 6.19 -6.01
CA GLN B 96 10.86 4.83 -5.94
C GLN B 96 9.36 4.81 -5.67
N VAL B 97 8.84 5.89 -5.08
CA VAL B 97 7.42 6.00 -4.77
C VAL B 97 6.52 5.60 -5.93
N PHE B 98 6.86 6.06 -7.12
CA PHE B 98 6.03 5.79 -8.30
C PHE B 98 6.18 4.36 -8.80
N LYS B 99 7.41 3.87 -8.85
CA LYS B 99 7.67 2.52 -9.33
C LYS B 99 7.26 1.47 -8.30
N ASP B 100 7.30 1.84 -7.02
CA ASP B 100 6.95 0.92 -5.94
C ASP B 100 5.46 0.70 -5.87
N ALA B 101 4.71 1.77 -5.99
CA ALA B 101 3.27 1.71 -5.91
C ALA B 101 2.70 0.93 -7.07
N ASN B 102 3.20 1.21 -8.27
CA ASN B 102 2.75 0.48 -9.44
C ASN B 102 3.06 -0.99 -9.23
N SER B 103 4.17 -1.25 -8.56
CA SER B 103 4.56 -2.60 -8.26
C SER B 103 3.61 -3.19 -7.23
N ILE B 104 3.17 -2.36 -6.29
CA ILE B 104 2.26 -2.80 -5.24
C ILE B 104 1.00 -3.39 -5.82
N LYS B 105 0.33 -2.61 -6.65
CA LYS B 105 -0.88 -3.06 -7.29
C LYS B 105 -0.61 -4.38 -8.02
N LYS B 106 0.62 -4.51 -8.55
CA LYS B 106 1.02 -5.74 -9.24
C LYS B 106 1.15 -6.91 -8.26
N ILE B 107 1.92 -6.74 -7.18
CA ILE B 107 2.11 -7.78 -6.17
C ILE B 107 0.76 -8.19 -5.63
N PHE B 108 -0.04 -7.18 -5.38
CA PHE B 108 -1.36 -7.38 -4.84
C PHE B 108 -2.14 -8.44 -5.60
N TYR B 109 -2.32 -8.25 -6.91
CA TYR B 109 -3.08 -9.22 -7.69
C TYR B 109 -2.33 -10.54 -7.86
N MET B 110 -0.99 -10.50 -7.80
CA MET B 110 -0.22 -11.74 -7.92
C MET B 110 -0.52 -12.61 -6.71
N LYS B 111 -0.59 -11.92 -5.57
CA LYS B 111 -0.88 -12.52 -4.28
C LYS B 111 -2.36 -12.89 -4.23
N LYS B 112 -3.16 -12.12 -4.97
CA LYS B 112 -4.60 -12.32 -5.06
C LYS B 112 -4.94 -13.56 -5.89
N ALA B 113 -4.16 -13.81 -6.93
CA ALA B 113 -4.39 -14.95 -7.82
C ALA B 113 -4.01 -16.27 -7.16
N GLU B 114 -2.87 -16.31 -6.50
CA GLU B 114 -2.41 -17.53 -5.84
C GLU B 114 -3.35 -17.89 -4.71
N ILE B 115 -3.84 -16.86 -4.05
CA ILE B 115 -4.77 -16.99 -2.95
C ILE B 115 -6.04 -17.69 -3.39
N GLU B 116 -6.60 -17.19 -4.48
CA GLU B 116 -7.82 -17.74 -5.04
C GLU B 116 -7.64 -19.21 -5.37
N HIS B 117 -6.42 -19.57 -5.78
CA HIS B 117 -6.10 -20.96 -6.10
C HIS B 117 -5.94 -21.77 -4.81
N HIS B 118 -5.41 -21.12 -3.77
CA HIS B 118 -5.21 -21.76 -2.48
C HIS B 118 -6.54 -21.89 -1.75
N GLU B 119 -7.56 -21.26 -2.31
CA GLU B 119 -8.91 -21.29 -1.74
C GLU B 119 -9.77 -22.26 -2.55
N MET B 120 -9.39 -22.42 -3.81
CA MET B 120 -10.09 -23.32 -4.71
C MET B 120 -11.59 -23.04 -4.72
N ALA B 121 -11.99 -22.06 -5.54
CA ALA B 121 -13.38 -21.67 -5.65
C ALA B 121 -13.97 -21.28 -4.30
N ALA A 1 19.17 31.18 12.28
CA ALA A 1 19.17 30.23 11.15
C ALA A 1 18.02 29.22 11.29
N ARG A 2 16.80 29.72 11.36
CA ARG A 2 15.63 28.86 11.51
C ARG A 2 14.90 28.71 10.18
N THR A 3 14.44 27.50 9.89
CA THR A 3 13.72 27.22 8.65
C THR A 3 14.57 27.61 7.44
N LYS A 4 15.57 26.79 7.13
CA LYS A 4 16.45 27.06 5.99
C LYS A 4 17.31 25.84 5.69
N GLN A 5 16.86 24.67 6.13
CA GLN A 5 17.60 23.44 5.91
C GLN A 5 17.41 22.95 4.47
N THR A 6 18.52 22.85 3.73
CA THR A 6 18.48 22.40 2.35
C THR A 6 18.67 20.89 2.25
N ALA A 7 18.16 20.18 3.26
CA ALA A 7 18.26 18.73 3.29
C ALA A 7 16.92 18.08 2.94
N ARG A 8 16.00 18.87 2.40
CA ARG A 8 14.68 18.37 2.03
C ARG A 8 14.36 18.72 0.58
N LYS A 9 14.03 17.69 -0.20
CA LYS A 9 13.68 17.89 -1.61
C LYS A 9 14.81 18.61 -2.35
N SER A 10 15.80 17.85 -2.80
CA SER A 10 16.93 18.42 -3.51
C SER A 10 17.25 17.61 -4.76
N THR A 11 17.15 16.29 -4.63
CA THR A 11 17.43 15.38 -5.73
C THR A 11 17.02 13.95 -5.40
N GLY A 12 16.30 13.31 -6.31
CA GLY A 12 15.85 11.95 -6.08
C GLY A 12 14.49 11.88 -5.43
N GLY A 13 14.39 11.09 -4.37
CA GLY A 13 13.13 10.95 -3.66
C GLY A 13 13.14 9.79 -2.68
N ALA A 15 11.65 6.51 -4.21
CA ALA A 15 11.32 5.38 -5.08
C ALA A 15 12.58 4.78 -5.69
N PRO A 16 13.43 5.59 -6.34
CA PRO A 16 14.68 5.11 -6.93
C PRO A 16 15.78 5.00 -5.89
N ARG A 17 15.40 4.64 -4.66
CA ARG A 17 16.33 4.50 -3.55
C ARG A 17 17.44 3.50 -3.88
N LYS A 18 18.57 4.02 -4.35
CA LYS A 18 19.71 3.18 -4.71
C LYS A 18 20.80 3.24 -3.63
N GLN A 19 20.37 3.22 -2.37
CA GLN A 19 21.29 3.28 -1.25
C GLN A 19 22.28 2.11 -1.30
N LEU A 20 21.76 0.89 -1.37
CA LEU A 20 22.60 -0.30 -1.41
C LEU A 20 23.08 -0.55 -2.84
N SER B 1 -10.78 -8.90 15.01
CA SER B 1 -11.69 -9.93 14.45
C SER B 1 -12.14 -9.54 13.05
N THR B 2 -11.42 -10.03 12.04
CA THR B 2 -11.74 -9.74 10.65
C THR B 2 -13.06 -10.41 10.25
N GLU B 3 -13.19 -11.69 10.60
CA GLU B 3 -14.38 -12.47 10.30
C GLU B 3 -14.67 -12.51 8.80
N GLY B 4 -15.58 -11.65 8.33
CA GLY B 4 -15.93 -11.63 6.92
C GLY B 4 -16.14 -13.04 6.38
N SER B 5 -15.56 -13.34 5.22
CA SER B 5 -15.68 -14.68 4.66
C SER B 5 -15.14 -15.66 5.69
N SER B 6 -13.82 -15.78 5.72
CA SER B 6 -13.15 -16.64 6.69
C SER B 6 -12.25 -15.79 7.56
N PRO B 7 -12.31 -16.03 8.88
CA PRO B 7 -11.53 -15.29 9.85
C PRO B 7 -10.07 -15.23 9.44
N ALA B 8 -9.55 -16.34 8.94
CA ALA B 8 -8.18 -16.36 8.47
C ALA B 8 -8.11 -15.72 7.12
N TYR B 9 -8.98 -16.10 6.25
CA TYR B 9 -8.91 -15.56 4.93
C TYR B 9 -8.62 -14.07 5.01
N LEU B 10 -9.27 -13.37 5.92
CA LEU B 10 -9.00 -11.95 6.09
C LEU B 10 -7.77 -11.68 6.97
N LYS B 11 -7.75 -12.24 8.20
CA LYS B 11 -6.61 -12.06 9.14
C LYS B 11 -5.32 -12.59 8.55
N GLU B 12 -5.41 -13.76 7.98
CA GLU B 12 -4.31 -14.41 7.31
C GLU B 12 -3.76 -13.46 6.28
N ILE B 13 -4.67 -12.85 5.54
CA ILE B 13 -4.30 -11.92 4.50
C ILE B 13 -3.70 -10.67 5.10
N LEU B 14 -4.20 -10.36 6.29
CA LEU B 14 -3.77 -9.19 7.00
C LEU B 14 -2.27 -9.19 7.02
N GLU B 15 -1.72 -10.28 7.49
CA GLU B 15 -0.30 -10.45 7.50
C GLU B 15 0.27 -10.91 6.16
N GLN B 16 -0.48 -11.70 5.37
CA GLN B 16 0.07 -12.24 4.12
C GLN B 16 0.16 -11.23 2.97
N LEU B 17 -0.98 -10.66 2.64
CA LEU B 17 -1.06 -9.71 1.54
C LEU B 17 -0.37 -8.43 1.91
N LEU B 18 -0.70 -7.92 3.08
CA LEU B 18 -0.11 -6.70 3.59
C LEU B 18 1.40 -6.79 3.61
N GLU B 19 1.92 -7.87 4.19
CA GLU B 19 3.35 -8.05 4.29
C GLU B 19 3.99 -8.24 2.92
N ALA B 20 3.34 -9.04 2.08
CA ALA B 20 3.86 -9.33 0.74
C ALA B 20 4.13 -8.08 -0.08
N ILE B 21 3.20 -7.13 -0.04
CA ILE B 21 3.35 -5.90 -0.82
C ILE B 21 4.35 -4.95 -0.20
N VAL B 22 4.44 -4.94 1.11
CA VAL B 22 5.37 -4.04 1.76
C VAL B 22 6.78 -4.60 1.72
N VAL B 23 6.90 -5.92 1.58
CA VAL B 23 8.20 -6.55 1.48
C VAL B 23 8.57 -6.54 0.01
N ALA B 24 7.53 -6.33 -0.78
CA ALA B 24 7.63 -6.26 -2.22
C ALA B 24 8.53 -5.13 -2.67
N THR B 25 8.93 -5.18 -3.94
CA THR B 25 9.75 -4.15 -4.54
C THR B 25 9.35 -3.99 -6.01
N ASN B 26 9.97 -3.05 -6.69
CA ASN B 26 9.66 -2.81 -8.10
C ASN B 26 10.54 -3.67 -9.01
N PRO B 27 10.23 -3.75 -10.32
CA PRO B 27 11.02 -4.55 -11.27
C PRO B 27 12.52 -4.28 -11.19
N SER B 28 12.89 -3.13 -10.62
CA SER B 28 14.30 -2.77 -10.49
C SER B 28 14.85 -3.23 -9.15
N GLY B 29 13.96 -3.40 -8.17
CA GLY B 29 14.37 -3.85 -6.85
C GLY B 29 14.10 -2.84 -5.75
N ARG B 30 13.04 -2.05 -5.92
CA ARG B 30 12.70 -1.04 -4.92
C ARG B 30 11.23 -1.04 -4.57
N LEU B 31 10.99 -1.10 -3.27
CA LEU B 31 9.65 -1.20 -2.70
C LEU B 31 8.59 -0.49 -3.50
N ILE B 32 7.58 -1.25 -3.89
CA ILE B 32 6.44 -0.71 -4.61
C ILE B 32 5.50 -0.06 -3.60
N SER B 33 5.61 -0.55 -2.37
CA SER B 33 4.84 -0.07 -1.22
C SER B 33 5.43 1.23 -0.69
N GLU B 34 6.56 1.59 -1.25
CA GLU B 34 7.33 2.77 -0.88
C GLU B 34 6.46 4.01 -0.68
N LEU B 35 5.61 4.32 -1.64
CA LEU B 35 4.75 5.50 -1.51
C LEU B 35 3.56 5.22 -0.64
N PHE B 36 3.33 3.96 -0.34
CA PHE B 36 2.20 3.57 0.48
C PHE B 36 2.66 3.02 1.81
N GLN B 37 3.93 3.22 2.11
CA GLN B 37 4.49 2.75 3.36
C GLN B 37 3.58 3.16 4.51
N LYS B 38 3.29 4.45 4.58
CA LYS B 38 2.43 4.98 5.65
C LYS B 38 1.73 6.28 5.26
N LEU B 39 0.40 6.30 5.35
CA LEU B 39 -0.37 7.51 5.06
C LEU B 39 -0.07 8.55 6.14
N PRO B 40 0.07 9.83 5.79
CA PRO B 40 0.37 10.88 6.78
C PRO B 40 -0.63 10.89 7.93
N SER B 41 -1.81 11.44 7.66
CA SER B 41 -2.89 11.54 8.63
C SER B 41 -4.10 12.17 7.97
N LYS B 42 -5.13 11.35 7.71
CA LYS B 42 -6.35 11.82 7.05
C LYS B 42 -6.88 13.12 7.65
N VAL B 43 -6.23 13.61 8.71
CA VAL B 43 -6.65 14.83 9.37
C VAL B 43 -5.50 15.82 9.54
N GLN B 44 -4.31 15.29 9.83
CA GLN B 44 -3.15 16.13 10.09
C GLN B 44 -2.56 16.69 8.82
N TYR B 45 -2.56 15.87 7.77
CA TYR B 45 -2.02 16.29 6.50
C TYR B 45 -3.05 16.11 5.40
N PRO B 46 -4.17 16.81 5.57
CA PRO B 46 -5.31 16.77 4.63
C PRO B 46 -4.92 17.07 3.20
N ASP B 47 -3.89 17.88 2.99
CA ASP B 47 -3.47 18.22 1.62
C ASP B 47 -3.24 16.94 0.82
N TYR B 48 -2.81 15.89 1.51
CA TYR B 48 -2.58 14.61 0.89
C TYR B 48 -3.93 13.99 0.63
N TYR B 49 -4.81 14.18 1.58
CA TYR B 49 -6.14 13.66 1.53
C TYR B 49 -7.04 14.51 0.64
N ALA B 50 -6.56 15.71 0.34
CA ALA B 50 -7.27 16.64 -0.52
C ALA B 50 -6.90 16.36 -1.96
N ILE B 51 -5.60 16.17 -2.19
CA ILE B 51 -5.08 15.88 -3.51
C ILE B 51 -5.66 14.55 -4.00
N ILE B 52 -5.37 13.50 -3.25
CA ILE B 52 -5.83 12.15 -3.53
C ILE B 52 -7.32 12.11 -3.49
N LYS B 53 -7.88 11.12 -4.13
CA LYS B 53 -9.30 10.98 -4.09
C LYS B 53 -9.66 9.89 -3.11
N GLU B 54 -8.83 8.86 -3.07
CA GLU B 54 -9.06 7.74 -2.17
C GLU B 54 -7.75 7.22 -1.57
N PRO B 55 -7.13 8.00 -0.68
CA PRO B 55 -5.90 7.61 -0.01
C PRO B 55 -6.12 6.46 0.96
N ILE B 56 -5.30 5.45 0.77
CA ILE B 56 -5.34 4.24 1.58
C ILE B 56 -4.06 3.47 1.32
N ASP B 57 -3.27 3.26 2.35
CA ASP B 57 -2.02 2.55 2.20
C ASP B 57 -2.16 1.11 2.69
N LEU B 58 -1.27 0.23 2.25
CA LEU B 58 -1.34 -1.17 2.64
C LEU B 58 -1.57 -1.31 4.15
N LYS B 59 -1.20 -0.27 4.87
CA LYS B 59 -1.39 -0.21 6.32
C LYS B 59 -2.86 -0.01 6.66
N THR B 60 -3.46 1.00 6.02
CA THR B 60 -4.87 1.32 6.23
C THR B 60 -5.76 0.19 5.73
N ILE B 61 -5.28 -0.53 4.73
CA ILE B 61 -6.02 -1.65 4.19
C ILE B 61 -6.12 -2.74 5.23
N ALA B 62 -4.98 -3.09 5.81
CA ALA B 62 -4.97 -4.10 6.84
C ALA B 62 -5.83 -3.61 7.99
N GLN B 63 -5.75 -2.30 8.18
CA GLN B 63 -6.49 -1.61 9.21
C GLN B 63 -7.98 -1.86 9.06
N ARG B 64 -8.44 -1.79 7.82
CA ARG B 64 -9.83 -2.00 7.51
C ARG B 64 -10.20 -3.48 7.53
N ILE B 65 -9.26 -4.33 7.13
CA ILE B 65 -9.50 -5.78 7.10
C ILE B 65 -10.03 -6.26 8.45
N GLN B 66 -9.30 -5.88 9.51
CA GLN B 66 -9.66 -6.27 10.87
C GLN B 66 -10.81 -5.39 11.40
N ASN B 67 -10.89 -4.17 10.90
CA ASN B 67 -11.94 -3.24 11.31
C ASN B 67 -13.30 -3.67 10.77
N GLY B 68 -13.32 -4.75 10.00
CA GLY B 68 -14.56 -5.24 9.43
C GLY B 68 -15.04 -4.37 8.28
N SER B 69 -14.17 -3.48 7.84
CA SER B 69 -14.47 -2.58 6.74
C SER B 69 -14.46 -3.28 5.39
N TYR B 70 -14.13 -4.56 5.38
CA TYR B 70 -14.06 -5.33 4.14
C TYR B 70 -14.92 -6.58 4.17
N LYS B 71 -14.72 -7.44 5.17
CA LYS B 71 -15.47 -8.70 5.28
C LYS B 71 -15.19 -9.56 4.05
N SER B 72 -14.24 -9.09 3.26
CA SER B 72 -13.81 -9.77 2.04
C SER B 72 -12.58 -9.06 1.50
N ILE B 73 -11.52 -9.80 1.31
CA ILE B 73 -10.28 -9.24 0.84
C ILE B 73 -10.39 -8.66 -0.56
N HIS B 74 -11.36 -9.11 -1.35
CA HIS B 74 -11.52 -8.51 -2.67
C HIS B 74 -11.78 -7.02 -2.49
N ALA B 75 -12.38 -6.67 -1.35
CA ALA B 75 -12.64 -5.27 -1.01
C ALA B 75 -11.34 -4.61 -0.58
N MET B 76 -10.56 -5.34 0.21
CA MET B 76 -9.27 -4.88 0.66
C MET B 76 -8.42 -4.54 -0.55
N ALA B 77 -8.40 -5.49 -1.45
CA ALA B 77 -7.71 -5.40 -2.71
C ALA B 77 -8.11 -4.16 -3.49
N LYS B 78 -9.41 -3.92 -3.55
CA LYS B 78 -9.90 -2.75 -4.25
C LYS B 78 -9.26 -1.51 -3.66
N ASP B 79 -9.02 -1.57 -2.36
CA ASP B 79 -8.35 -0.48 -1.66
C ASP B 79 -6.89 -0.53 -1.99
N ILE B 80 -6.40 -1.73 -2.31
CA ILE B 80 -5.01 -1.93 -2.68
C ILE B 80 -4.78 -1.28 -4.02
N ASP B 81 -5.85 -1.24 -4.80
CA ASP B 81 -5.83 -0.59 -6.08
C ASP B 81 -5.87 0.91 -5.83
N LEU B 82 -6.66 1.27 -4.81
CA LEU B 82 -6.79 2.66 -4.38
C LEU B 82 -5.46 3.13 -3.86
N LEU B 83 -4.78 2.21 -3.22
CA LEU B 83 -3.47 2.43 -2.68
C LEU B 83 -2.59 2.90 -3.84
N ALA B 84 -2.67 2.13 -4.93
CA ALA B 84 -1.93 2.42 -6.14
C ALA B 84 -2.44 3.69 -6.81
N LYS B 85 -3.73 3.96 -6.66
CA LYS B 85 -4.33 5.16 -7.25
C LYS B 85 -3.73 6.40 -6.62
N ASN B 86 -3.55 6.36 -5.30
CA ASN B 86 -2.94 7.47 -4.60
C ASN B 86 -1.54 7.67 -5.16
N ALA B 87 -0.93 6.58 -5.63
CA ALA B 87 0.40 6.63 -6.23
C ALA B 87 0.46 7.57 -7.42
N LYS B 88 -0.46 7.37 -8.34
CA LYS B 88 -0.50 8.16 -9.56
C LYS B 88 -0.94 9.59 -9.29
N THR B 89 -1.63 9.80 -8.17
CA THR B 89 -2.13 11.12 -7.82
C THR B 89 -1.09 11.98 -7.07
N TYR B 90 -0.50 11.43 -6.02
CA TYR B 90 0.44 12.19 -5.19
C TYR B 90 1.85 12.31 -5.76
N ASN B 91 2.48 11.19 -6.10
CA ASN B 91 3.84 11.20 -6.58
C ASN B 91 3.95 11.63 -8.04
N GLU B 92 5.19 11.65 -8.53
CA GLU B 92 5.48 12.04 -9.91
C GLU B 92 5.43 10.83 -10.84
N PRO B 93 4.81 10.99 -12.03
CA PRO B 93 4.69 9.91 -13.01
C PRO B 93 6.02 9.49 -13.59
N GLY B 94 6.98 10.41 -13.59
CA GLY B 94 8.29 10.10 -14.09
C GLY B 94 9.12 9.39 -13.04
N SER B 95 8.44 8.58 -12.22
CA SER B 95 9.10 7.85 -11.15
C SER B 95 8.56 6.42 -11.05
N GLN B 96 9.24 5.60 -10.27
CA GLN B 96 8.85 4.20 -10.09
C GLN B 96 7.50 4.06 -9.41
N VAL B 97 7.09 5.07 -8.66
CA VAL B 97 5.82 5.07 -7.93
C VAL B 97 4.63 4.55 -8.74
N PHE B 98 4.53 4.96 -9.99
CA PHE B 98 3.38 4.57 -10.81
C PHE B 98 3.44 3.10 -11.22
N LYS B 99 4.57 2.67 -11.76
CA LYS B 99 4.72 1.28 -12.17
C LYS B 99 4.75 0.36 -10.96
N ASP B 100 5.23 0.92 -9.86
CA ASP B 100 5.33 0.20 -8.60
C ASP B 100 3.97 -0.15 -8.05
N ALA B 101 3.12 0.86 -7.96
CA ALA B 101 1.77 0.69 -7.45
C ALA B 101 1.01 -0.31 -8.30
N ASN B 102 1.16 -0.23 -9.60
CA ASN B 102 0.50 -1.18 -10.49
C ASN B 102 0.99 -2.57 -10.15
N SER B 103 2.29 -2.66 -9.89
CA SER B 103 2.90 -3.93 -9.52
C SER B 103 2.32 -4.41 -8.20
N ILE B 104 1.98 -3.47 -7.33
CA ILE B 104 1.41 -3.81 -6.03
C ILE B 104 0.18 -4.67 -6.22
N LYS B 105 -0.74 -4.18 -7.02
CA LYS B 105 -1.96 -4.89 -7.33
C LYS B 105 -1.61 -6.29 -7.85
N LYS B 106 -0.51 -6.38 -8.59
CA LYS B 106 -0.04 -7.67 -9.12
C LYS B 106 0.43 -8.59 -8.00
N ILE B 107 1.35 -8.10 -7.15
CA ILE B 107 1.87 -8.88 -6.04
C ILE B 107 0.72 -9.31 -5.15
N PHE B 108 -0.14 -8.36 -4.88
CA PHE B 108 -1.28 -8.58 -4.04
C PHE B 108 -2.05 -9.84 -4.45
N TYR B 109 -2.51 -9.90 -5.70
CA TYR B 109 -3.26 -11.05 -6.17
C TYR B 109 -2.40 -12.30 -6.23
N MET B 110 -1.15 -12.17 -6.66
CA MET B 110 -0.25 -13.32 -6.71
C MET B 110 -0.18 -13.92 -5.31
N LYS B 111 -0.22 -13.02 -4.34
CA LYS B 111 -0.16 -13.37 -2.93
C LYS B 111 -1.50 -13.95 -2.47
N LYS B 112 -2.60 -13.45 -3.01
CA LYS B 112 -3.93 -13.93 -2.67
C LYS B 112 -4.04 -15.42 -3.00
N ALA B 113 -3.64 -15.76 -4.23
CA ALA B 113 -3.73 -17.12 -4.74
C ALA B 113 -2.85 -18.11 -3.98
N GLU B 114 -1.60 -17.74 -3.73
CA GLU B 114 -0.68 -18.63 -3.03
C GLU B 114 -1.17 -18.83 -1.60
N ILE B 115 -1.84 -17.79 -1.12
CA ILE B 115 -2.42 -17.77 0.19
C ILE B 115 -3.50 -18.83 0.32
N GLU B 116 -4.37 -18.83 -0.68
CA GLU B 116 -5.48 -19.77 -0.73
C GLU B 116 -4.97 -21.19 -0.90
N HIS B 117 -3.82 -21.33 -1.57
CA HIS B 117 -3.22 -22.65 -1.79
C HIS B 117 -2.57 -23.13 -0.50
N HIS B 118 -2.24 -22.19 0.38
CA HIS B 118 -1.62 -22.51 1.66
C HIS B 118 -2.69 -22.86 2.70
N GLU B 119 -3.90 -22.40 2.47
CA GLU B 119 -5.01 -22.67 3.39
C GLU B 119 -5.66 -24.01 3.06
N MET B 120 -5.18 -24.64 1.99
CA MET B 120 -5.69 -25.92 1.56
C MET B 120 -4.63 -27.01 1.69
N ALA B 121 -3.47 -26.76 1.10
CA ALA B 121 -2.36 -27.72 1.15
C ALA B 121 -1.23 -27.20 2.03
N ALA A 1 24.86 30.79 -2.43
CA ALA A 1 25.87 29.82 -2.94
C ALA A 1 25.92 29.83 -4.46
N ARG A 2 26.90 30.53 -5.01
CA ARG A 2 27.07 30.62 -6.45
C ARG A 2 28.14 29.66 -6.94
N THR A 3 29.09 29.33 -6.06
CA THR A 3 30.17 28.42 -6.40
C THR A 3 29.75 26.97 -6.18
N LYS A 4 29.54 26.61 -4.93
CA LYS A 4 29.13 25.25 -4.57
C LYS A 4 27.68 24.99 -4.99
N GLN A 5 27.45 23.83 -5.59
CA GLN A 5 26.11 23.45 -6.03
C GLN A 5 25.48 22.46 -5.07
N THR A 6 24.60 22.97 -4.19
CA THR A 6 23.93 22.13 -3.21
C THR A 6 22.42 22.40 -3.19
N ALA A 7 21.66 21.46 -2.65
CA ALA A 7 20.21 21.58 -2.56
C ALA A 7 19.57 21.72 -3.94
N ARG A 8 19.05 20.61 -4.46
CA ARG A 8 18.41 20.62 -5.77
C ARG A 8 16.89 20.53 -5.61
N LYS A 9 16.28 21.67 -5.26
CA LYS A 9 14.84 21.74 -5.06
C LYS A 9 14.38 20.82 -3.93
N SER A 10 14.19 19.55 -4.24
CA SER A 10 13.75 18.57 -3.25
C SER A 10 14.92 17.69 -2.80
N THR A 11 15.00 17.46 -1.50
CA THR A 11 16.07 16.62 -0.94
C THR A 11 15.50 15.57 0.02
N GLY A 12 14.69 16.03 0.97
CA GLY A 12 14.09 15.12 1.92
C GLY A 12 13.02 14.24 1.30
N GLY A 13 12.61 13.22 2.04
CA GLY A 13 11.59 12.31 1.54
C GLY A 13 11.68 10.93 2.15
N ALA A 15 11.02 6.28 1.08
CA ALA A 15 10.84 5.16 0.13
C ALA A 15 12.11 4.31 0.04
N PRO A 16 13.28 4.88 -0.39
CA PRO A 16 14.53 4.15 -0.45
C PRO A 16 15.30 4.26 0.86
N ARG A 17 14.91 5.24 1.67
CA ARG A 17 15.53 5.49 2.97
C ARG A 17 17.04 5.22 2.96
N LYS A 18 17.74 5.85 2.03
CA LYS A 18 19.19 5.68 1.92
C LYS A 18 19.60 4.21 1.89
N GLN A 19 20.88 3.95 2.14
CA GLN A 19 21.39 2.58 2.15
C GLN A 19 22.44 2.41 3.24
N LEU A 20 22.76 3.51 3.93
CA LEU A 20 23.75 3.48 4.99
C LEU A 20 23.19 2.82 6.26
N SER B 1 -16.88 -9.70 13.60
CA SER B 1 -17.00 -8.85 12.38
C SER B 1 -16.40 -9.56 11.17
N THR B 2 -16.42 -8.89 10.03
CA THR B 2 -15.88 -9.43 8.79
C THR B 2 -16.68 -10.65 8.32
N GLU B 3 -17.20 -10.57 7.11
CA GLU B 3 -17.98 -11.66 6.55
C GLU B 3 -17.72 -11.83 5.05
N GLY B 4 -18.42 -11.05 4.22
CA GLY B 4 -18.25 -11.14 2.78
C GLY B 4 -18.29 -12.58 2.31
N SER B 5 -17.36 -12.97 1.44
CA SER B 5 -17.31 -14.34 0.96
C SER B 5 -17.17 -15.26 2.16
N SER B 6 -15.94 -15.41 2.64
CA SER B 6 -15.66 -16.21 3.82
C SER B 6 -15.07 -15.34 4.91
N PRO B 7 -15.58 -15.49 6.14
CA PRO B 7 -15.12 -14.69 7.27
C PRO B 7 -13.60 -14.66 7.32
N ALA B 8 -12.98 -15.81 7.11
CA ALA B 8 -11.53 -15.88 7.10
C ALA B 8 -11.01 -15.31 5.82
N TYR B 9 -11.57 -15.72 4.72
CA TYR B 9 -11.05 -15.25 3.47
C TYR B 9 -10.78 -13.75 3.58
N LEU B 10 -11.66 -13.01 4.22
CA LEU B 10 -11.44 -11.59 4.40
C LEU B 10 -10.54 -11.28 5.62
N LYS B 11 -10.93 -11.79 6.81
CA LYS B 11 -10.16 -11.57 8.06
C LYS B 11 -8.76 -12.15 7.93
N GLU B 12 -8.70 -13.34 7.40
CA GLU B 12 -7.45 -14.02 7.16
C GLU B 12 -6.58 -13.12 6.32
N ILE B 13 -7.18 -12.53 5.31
CA ILE B 13 -6.46 -11.64 4.42
C ILE B 13 -6.08 -10.37 5.16
N LEU B 14 -6.92 -10.02 6.12
CA LEU B 14 -6.71 -8.84 6.90
C LEU B 14 -5.31 -8.85 7.40
N GLU B 15 -4.96 -9.93 8.05
CA GLU B 15 -3.61 -10.12 8.54
C GLU B 15 -2.65 -10.65 7.47
N GLN B 16 -3.13 -11.46 6.50
CA GLN B 16 -2.23 -12.06 5.51
C GLN B 16 -1.74 -11.10 4.42
N LEU B 17 -2.70 -10.51 3.71
CA LEU B 17 -2.39 -9.62 2.62
C LEU B 17 -1.83 -8.31 3.15
N LEU B 18 -2.50 -7.78 4.15
CA LEU B 18 -2.09 -6.54 4.78
C LEU B 18 -0.66 -6.64 5.30
N GLU B 19 -0.38 -7.70 6.05
CA GLU B 19 0.93 -7.87 6.64
C GLU B 19 1.99 -8.15 5.57
N ALA B 20 1.63 -8.98 4.59
CA ALA B 20 2.56 -9.35 3.52
C ALA B 20 3.10 -8.14 2.78
N ILE B 21 2.23 -7.19 2.46
CA ILE B 21 2.65 -5.99 1.74
C ILE B 21 3.40 -5.05 2.65
N VAL B 22 2.94 -4.97 3.88
CA VAL B 22 3.57 -4.11 4.85
C VAL B 22 5.00 -4.55 5.11
N VAL B 23 5.19 -5.87 5.15
CA VAL B 23 6.51 -6.44 5.38
C VAL B 23 7.27 -6.46 4.08
N ALA B 24 6.50 -6.46 3.01
CA ALA B 24 7.02 -6.46 1.67
C ALA B 24 7.95 -5.28 1.47
N THR B 25 9.09 -5.53 0.86
CA THR B 25 10.03 -4.47 0.61
C THR B 25 10.25 -4.28 -0.88
N ASN B 26 11.08 -3.30 -1.24
CA ASN B 26 11.37 -3.01 -2.64
C ASN B 26 12.63 -3.76 -3.08
N PRO B 27 12.96 -3.76 -4.39
CA PRO B 27 14.15 -4.45 -4.91
C PRO B 27 15.42 -4.12 -4.12
N SER B 28 15.41 -2.99 -3.43
CA SER B 28 16.57 -2.57 -2.64
C SER B 28 16.52 -3.16 -1.24
N GLY B 29 15.31 -3.47 -0.77
CA GLY B 29 15.16 -4.05 0.55
C GLY B 29 14.38 -3.17 1.51
N ARG B 30 13.65 -2.19 0.96
CA ARG B 30 12.85 -1.29 1.81
C ARG B 30 11.39 -1.30 1.42
N LEU B 31 10.56 -1.36 2.46
CA LEU B 31 9.11 -1.44 2.34
C LEU B 31 8.54 -0.72 1.14
N ILE B 32 7.79 -1.47 0.34
CA ILE B 32 7.09 -0.91 -0.80
C ILE B 32 5.84 -0.24 -0.28
N SER B 33 5.43 -0.70 0.90
CA SER B 33 4.27 -0.21 1.63
C SER B 33 4.61 1.06 2.41
N GLU B 34 5.89 1.40 2.42
CA GLU B 34 6.38 2.56 3.16
C GLU B 34 5.54 3.81 2.95
N LEU B 35 5.19 4.11 1.70
CA LEU B 35 4.39 5.29 1.41
C LEU B 35 2.94 5.07 1.73
N PHE B 36 2.58 3.82 1.94
CA PHE B 36 1.21 3.47 2.24
C PHE B 36 1.06 2.95 3.65
N GLN B 37 2.14 3.07 4.43
CA GLN B 37 2.12 2.61 5.80
C GLN B 37 0.86 3.08 6.51
N LYS B 38 0.59 4.38 6.42
CA LYS B 38 -0.59 4.95 7.09
C LYS B 38 -1.14 6.18 6.36
N LEU B 39 -2.47 6.21 6.19
CA LEU B 39 -3.13 7.36 5.58
C LEU B 39 -3.30 8.45 6.63
N PRO B 40 -2.98 9.71 6.31
CA PRO B 40 -3.12 10.83 7.25
C PRO B 40 -4.56 11.24 7.55
N SER B 41 -5.40 10.29 7.94
CA SER B 41 -6.80 10.59 8.26
C SER B 41 -7.50 11.33 7.13
N LYS B 42 -8.39 10.61 6.42
CA LYS B 42 -9.12 11.17 5.29
C LYS B 42 -9.86 12.46 5.65
N VAL B 43 -9.69 12.94 6.87
CA VAL B 43 -10.37 14.15 7.33
C VAL B 43 -9.40 15.15 7.95
N GLN B 44 -8.38 14.61 8.60
CA GLN B 44 -7.42 15.42 9.31
C GLN B 44 -6.47 16.14 8.39
N TYR B 45 -6.04 15.45 7.35
CA TYR B 45 -5.11 16.03 6.40
C TYR B 45 -5.66 15.88 4.98
N PRO B 46 -6.82 16.49 4.75
CA PRO B 46 -7.50 16.46 3.45
C PRO B 46 -6.59 16.83 2.29
N ASP B 47 -5.55 17.61 2.56
CA ASP B 47 -4.62 18.01 1.50
C ASP B 47 -4.08 16.78 0.79
N TYR B 48 -3.91 15.70 1.54
CA TYR B 48 -3.43 14.44 0.98
C TYR B 48 -4.58 13.82 0.23
N TYR B 49 -5.75 14.00 0.78
CA TYR B 49 -6.97 13.47 0.22
C TYR B 49 -7.46 14.31 -0.95
N ALA B 50 -6.91 15.50 -1.04
CA ALA B 50 -7.22 16.44 -2.11
C ALA B 50 -6.31 16.16 -3.29
N ILE B 51 -5.02 16.04 -2.98
CA ILE B 51 -3.99 15.76 -3.97
C ILE B 51 -4.27 14.43 -4.68
N ILE B 52 -4.57 13.41 -3.88
CA ILE B 52 -4.87 12.07 -4.37
C ILE B 52 -6.24 12.02 -4.95
N LYS B 53 -6.49 11.01 -5.73
CA LYS B 53 -7.79 10.85 -6.29
C LYS B 53 -8.52 9.76 -5.55
N GLU B 54 -7.77 8.73 -5.19
CA GLU B 54 -8.33 7.60 -4.45
C GLU B 54 -7.36 7.07 -3.40
N PRO B 55 -7.12 7.85 -2.33
CA PRO B 55 -6.24 7.45 -1.25
C PRO B 55 -6.81 6.29 -0.46
N ILE B 56 -5.94 5.35 -0.18
CA ILE B 56 -6.27 4.16 0.57
C ILE B 56 -4.99 3.39 0.81
N ASP B 57 -4.62 3.28 2.06
CA ASP B 57 -3.39 2.60 2.43
C ASP B 57 -3.69 1.18 2.87
N LEU B 58 -2.70 0.29 2.83
CA LEU B 58 -2.92 -1.10 3.22
C LEU B 58 -3.63 -1.16 4.58
N LYS B 59 -3.51 -0.07 5.32
CA LYS B 59 -4.18 0.07 6.62
C LYS B 59 -5.67 0.30 6.41
N THR B 60 -6.00 1.25 5.55
CA THR B 60 -7.40 1.58 5.25
C THR B 60 -8.08 0.42 4.55
N ILE B 61 -7.31 -0.36 3.80
CA ILE B 61 -7.85 -1.51 3.11
C ILE B 61 -8.28 -2.54 4.13
N ALA B 62 -7.39 -2.83 5.07
CA ALA B 62 -7.72 -3.77 6.10
C ALA B 62 -8.90 -3.22 6.89
N GLN B 63 -8.88 -1.90 7.02
CA GLN B 63 -9.90 -1.16 7.71
C GLN B 63 -11.25 -1.43 7.10
N ARG B 64 -11.28 -1.43 5.78
CA ARG B 64 -12.49 -1.66 5.02
C ARG B 64 -12.87 -3.14 5.00
N ILE B 65 -11.86 -4.02 4.98
CA ILE B 65 -12.10 -5.45 4.95
C ILE B 65 -13.03 -5.87 6.09
N GLN B 66 -12.68 -5.43 7.30
CA GLN B 66 -13.46 -5.75 8.49
C GLN B 66 -14.69 -4.87 8.60
N ASN B 67 -14.62 -3.67 8.02
CA ASN B 67 -15.74 -2.74 8.06
C ASN B 67 -16.82 -3.11 7.05
N GLY B 68 -16.72 -4.31 6.48
CA GLY B 68 -17.70 -4.76 5.50
C GLY B 68 -17.76 -3.86 4.28
N SER B 69 -16.67 -3.13 4.05
CA SER B 69 -16.59 -2.23 2.91
C SER B 69 -16.14 -2.95 1.65
N TYR B 70 -15.84 -4.24 1.77
CA TYR B 70 -15.38 -5.02 0.64
C TYR B 70 -16.25 -6.26 0.40
N LYS B 71 -16.44 -7.06 1.46
CA LYS B 71 -17.22 -8.29 1.36
C LYS B 71 -16.54 -9.26 0.38
N SER B 72 -15.40 -8.82 -0.14
CA SER B 72 -14.60 -9.59 -1.06
C SER B 72 -13.24 -8.93 -1.19
N ILE B 73 -12.19 -9.71 -1.01
CA ILE B 73 -10.84 -9.17 -1.07
C ILE B 73 -10.49 -8.69 -2.46
N HIS B 74 -11.17 -9.19 -3.48
CA HIS B 74 -10.90 -8.69 -4.82
C HIS B 74 -11.15 -7.18 -4.82
N ALA B 75 -12.07 -6.76 -3.95
CA ALA B 75 -12.38 -5.34 -3.78
C ALA B 75 -11.27 -4.67 -2.99
N MET B 76 -10.81 -5.37 -1.96
CA MET B 76 -9.72 -4.89 -1.14
C MET B 76 -8.52 -4.61 -2.03
N ALA B 77 -8.24 -5.60 -2.83
CA ALA B 77 -7.17 -5.60 -3.80
C ALA B 77 -7.26 -4.40 -4.74
N LYS B 78 -8.45 -4.16 -5.26
CA LYS B 78 -8.62 -3.04 -6.17
C LYS B 78 -8.21 -1.77 -5.44
N ASP B 79 -8.43 -1.76 -4.13
CA ASP B 79 -8.02 -0.64 -3.29
C ASP B 79 -6.52 -0.72 -3.09
N ILE B 80 -5.99 -1.93 -3.17
CA ILE B 80 -4.57 -2.15 -3.01
C ILE B 80 -3.86 -1.56 -4.21
N ASP B 81 -4.54 -1.60 -5.34
CA ASP B 81 -4.02 -0.99 -6.54
C ASP B 81 -4.17 0.51 -6.40
N LEU B 82 -5.27 0.91 -5.74
CA LEU B 82 -5.52 2.32 -5.46
C LEU B 82 -4.46 2.83 -4.53
N LEU B 83 -4.07 1.95 -3.63
CA LEU B 83 -3.04 2.21 -2.68
C LEU B 83 -1.80 2.63 -3.47
N ALA B 84 -1.51 1.80 -4.47
CA ALA B 84 -0.39 2.02 -5.36
C ALA B 84 -0.61 3.26 -6.23
N LYS B 85 -1.88 3.55 -6.53
CA LYS B 85 -2.22 4.71 -7.34
C LYS B 85 -1.84 5.98 -6.59
N ASN B 86 -2.19 6.02 -5.30
CA ASN B 86 -1.85 7.16 -4.46
C ASN B 86 -0.35 7.33 -4.49
N ALA B 87 0.36 6.22 -4.71
CA ALA B 87 1.82 6.25 -4.78
C ALA B 87 2.32 7.17 -5.87
N LYS B 88 1.81 6.95 -7.08
CA LYS B 88 2.22 7.74 -8.22
C LYS B 88 1.73 9.19 -8.10
N THR B 89 0.71 9.38 -7.29
CA THR B 89 0.12 10.71 -7.10
C THR B 89 0.82 11.57 -6.05
N TYR B 90 0.98 11.04 -4.84
CA TYR B 90 1.55 11.79 -3.72
C TYR B 90 3.07 11.91 -3.71
N ASN B 91 3.79 10.78 -3.73
CA ASN B 91 5.25 10.83 -3.66
C ASN B 91 5.90 11.21 -4.96
N GLU B 92 7.22 11.39 -4.89
CA GLU B 92 8.04 11.79 -6.04
C GLU B 92 8.16 10.66 -7.05
N PRO B 93 8.19 11.00 -8.36
CA PRO B 93 8.32 10.01 -9.42
C PRO B 93 9.77 9.58 -9.59
N GLY B 94 9.97 8.37 -10.08
CA GLY B 94 11.30 7.85 -10.23
C GLY B 94 11.80 7.33 -8.91
N SER B 95 11.07 7.71 -7.85
CA SER B 95 11.37 7.30 -6.49
C SER B 95 10.87 5.88 -6.26
N GLN B 96 11.35 5.24 -5.20
CA GLN B 96 10.94 3.88 -4.90
C GLN B 96 9.41 3.76 -4.86
N VAL B 97 8.73 4.84 -4.49
CA VAL B 97 7.27 4.85 -4.39
C VAL B 97 6.56 4.24 -5.59
N PHE B 98 6.87 4.72 -6.79
CA PHE B 98 6.18 4.24 -7.98
C PHE B 98 6.45 2.77 -8.28
N LYS B 99 7.71 2.38 -8.30
CA LYS B 99 8.07 0.99 -8.58
C LYS B 99 7.65 0.07 -7.44
N ASP B 100 7.62 0.62 -6.24
CA ASP B 100 7.25 -0.13 -5.03
C ASP B 100 5.77 -0.46 -5.02
N ALA B 101 4.95 0.53 -5.32
CA ALA B 101 3.52 0.35 -5.33
C ALA B 101 3.10 -0.67 -6.37
N ASN B 102 3.62 -0.54 -7.59
CA ASN B 102 3.30 -1.50 -8.64
C ASN B 102 3.68 -2.88 -8.14
N SER B 103 4.76 -2.94 -7.37
CA SER B 103 5.21 -4.18 -6.79
C SER B 103 4.20 -4.64 -5.75
N ILE B 104 3.61 -3.70 -5.02
CA ILE B 104 2.64 -4.02 -3.99
C ILE B 104 1.47 -4.79 -4.54
N LYS B 105 0.81 -4.23 -5.55
CA LYS B 105 -0.32 -4.87 -6.17
C LYS B 105 0.09 -6.29 -6.61
N LYS B 106 1.34 -6.43 -7.05
CA LYS B 106 1.85 -7.74 -7.46
C LYS B 106 1.97 -8.68 -6.25
N ILE B 107 2.70 -8.23 -5.22
CA ILE B 107 2.88 -9.01 -3.99
C ILE B 107 1.55 -9.47 -3.48
N PHE B 108 0.63 -8.52 -3.46
CA PHE B 108 -0.70 -8.75 -2.99
C PHE B 108 -1.30 -10.02 -3.57
N TYR B 109 -1.34 -10.11 -4.91
CA TYR B 109 -1.92 -11.29 -5.55
C TYR B 109 -1.09 -12.55 -5.32
N MET B 110 0.21 -12.41 -5.08
CA MET B 110 1.05 -13.59 -4.80
C MET B 110 0.62 -14.15 -3.46
N LYS B 111 0.52 -13.24 -2.50
CA LYS B 111 0.11 -13.55 -1.14
C LYS B 111 -1.35 -14.01 -1.13
N LYS B 112 -2.12 -13.49 -2.08
CA LYS B 112 -3.53 -13.80 -2.23
C LYS B 112 -3.75 -15.21 -2.77
N ALA B 113 -2.96 -15.58 -3.77
CA ALA B 113 -3.07 -16.89 -4.42
C ALA B 113 -2.66 -18.03 -3.48
N GLU B 114 -1.62 -17.80 -2.69
CA GLU B 114 -1.14 -18.82 -1.77
C GLU B 114 -2.10 -18.93 -0.61
N ILE B 115 -2.66 -17.79 -0.26
CA ILE B 115 -3.62 -17.67 0.82
C ILE B 115 -4.82 -18.56 0.56
N GLU B 116 -5.31 -18.48 -0.65
CA GLU B 116 -6.47 -19.26 -1.08
C GLU B 116 -6.13 -20.75 -1.22
N HIS B 117 -4.88 -21.04 -1.58
CA HIS B 117 -4.45 -22.42 -1.75
C HIS B 117 -3.88 -23.00 -0.46
N HIS B 118 -3.86 -22.19 0.60
CA HIS B 118 -3.36 -22.64 1.89
C HIS B 118 -4.48 -22.72 2.92
N GLU B 119 -5.60 -22.09 2.62
CA GLU B 119 -6.74 -22.10 3.52
C GLU B 119 -8.06 -22.09 2.76
N MET B 120 -8.42 -23.24 2.20
CA MET B 120 -9.66 -23.38 1.43
C MET B 120 -9.86 -24.84 1.01
N ALA B 121 -9.17 -25.24 -0.05
CA ALA B 121 -9.27 -26.60 -0.56
C ALA B 121 -10.72 -26.96 -0.89
N ALA A 1 16.59 13.69 -17.28
CA ALA A 1 16.01 14.87 -17.99
C ALA A 1 16.05 16.11 -17.10
N ARG A 2 17.12 16.24 -16.32
CA ARG A 2 17.28 17.39 -15.43
C ARG A 2 18.76 17.67 -15.16
N THR A 3 19.02 18.51 -14.18
CA THR A 3 20.39 18.87 -13.82
C THR A 3 21.14 17.68 -13.22
N LYS A 4 22.34 17.94 -12.72
CA LYS A 4 23.16 16.89 -12.12
C LYS A 4 22.78 16.66 -10.65
N GLN A 5 23.74 16.18 -9.86
CA GLN A 5 23.51 15.93 -8.44
C GLN A 5 22.91 17.14 -7.75
N THR A 6 22.22 16.89 -6.64
CA THR A 6 21.59 17.97 -5.88
C THR A 6 21.14 17.49 -4.51
N ALA A 7 21.26 16.19 -4.27
CA ALA A 7 20.87 15.60 -2.99
C ALA A 7 22.07 15.02 -2.26
N ARG A 8 22.57 13.89 -2.74
CA ARG A 8 23.72 13.24 -2.13
C ARG A 8 24.76 12.87 -3.18
N LYS A 9 24.39 11.97 -4.08
CA LYS A 9 25.29 11.52 -5.14
C LYS A 9 24.50 11.11 -6.38
N SER A 10 23.23 10.75 -6.16
CA SER A 10 22.35 10.34 -7.26
C SER A 10 20.89 10.52 -6.87
N THR A 11 20.00 9.85 -7.59
CA THR A 11 18.57 9.94 -7.32
C THR A 11 18.26 9.55 -5.88
N GLY A 12 17.93 10.56 -5.07
CA GLY A 12 17.61 10.31 -3.68
C GLY A 12 16.35 11.02 -3.23
N GLY A 13 15.26 10.78 -3.95
CA GLY A 13 13.99 11.41 -3.61
C GLY A 13 13.35 10.81 -2.38
N ALA A 15 10.48 8.45 -0.17
CA ALA A 15 10.18 7.02 -0.05
C ALA A 15 11.24 6.28 0.79
N PRO A 16 12.48 6.07 0.29
CA PRO A 16 13.51 5.37 1.05
C PRO A 16 14.48 6.32 1.73
N ARG A 17 14.28 6.55 3.02
CA ARG A 17 15.15 7.43 3.80
C ARG A 17 15.10 8.86 3.26
N LYS A 18 14.52 9.77 4.04
CA LYS A 18 14.42 11.17 3.63
C LYS A 18 14.12 12.08 4.82
N GLN A 19 13.42 11.54 5.81
CA GLN A 19 13.08 12.31 7.01
C GLN A 19 13.23 11.45 8.26
N LEU A 20 12.92 12.05 9.41
CA LEU A 20 13.02 11.35 10.70
C LEU A 20 14.45 10.88 10.94
N SER B 1 -17.69 -9.16 12.77
CA SER B 1 -16.71 -8.24 12.13
C SER B 1 -16.52 -8.59 10.66
N THR B 2 -15.80 -9.68 10.40
CA THR B 2 -15.55 -10.12 9.03
C THR B 2 -16.47 -11.27 8.64
N GLU B 3 -17.12 -11.15 7.48
CA GLU B 3 -18.02 -12.19 7.01
C GLU B 3 -17.91 -12.37 5.50
N GLY B 4 -17.40 -11.35 4.81
CA GLY B 4 -17.24 -11.44 3.37
C GLY B 4 -16.63 -12.76 2.96
N SER B 5 -17.37 -13.54 2.18
CA SER B 5 -16.88 -14.86 1.77
C SER B 5 -16.55 -15.65 3.02
N SER B 6 -15.28 -15.61 3.42
CA SER B 6 -14.85 -16.28 4.62
C SER B 6 -14.30 -15.27 5.60
N PRO B 7 -14.74 -15.33 6.86
CA PRO B 7 -14.29 -14.41 7.91
C PRO B 7 -12.77 -14.32 7.95
N ALA B 8 -12.11 -15.45 7.73
CA ALA B 8 -10.66 -15.46 7.70
C ALA B 8 -10.19 -14.92 6.40
N TYR B 9 -10.77 -15.38 5.33
CA TYR B 9 -10.31 -14.93 4.06
C TYR B 9 -10.06 -13.44 4.11
N LEU B 10 -10.94 -12.68 4.76
CA LEU B 10 -10.73 -11.25 4.89
C LEU B 10 -9.83 -10.91 6.11
N LYS B 11 -10.19 -11.40 7.31
CA LYS B 11 -9.41 -11.14 8.54
C LYS B 11 -8.00 -11.68 8.42
N GLU B 12 -7.92 -12.90 7.93
CA GLU B 12 -6.67 -13.56 7.71
C GLU B 12 -5.81 -12.65 6.87
N ILE B 13 -6.44 -12.06 5.87
CA ILE B 13 -5.76 -11.16 4.98
C ILE B 13 -5.40 -9.89 5.73
N LEU B 14 -6.26 -9.55 6.68
CA LEU B 14 -6.08 -8.36 7.47
C LEU B 14 -4.67 -8.34 7.96
N GLU B 15 -4.27 -9.44 8.56
CA GLU B 15 -2.91 -9.58 9.01
C GLU B 15 -1.96 -10.05 7.90
N GLN B 16 -2.43 -10.87 6.94
CA GLN B 16 -1.51 -11.42 5.92
C GLN B 16 -1.11 -10.45 4.80
N LEU B 17 -2.10 -9.92 4.09
CA LEU B 17 -1.83 -9.04 2.97
C LEU B 17 -1.33 -7.71 3.49
N LEU B 18 -2.03 -7.21 4.50
CA LEU B 18 -1.70 -5.96 5.14
C LEU B 18 -0.26 -5.97 5.64
N GLU B 19 0.10 -7.03 6.36
CA GLU B 19 1.43 -7.13 6.92
C GLU B 19 2.48 -7.37 5.83
N ALA B 20 2.18 -8.26 4.91
CA ALA B 20 3.09 -8.61 3.83
C ALA B 20 3.60 -7.38 3.06
N ILE B 21 2.70 -6.48 2.73
CA ILE B 21 3.05 -5.29 1.98
C ILE B 21 3.70 -4.23 2.85
N VAL B 22 3.29 -4.14 4.09
CA VAL B 22 3.87 -3.14 4.96
C VAL B 22 5.25 -3.57 5.42
N VAL B 23 5.49 -4.88 5.37
CA VAL B 23 6.80 -5.40 5.71
C VAL B 23 7.62 -5.43 4.44
N ALA B 24 6.86 -5.37 3.34
CA ALA B 24 7.43 -5.36 2.00
C ALA B 24 8.41 -4.22 1.85
N THR B 25 9.22 -4.29 0.80
CA THR B 25 10.18 -3.25 0.52
C THR B 25 10.33 -3.06 -0.98
N ASN B 26 11.13 -2.09 -1.37
CA ASN B 26 11.35 -1.79 -2.78
C ASN B 26 12.52 -2.63 -3.33
N PRO B 27 12.75 -2.61 -4.66
CA PRO B 27 13.84 -3.37 -5.29
C PRO B 27 15.16 -3.28 -4.53
N SER B 28 15.43 -2.13 -3.90
CA SER B 28 16.68 -1.94 -3.17
C SER B 28 16.59 -2.51 -1.75
N GLY B 29 15.37 -2.58 -1.22
CA GLY B 29 15.17 -3.11 0.12
C GLY B 29 14.58 -2.09 1.09
N ARG B 30 13.72 -1.21 0.58
CA ARG B 30 13.09 -0.21 1.41
C ARG B 30 11.60 -0.11 1.14
N LEU B 31 10.84 -0.23 2.21
CA LEU B 31 9.38 -0.27 2.21
C LEU B 31 8.72 0.41 1.04
N ILE B 32 7.96 -0.38 0.29
CA ILE B 32 7.17 0.12 -0.81
C ILE B 32 5.91 0.74 -0.22
N SER B 33 5.59 0.23 0.97
CA SER B 33 4.44 0.66 1.77
C SER B 33 4.73 1.94 2.53
N GLU B 34 5.98 2.37 2.48
CA GLU B 34 6.44 3.55 3.20
C GLU B 34 5.49 4.74 3.04
N LEU B 35 5.05 5.00 1.82
CA LEU B 35 4.13 6.12 1.58
C LEU B 35 2.72 5.78 1.98
N PHE B 36 2.46 4.50 2.16
CA PHE B 36 1.12 4.05 2.51
C PHE B 36 1.07 3.51 3.90
N GLN B 37 2.03 3.92 4.71
CA GLN B 37 2.08 3.50 6.09
C GLN B 37 0.82 3.93 6.81
N LYS B 38 0.49 5.22 6.70
CA LYS B 38 -0.70 5.76 7.38
C LYS B 38 -1.31 6.96 6.65
N LEU B 39 -2.65 6.98 6.58
CA LEU B 39 -3.40 8.10 5.98
C LEU B 39 -3.59 9.17 7.05
N PRO B 40 -3.83 10.43 6.66
CA PRO B 40 -4.04 11.51 7.63
C PRO B 40 -5.38 11.38 8.33
N SER B 41 -5.88 12.50 8.83
CA SER B 41 -7.17 12.51 9.51
C SER B 41 -8.29 12.78 8.53
N LYS B 42 -7.91 13.11 7.30
CA LYS B 42 -8.84 13.41 6.23
C LYS B 42 -9.51 14.77 6.46
N VAL B 43 -9.93 14.98 7.70
CA VAL B 43 -10.57 16.21 8.11
C VAL B 43 -9.52 17.21 8.54
N GLN B 44 -8.50 16.69 9.19
CA GLN B 44 -7.41 17.49 9.71
C GLN B 44 -6.45 17.84 8.60
N TYR B 45 -6.35 16.92 7.65
CA TYR B 45 -5.47 17.09 6.51
C TYR B 45 -6.23 16.84 5.22
N PRO B 46 -7.26 17.65 5.00
CA PRO B 46 -8.10 17.56 3.80
C PRO B 46 -7.32 17.69 2.51
N ASP B 47 -6.24 18.47 2.55
CA ASP B 47 -5.41 18.65 1.37
C ASP B 47 -4.99 17.31 0.80
N TYR B 48 -4.91 16.30 1.66
CA TYR B 48 -4.54 14.96 1.23
C TYR B 48 -5.71 14.31 0.51
N TYR B 49 -6.88 14.32 1.13
CA TYR B 49 -8.04 13.72 0.48
C TYR B 49 -8.51 14.58 -0.69
N ALA B 50 -8.05 15.82 -0.70
CA ALA B 50 -8.38 16.77 -1.77
C ALA B 50 -7.51 16.50 -3.00
N ILE B 51 -6.19 16.42 -2.78
CA ILE B 51 -5.24 16.15 -3.86
C ILE B 51 -5.55 14.82 -4.54
N ILE B 52 -5.44 13.76 -3.75
CA ILE B 52 -5.67 12.40 -4.18
C ILE B 52 -7.04 12.23 -4.76
N LYS B 53 -7.20 11.21 -5.54
CA LYS B 53 -8.48 10.94 -6.10
C LYS B 53 -9.12 9.80 -5.31
N GLU B 54 -8.29 8.85 -4.92
CA GLU B 54 -8.76 7.71 -4.14
C GLU B 54 -7.73 7.31 -3.07
N PRO B 55 -7.57 8.13 -2.04
CA PRO B 55 -6.66 7.84 -0.95
C PRO B 55 -7.15 6.68 -0.11
N ILE B 56 -6.24 5.80 0.18
CA ILE B 56 -6.49 4.63 0.98
C ILE B 56 -5.15 3.96 1.25
N ASP B 57 -4.80 3.87 2.51
CA ASP B 57 -3.52 3.29 2.88
C ASP B 57 -3.69 1.88 3.38
N LEU B 58 -2.59 1.14 3.42
CA LEU B 58 -2.60 -0.24 3.86
C LEU B 58 -3.43 -0.38 5.13
N LYS B 59 -3.34 0.62 5.98
CA LYS B 59 -4.08 0.67 7.23
C LYS B 59 -5.57 0.79 6.98
N THR B 60 -5.95 1.71 6.10
CA THR B 60 -7.35 1.95 5.78
C THR B 60 -7.97 0.76 5.08
N ILE B 61 -7.16 0.03 4.32
CA ILE B 61 -7.65 -1.14 3.63
C ILE B 61 -8.07 -2.19 4.63
N ALA B 62 -7.19 -2.50 5.56
CA ALA B 62 -7.51 -3.48 6.57
C ALA B 62 -8.70 -2.96 7.37
N GLN B 63 -8.70 -1.66 7.54
CA GLN B 63 -9.74 -0.95 8.25
C GLN B 63 -11.09 -1.29 7.63
N ARG B 64 -11.11 -1.28 6.32
CA ARG B 64 -12.33 -1.55 5.56
C ARG B 64 -12.63 -3.06 5.48
N ILE B 65 -11.58 -3.88 5.46
CA ILE B 65 -11.77 -5.33 5.36
C ILE B 65 -12.72 -5.82 6.45
N GLN B 66 -12.40 -5.44 7.68
CA GLN B 66 -13.20 -5.82 8.84
C GLN B 66 -14.45 -4.95 8.97
N ASN B 67 -14.36 -3.71 8.50
CA ASN B 67 -15.50 -2.79 8.57
C ASN B 67 -16.63 -3.23 7.66
N GLY B 68 -16.42 -4.32 6.93
CA GLY B 68 -17.43 -4.82 6.02
C GLY B 68 -17.51 -3.99 4.75
N SER B 69 -16.52 -3.14 4.57
CA SER B 69 -16.46 -2.26 3.41
C SER B 69 -16.01 -3.00 2.16
N TYR B 70 -15.68 -4.28 2.30
CA TYR B 70 -15.20 -5.08 1.18
C TYR B 70 -16.04 -6.32 0.92
N LYS B 71 -16.24 -7.15 1.96
CA LYS B 71 -17.01 -8.39 1.79
C LYS B 71 -16.28 -9.33 0.84
N SER B 72 -15.16 -8.84 0.32
CA SER B 72 -14.31 -9.58 -0.59
C SER B 72 -12.99 -8.87 -0.69
N ILE B 73 -11.92 -9.62 -0.60
CA ILE B 73 -10.61 -9.04 -0.65
C ILE B 73 -10.29 -8.43 -2.01
N HIS B 74 -10.92 -8.90 -3.05
CA HIS B 74 -10.68 -8.33 -4.36
C HIS B 74 -10.96 -6.84 -4.28
N ALA B 75 -11.86 -6.48 -3.37
CA ALA B 75 -12.20 -5.08 -3.12
C ALA B 75 -11.08 -4.43 -2.32
N MET B 76 -10.54 -5.16 -1.35
CA MET B 76 -9.43 -4.67 -0.55
C MET B 76 -8.29 -4.33 -1.48
N ALA B 77 -7.98 -5.30 -2.32
CA ALA B 77 -6.96 -5.23 -3.33
C ALA B 77 -7.15 -4.03 -4.23
N LYS B 78 -8.37 -3.82 -4.70
CA LYS B 78 -8.64 -2.69 -5.57
C LYS B 78 -8.23 -1.42 -4.85
N ASP B 79 -8.40 -1.44 -3.53
CA ASP B 79 -8.01 -0.30 -2.70
C ASP B 79 -6.51 -0.31 -2.56
N ILE B 80 -5.92 -1.50 -2.66
CA ILE B 80 -4.48 -1.65 -2.57
C ILE B 80 -3.86 -1.02 -3.79
N ASP B 81 -4.58 -1.09 -4.90
CA ASP B 81 -4.15 -0.47 -6.13
C ASP B 81 -4.39 1.02 -6.00
N LEU B 82 -5.43 1.36 -5.21
CA LEU B 82 -5.77 2.75 -4.94
C LEU B 82 -4.75 3.31 -3.98
N LEU B 83 -4.21 2.42 -3.20
CA LEU B 83 -3.18 2.73 -2.25
C LEU B 83 -1.97 3.17 -3.06
N ALA B 84 -1.68 2.35 -4.06
CA ALA B 84 -0.59 2.61 -4.98
C ALA B 84 -0.91 3.84 -5.84
N LYS B 85 -2.20 4.05 -6.08
CA LYS B 85 -2.66 5.19 -6.87
C LYS B 85 -2.31 6.48 -6.15
N ASN B 86 -2.73 6.56 -4.89
CA ASN B 86 -2.42 7.73 -4.08
C ASN B 86 -0.93 7.99 -4.13
N ALA B 87 -0.15 6.92 -4.33
CA ALA B 87 1.30 7.03 -4.45
C ALA B 87 1.66 7.98 -5.57
N LYS B 88 1.06 7.72 -6.72
CA LYS B 88 1.30 8.52 -7.92
C LYS B 88 0.81 9.95 -7.76
N THR B 89 -0.15 10.14 -6.87
CA THR B 89 -0.74 11.46 -6.66
C THR B 89 -0.01 12.34 -5.63
N TYR B 90 0.03 11.90 -4.37
CA TYR B 90 0.64 12.70 -3.31
C TYR B 90 2.16 12.84 -3.43
N ASN B 91 2.87 11.72 -3.50
CA ASN B 91 4.31 11.75 -3.59
C ASN B 91 4.80 12.22 -4.95
N GLU B 92 6.12 12.29 -5.10
CA GLU B 92 6.74 12.74 -6.35
C GLU B 92 7.15 11.56 -7.23
N PRO B 93 6.94 11.68 -8.56
CA PRO B 93 7.26 10.62 -9.52
C PRO B 93 8.75 10.31 -9.59
N GLY B 94 9.58 11.30 -9.26
CA GLY B 94 11.01 11.09 -9.27
C GLY B 94 11.46 10.42 -8.00
N SER B 95 10.66 9.48 -7.52
CA SER B 95 10.97 8.76 -6.29
C SER B 95 10.55 7.30 -6.37
N GLN B 96 10.97 6.53 -5.36
CA GLN B 96 10.65 5.12 -5.29
C GLN B 96 9.14 4.88 -5.13
N VAL B 97 8.44 5.89 -4.62
CA VAL B 97 6.99 5.78 -4.38
C VAL B 97 6.22 5.17 -5.54
N PHE B 98 6.51 5.58 -6.76
CA PHE B 98 5.77 5.09 -7.91
C PHE B 98 6.09 3.62 -8.23
N LYS B 99 7.37 3.29 -8.33
CA LYS B 99 7.77 1.92 -8.62
C LYS B 99 7.45 0.99 -7.45
N ASP B 100 7.45 1.58 -6.26
CA ASP B 100 7.17 0.86 -5.02
C ASP B 100 5.71 0.46 -4.93
N ALA B 101 4.84 1.42 -5.18
CA ALA B 101 3.41 1.18 -5.13
C ALA B 101 3.00 0.14 -6.14
N ASN B 102 3.55 0.24 -7.35
CA ASN B 102 3.25 -0.74 -8.39
C ASN B 102 3.64 -2.11 -7.88
N SER B 103 4.75 -2.14 -7.16
CA SER B 103 5.24 -3.38 -6.59
C SER B 103 4.28 -3.84 -5.49
N ILE B 104 3.69 -2.90 -4.77
CA ILE B 104 2.77 -3.24 -3.69
C ILE B 104 1.62 -4.09 -4.19
N LYS B 105 0.90 -3.56 -5.17
CA LYS B 105 -0.23 -4.27 -5.73
C LYS B 105 0.22 -5.65 -6.20
N LYS B 106 1.46 -5.73 -6.70
CA LYS B 106 2.02 -6.99 -7.15
C LYS B 106 2.22 -7.95 -5.96
N ILE B 107 2.95 -7.49 -4.94
CA ILE B 107 3.20 -8.29 -3.73
C ILE B 107 1.89 -8.77 -3.17
N PHE B 108 0.96 -7.85 -3.10
CA PHE B 108 -0.34 -8.12 -2.57
C PHE B 108 -0.91 -9.42 -3.15
N TYR B 109 -1.01 -9.50 -4.47
CA TYR B 109 -1.57 -10.70 -5.10
C TYR B 109 -0.70 -11.94 -4.85
N MET B 110 0.62 -11.76 -4.72
CA MET B 110 1.48 -12.91 -4.44
C MET B 110 1.11 -13.46 -3.08
N LYS B 111 1.04 -12.54 -2.12
CA LYS B 111 0.69 -12.84 -0.75
C LYS B 111 -0.70 -13.48 -0.70
N LYS B 112 -1.57 -13.08 -1.63
CA LYS B 112 -2.92 -13.62 -1.69
C LYS B 112 -2.89 -15.13 -1.98
N ALA B 113 -2.13 -15.50 -3.00
CA ALA B 113 -2.01 -16.89 -3.45
C ALA B 113 -1.48 -17.83 -2.36
N GLU B 114 -0.39 -17.43 -1.71
CA GLU B 114 0.21 -18.28 -0.67
C GLU B 114 -0.77 -18.39 0.47
N ILE B 115 -1.34 -17.26 0.81
CA ILE B 115 -2.33 -17.17 1.86
C ILE B 115 -3.30 -18.32 1.72
N GLU B 116 -3.88 -18.42 0.54
CA GLU B 116 -4.85 -19.46 0.21
C GLU B 116 -4.18 -20.83 0.31
N HIS B 117 -2.89 -20.87 -0.01
CA HIS B 117 -2.13 -22.11 0.08
C HIS B 117 -1.91 -22.50 1.52
N HIS B 118 -2.49 -21.69 2.41
CA HIS B 118 -2.41 -21.89 3.84
C HIS B 118 -1.11 -21.29 4.31
N GLU B 119 -0.62 -20.39 3.48
CA GLU B 119 0.65 -19.69 3.73
C GLU B 119 1.81 -20.63 3.48
N MET B 120 1.51 -21.73 2.80
CA MET B 120 2.50 -22.74 2.48
C MET B 120 3.31 -22.36 1.24
N ALA B 121 2.65 -22.32 0.09
CA ALA B 121 3.31 -21.96 -1.16
C ALA B 121 3.09 -20.49 -1.50
#